data_5L1H
#
_entry.id   5L1H
#
_cell.length_a   92.591
_cell.length_b   110.636
_cell.length_c   599.892
_cell.angle_alpha   90.00
_cell.angle_beta   90.00
_cell.angle_gamma   90.00
#
_symmetry.space_group_name_H-M   'P 21 21 21'
#
loop_
_entity.id
_entity.type
_entity.pdbx_description
1 polymer 'Glutamate receptor 2'
2 non-polymer 2-acetamido-2-deoxy-beta-D-glucopyranose
3 non-polymer (8R)-5-(4-aminophenyl)-N,8-dimethyl-8,9-dihydro-2H,7H-[1,3]dioxolo[4,5-h][2,3]benzodiazepine-7-carboxamide
#
_entity_poly.entity_id   1
_entity_poly.type   'polypeptide(L)'
_entity_poly.pdbx_seq_one_letter_code
;NSIQIGGLFPRGADQEYSAFRVGMVQFSTSEFRLTPHIDNLEVANSFAVTNAFCSQFSRGVYAIFGFYDKKSVNTITSFC
GTLHVSFITPSFPTDGTHPFVIQMRPDLKGALLSLIEYYQWDKFAYLYDSDRGLSTLQAVLDSAAEKKWQVTAINVGNIN
NDKKDETYRSLFQDLELKKERRVILDCERDKVNDIVDQVITIGKHVKGYHYIIANLGFTDGDLLKIQFGGAEVSGFQIVD
YDDSLVSKFIERWSTLEEKEYPGAHTATIKYTSALTYDAVQVMTEAFRNLRKQRIEISRRGNAGDCLANPAVPWGQGVEI
ERALKQVQVEGLSGNIKFDQNGKRINYTINIMELKTNGPRKIGYWSEVDKMVLTEDDTSGLEQKTVVVTTILESPYVMMK
KNHEMLEGNERYEGYCVDLAAEIAKHCGFKYKLTIVGDGKYGARDADTKIWNGMVGELVYGKADIAIAPLTITLVREEVI
DFSKPFMSLGISIMIKKPQKSKPGVFSFLDPLAYEIWMCIVFAYIGVSVVLFLVSDTDSTNEFGIFNSLWFSLGAFMQQG
ADISPRSLSGRIVGGVWWFFTLIIISSYTANLAAFLTVERMVSPIESAEDLSKQTEIAYGTLDSGSTKEFFRRSKIAVFD
KMWTYMRSAEPSVFVRTTAEGVARVRKSKGKYAYLLESTMNEYIEQRKPCDTMKVGGNLDSKGYGIATPKGSSLGTPVNL
AVLKLSEQGVLDKLKNKWWYDKGECGAKDSGSKEKTSALSLSNVAGVFYILVGGLGLAMLVALIEFCYKSRAEAKRMKGL
VPR
;
_entity_poly.pdbx_strand_id   A,B,C,D
#
# COMPACT_ATOMS: atom_id res chain seq x y z
N ASN A 1 -48.13 -61.18 43.93
CA ASN A 1 -47.78 -61.64 42.59
C ASN A 1 -48.14 -60.60 41.53
N SER A 2 -49.08 -59.72 41.86
CA SER A 2 -49.57 -58.72 40.93
C SER A 2 -48.84 -57.40 41.18
N ILE A 3 -48.01 -56.99 40.23
CA ILE A 3 -47.29 -55.72 40.28
C ILE A 3 -47.96 -54.77 39.30
N GLN A 4 -48.37 -53.61 39.80
CA GLN A 4 -49.13 -52.65 39.01
C GLN A 4 -48.19 -51.60 38.42
N ILE A 5 -48.34 -51.34 37.13
CA ILE A 5 -47.56 -50.32 36.42
C ILE A 5 -48.48 -49.59 35.46
N GLY A 6 -48.10 -48.36 35.14
CA GLY A 6 -48.91 -47.47 34.31
C GLY A 6 -48.31 -47.31 32.92
N GLY A 7 -49.19 -47.27 31.92
CA GLY A 7 -48.75 -47.13 30.55
C GLY A 7 -49.36 -45.93 29.84
N LEU A 8 -48.53 -45.01 29.40
CA LEU A 8 -48.94 -43.83 28.66
C LEU A 8 -48.51 -44.00 27.21
N PHE A 9 -49.49 -44.29 26.34
CA PHE A 9 -49.18 -44.57 24.95
C PHE A 9 -49.81 -43.54 24.03
N PRO A 10 -49.08 -43.06 23.01
CA PRO A 10 -49.72 -42.23 21.99
C PRO A 10 -50.74 -43.04 21.21
N ARG A 11 -51.82 -42.37 20.83
CA ARG A 11 -52.92 -43.05 20.15
C ARG A 11 -52.49 -43.62 18.79
N GLY A 12 -51.50 -43.00 18.14
CA GLY A 12 -51.07 -43.46 16.85
C GLY A 12 -49.86 -44.37 16.89
N ALA A 13 -49.57 -44.92 18.06
CA ALA A 13 -48.43 -45.80 18.24
C ALA A 13 -48.92 -47.23 18.47
N ASP A 14 -49.40 -47.85 17.38
CA ASP A 14 -49.92 -49.21 17.47
C ASP A 14 -48.81 -50.24 17.57
N GLN A 15 -47.85 -50.19 16.64
CA GLN A 15 -46.71 -51.11 16.71
C GLN A 15 -45.94 -50.91 18.01
N GLU A 16 -45.85 -49.68 18.48
CA GLU A 16 -45.17 -49.41 19.74
C GLU A 16 -45.90 -50.03 20.93
N TYR A 17 -47.20 -50.28 20.80
CA TYR A 17 -47.93 -51.05 21.81
C TYR A 17 -47.94 -52.54 21.51
N SER A 18 -47.91 -52.91 20.22
CA SER A 18 -47.84 -54.33 19.87
C SER A 18 -46.59 -54.97 20.44
N ALA A 19 -45.47 -54.24 20.42
CA ALA A 19 -44.24 -54.78 20.99
C ALA A 19 -44.33 -54.86 22.51
N PHE A 20 -45.13 -53.99 23.13
CA PHE A 20 -45.26 -54.03 24.58
C PHE A 20 -45.97 -55.29 25.03
N ARG A 21 -47.05 -55.66 24.34
CA ARG A 21 -47.80 -56.87 24.71
C ARG A 21 -46.96 -58.12 24.50
N VAL A 22 -46.16 -58.16 23.43
CA VAL A 22 -45.31 -59.31 23.18
C VAL A 22 -44.28 -59.46 24.30
N GLY A 23 -43.74 -58.34 24.79
CA GLY A 23 -42.79 -58.41 25.89
C GLY A 23 -43.39 -58.96 27.16
N MET A 24 -44.68 -58.70 27.39
CA MET A 24 -45.34 -59.24 28.59
C MET A 24 -45.33 -60.76 28.61
N VAL A 25 -45.44 -61.38 27.43
CA VAL A 25 -45.51 -62.84 27.36
C VAL A 25 -44.13 -63.47 27.43
N GLN A 26 -43.13 -62.83 26.82
CA GLN A 26 -41.81 -63.44 26.72
C GLN A 26 -41.11 -63.51 28.07
N PHE A 27 -41.36 -62.54 28.96
CA PHE A 27 -40.68 -62.46 30.25
C PHE A 27 -41.60 -62.79 31.41
N SER A 28 -42.74 -63.44 31.16
CA SER A 28 -43.67 -63.80 32.21
C SER A 28 -43.22 -65.10 32.86
N THR A 29 -42.87 -65.04 34.15
CA THR A 29 -42.45 -66.20 34.90
C THR A 29 -43.60 -66.70 35.78
N SER A 30 -43.36 -67.80 36.47
CA SER A 30 -44.30 -68.31 37.46
C SER A 30 -44.11 -67.68 38.83
N GLU A 31 -43.00 -66.96 39.04
CA GLU A 31 -42.77 -66.32 40.34
C GLU A 31 -43.70 -65.13 40.55
N PHE A 32 -43.97 -64.38 39.49
CA PHE A 32 -44.85 -63.20 39.57
C PHE A 32 -45.23 -62.81 38.14
N ARG A 33 -45.97 -61.71 38.04
CA ARG A 33 -46.38 -61.19 36.74
C ARG A 33 -46.76 -59.72 36.91
N LEU A 34 -46.49 -58.94 35.87
CA LEU A 34 -46.80 -57.51 35.89
C LEU A 34 -48.22 -57.28 35.38
N THR A 35 -48.89 -56.28 35.96
CA THR A 35 -50.26 -55.95 35.60
C THR A 35 -50.32 -54.54 35.04
N PRO A 36 -50.45 -54.38 33.73
CA PRO A 36 -50.44 -53.03 33.14
C PRO A 36 -51.79 -52.35 33.23
N HIS A 37 -51.75 -51.02 33.30
CA HIS A 37 -52.93 -50.17 33.13
C HIS A 37 -52.62 -49.21 31.99
N ILE A 38 -53.32 -49.37 30.87
CA ILE A 38 -53.00 -48.67 29.64
C ILE A 38 -53.99 -47.54 29.44
N ASP A 39 -53.46 -46.34 29.18
CA ASP A 39 -54.26 -45.16 28.86
C ASP A 39 -53.74 -44.56 27.56
N ASN A 40 -54.54 -44.65 26.51
CA ASN A 40 -54.19 -44.05 25.22
C ASN A 40 -54.65 -42.59 25.23
N LEU A 41 -53.70 -41.68 25.15
CA LEU A 41 -53.98 -40.25 25.28
C LEU A 41 -53.16 -39.48 24.25
N GLU A 42 -53.48 -38.19 24.14
CA GLU A 42 -52.73 -37.28 23.30
C GLU A 42 -51.42 -36.93 23.99
N VAL A 43 -50.30 -37.28 23.37
CA VAL A 43 -49.00 -37.12 24.03
C VAL A 43 -48.60 -35.65 24.08
N ALA A 44 -49.06 -34.85 23.13
CA ALA A 44 -48.70 -33.43 23.11
C ALA A 44 -49.47 -32.65 24.18
N ASN A 45 -50.74 -32.97 24.39
CA ASN A 45 -51.56 -32.29 25.38
C ASN A 45 -51.05 -32.65 26.77
N SER A 46 -50.31 -31.74 27.40
CA SER A 46 -49.71 -32.02 28.69
C SER A 46 -50.76 -32.07 29.80
N PHE A 47 -51.87 -31.35 29.65
CA PHE A 47 -52.94 -31.48 30.63
C PHE A 47 -53.47 -32.91 30.65
N ALA A 48 -53.57 -33.54 29.49
CA ALA A 48 -53.94 -34.95 29.45
C ALA A 48 -52.84 -35.82 30.06
N VAL A 49 -51.58 -35.45 29.84
CA VAL A 49 -50.48 -36.18 30.47
C VAL A 49 -50.52 -35.99 31.98
N THR A 50 -50.85 -34.78 32.44
CA THR A 50 -51.01 -34.56 33.87
C THR A 50 -52.20 -35.35 34.40
N ASN A 51 -53.30 -35.37 33.65
CA ASN A 51 -54.46 -36.13 34.07
C ASN A 51 -54.20 -37.63 34.02
N ALA A 52 -53.33 -38.09 33.11
CA ALA A 52 -53.04 -39.51 33.00
C ALA A 52 -52.07 -39.98 34.09
N PHE A 53 -51.00 -39.21 34.32
CA PHE A 53 -50.04 -39.57 35.36
C PHE A 53 -50.72 -39.64 36.72
N CYS A 54 -51.57 -38.67 37.04
CA CYS A 54 -52.25 -38.68 38.33
C CYS A 54 -53.30 -39.78 38.42
N SER A 55 -53.80 -40.26 37.28
CA SER A 55 -54.69 -41.42 37.30
C SER A 55 -53.94 -42.65 37.80
N GLN A 56 -52.71 -42.86 37.32
CA GLN A 56 -51.92 -44.00 37.77
C GLN A 56 -51.44 -43.81 39.20
N PHE A 57 -51.18 -42.56 39.60
CA PHE A 57 -50.71 -42.32 40.97
C PHE A 57 -51.82 -42.55 41.98
N SER A 58 -53.07 -42.28 41.61
CA SER A 58 -54.18 -42.56 42.51
C SER A 58 -54.45 -44.05 42.61
N ARG A 59 -54.29 -44.78 41.49
CA ARG A 59 -54.42 -46.23 41.53
C ARG A 59 -53.26 -46.91 42.22
N GLY A 60 -52.19 -46.17 42.53
CA GLY A 60 -51.07 -46.71 43.29
C GLY A 60 -50.23 -47.71 42.55
N VAL A 61 -49.60 -47.29 41.45
CA VAL A 61 -48.71 -48.16 40.71
C VAL A 61 -47.33 -48.14 41.36
N TYR A 62 -46.37 -48.81 40.75
CA TYR A 62 -44.99 -48.80 41.24
C TYR A 62 -44.02 -48.15 40.26
N ALA A 63 -44.31 -48.20 38.97
CA ALA A 63 -43.53 -47.48 37.97
C ALA A 63 -44.45 -47.17 36.80
N ILE A 64 -44.01 -46.25 35.94
CA ILE A 64 -44.80 -45.81 34.80
C ILE A 64 -43.94 -45.88 33.55
N PHE A 65 -44.41 -46.62 32.56
CA PHE A 65 -43.77 -46.70 31.25
C PHE A 65 -44.62 -45.89 30.27
N GLY A 66 -44.02 -44.85 29.70
CA GLY A 66 -44.74 -44.02 28.77
C GLY A 66 -43.82 -43.26 27.85
N PHE A 67 -44.38 -42.24 27.20
CA PHE A 67 -43.66 -41.40 26.26
C PHE A 67 -43.91 -39.94 26.65
N TYR A 68 -43.28 -39.03 25.91
CA TYR A 68 -43.60 -37.62 26.06
C TYR A 68 -43.15 -36.86 24.82
N ASP A 69 -43.74 -35.68 24.64
CA ASP A 69 -43.40 -34.76 23.57
C ASP A 69 -42.53 -33.64 24.14
N LYS A 70 -42.10 -32.72 23.27
CA LYS A 70 -41.46 -31.52 23.76
C LYS A 70 -42.42 -30.69 24.61
N LYS A 71 -43.70 -30.68 24.24
CA LYS A 71 -44.71 -29.93 24.95
C LYS A 71 -45.13 -30.58 26.26
N SER A 72 -44.60 -31.75 26.59
CA SER A 72 -45.05 -32.47 27.78
C SER A 72 -43.94 -33.17 28.54
N VAL A 73 -42.69 -33.12 28.09
CA VAL A 73 -41.62 -33.85 28.76
C VAL A 73 -41.39 -33.31 30.17
N ASN A 74 -41.49 -31.98 30.34
CA ASN A 74 -41.26 -31.40 31.66
C ASN A 74 -42.35 -31.78 32.64
N THR A 75 -43.57 -32.02 32.16
CA THR A 75 -44.63 -32.44 33.07
C THR A 75 -44.31 -33.80 33.69
N ILE A 76 -43.85 -34.74 32.87
CA ILE A 76 -43.51 -36.07 33.38
C ILE A 76 -42.33 -35.99 34.33
N THR A 77 -41.25 -35.33 33.92
CA THR A 77 -40.01 -35.37 34.68
C THR A 77 -40.12 -34.64 36.01
N SER A 78 -41.01 -33.65 36.11
CA SER A 78 -41.13 -32.90 37.35
C SER A 78 -42.04 -33.57 38.37
N PHE A 79 -43.10 -34.25 37.90
CA PHE A 79 -43.91 -35.05 38.82
C PHE A 79 -43.12 -36.24 39.36
N CYS A 80 -42.38 -36.94 38.50
CA CYS A 80 -41.57 -38.07 38.92
C CYS A 80 -40.41 -37.66 39.81
N GLY A 81 -39.94 -36.41 39.71
CA GLY A 81 -38.88 -35.93 40.57
C GLY A 81 -39.32 -35.58 41.97
N THR A 82 -40.60 -35.21 42.14
CA THR A 82 -41.16 -34.90 43.46
C THR A 82 -41.82 -36.11 44.12
N LEU A 83 -42.67 -36.82 43.39
CA LEU A 83 -43.37 -37.98 43.94
C LEU A 83 -42.46 -39.21 43.97
N HIS A 84 -41.24 -39.11 43.45
CA HIS A 84 -40.27 -40.20 43.44
C HIS A 84 -40.82 -41.45 42.74
N VAL A 85 -41.69 -41.24 41.75
CA VAL A 85 -42.22 -42.34 40.95
C VAL A 85 -41.26 -42.53 39.79
N SER A 86 -40.97 -43.79 39.46
CA SER A 86 -40.01 -44.10 38.41
C SER A 86 -40.71 -44.13 37.04
N PHE A 87 -40.13 -43.43 36.08
CA PHE A 87 -40.65 -43.36 34.72
C PHE A 87 -39.66 -44.00 33.77
N ILE A 88 -40.15 -44.93 32.95
CA ILE A 88 -39.35 -45.58 31.92
C ILE A 88 -39.89 -45.15 30.57
N THR A 89 -39.02 -44.68 29.68
CA THR A 89 -39.46 -44.12 28.41
C THR A 89 -38.50 -44.47 27.30
N PRO A 90 -39.01 -44.66 26.08
CA PRO A 90 -38.16 -44.75 24.89
C PRO A 90 -38.05 -43.46 24.09
N SER A 91 -38.66 -42.37 24.55
CA SER A 91 -38.59 -41.09 23.86
C SER A 91 -37.17 -40.51 24.03
N PHE A 92 -36.97 -39.30 23.53
CA PHE A 92 -35.67 -38.67 23.61
C PHE A 92 -35.28 -38.44 25.07
N PRO A 93 -34.02 -38.61 25.43
CA PRO A 93 -33.60 -38.38 26.81
C PRO A 93 -33.82 -36.92 27.22
N THR A 94 -34.13 -36.72 28.49
CA THR A 94 -34.37 -35.39 29.01
C THR A 94 -33.10 -34.55 28.94
N ASP A 95 -33.25 -33.30 28.52
CA ASP A 95 -32.12 -32.39 28.42
C ASP A 95 -31.59 -32.05 29.81
N GLY A 96 -30.92 -33.00 30.44
CA GLY A 96 -30.40 -32.78 31.78
C GLY A 96 -30.51 -34.01 32.67
N THR A 97 -29.94 -33.92 33.87
CA THR A 97 -29.92 -35.05 34.81
C THR A 97 -31.18 -34.96 35.67
N HIS A 98 -32.20 -35.74 35.30
CA HIS A 98 -33.44 -35.79 36.06
C HIS A 98 -33.57 -37.14 36.75
N PRO A 99 -33.83 -37.17 38.05
CA PRO A 99 -33.95 -38.45 38.73
C PRO A 99 -35.27 -39.13 38.41
N PHE A 100 -35.31 -40.44 38.69
CA PHE A 100 -36.52 -41.26 38.54
C PHE A 100 -36.99 -41.31 37.08
N VAL A 101 -36.07 -41.22 36.13
CA VAL A 101 -36.38 -41.35 34.72
C VAL A 101 -35.46 -42.40 34.13
N ILE A 102 -36.04 -43.41 33.50
CA ILE A 102 -35.26 -44.48 32.89
C ILE A 102 -35.32 -44.34 31.37
N GLN A 103 -34.41 -43.55 30.82
CA GLN A 103 -34.40 -43.27 29.38
C GLN A 103 -33.85 -44.44 28.59
N MET A 104 -34.74 -45.16 27.91
CA MET A 104 -34.34 -46.32 27.12
C MET A 104 -33.62 -45.92 25.85
N ARG A 105 -33.88 -44.73 25.32
CA ARG A 105 -33.21 -44.29 24.11
C ARG A 105 -31.79 -43.84 24.43
N PRO A 106 -30.80 -44.27 23.65
CA PRO A 106 -29.44 -43.75 23.86
C PRO A 106 -29.27 -42.35 23.29
N ASP A 107 -28.24 -41.67 23.78
CA ASP A 107 -27.95 -40.33 23.32
C ASP A 107 -27.23 -40.38 21.97
N LEU A 108 -27.85 -39.79 20.96
CA LEU A 108 -27.32 -39.79 19.61
C LEU A 108 -26.34 -38.65 19.34
N LYS A 109 -26.29 -37.65 20.23
CA LYS A 109 -25.46 -36.47 19.98
C LYS A 109 -23.99 -36.84 19.78
N GLY A 110 -23.50 -37.84 20.52
CA GLY A 110 -22.13 -38.28 20.34
C GLY A 110 -21.90 -38.91 18.98
N ALA A 111 -22.92 -39.53 18.40
CA ALA A 111 -22.75 -40.19 17.11
C ALA A 111 -22.60 -39.17 15.97
N LEU A 112 -23.58 -38.27 15.86
CA LEU A 112 -23.62 -37.37 14.71
C LEU A 112 -22.36 -36.52 14.62
N LEU A 113 -21.85 -36.05 15.77
CA LEU A 113 -20.72 -35.13 15.76
C LEU A 113 -19.46 -35.78 15.20
N SER A 114 -19.33 -37.10 15.31
CA SER A 114 -18.17 -37.78 14.76
C SER A 114 -18.41 -38.36 13.38
N LEU A 115 -19.65 -38.73 13.05
CA LEU A 115 -19.93 -39.07 11.66
C LEU A 115 -19.63 -37.90 10.75
N ILE A 116 -19.87 -36.68 11.23
CA ILE A 116 -19.45 -35.48 10.49
C ILE A 116 -17.93 -35.42 10.41
N GLU A 117 -17.25 -35.67 11.52
CA GLU A 117 -15.80 -35.64 11.51
C GLU A 117 -15.20 -36.76 10.65
N TYR A 118 -15.92 -37.86 10.46
CA TYR A 118 -15.41 -38.96 9.64
C TYR A 118 -15.40 -38.58 8.17
N TYR A 119 -16.52 -38.09 7.65
CA TYR A 119 -16.59 -37.64 6.27
C TYR A 119 -15.79 -36.36 6.02
N GLN A 120 -15.21 -35.76 7.06
CA GLN A 120 -14.49 -34.50 6.96
C GLN A 120 -15.37 -33.42 6.32
N TRP A 121 -16.41 -33.06 7.07
CA TRP A 121 -17.34 -32.01 6.66
C TRP A 121 -17.02 -30.72 7.40
N ASP A 122 -17.06 -29.60 6.67
CA ASP A 122 -16.85 -28.30 7.24
C ASP A 122 -17.94 -27.30 6.85
N LYS A 123 -18.92 -27.72 6.07
CA LYS A 123 -20.04 -26.86 5.70
C LYS A 123 -21.18 -27.75 5.23
N PHE A 124 -22.31 -27.69 5.94
CA PHE A 124 -23.42 -28.59 5.68
C PHE A 124 -24.72 -27.94 6.11
N ALA A 125 -25.82 -28.58 5.76
CA ALA A 125 -27.15 -28.15 6.17
C ALA A 125 -27.63 -29.00 7.34
N TYR A 126 -28.67 -28.49 8.02
CA TYR A 126 -29.19 -29.16 9.21
C TYR A 126 -30.66 -28.76 9.35
N LEU A 127 -31.54 -29.61 8.86
CA LEU A 127 -32.98 -29.38 8.94
C LEU A 127 -33.51 -30.13 10.15
N TYR A 128 -33.83 -29.41 11.22
CA TYR A 128 -34.23 -30.02 12.47
C TYR A 128 -35.72 -29.86 12.71
N ASP A 129 -36.23 -30.66 13.66
CA ASP A 129 -37.61 -30.62 14.10
C ASP A 129 -37.61 -30.57 15.61
N SER A 130 -38.26 -29.56 16.18
CA SER A 130 -38.24 -29.37 17.62
C SER A 130 -39.15 -30.32 18.39
N ASP A 131 -39.80 -31.27 17.70
CA ASP A 131 -40.70 -32.20 18.37
C ASP A 131 -39.97 -33.13 19.34
N ARG A 132 -38.64 -33.20 19.27
CA ARG A 132 -37.87 -34.09 20.13
C ARG A 132 -36.78 -33.34 20.85
N GLY A 133 -37.07 -32.09 21.25
CA GLY A 133 -36.13 -31.30 22.02
C GLY A 133 -34.98 -30.73 21.20
N LEU A 134 -34.57 -29.50 21.50
CA LEU A 134 -33.46 -28.86 20.81
C LEU A 134 -32.10 -29.29 21.35
N SER A 135 -31.99 -30.50 21.90
CA SER A 135 -30.73 -30.95 22.47
C SER A 135 -29.64 -31.11 21.41
N THR A 136 -29.98 -31.71 20.27
CA THR A 136 -28.98 -31.96 19.24
C THR A 136 -28.61 -30.70 18.47
N LEU A 137 -29.53 -29.73 18.36
CA LEU A 137 -29.19 -28.49 17.67
C LEU A 137 -28.15 -27.70 18.43
N GLN A 138 -28.26 -27.62 19.76
CA GLN A 138 -27.22 -26.99 20.55
C GLN A 138 -25.91 -27.74 20.46
N ALA A 139 -25.94 -29.02 20.10
CA ALA A 139 -24.71 -29.79 19.98
C ALA A 139 -23.94 -29.39 18.73
N VAL A 140 -24.61 -29.36 17.57
CA VAL A 140 -23.92 -29.00 16.34
C VAL A 140 -23.53 -27.53 16.34
N LEU A 141 -24.31 -26.68 17.02
CA LEU A 141 -23.99 -25.26 17.05
C LEU A 141 -22.81 -24.96 17.96
N ASP A 142 -22.73 -25.62 19.12
CA ASP A 142 -21.59 -25.40 20.02
C ASP A 142 -20.29 -25.84 19.37
N SER A 143 -20.30 -27.01 18.72
CA SER A 143 -19.11 -27.52 18.04
C SER A 143 -18.86 -26.83 16.70
N ALA A 144 -19.80 -26.03 16.21
CA ALA A 144 -19.56 -25.28 14.98
C ALA A 144 -18.57 -24.15 15.19
N ALA A 145 -18.55 -23.56 16.39
CA ALA A 145 -17.60 -22.49 16.66
C ALA A 145 -16.22 -23.03 17.01
N GLU A 146 -16.16 -24.21 17.62
CA GLU A 146 -14.86 -24.79 17.99
C GLU A 146 -14.09 -25.24 16.75
N LYS A 147 -14.75 -25.98 15.87
CA LYS A 147 -14.12 -26.46 14.65
C LYS A 147 -14.29 -25.50 13.48
N LYS A 148 -14.92 -24.35 13.69
CA LYS A 148 -15.12 -23.33 12.65
C LYS A 148 -15.88 -23.88 11.45
N TRP A 149 -16.93 -24.66 11.72
CA TRP A 149 -17.83 -25.11 10.66
C TRP A 149 -18.68 -23.94 10.17
N GLN A 150 -19.33 -24.15 9.03
CA GLN A 150 -20.24 -23.16 8.46
C GLN A 150 -21.59 -23.85 8.23
N VAL A 151 -22.44 -23.82 9.26
CA VAL A 151 -23.66 -24.63 9.30
C VAL A 151 -24.88 -23.74 9.14
N THR A 152 -25.92 -24.30 8.51
CA THR A 152 -27.19 -23.63 8.31
C THR A 152 -28.28 -24.44 9.01
N ALA A 153 -28.84 -23.88 10.07
CA ALA A 153 -29.90 -24.55 10.84
C ALA A 153 -31.25 -23.97 10.44
N ILE A 154 -32.16 -24.84 10.02
CA ILE A 154 -33.49 -24.42 9.54
C ILE A 154 -34.53 -25.20 10.32
N ASN A 155 -35.39 -24.50 11.05
CA ASN A 155 -36.48 -25.11 11.81
C ASN A 155 -37.57 -25.53 10.83
N VAL A 156 -37.34 -26.66 10.16
CA VAL A 156 -38.29 -27.14 9.17
C VAL A 156 -39.56 -27.69 9.79
N GLY A 157 -39.62 -27.80 11.11
CA GLY A 157 -40.75 -28.39 11.78
C GLY A 157 -42.06 -27.68 11.55
N ASN A 158 -42.13 -26.40 11.93
CA ASN A 158 -43.37 -25.62 11.82
C ASN A 158 -43.63 -25.30 10.35
N ILE A 159 -44.17 -26.28 9.64
CA ILE A 159 -44.62 -26.10 8.26
C ILE A 159 -45.98 -26.77 8.11
N ASN A 160 -46.88 -26.10 7.40
CA ASN A 160 -48.21 -26.64 7.17
C ASN A 160 -48.20 -27.62 6.00
N ASN A 161 -49.04 -28.64 6.10
CA ASN A 161 -49.06 -29.75 5.15
C ASN A 161 -49.88 -29.45 3.89
N ASP A 162 -50.54 -28.29 3.81
CA ASP A 162 -51.26 -27.92 2.61
C ASP A 162 -50.38 -27.15 1.63
N LYS A 163 -49.65 -26.15 2.12
CA LYS A 163 -48.67 -25.42 1.33
C LYS A 163 -47.30 -26.09 1.33
N LYS A 164 -47.26 -27.43 1.38
CA LYS A 164 -46.00 -28.15 1.51
C LYS A 164 -45.23 -28.21 0.20
N ASP A 165 -45.93 -28.22 -0.94
CA ASP A 165 -45.25 -28.28 -2.22
C ASP A 165 -44.51 -26.98 -2.52
N GLU A 166 -45.15 -25.84 -2.25
CA GLU A 166 -44.54 -24.56 -2.57
C GLU A 166 -43.45 -24.17 -1.57
N THR A 167 -43.60 -24.60 -0.30
CA THR A 167 -42.62 -24.25 0.71
C THR A 167 -41.38 -25.15 0.63
N TYR A 168 -41.58 -26.46 0.40
CA TYR A 168 -40.44 -27.34 0.24
C TYR A 168 -39.65 -27.00 -1.01
N ARG A 169 -40.33 -26.62 -2.09
CA ARG A 169 -39.63 -26.09 -3.26
C ARG A 169 -38.92 -24.78 -2.94
N SER A 170 -39.36 -24.07 -1.90
CA SER A 170 -38.74 -22.81 -1.51
C SER A 170 -37.55 -22.99 -0.58
N LEU A 171 -37.53 -24.07 0.21
CA LEU A 171 -36.39 -24.31 1.10
C LEU A 171 -35.14 -24.64 0.30
N PHE A 172 -35.27 -25.50 -0.71
CA PHE A 172 -34.11 -25.88 -1.51
C PHE A 172 -33.64 -24.73 -2.40
N GLN A 173 -34.49 -23.74 -2.66
CA GLN A 173 -34.04 -22.56 -3.40
C GLN A 173 -33.09 -21.71 -2.55
N ASP A 174 -33.28 -21.69 -1.23
CA ASP A 174 -32.35 -20.99 -0.37
C ASP A 174 -31.04 -21.75 -0.22
N LEU A 175 -31.13 -23.08 -0.10
CA LEU A 175 -29.93 -23.90 0.03
C LEU A 175 -29.08 -23.89 -1.23
N GLU A 176 -29.64 -23.45 -2.36
CA GLU A 176 -28.89 -23.38 -3.61
C GLU A 176 -28.00 -22.15 -3.68
N LEU A 177 -28.21 -21.16 -2.80
CA LEU A 177 -27.39 -19.95 -2.82
C LEU A 177 -25.96 -20.21 -2.39
N LYS A 178 -25.71 -21.26 -1.62
CA LYS A 178 -24.36 -21.71 -1.30
C LYS A 178 -24.00 -23.01 -2.02
N LYS A 179 -24.91 -23.54 -2.85
CA LYS A 179 -24.72 -24.84 -3.52
C LYS A 179 -24.42 -25.94 -2.50
N GLU A 180 -25.29 -26.04 -1.50
CA GLU A 180 -25.08 -27.00 -0.42
C GLU A 180 -25.30 -28.43 -0.93
N ARG A 181 -24.34 -29.30 -0.63
CA ARG A 181 -24.41 -30.70 -1.06
C ARG A 181 -24.29 -31.68 0.10
N ARG A 182 -24.43 -31.21 1.33
CA ARG A 182 -24.30 -32.05 2.52
C ARG A 182 -25.38 -31.64 3.51
N VAL A 183 -26.40 -32.49 3.66
CA VAL A 183 -27.58 -32.18 4.43
C VAL A 183 -27.72 -33.20 5.56
N ILE A 184 -28.20 -32.73 6.71
CA ILE A 184 -28.53 -33.61 7.84
C ILE A 184 -30.02 -33.46 8.11
N LEU A 185 -30.76 -34.56 8.06
CA LEU A 185 -32.18 -34.57 8.33
C LEU A 185 -32.40 -35.03 9.77
N ASP A 186 -33.06 -34.19 10.57
CA ASP A 186 -33.24 -34.45 11.99
C ASP A 186 -34.72 -34.41 12.37
N CYS A 187 -35.59 -34.86 11.48
CA CYS A 187 -36.99 -35.02 11.80
C CYS A 187 -37.24 -36.44 12.31
N GLU A 188 -38.47 -36.68 12.77
CA GLU A 188 -38.85 -38.04 13.07
C GLU A 188 -39.08 -38.80 11.76
N ARG A 189 -39.11 -40.14 11.86
CA ARG A 189 -39.18 -41.00 10.69
C ARG A 189 -40.37 -40.72 9.78
N ASP A 190 -41.31 -39.86 10.19
CA ASP A 190 -42.44 -39.50 9.36
C ASP A 190 -42.11 -38.33 8.42
N LYS A 191 -41.69 -37.19 8.98
CA LYS A 191 -41.34 -36.04 8.15
C LYS A 191 -40.14 -36.31 7.26
N VAL A 192 -39.28 -37.26 7.63
CA VAL A 192 -38.17 -37.62 6.75
C VAL A 192 -38.70 -38.18 5.44
N ASN A 193 -39.70 -39.07 5.53
CA ASN A 193 -40.33 -39.61 4.32
C ASN A 193 -41.06 -38.54 3.54
N ASP A 194 -41.39 -37.40 4.17
CA ASP A 194 -41.95 -36.28 3.44
C ASP A 194 -40.87 -35.51 2.67
N ILE A 195 -39.73 -35.25 3.32
CA ILE A 195 -38.63 -34.56 2.65
C ILE A 195 -38.03 -35.44 1.57
N VAL A 196 -37.92 -36.74 1.83
CA VAL A 196 -37.34 -37.67 0.85
C VAL A 196 -38.13 -37.61 -0.45
N ASP A 197 -39.46 -37.61 -0.37
CA ASP A 197 -40.28 -37.60 -1.58
C ASP A 197 -40.14 -36.28 -2.33
N GLN A 198 -40.01 -35.17 -1.60
CA GLN A 198 -39.81 -33.87 -2.23
C GLN A 198 -38.39 -33.68 -2.75
N VAL A 199 -37.42 -34.46 -2.23
CA VAL A 199 -36.08 -34.44 -2.80
C VAL A 199 -36.07 -35.12 -4.17
N ILE A 200 -36.89 -36.16 -4.33
CA ILE A 200 -36.96 -36.85 -5.62
C ILE A 200 -37.67 -36.00 -6.66
N THR A 201 -38.66 -35.22 -6.25
CA THR A 201 -39.42 -34.40 -7.20
C THR A 201 -38.51 -33.39 -7.89
N ILE A 202 -37.68 -32.69 -7.12
CA ILE A 202 -36.76 -31.70 -7.69
C ILE A 202 -35.46 -32.32 -8.16
N GLY A 203 -35.27 -33.62 -7.98
CA GLY A 203 -34.11 -34.31 -8.52
C GLY A 203 -32.81 -34.08 -7.79
N LYS A 204 -32.87 -33.66 -6.53
CA LYS A 204 -31.66 -33.44 -5.74
C LYS A 204 -31.21 -34.73 -5.03
N HIS A 205 -31.13 -35.81 -5.78
CA HIS A 205 -30.72 -37.10 -5.23
C HIS A 205 -29.78 -37.85 -6.16
N VAL A 206 -29.08 -37.14 -7.04
CA VAL A 206 -28.17 -37.76 -7.99
C VAL A 206 -26.74 -37.66 -7.48
N LYS A 207 -25.77 -37.93 -8.35
CA LYS A 207 -24.37 -37.84 -7.98
C LYS A 207 -24.04 -36.44 -7.49
N GLY A 208 -23.52 -36.35 -6.28
CA GLY A 208 -23.15 -35.06 -5.73
C GLY A 208 -23.70 -34.81 -4.33
N TYR A 209 -24.98 -35.15 -4.13
CA TYR A 209 -25.62 -34.94 -2.84
C TYR A 209 -25.26 -36.07 -1.87
N HIS A 210 -25.34 -35.75 -0.59
CA HIS A 210 -24.96 -36.70 0.46
C HIS A 210 -25.77 -36.38 1.70
N TYR A 211 -26.76 -37.20 2.00
CA TYR A 211 -27.66 -36.99 3.13
C TYR A 211 -27.26 -37.86 4.32
N ILE A 212 -27.68 -37.43 5.50
CA ILE A 212 -27.43 -38.17 6.74
C ILE A 212 -28.72 -38.14 7.55
N ILE A 213 -29.40 -39.28 7.62
CA ILE A 213 -30.63 -39.39 8.40
C ILE A 213 -30.25 -39.53 9.86
N ALA A 214 -30.72 -38.60 10.69
CA ALA A 214 -30.32 -38.53 12.09
C ALA A 214 -31.46 -39.03 12.98
N ASN A 215 -31.68 -40.34 12.93
CA ASN A 215 -32.51 -41.02 13.92
C ASN A 215 -32.12 -42.50 13.94
N LEU A 216 -32.51 -43.17 15.01
CA LEU A 216 -32.03 -44.53 15.28
C LEU A 216 -32.76 -45.59 14.47
N GLY A 217 -33.35 -45.23 13.34
CA GLY A 217 -34.04 -46.21 12.52
C GLY A 217 -33.83 -46.01 11.03
N PHE A 218 -32.57 -46.13 10.59
CA PHE A 218 -32.26 -45.92 9.18
C PHE A 218 -33.03 -46.90 8.30
N THR A 219 -33.11 -48.16 8.71
CA THR A 219 -33.86 -49.15 7.96
C THR A 219 -35.37 -49.04 8.20
N ASP A 220 -35.79 -48.33 9.24
CA ASP A 220 -37.21 -48.22 9.54
C ASP A 220 -37.96 -47.49 8.43
N GLY A 221 -37.49 -46.31 8.05
CA GLY A 221 -38.08 -45.59 6.95
C GLY A 221 -37.77 -46.25 5.63
N ASP A 222 -38.46 -45.77 4.58
CA ASP A 222 -38.25 -46.31 3.25
C ASP A 222 -37.04 -45.67 2.60
N LEU A 223 -36.12 -46.51 2.11
CA LEU A 223 -34.91 -46.03 1.46
C LEU A 223 -34.82 -46.38 -0.03
N LEU A 224 -35.68 -47.28 -0.51
CA LEU A 224 -35.57 -47.75 -1.89
C LEU A 224 -35.85 -46.66 -2.91
N LYS A 225 -36.43 -45.55 -2.48
CA LYS A 225 -36.80 -44.50 -3.44
C LYS A 225 -35.64 -43.54 -3.70
N ILE A 226 -34.73 -43.37 -2.75
CA ILE A 226 -33.53 -42.58 -2.97
C ILE A 226 -32.30 -43.47 -3.05
N GLN A 227 -32.49 -44.76 -3.36
CA GLN A 227 -31.37 -45.69 -3.35
C GLN A 227 -30.58 -45.63 -4.64
N PHE A 228 -31.26 -45.57 -5.79
CA PHE A 228 -30.61 -45.69 -7.08
C PHE A 228 -30.36 -44.34 -7.74
N GLY A 229 -30.76 -43.24 -7.11
CA GLY A 229 -30.51 -41.93 -7.70
C GLY A 229 -29.03 -41.62 -7.85
N GLY A 230 -28.19 -42.18 -6.97
CA GLY A 230 -26.77 -41.94 -6.98
C GLY A 230 -26.27 -41.11 -5.82
N ALA A 231 -27.15 -40.63 -4.96
CA ALA A 231 -26.76 -39.84 -3.80
C ALA A 231 -26.41 -40.75 -2.64
N GLU A 232 -25.26 -40.50 -2.00
CA GLU A 232 -24.87 -41.25 -0.83
C GLU A 232 -25.74 -40.85 0.36
N VAL A 233 -26.35 -41.82 1.02
CA VAL A 233 -27.26 -41.57 2.13
C VAL A 233 -26.77 -42.38 3.33
N SER A 234 -26.35 -41.69 4.38
CA SER A 234 -25.92 -42.33 5.61
C SER A 234 -27.07 -42.35 6.62
N GLY A 235 -26.81 -43.03 7.74
CA GLY A 235 -27.83 -43.10 8.78
C GLY A 235 -27.33 -43.88 9.98
N PHE A 236 -28.28 -44.22 10.86
CA PHE A 236 -27.98 -44.91 12.11
C PHE A 236 -29.04 -45.96 12.37
N GLN A 237 -28.60 -47.13 12.83
CA GLN A 237 -29.50 -48.24 13.12
C GLN A 237 -29.14 -48.84 14.46
N ILE A 238 -30.13 -48.95 15.35
CA ILE A 238 -29.90 -49.49 16.69
C ILE A 238 -30.35 -50.94 16.81
N VAL A 239 -31.28 -51.39 15.99
CA VAL A 239 -31.77 -52.77 16.03
C VAL A 239 -30.91 -53.57 15.04
N ASP A 240 -29.87 -54.24 15.55
CA ASP A 240 -28.96 -55.00 14.70
C ASP A 240 -29.64 -56.33 14.35
N TYR A 241 -30.17 -56.43 13.14
CA TYR A 241 -30.85 -57.64 12.69
C TYR A 241 -29.88 -58.79 12.43
N ASP A 242 -28.57 -58.55 12.52
CA ASP A 242 -27.60 -59.62 12.36
C ASP A 242 -27.45 -60.46 13.62
N ASP A 243 -27.69 -59.85 14.78
CA ASP A 243 -27.58 -60.58 16.04
C ASP A 243 -28.59 -61.72 16.10
N SER A 244 -28.13 -62.88 16.56
CA SER A 244 -29.03 -64.02 16.65
C SER A 244 -30.15 -63.77 17.64
N LEU A 245 -29.92 -62.89 18.62
CA LEU A 245 -30.97 -62.55 19.58
C LEU A 245 -32.15 -61.89 18.89
N VAL A 246 -31.87 -60.88 18.06
CA VAL A 246 -32.95 -60.22 17.33
C VAL A 246 -33.55 -61.16 16.30
N SER A 247 -32.70 -61.99 15.65
CA SER A 247 -33.21 -62.93 14.65
C SER A 247 -34.13 -63.96 15.28
N LYS A 248 -33.85 -64.36 16.53
CA LYS A 248 -34.81 -65.16 17.28
C LYS A 248 -36.11 -64.38 17.48
N PHE A 249 -35.99 -63.09 17.79
CA PHE A 249 -37.18 -62.26 18.01
C PHE A 249 -37.91 -61.99 16.71
N ILE A 250 -37.17 -61.74 15.63
CA ILE A 250 -37.80 -61.44 14.34
C ILE A 250 -38.56 -62.65 13.82
N GLU A 251 -38.00 -63.85 14.01
CA GLU A 251 -38.68 -65.05 13.52
C GLU A 251 -40.05 -65.21 14.15
N ARG A 252 -40.14 -65.06 15.48
CA ARG A 252 -41.44 -65.10 16.13
C ARG A 252 -42.27 -63.86 15.78
N TRP A 253 -41.62 -62.75 15.45
CA TRP A 253 -42.34 -61.53 15.12
C TRP A 253 -42.99 -61.63 13.75
N SER A 254 -42.28 -62.19 12.77
CA SER A 254 -42.77 -62.25 11.40
C SER A 254 -43.98 -63.16 11.23
N THR A 255 -44.30 -63.97 12.24
CA THR A 255 -45.35 -64.97 12.11
C THR A 255 -46.65 -64.59 12.84
N LEU A 256 -46.59 -63.68 13.80
CA LEU A 256 -47.80 -63.32 14.55
C LEU A 256 -48.86 -62.75 13.63
N GLU A 257 -50.12 -63.00 13.98
CA GLU A 257 -51.24 -62.48 13.19
C GLU A 257 -51.33 -60.97 13.33
N GLU A 258 -51.55 -60.30 12.20
CA GLU A 258 -51.52 -58.83 12.19
C GLU A 258 -52.79 -58.22 12.79
N LYS A 259 -53.88 -58.97 12.85
CA LYS A 259 -55.10 -58.42 13.46
C LYS A 259 -54.93 -58.26 14.97
N GLU A 260 -54.41 -59.30 15.64
CA GLU A 260 -54.15 -59.19 17.07
C GLU A 260 -52.96 -58.29 17.36
N TYR A 261 -51.99 -58.24 16.45
CA TYR A 261 -50.78 -57.44 16.62
C TYR A 261 -50.60 -56.57 15.38
N PRO A 262 -51.10 -55.34 15.42
CA PRO A 262 -50.97 -54.46 14.25
C PRO A 262 -49.52 -54.04 14.01
N GLY A 263 -49.17 -53.90 12.73
CA GLY A 263 -47.83 -53.50 12.37
C GLY A 263 -46.75 -54.45 12.82
N ALA A 264 -47.06 -55.75 12.89
CA ALA A 264 -46.13 -56.75 13.40
C ALA A 264 -45.80 -57.92 12.48
N HIS A 265 -46.47 -58.07 11.35
CA HIS A 265 -46.26 -59.22 10.46
C HIS A 265 -45.14 -58.98 9.44
N THR A 266 -44.27 -58.02 9.70
CA THR A 266 -43.18 -57.68 8.80
C THR A 266 -41.90 -58.23 9.43
N ALA A 267 -40.80 -58.11 8.69
CA ALA A 267 -39.50 -58.62 9.13
C ALA A 267 -38.70 -57.61 9.93
N THR A 268 -39.17 -56.37 10.06
CA THR A 268 -38.46 -55.33 10.78
C THR A 268 -39.37 -54.72 11.83
N ILE A 269 -38.78 -53.93 12.71
CA ILE A 269 -39.50 -53.31 13.80
C ILE A 269 -38.87 -51.95 14.08
N LYS A 270 -39.70 -50.95 14.34
CA LYS A 270 -39.19 -49.60 14.56
C LYS A 270 -38.41 -49.51 15.87
N TYR A 271 -37.38 -48.66 15.88
CA TYR A 271 -36.53 -48.53 17.06
C TYR A 271 -37.30 -48.07 18.28
N THR A 272 -38.42 -47.38 18.09
CA THR A 272 -39.28 -47.03 19.23
C THR A 272 -39.90 -48.28 19.85
N SER A 273 -40.47 -49.15 19.00
CA SER A 273 -41.11 -50.36 19.50
C SER A 273 -40.07 -51.34 20.06
N ALA A 274 -38.94 -51.49 19.37
CA ALA A 274 -37.91 -52.41 19.85
C ALA A 274 -37.41 -52.01 21.23
N LEU A 275 -37.28 -50.71 21.48
CA LEU A 275 -36.92 -50.26 22.81
C LEU A 275 -38.03 -50.55 23.82
N THR A 276 -39.28 -50.56 23.35
CA THR A 276 -40.39 -50.87 24.25
C THR A 276 -40.32 -52.33 24.71
N TYR A 277 -40.08 -53.25 23.78
CA TYR A 277 -39.90 -54.65 24.14
C TYR A 277 -38.75 -54.81 25.13
N ASP A 278 -37.64 -54.11 24.90
CA ASP A 278 -36.50 -54.16 25.81
C ASP A 278 -36.75 -53.43 27.11
N ALA A 279 -37.84 -52.67 27.22
CA ALA A 279 -38.15 -51.99 28.48
C ALA A 279 -38.78 -52.94 29.47
N VAL A 280 -39.65 -53.84 28.99
CA VAL A 280 -40.26 -54.84 29.87
C VAL A 280 -39.19 -55.70 30.52
N GLN A 281 -38.16 -56.07 29.76
CA GLN A 281 -37.06 -56.84 30.32
C GLN A 281 -36.32 -56.04 31.39
N VAL A 282 -36.30 -54.71 31.26
CA VAL A 282 -35.69 -53.89 32.31
C VAL A 282 -36.55 -53.90 33.57
N MET A 283 -37.87 -53.77 33.41
CA MET A 283 -38.74 -53.68 34.58
C MET A 283 -38.89 -55.03 35.27
N THR A 284 -39.06 -56.11 34.50
CA THR A 284 -39.17 -57.43 35.10
C THR A 284 -37.93 -57.78 35.90
N GLU A 285 -36.75 -57.54 35.33
CA GLU A 285 -35.50 -57.82 36.04
C GLU A 285 -35.25 -56.83 37.15
N ALA A 286 -35.92 -55.68 37.15
CA ALA A 286 -35.77 -54.74 38.25
C ALA A 286 -36.48 -55.22 39.50
N PHE A 287 -37.74 -55.65 39.35
CA PHE A 287 -38.50 -56.15 40.48
C PHE A 287 -37.96 -57.49 40.97
N ARG A 288 -37.53 -58.34 40.03
CA ARG A 288 -36.96 -59.64 40.42
C ARG A 288 -35.75 -59.45 41.31
N ASN A 289 -34.95 -58.42 41.03
CA ASN A 289 -33.81 -58.12 41.90
C ASN A 289 -34.27 -57.57 43.25
N LEU A 290 -35.43 -56.93 43.29
CA LEU A 290 -35.98 -56.51 44.58
C LEU A 290 -36.39 -57.72 45.41
N ARG A 291 -36.94 -58.75 44.76
CA ARG A 291 -37.27 -59.98 45.46
C ARG A 291 -36.03 -60.65 46.02
N LYS A 292 -35.02 -60.86 45.18
CA LYS A 292 -33.82 -61.56 45.61
C LYS A 292 -33.06 -60.77 46.67
N GLN A 293 -33.10 -59.44 46.60
CA GLN A 293 -32.48 -58.62 47.63
C GLN A 293 -33.29 -58.55 48.92
N ARG A 294 -34.42 -59.25 48.98
CA ARG A 294 -35.29 -59.25 50.15
C ARG A 294 -35.72 -57.83 50.51
N ILE A 295 -36.41 -57.20 49.56
CA ILE A 295 -36.89 -55.83 49.71
C ILE A 295 -38.40 -55.83 49.53
N GLU A 296 -39.10 -55.13 50.41
CA GLU A 296 -40.55 -55.05 50.40
C GLU A 296 -40.97 -53.69 49.86
N ILE A 297 -41.74 -53.69 48.78
CA ILE A 297 -42.04 -52.47 48.04
C ILE A 297 -43.52 -52.13 47.99
N SER A 298 -44.41 -53.05 48.34
CA SER A 298 -45.83 -52.81 48.18
C SER A 298 -46.27 -51.61 49.01
N ARG A 299 -47.16 -50.79 48.43
CA ARG A 299 -47.58 -49.55 49.07
C ARG A 299 -48.24 -49.83 50.41
N ARG A 300 -48.03 -48.90 51.35
CA ARG A 300 -48.66 -49.01 52.65
C ARG A 300 -50.13 -48.63 52.62
N GLY A 301 -50.58 -47.94 51.58
CA GLY A 301 -51.97 -47.56 51.47
C GLY A 301 -52.21 -46.69 50.26
N ASN A 302 -53.29 -45.91 50.34
CA ASN A 302 -53.63 -45.00 49.24
C ASN A 302 -52.57 -43.92 49.10
N ALA A 303 -52.04 -43.78 47.88
CA ALA A 303 -51.09 -42.71 47.59
C ALA A 303 -51.73 -41.32 47.69
N GLY A 304 -53.06 -41.25 47.60
CA GLY A 304 -53.74 -39.98 47.72
C GLY A 304 -53.75 -39.20 46.41
N ASP A 305 -54.16 -37.94 46.54
CA ASP A 305 -54.17 -37.05 45.39
C ASP A 305 -52.75 -36.61 45.07
N CYS A 306 -52.38 -36.70 43.79
CA CYS A 306 -51.04 -36.27 43.37
C CYS A 306 -50.80 -34.80 43.70
N LEU A 307 -51.85 -34.01 43.78
CA LEU A 307 -51.77 -32.59 44.11
C LEU A 307 -51.74 -32.33 45.62
N ALA A 308 -51.34 -33.33 46.40
CA ALA A 308 -51.36 -33.19 47.85
C ALA A 308 -50.32 -32.16 48.30
N ASN A 309 -50.75 -31.23 49.14
CA ASN A 309 -49.86 -30.21 49.68
C ASN A 309 -49.87 -30.27 51.21
N PRO A 310 -48.71 -30.50 51.82
CA PRO A 310 -47.40 -30.71 51.18
C PRO A 310 -47.26 -32.08 50.53
N ALA A 311 -46.51 -32.15 49.43
CA ALA A 311 -46.32 -33.40 48.72
C ALA A 311 -45.44 -34.34 49.53
N VAL A 312 -46.01 -35.46 49.96
CA VAL A 312 -45.30 -36.49 50.72
C VAL A 312 -44.88 -37.58 49.74
N PRO A 313 -43.58 -37.81 49.54
CA PRO A 313 -43.17 -38.88 48.62
C PRO A 313 -42.98 -40.21 49.33
N TRP A 314 -43.57 -41.27 48.80
CA TRP A 314 -43.37 -42.59 49.37
C TRP A 314 -41.91 -42.99 49.25
N GLY A 315 -41.35 -43.50 50.35
CA GLY A 315 -39.91 -43.72 50.42
C GLY A 315 -39.41 -44.83 49.53
N GLN A 316 -40.21 -45.88 49.34
CA GLN A 316 -39.75 -47.04 48.57
C GLN A 316 -39.54 -46.74 47.09
N GLY A 317 -39.91 -45.54 46.63
CA GLY A 317 -39.58 -45.17 45.26
C GLY A 317 -38.09 -45.09 45.01
N VAL A 318 -37.33 -44.67 46.02
CA VAL A 318 -35.87 -44.60 45.89
C VAL A 318 -35.30 -45.98 45.61
N GLU A 319 -35.82 -47.00 46.30
CA GLU A 319 -35.39 -48.37 46.03
C GLU A 319 -35.81 -48.81 44.63
N ILE A 320 -36.95 -48.32 44.13
CA ILE A 320 -37.35 -48.64 42.77
C ILE A 320 -36.46 -47.89 41.78
N GLU A 321 -36.10 -46.66 42.09
CA GLU A 321 -35.14 -45.94 41.27
C GLU A 321 -33.81 -46.69 41.20
N ARG A 322 -33.27 -47.06 42.36
CA ARG A 322 -32.02 -47.81 42.40
C ARG A 322 -32.17 -49.21 41.81
N ALA A 323 -33.38 -49.76 41.79
CA ALA A 323 -33.58 -51.07 41.20
C ALA A 323 -33.60 -51.00 39.68
N LEU A 324 -34.33 -50.02 39.14
CA LEU A 324 -34.39 -49.86 37.69
C LEU A 324 -33.06 -49.36 37.13
N LYS A 325 -32.44 -48.39 37.80
CA LYS A 325 -31.18 -47.84 37.32
C LYS A 325 -30.00 -48.80 37.48
N GLN A 326 -30.20 -49.95 38.11
CA GLN A 326 -29.15 -50.95 38.25
C GLN A 326 -29.46 -52.24 37.50
N VAL A 327 -30.47 -52.22 36.62
CA VAL A 327 -30.72 -53.35 35.74
C VAL A 327 -29.60 -53.43 34.70
N GLN A 328 -29.31 -54.65 34.25
CA GLN A 328 -28.32 -54.84 33.19
C GLN A 328 -28.67 -56.13 32.46
N VAL A 329 -29.32 -56.01 31.31
CA VAL A 329 -29.78 -57.15 30.52
C VAL A 329 -29.38 -56.93 29.06
N GLU A 330 -29.68 -57.93 28.23
CA GLU A 330 -29.37 -57.91 26.80
C GLU A 330 -30.66 -58.08 26.02
N GLY A 331 -30.85 -57.25 25.00
CA GLY A 331 -32.10 -57.21 24.26
C GLY A 331 -31.88 -56.80 22.82
N LEU A 332 -32.96 -56.29 22.19
CA LEU A 332 -32.93 -55.92 20.78
C LEU A 332 -32.02 -54.73 20.50
N SER A 333 -31.97 -53.75 21.41
CA SER A 333 -31.09 -52.60 21.29
C SER A 333 -29.65 -52.93 21.70
N GLY A 334 -29.24 -54.19 21.61
CA GLY A 334 -27.90 -54.55 22.03
C GLY A 334 -27.78 -54.54 23.55
N ASN A 335 -26.71 -53.93 24.05
CA ASN A 335 -26.45 -53.88 25.47
C ASN A 335 -27.31 -52.81 26.14
N ILE A 336 -27.76 -53.10 27.36
CA ILE A 336 -28.64 -52.21 28.10
C ILE A 336 -28.03 -51.96 29.47
N LYS A 337 -27.85 -50.69 29.82
CA LYS A 337 -27.29 -50.32 31.11
C LYS A 337 -27.59 -48.84 31.36
N PHE A 338 -27.68 -48.47 32.64
CA PHE A 338 -28.06 -47.12 33.03
C PHE A 338 -27.10 -46.60 34.08
N ASP A 339 -26.90 -45.28 34.07
CA ASP A 339 -26.07 -44.62 35.08
C ASP A 339 -26.94 -44.20 36.26
N GLN A 340 -26.37 -43.43 37.18
CA GLN A 340 -27.15 -42.95 38.31
C GLN A 340 -28.24 -41.97 37.89
N ASN A 341 -28.21 -41.48 36.64
CA ASN A 341 -29.20 -40.55 36.14
C ASN A 341 -30.26 -41.19 35.27
N GLY A 342 -30.11 -42.48 34.94
CA GLY A 342 -31.04 -43.16 34.06
C GLY A 342 -30.70 -43.10 32.59
N LYS A 343 -29.62 -42.41 32.22
CA LYS A 343 -29.23 -42.31 30.83
C LYS A 343 -28.61 -43.62 30.34
N ARG A 344 -28.80 -43.90 29.05
CA ARG A 344 -28.19 -45.07 28.45
C ARG A 344 -26.67 -44.95 28.48
N ILE A 345 -26.00 -46.00 28.95
CA ILE A 345 -24.56 -46.04 29.03
C ILE A 345 -24.06 -47.35 28.46
N ASN A 346 -22.78 -47.36 28.05
CA ASN A 346 -22.09 -48.57 27.63
C ASN A 346 -22.79 -49.22 26.43
N TYR A 347 -23.33 -48.39 25.53
CA TYR A 347 -24.17 -48.87 24.45
C TYR A 347 -23.39 -48.87 23.13
N THR A 348 -24.12 -49.07 22.03
CA THR A 348 -23.50 -49.25 20.72
C THR A 348 -24.49 -48.90 19.64
N ILE A 349 -24.13 -47.95 18.78
CA ILE A 349 -24.97 -47.52 17.66
C ILE A 349 -24.22 -47.92 16.40
N ASN A 350 -24.93 -48.57 15.48
CA ASN A 350 -24.35 -48.99 14.21
C ASN A 350 -24.60 -47.93 13.16
N ILE A 351 -23.61 -47.72 12.30
CA ILE A 351 -23.67 -46.72 11.23
C ILE A 351 -23.95 -47.41 9.91
N MET A 352 -24.77 -46.78 9.08
CA MET A 352 -25.26 -47.39 7.85
C MET A 352 -25.12 -46.43 6.68
N GLU A 353 -24.45 -46.89 5.63
CA GLU A 353 -24.43 -46.21 4.34
C GLU A 353 -25.36 -46.94 3.38
N LEU A 354 -26.15 -46.18 2.63
CA LEU A 354 -27.06 -46.74 1.64
C LEU A 354 -26.35 -46.83 0.29
N LYS A 355 -26.18 -48.05 -0.21
CA LYS A 355 -25.52 -48.30 -1.48
C LYS A 355 -26.53 -48.82 -2.49
N THR A 356 -26.02 -49.38 -3.59
CA THR A 356 -26.89 -49.88 -4.65
C THR A 356 -27.60 -51.16 -4.22
N ASN A 357 -26.96 -51.99 -3.39
CA ASN A 357 -27.54 -53.25 -2.95
C ASN A 357 -28.30 -53.12 -1.63
N GLY A 358 -28.58 -51.90 -1.18
CA GLY A 358 -29.37 -51.69 0.02
C GLY A 358 -28.54 -51.22 1.19
N PRO A 359 -29.13 -51.28 2.40
CA PRO A 359 -28.40 -50.84 3.59
C PRO A 359 -27.21 -51.74 3.88
N ARG A 360 -26.11 -51.12 4.30
CA ARG A 360 -24.85 -51.83 4.51
C ARG A 360 -24.24 -51.38 5.83
N LYS A 361 -23.98 -52.34 6.73
CA LYS A 361 -23.33 -52.04 7.99
C LYS A 361 -21.88 -51.64 7.72
N ILE A 362 -21.54 -50.38 7.98
CA ILE A 362 -20.23 -49.85 7.67
C ILE A 362 -19.43 -49.52 8.93
N GLY A 363 -20.07 -48.88 9.90
CA GLY A 363 -19.37 -48.40 11.08
C GLY A 363 -20.20 -48.54 12.34
N TYR A 364 -19.61 -48.07 13.44
CA TYR A 364 -20.26 -48.05 14.74
C TYR A 364 -19.41 -47.19 15.67
N TRP A 365 -20.04 -46.67 16.72
CA TRP A 365 -19.35 -45.85 17.70
C TRP A 365 -19.74 -46.30 19.10
N SER A 366 -19.03 -45.75 20.08
CA SER A 366 -19.28 -46.03 21.48
C SER A 366 -18.90 -44.79 22.29
N GLU A 367 -19.50 -44.65 23.47
CA GLU A 367 -19.23 -43.50 24.30
C GLU A 367 -17.77 -43.43 24.75
N VAL A 368 -16.98 -44.46 24.47
CA VAL A 368 -15.55 -44.45 24.73
C VAL A 368 -14.73 -44.50 23.44
N ASP A 369 -15.21 -45.23 22.43
CA ASP A 369 -14.50 -45.38 21.17
C ASP A 369 -15.33 -44.87 19.99
N LYS A 370 -14.67 -44.12 19.11
CA LYS A 370 -15.35 -43.47 17.99
C LYS A 370 -14.98 -43.97 16.61
N MET A 371 -16.00 -44.40 15.85
CA MET A 371 -15.81 -44.83 14.47
C MET A 371 -14.76 -45.92 14.26
N VAL A 372 -15.00 -47.12 14.79
CA VAL A 372 -13.99 -48.16 14.79
C VAL A 372 -14.08 -49.23 13.69
N LEU A 373 -15.28 -49.53 13.19
CA LEU A 373 -15.46 -50.63 12.25
C LEU A 373 -14.57 -50.47 11.03
N THR A 374 -13.61 -51.38 10.88
CA THR A 374 -12.70 -51.37 9.74
C THR A 374 -12.24 -52.78 9.41
N GLU A 375 -12.87 -53.40 8.42
CA GLU A 375 -13.93 -52.76 7.64
C GLU A 375 -14.95 -53.83 7.27
N ASP A 376 -15.73 -53.54 6.24
CA ASP A 376 -16.69 -54.48 5.68
C ASP A 376 -16.14 -55.24 4.48
N ASP A 377 -15.24 -56.19 4.75
CA ASP A 377 -14.67 -57.01 3.69
C ASP A 377 -15.73 -57.85 3.00
N THR A 378 -16.77 -58.25 3.73
CA THR A 378 -17.89 -58.96 3.14
C THR A 378 -18.80 -57.97 2.42
N SER A 379 -19.89 -58.48 1.85
CA SER A 379 -20.85 -57.69 1.06
C SER A 379 -20.08 -57.07 -0.10
N GLY A 380 -19.98 -55.75 -0.19
CA GLY A 380 -19.25 -55.13 -1.27
C GLY A 380 -20.02 -55.12 -2.59
N LEU A 381 -19.72 -54.15 -3.45
CA LEU A 381 -20.39 -54.01 -4.73
C LEU A 381 -19.46 -54.14 -5.92
N GLU A 382 -18.25 -53.60 -5.83
CA GLU A 382 -17.26 -53.64 -6.91
C GLU A 382 -17.84 -53.06 -8.20
N GLN A 383 -18.59 -51.97 -8.07
CA GLN A 383 -19.24 -51.31 -9.20
C GLN A 383 -19.08 -49.81 -9.01
N LYS A 384 -18.20 -49.18 -9.79
CA LYS A 384 -17.96 -47.75 -9.68
C LYS A 384 -17.64 -47.21 -11.07
N THR A 385 -18.58 -46.48 -11.66
CA THR A 385 -18.37 -45.80 -12.93
C THR A 385 -17.94 -44.36 -12.62
N VAL A 386 -16.69 -44.03 -12.94
CA VAL A 386 -16.16 -42.71 -12.67
C VAL A 386 -16.71 -41.73 -13.68
N VAL A 387 -17.18 -40.57 -13.20
CA VAL A 387 -17.75 -39.55 -14.06
C VAL A 387 -16.63 -38.58 -14.46
N VAL A 388 -16.39 -38.48 -15.77
CA VAL A 388 -15.35 -37.61 -16.31
C VAL A 388 -16.02 -36.53 -17.17
N THR A 389 -15.67 -35.28 -16.92
CA THR A 389 -16.24 -34.15 -17.64
C THR A 389 -15.19 -33.50 -18.52
N THR A 390 -15.64 -32.98 -19.66
CA THR A 390 -14.77 -32.29 -20.61
C THR A 390 -15.60 -31.31 -21.42
N ILE A 391 -14.93 -30.55 -22.27
CA ILE A 391 -15.54 -29.48 -23.03
C ILE A 391 -15.32 -29.73 -24.53
N LEU A 392 -16.33 -29.40 -25.34
CA LEU A 392 -16.25 -29.56 -26.79
C LEU A 392 -15.42 -28.43 -27.38
N GLU A 393 -14.15 -28.71 -27.67
CA GLU A 393 -13.29 -27.72 -28.30
C GLU A 393 -12.18 -28.46 -29.04
N SER A 394 -12.08 -28.23 -30.35
CA SER A 394 -11.10 -28.91 -31.19
C SER A 394 -9.68 -28.50 -30.84
N PRO A 395 -8.72 -29.45 -30.95
CA PRO A 395 -8.96 -30.85 -31.30
C PRO A 395 -9.01 -31.76 -30.07
N TYR A 396 -9.22 -31.17 -28.89
CA TYR A 396 -9.14 -31.93 -27.65
C TYR A 396 -10.29 -32.93 -27.54
N VAL A 397 -11.53 -32.46 -27.73
CA VAL A 397 -12.71 -33.31 -27.68
C VAL A 397 -13.62 -32.87 -28.82
N MET A 398 -13.72 -33.69 -29.85
CA MET A 398 -14.55 -33.42 -31.02
C MET A 398 -15.53 -34.57 -31.21
N MET A 399 -16.78 -34.24 -31.51
CA MET A 399 -17.75 -35.25 -31.86
C MET A 399 -17.40 -35.84 -33.23
N LYS A 400 -17.41 -37.16 -33.33
CA LYS A 400 -17.08 -37.82 -34.59
C LYS A 400 -18.03 -37.38 -35.69
N LYS A 401 -17.57 -37.54 -36.94
CA LYS A 401 -18.40 -37.16 -38.08
C LYS A 401 -19.71 -37.93 -38.09
N ASN A 402 -19.73 -39.12 -37.51
CA ASN A 402 -20.95 -39.91 -37.37
C ASN A 402 -21.27 -40.11 -35.89
N HIS A 403 -21.33 -39.01 -35.14
CA HIS A 403 -21.55 -39.08 -33.70
C HIS A 403 -22.97 -39.48 -33.34
N GLU A 404 -23.91 -39.45 -34.28
CA GLU A 404 -25.29 -39.80 -33.97
C GLU A 404 -25.50 -41.31 -33.96
N MET A 405 -24.80 -42.05 -34.82
CA MET A 405 -24.98 -43.49 -34.91
C MET A 405 -24.23 -44.25 -33.83
N LEU A 406 -23.35 -43.59 -33.06
CA LEU A 406 -22.61 -44.21 -32.00
C LEU A 406 -23.26 -43.93 -30.65
N GLU A 407 -22.61 -44.38 -29.58
CA GLU A 407 -23.12 -44.18 -28.23
C GLU A 407 -21.98 -44.37 -27.24
N GLY A 408 -22.14 -43.74 -26.08
CA GLY A 408 -21.17 -43.91 -25.01
C GLY A 408 -19.93 -43.08 -25.27
N ASN A 409 -18.76 -43.72 -25.15
CA ASN A 409 -17.49 -43.04 -25.28
C ASN A 409 -17.02 -42.93 -26.72
N GLU A 410 -17.52 -43.77 -27.63
CA GLU A 410 -17.12 -43.69 -29.02
C GLU A 410 -17.67 -42.45 -29.73
N ARG A 411 -18.65 -41.77 -29.13
CA ARG A 411 -19.22 -40.58 -29.76
C ARG A 411 -18.18 -39.49 -29.94
N TYR A 412 -17.23 -39.39 -29.02
CA TYR A 412 -16.27 -38.29 -28.99
C TYR A 412 -14.88 -38.79 -29.32
N GLU A 413 -14.07 -37.90 -29.89
CA GLU A 413 -12.69 -38.21 -30.26
C GLU A 413 -11.86 -36.95 -30.10
N GLY A 414 -10.58 -37.14 -29.83
CA GLY A 414 -9.66 -36.02 -29.72
C GLY A 414 -8.52 -36.36 -28.78
N TYR A 415 -7.74 -35.33 -28.46
CA TYR A 415 -6.55 -35.52 -27.63
C TYR A 415 -6.92 -36.01 -26.23
N CYS A 416 -7.96 -35.43 -25.63
CA CYS A 416 -8.35 -35.82 -24.29
C CYS A 416 -8.97 -37.22 -24.28
N VAL A 417 -9.70 -37.59 -25.33
CA VAL A 417 -10.31 -38.92 -25.38
C VAL A 417 -9.24 -39.99 -25.40
N ASP A 418 -8.13 -39.73 -26.09
CA ASP A 418 -7.00 -40.66 -26.05
C ASP A 418 -6.22 -40.54 -24.75
N LEU A 419 -6.23 -39.36 -24.12
CA LEU A 419 -5.61 -39.23 -22.81
C LEU A 419 -6.49 -39.81 -21.71
N ALA A 420 -7.81 -39.83 -21.92
CA ALA A 420 -8.71 -40.40 -20.92
C ALA A 420 -8.49 -41.90 -20.77
N ALA A 421 -8.36 -42.62 -21.88
CA ALA A 421 -8.15 -44.06 -21.81
C ALA A 421 -6.76 -44.40 -21.27
N GLU A 422 -5.76 -43.60 -21.63
CA GLU A 422 -4.40 -43.85 -21.13
C GLU A 422 -4.33 -43.66 -19.62
N ILE A 423 -5.02 -42.64 -19.09
CA ILE A 423 -5.07 -42.47 -17.64
C ILE A 423 -5.87 -43.60 -17.01
N ALA A 424 -6.89 -44.11 -17.70
CA ALA A 424 -7.67 -45.23 -17.20
C ALA A 424 -6.98 -46.57 -17.42
N LYS A 425 -5.82 -46.60 -18.08
CA LYS A 425 -5.09 -47.83 -18.28
C LYS A 425 -4.08 -48.07 -17.17
N HIS A 426 -3.45 -47.02 -16.65
CA HIS A 426 -2.51 -47.12 -15.54
C HIS A 426 -3.19 -46.91 -14.19
N CYS A 427 -4.52 -46.76 -14.17
CA CYS A 427 -5.29 -46.70 -12.94
C CYS A 427 -6.50 -47.63 -12.94
N GLY A 428 -6.96 -48.11 -14.10
CA GLY A 428 -7.96 -49.15 -14.18
C GLY A 428 -9.30 -48.83 -13.54
N PHE A 429 -10.02 -47.86 -14.11
CA PHE A 429 -11.35 -47.51 -13.62
C PHE A 429 -12.28 -47.28 -14.79
N LYS A 430 -13.53 -47.72 -14.64
CA LYS A 430 -14.54 -47.50 -15.67
C LYS A 430 -14.98 -46.05 -15.62
N TYR A 431 -14.88 -45.36 -16.76
CA TYR A 431 -15.19 -43.94 -16.83
C TYR A 431 -16.26 -43.66 -17.88
N LYS A 432 -17.15 -42.72 -17.57
CA LYS A 432 -18.20 -42.28 -18.46
C LYS A 432 -17.90 -40.84 -18.87
N LEU A 433 -17.82 -40.59 -20.18
CA LEU A 433 -17.46 -39.28 -20.69
C LEU A 433 -18.70 -38.40 -20.76
N THR A 434 -18.64 -37.24 -20.10
CA THR A 434 -19.75 -36.30 -20.06
C THR A 434 -19.28 -34.92 -20.52
N ILE A 435 -20.21 -34.19 -21.12
CA ILE A 435 -19.94 -32.83 -21.60
C ILE A 435 -20.46 -31.84 -20.57
N VAL A 436 -19.60 -30.93 -20.14
CA VAL A 436 -19.96 -29.93 -19.13
C VAL A 436 -20.97 -28.96 -19.71
N GLY A 437 -21.54 -28.11 -18.87
CA GLY A 437 -22.59 -27.20 -19.32
C GLY A 437 -22.04 -26.01 -20.09
N ASP A 438 -22.64 -25.75 -21.25
CA ASP A 438 -22.42 -24.53 -22.06
C ASP A 438 -20.93 -24.23 -22.32
N GLY A 439 -20.10 -25.28 -22.35
CA GLY A 439 -18.68 -25.08 -22.59
C GLY A 439 -18.05 -24.17 -21.56
N LYS A 440 -18.20 -24.54 -20.30
CA LYS A 440 -17.81 -23.69 -19.17
C LYS A 440 -16.35 -23.94 -18.77
N TYR A 441 -15.77 -22.96 -18.09
CA TYR A 441 -14.42 -23.03 -17.54
C TYR A 441 -14.45 -22.64 -16.08
N GLY A 442 -13.30 -22.71 -15.42
CA GLY A 442 -13.21 -22.41 -14.01
C GLY A 442 -13.12 -20.93 -13.69
N ALA A 443 -14.24 -20.34 -13.29
CA ALA A 443 -14.30 -18.94 -12.91
C ALA A 443 -15.07 -18.80 -11.60
N ARG A 444 -14.86 -17.68 -10.91
CA ARG A 444 -15.50 -17.40 -9.64
C ARG A 444 -16.14 -16.02 -9.69
N ASP A 445 -17.45 -15.97 -9.46
CA ASP A 445 -18.15 -14.69 -9.43
C ASP A 445 -17.68 -13.85 -8.25
N ALA A 446 -17.59 -12.54 -8.45
CA ALA A 446 -17.18 -11.65 -7.38
C ALA A 446 -18.28 -11.46 -6.35
N ASP A 447 -19.55 -11.46 -6.80
CA ASP A 447 -20.66 -11.23 -5.89
C ASP A 447 -21.03 -12.52 -5.15
N THR A 448 -21.59 -13.49 -5.87
CA THR A 448 -22.11 -14.71 -5.27
C THR A 448 -21.04 -15.69 -4.82
N LYS A 449 -19.79 -15.51 -5.26
CA LYS A 449 -18.69 -16.41 -4.91
C LYS A 449 -19.01 -17.86 -5.22
N ILE A 450 -19.80 -18.07 -6.27
CA ILE A 450 -20.15 -19.41 -6.74
C ILE A 450 -19.21 -19.79 -7.87
N TRP A 451 -18.67 -21.00 -7.81
CA TRP A 451 -17.84 -21.49 -8.90
C TRP A 451 -18.71 -22.08 -10.00
N ASN A 452 -18.33 -21.79 -11.24
CA ASN A 452 -18.97 -22.38 -12.41
C ASN A 452 -17.93 -23.14 -13.23
N GLY A 453 -18.40 -24.04 -14.07
CA GLY A 453 -17.53 -24.70 -15.02
C GLY A 453 -17.19 -26.12 -14.64
N MET A 454 -16.22 -26.65 -15.37
CA MET A 454 -15.72 -27.98 -15.07
C MET A 454 -15.14 -28.04 -13.66
N VAL A 455 -14.47 -26.96 -13.23
CA VAL A 455 -14.03 -26.87 -11.85
C VAL A 455 -15.22 -26.85 -10.92
N GLY A 456 -16.34 -26.30 -11.36
CA GLY A 456 -17.55 -26.33 -10.54
C GLY A 456 -18.11 -27.72 -10.38
N GLU A 457 -18.15 -28.50 -11.47
CA GLU A 457 -18.68 -29.86 -11.40
C GLU A 457 -17.77 -30.81 -10.64
N LEU A 458 -16.61 -30.35 -10.17
CA LEU A 458 -15.75 -31.13 -9.29
C LEU A 458 -15.95 -30.78 -7.82
N VAL A 459 -16.08 -29.50 -7.49
CA VAL A 459 -16.31 -29.11 -6.10
C VAL A 459 -17.74 -29.39 -5.69
N TYR A 460 -18.66 -29.48 -6.63
CA TYR A 460 -20.07 -29.71 -6.32
C TYR A 460 -20.51 -31.15 -6.53
N GLY A 461 -19.58 -32.05 -6.86
CA GLY A 461 -19.84 -33.47 -6.87
C GLY A 461 -20.52 -34.02 -8.10
N LYS A 462 -20.89 -33.18 -9.07
CA LYS A 462 -21.56 -33.67 -10.26
C LYS A 462 -20.64 -34.48 -11.17
N ALA A 463 -19.34 -34.51 -10.88
CA ALA A 463 -18.40 -35.35 -11.62
C ALA A 463 -17.25 -35.71 -10.69
N ASP A 464 -16.48 -36.71 -11.11
CA ASP A 464 -15.38 -37.21 -10.29
C ASP A 464 -14.02 -36.70 -10.74
N ILE A 465 -13.84 -36.41 -12.02
CA ILE A 465 -12.56 -35.94 -12.54
C ILE A 465 -12.81 -35.13 -13.81
N ALA A 466 -11.96 -34.13 -14.03
CA ALA A 466 -12.07 -33.24 -15.19
C ALA A 466 -10.78 -33.35 -16.00
N ILE A 467 -10.89 -33.84 -17.23
CA ILE A 467 -9.76 -34.00 -18.14
C ILE A 467 -10.03 -33.13 -19.36
N ALA A 468 -9.25 -32.06 -19.49
CA ALA A 468 -9.43 -31.08 -20.56
C ALA A 468 -8.27 -30.09 -20.55
N PRO A 469 -8.14 -29.23 -21.58
CA PRO A 469 -7.17 -28.13 -21.47
C PRO A 469 -7.57 -27.12 -20.41
N LEU A 470 -7.19 -27.38 -19.17
CA LEU A 470 -7.56 -26.56 -18.02
C LEU A 470 -6.32 -25.83 -17.52
N THR A 471 -6.31 -24.52 -17.68
CA THR A 471 -5.15 -23.71 -17.29
C THR A 471 -4.94 -23.77 -15.78
N ILE A 472 -3.71 -24.05 -15.36
CA ILE A 472 -3.39 -24.17 -13.94
C ILE A 472 -3.21 -22.78 -13.36
N THR A 473 -4.21 -22.32 -12.59
CA THR A 473 -4.16 -21.01 -11.95
C THR A 473 -4.21 -21.18 -10.44
N LEU A 474 -3.83 -20.10 -9.73
CA LEU A 474 -3.83 -20.14 -8.27
C LEU A 474 -5.24 -20.17 -7.71
N VAL A 475 -6.15 -19.39 -8.29
CA VAL A 475 -7.52 -19.33 -7.78
C VAL A 475 -8.21 -20.69 -7.91
N ARG A 476 -7.76 -21.50 -8.87
CA ARG A 476 -8.28 -22.86 -9.02
C ARG A 476 -7.53 -23.87 -8.17
N GLU A 477 -6.25 -23.60 -7.87
CA GLU A 477 -5.48 -24.52 -7.04
C GLU A 477 -5.97 -24.53 -5.60
N GLU A 478 -6.59 -23.43 -5.15
CA GLU A 478 -7.05 -23.34 -3.77
C GLU A 478 -8.30 -24.17 -3.52
N VAL A 479 -9.02 -24.55 -4.57
CA VAL A 479 -10.29 -25.25 -4.41
C VAL A 479 -10.25 -26.70 -4.89
N ILE A 480 -9.40 -27.03 -5.85
CA ILE A 480 -9.27 -28.40 -6.35
C ILE A 480 -7.79 -28.78 -6.37
N ASP A 481 -7.52 -30.03 -6.75
CA ASP A 481 -6.18 -30.56 -6.85
C ASP A 481 -5.80 -30.70 -8.31
N PHE A 482 -4.71 -30.03 -8.72
CA PHE A 482 -4.20 -30.12 -10.07
C PHE A 482 -3.06 -31.13 -10.15
N SER A 483 -3.01 -31.85 -11.26
CA SER A 483 -1.93 -32.79 -11.51
C SER A 483 -0.70 -32.05 -12.01
N LYS A 484 0.29 -32.79 -12.49
CA LYS A 484 1.44 -32.16 -13.10
C LYS A 484 1.11 -31.73 -14.53
N PRO A 485 1.78 -30.69 -15.04
CA PRO A 485 1.44 -30.19 -16.38
C PRO A 485 1.74 -31.21 -17.45
N PHE A 486 0.69 -31.65 -18.14
CA PHE A 486 0.82 -32.60 -19.24
C PHE A 486 0.99 -31.93 -20.59
N MET A 487 1.12 -30.61 -20.62
CA MET A 487 1.27 -29.85 -21.86
C MET A 487 1.66 -28.41 -21.55
N SER A 488 2.86 -28.00 -21.95
CA SER A 488 3.32 -26.64 -21.70
C SER A 488 2.89 -25.74 -22.85
N LEU A 489 2.68 -24.47 -22.54
CA LEU A 489 2.25 -23.51 -23.54
C LEU A 489 2.52 -22.10 -23.03
N GLY A 490 2.32 -21.13 -23.91
CA GLY A 490 2.51 -19.73 -23.57
C GLY A 490 1.92 -18.85 -24.66
N ILE A 491 1.79 -17.57 -24.33
CA ILE A 491 1.23 -16.60 -25.27
C ILE A 491 2.22 -16.36 -26.40
N SER A 492 1.73 -16.48 -27.63
CA SER A 492 2.60 -16.38 -28.80
C SER A 492 2.08 -15.36 -29.81
N ILE A 493 2.66 -15.34 -31.00
CA ILE A 493 2.32 -14.40 -32.05
C ILE A 493 1.89 -15.17 -33.28
N MET A 494 0.72 -14.84 -33.81
CA MET A 494 0.21 -15.42 -35.04
C MET A 494 0.20 -14.33 -36.12
N ILE A 495 0.95 -14.55 -37.19
CA ILE A 495 0.97 -13.63 -38.32
C ILE A 495 0.80 -14.43 -39.61
N LYS A 496 0.13 -13.83 -40.58
CA LYS A 496 0.00 -14.42 -41.91
C LYS A 496 1.31 -14.27 -42.64
N LYS A 497 2.02 -15.37 -42.83
CA LYS A 497 3.34 -15.32 -43.47
C LYS A 497 3.18 -14.99 -44.95
N PRO A 498 3.77 -13.89 -45.44
CA PRO A 498 3.77 -13.57 -46.87
C PRO A 498 4.48 -14.66 -47.68
N GLN A 499 3.99 -15.09 -48.85
CA GLN A 499 2.86 -14.55 -49.63
C GLN A 499 3.05 -13.09 -50.02
N LYS A 500 4.31 -12.72 -50.21
CA LYS A 500 4.66 -11.38 -50.67
C LYS A 500 5.40 -11.41 -51.99
N SER A 501 6.03 -12.52 -52.32
CA SER A 501 6.88 -12.57 -53.51
C SER A 501 6.01 -12.37 -54.73
N LYS A 502 6.44 -11.49 -55.64
CA LYS A 502 5.67 -11.24 -56.85
C LYS A 502 6.51 -11.19 -58.14
N PRO A 503 7.18 -12.36 -58.49
CA PRO A 503 7.89 -12.27 -59.77
C PRO A 503 6.94 -12.32 -60.95
N GLY A 504 7.31 -11.65 -62.04
CA GLY A 504 6.57 -11.66 -63.28
C GLY A 504 7.22 -10.74 -64.30
N VAL A 505 6.46 -10.43 -65.35
CA VAL A 505 6.93 -9.55 -66.41
C VAL A 505 6.64 -8.08 -66.11
N PHE A 506 5.54 -7.79 -65.42
CA PHE A 506 5.19 -6.42 -65.05
C PHE A 506 6.09 -5.84 -63.97
N SER A 507 7.00 -6.62 -63.40
CA SER A 507 7.90 -6.14 -62.36
C SER A 507 9.34 -5.98 -62.84
N PHE A 508 9.67 -6.41 -64.06
CA PHE A 508 11.00 -6.14 -64.59
C PHE A 508 11.18 -4.67 -64.91
N LEU A 509 10.19 -4.07 -65.56
CA LEU A 509 10.21 -2.65 -65.84
C LEU A 509 9.79 -1.80 -64.64
N ASP A 510 9.61 -2.44 -63.49
CA ASP A 510 9.21 -1.70 -62.29
C ASP A 510 10.23 -0.67 -61.82
N PRO A 511 11.58 -0.88 -61.94
CA PRO A 511 12.54 0.15 -61.51
C PRO A 511 12.18 1.56 -61.98
N LEU A 512 12.32 1.81 -63.27
CA LEU A 512 11.78 3.04 -63.82
C LEU A 512 10.26 2.98 -63.80
N ALA A 513 9.63 4.14 -63.65
CA ALA A 513 8.18 4.16 -63.62
C ALA A 513 7.60 3.83 -65.00
N TYR A 514 6.31 3.48 -65.02
CA TYR A 514 5.65 3.14 -66.28
C TYR A 514 5.70 4.26 -67.29
N GLU A 515 5.92 5.50 -66.84
CA GLU A 515 5.95 6.65 -67.73
C GLU A 515 7.32 6.92 -68.33
N ILE A 516 8.39 6.39 -67.74
CA ILE A 516 9.72 6.61 -68.30
C ILE A 516 10.01 5.65 -69.44
N TRP A 517 9.67 4.36 -69.28
CA TRP A 517 9.85 3.40 -70.36
C TRP A 517 9.10 3.85 -71.62
N MET A 518 7.99 4.55 -71.45
CA MET A 518 7.24 5.13 -72.57
C MET A 518 7.72 6.52 -72.95
N CYS A 519 8.69 7.07 -72.23
CA CYS A 519 9.27 8.36 -72.56
C CYS A 519 10.68 8.27 -73.12
N ILE A 520 11.45 7.24 -72.73
CA ILE A 520 12.78 7.03 -73.29
C ILE A 520 12.69 6.79 -74.80
N VAL A 521 11.62 6.13 -75.26
CA VAL A 521 11.47 5.85 -76.67
C VAL A 521 11.19 7.12 -77.48
N PHE A 522 10.70 8.18 -76.84
CA PHE A 522 10.48 9.43 -77.55
C PHE A 522 11.79 10.13 -77.88
N ALA A 523 12.79 10.02 -77.00
CA ALA A 523 14.11 10.55 -77.30
C ALA A 523 14.93 9.58 -78.14
N TYR A 524 14.58 8.30 -78.13
CA TYR A 524 15.24 7.34 -79.02
C TYR A 524 14.95 7.65 -80.48
N ILE A 525 13.67 7.79 -80.82
CA ILE A 525 13.29 8.10 -82.20
C ILE A 525 13.55 9.56 -82.54
N GLY A 526 13.66 10.43 -81.54
CA GLY A 526 13.90 11.85 -81.75
C GLY A 526 15.34 12.21 -82.03
N VAL A 527 16.28 11.33 -81.69
CA VAL A 527 17.68 11.55 -81.99
C VAL A 527 18.11 10.81 -83.26
N SER A 528 17.52 9.64 -83.52
CA SER A 528 17.74 8.96 -84.80
C SER A 528 17.18 9.77 -85.97
N VAL A 529 16.18 10.63 -85.72
CA VAL A 529 15.64 11.50 -86.75
C VAL A 529 16.47 12.76 -86.94
N VAL A 530 17.37 13.08 -86.01
CA VAL A 530 18.27 14.21 -86.18
C VAL A 530 19.53 13.81 -86.95
N LEU A 531 20.00 12.58 -86.78
CA LEU A 531 21.12 12.09 -87.59
C LEU A 531 20.75 12.07 -89.07
N PHE A 532 19.45 11.95 -89.38
CA PHE A 532 19.00 12.12 -90.76
C PHE A 532 19.29 13.52 -91.27
N LEU A 533 19.22 14.52 -90.40
CA LEU A 533 19.26 15.92 -90.79
C LEU A 533 20.64 16.55 -90.70
N VAL A 534 21.62 15.87 -90.10
CA VAL A 534 22.96 16.45 -89.95
C VAL A 534 23.89 15.91 -91.02
N SER A 535 23.64 14.68 -91.47
CA SER A 535 24.47 14.08 -92.51
C SER A 535 23.93 14.38 -93.90
N ILE A 545 16.59 6.32 -97.33
CA ILE A 545 16.38 6.39 -95.89
C ILE A 545 16.51 5.00 -95.27
N PHE A 546 16.33 3.97 -96.10
CA PHE A 546 16.40 2.60 -95.60
C PHE A 546 17.79 2.25 -95.11
N ASN A 547 18.82 2.89 -95.65
CA ASN A 547 20.19 2.71 -95.17
C ASN A 547 20.60 3.78 -94.17
N SER A 548 19.86 4.89 -94.08
CA SER A 548 20.17 5.92 -93.10
C SER A 548 19.58 5.59 -91.74
N LEU A 549 18.43 4.91 -91.70
CA LEU A 549 17.91 4.43 -90.41
C LEU A 549 18.72 3.24 -89.91
N TRP A 550 19.22 2.40 -90.81
CA TRP A 550 20.16 1.36 -90.42
C TRP A 550 21.49 1.94 -89.94
N PHE A 551 21.77 3.20 -90.28
CA PHE A 551 22.98 3.86 -89.80
C PHE A 551 22.77 4.46 -88.41
N SER A 552 21.65 5.15 -88.20
CA SER A 552 21.37 5.72 -86.89
C SER A 552 21.11 4.64 -85.85
N LEU A 553 20.56 3.50 -86.27
CA LEU A 553 20.43 2.36 -85.36
C LEU A 553 21.79 1.72 -85.10
N GLY A 554 22.66 1.69 -86.12
CA GLY A 554 24.05 1.38 -85.90
C GLY A 554 24.82 2.47 -85.18
N ALA A 555 24.19 3.62 -84.96
CA ALA A 555 24.76 4.69 -84.16
C ALA A 555 24.13 4.78 -82.76
N PHE A 556 23.07 4.02 -82.50
CA PHE A 556 22.47 3.96 -81.17
C PHE A 556 23.05 2.84 -80.32
N MET A 557 23.29 1.67 -80.92
CA MET A 557 23.88 0.57 -80.18
C MET A 557 25.28 0.92 -79.66
N GLN A 558 25.94 1.91 -80.25
CA GLN A 558 27.26 2.38 -79.84
C GLN A 558 27.17 3.87 -79.59
N GLN A 559 26.76 4.25 -78.38
CA GLN A 559 26.68 5.65 -77.93
C GLN A 559 25.75 6.40 -78.88
N GLY A 560 26.18 7.51 -79.49
CA GLY A 560 25.32 8.27 -80.38
C GLY A 560 25.98 8.62 -81.70
N SER A 567 30.00 14.01 -88.15
CA SER A 567 31.01 15.02 -87.82
C SER A 567 30.40 16.39 -87.93
N LEU A 568 31.18 17.40 -87.52
CA LEU A 568 30.78 18.80 -87.55
C LEU A 568 29.50 18.75 -86.74
N SER A 569 28.35 19.09 -87.35
CA SER A 569 27.08 19.04 -86.66
C SER A 569 26.65 17.78 -85.91
N GLY A 570 26.91 16.61 -86.48
CA GLY A 570 26.57 15.35 -85.84
C GLY A 570 27.38 15.02 -84.61
N ARG A 571 28.35 15.85 -84.25
CA ARG A 571 29.14 15.61 -83.04
C ARG A 571 28.33 15.96 -81.80
N ILE A 572 27.66 17.12 -81.79
CA ILE A 572 26.86 17.51 -80.63
C ILE A 572 25.57 16.69 -80.53
N VAL A 573 25.15 16.07 -81.63
CA VAL A 573 23.97 15.19 -81.58
C VAL A 573 24.28 13.96 -80.75
N GLY A 574 25.31 13.20 -81.15
CA GLY A 574 25.75 12.07 -80.35
C GLY A 574 26.42 12.46 -79.06
N GLY A 575 26.86 13.72 -78.93
CA GLY A 575 27.50 14.16 -77.70
C GLY A 575 26.50 14.39 -76.58
N VAL A 576 25.39 15.04 -76.90
CA VAL A 576 24.37 15.30 -75.89
C VAL A 576 23.52 14.05 -75.66
N TRP A 577 23.32 13.23 -76.70
CA TRP A 577 22.54 12.01 -76.55
C TRP A 577 23.20 11.05 -75.57
N TRP A 578 24.53 10.92 -75.64
CA TRP A 578 25.23 10.04 -74.72
C TRP A 578 25.06 10.48 -73.28
N PHE A 579 25.14 11.79 -73.03
CA PHE A 579 24.95 12.30 -71.68
C PHE A 579 23.54 12.05 -71.17
N PHE A 580 22.55 12.08 -72.08
CA PHE A 580 21.17 11.78 -71.67
C PHE A 580 21.02 10.32 -71.27
N THR A 581 21.35 9.41 -72.19
CA THR A 581 21.28 7.98 -71.86
C THR A 581 22.29 7.58 -70.78
N LEU A 582 23.23 8.47 -70.45
CA LEU A 582 24.10 8.21 -69.30
C LEU A 582 23.32 8.27 -68.00
N ILE A 583 22.50 9.31 -67.83
CA ILE A 583 21.77 9.50 -66.58
C ILE A 583 20.66 8.46 -66.44
N ILE A 584 20.02 8.08 -67.55
CA ILE A 584 18.93 7.12 -67.48
C ILE A 584 19.45 5.76 -67.03
N ILE A 585 20.55 5.29 -67.62
CA ILE A 585 21.15 4.05 -67.18
C ILE A 585 21.83 4.22 -65.83
N SER A 586 22.12 5.45 -65.42
CA SER A 586 22.60 5.69 -64.06
C SER A 586 21.44 5.70 -63.08
N SER A 587 20.30 6.27 -63.49
CA SER A 587 19.12 6.28 -62.61
C SER A 587 18.54 4.88 -62.47
N TYR A 588 18.53 4.10 -63.55
CA TYR A 588 18.03 2.74 -63.47
C TYR A 588 18.85 1.89 -62.51
N THR A 589 20.18 2.08 -62.52
CA THR A 589 21.04 1.29 -61.64
C THR A 589 20.93 1.78 -60.20
N ALA A 590 20.82 3.10 -60.00
CA ALA A 590 20.73 3.63 -58.65
C ALA A 590 19.38 3.30 -58.01
N ASN A 591 18.30 3.43 -58.77
CA ASN A 591 16.97 3.15 -58.21
C ASN A 591 16.80 1.67 -57.91
N LEU A 592 17.27 0.79 -58.79
CA LEU A 592 17.11 -0.64 -58.60
C LEU A 592 17.85 -1.13 -57.37
N ALA A 593 18.97 -0.48 -57.01
CA ALA A 593 19.73 -0.91 -55.85
C ALA A 593 18.99 -0.63 -54.55
N ALA A 594 18.12 0.37 -54.54
CA ALA A 594 17.43 0.73 -53.31
C ALA A 594 16.38 -0.31 -52.93
N PHE A 595 15.63 -0.81 -53.91
CA PHE A 595 14.55 -1.75 -53.62
C PHE A 595 15.09 -3.12 -53.23
N LEU A 596 16.32 -3.46 -53.63
CA LEU A 596 16.90 -4.72 -53.20
C LEU A 596 17.46 -4.62 -51.78
N THR A 597 17.93 -3.44 -51.38
CA THR A 597 18.43 -3.25 -50.02
C THR A 597 17.29 -3.16 -49.01
N VAL A 598 16.13 -2.69 -49.43
CA VAL A 598 14.99 -2.60 -48.52
C VAL A 598 14.54 -4.00 -48.11
N GLU A 599 14.29 -4.87 -49.08
CA GLU A 599 13.88 -6.24 -48.77
C GLU A 599 15.00 -7.04 -48.13
N ARG A 600 16.25 -6.59 -48.26
CA ARG A 600 17.34 -7.25 -47.55
C ARG A 600 17.29 -7.00 -46.05
N MET A 601 16.70 -5.87 -45.67
CA MET A 601 16.48 -5.48 -44.28
C MET A 601 15.49 -6.35 -43.53
N VAL A 602 14.40 -6.67 -44.21
CA VAL A 602 13.27 -7.38 -43.61
C VAL A 602 13.66 -8.81 -43.25
N SER A 603 13.09 -9.40 -42.19
CA SER A 603 12.07 -8.81 -41.30
C SER A 603 10.64 -8.94 -41.86
N PRO A 604 9.53 -8.54 -41.08
CA PRO A 604 9.82 -8.25 -39.66
C PRO A 604 10.29 -9.53 -38.97
N ILE A 605 11.22 -9.40 -38.02
CA ILE A 605 11.89 -10.58 -37.48
C ILE A 605 11.00 -11.17 -36.38
N GLU A 606 11.09 -12.49 -36.22
CA GLU A 606 10.33 -13.19 -35.18
C GLU A 606 10.86 -12.78 -33.81
N SER A 607 10.13 -11.89 -33.14
CA SER A 607 10.45 -11.48 -31.78
C SER A 607 9.31 -10.65 -31.24
N ALA A 608 9.25 -10.54 -29.91
CA ALA A 608 8.21 -9.74 -29.27
C ALA A 608 8.48 -8.24 -29.40
N GLU A 609 9.75 -7.83 -29.44
CA GLU A 609 10.08 -6.42 -29.52
C GLU A 609 9.88 -5.88 -30.93
N ASP A 610 10.28 -6.64 -31.95
CA ASP A 610 10.05 -6.22 -33.33
C ASP A 610 8.55 -6.07 -33.62
N LEU A 611 7.72 -6.81 -32.90
CA LEU A 611 6.29 -6.57 -32.96
C LEU A 611 5.89 -5.30 -32.24
N SER A 612 6.66 -4.90 -31.22
CA SER A 612 6.38 -3.69 -30.45
C SER A 612 7.16 -2.47 -30.94
N LYS A 613 8.22 -2.67 -31.73
CA LYS A 613 8.99 -1.55 -32.23
C LYS A 613 8.27 -0.81 -33.35
N GLN A 614 7.49 -1.52 -34.16
CA GLN A 614 6.75 -0.92 -35.26
C GLN A 614 5.26 -0.94 -34.95
N THR A 615 4.50 -0.14 -35.72
CA THR A 615 3.06 -0.05 -35.55
C THR A 615 2.30 -0.15 -36.88
N GLU A 616 2.97 -0.50 -37.97
CA GLU A 616 2.27 -0.76 -39.23
C GLU A 616 1.39 -1.99 -39.09
N ILE A 617 2.01 -3.14 -38.83
CA ILE A 617 1.28 -4.39 -38.58
C ILE A 617 0.80 -4.35 -37.14
N ALA A 618 -0.47 -3.98 -36.94
CA ALA A 618 -1.02 -3.85 -35.60
C ALA A 618 -1.14 -5.22 -34.93
N TYR A 619 -1.43 -5.20 -33.64
CA TYR A 619 -1.56 -6.43 -32.87
C TYR A 619 -2.51 -6.22 -31.70
N GLY A 620 -3.27 -7.26 -31.38
CA GLY A 620 -4.19 -7.24 -30.27
C GLY A 620 -4.41 -8.64 -29.74
N THR A 621 -5.18 -8.73 -28.65
CA THR A 621 -5.47 -10.00 -28.01
C THR A 621 -6.99 -10.16 -27.90
N LEU A 622 -7.42 -11.01 -26.98
CA LEU A 622 -8.84 -11.19 -26.71
C LEU A 622 -9.31 -10.13 -25.72
N ASP A 623 -10.60 -9.77 -25.81
CA ASP A 623 -11.11 -8.66 -25.02
C ASP A 623 -11.12 -8.99 -23.53
N SER A 624 -11.57 -10.20 -23.17
CA SER A 624 -11.64 -10.61 -21.77
C SER A 624 -11.01 -11.99 -21.65
N GLY A 625 -9.90 -12.08 -20.93
CA GLY A 625 -9.23 -13.35 -20.75
C GLY A 625 -7.88 -13.15 -20.10
N SER A 626 -7.24 -14.28 -19.81
CA SER A 626 -5.93 -14.26 -19.16
C SER A 626 -4.86 -13.62 -20.04
N THR A 627 -5.09 -13.56 -21.35
CA THR A 627 -4.10 -12.95 -22.23
C THR A 627 -4.00 -11.46 -22.00
N LYS A 628 -5.14 -10.76 -21.99
CA LYS A 628 -5.12 -9.31 -21.81
C LYS A 628 -4.64 -8.95 -20.41
N GLU A 629 -5.07 -9.71 -19.39
CA GLU A 629 -4.64 -9.43 -18.02
C GLU A 629 -3.14 -9.62 -17.83
N PHE A 630 -2.48 -10.34 -18.74
CA PHE A 630 -1.03 -10.50 -18.66
C PHE A 630 -0.32 -9.17 -18.82
N PHE A 631 -0.59 -8.48 -19.93
CA PHE A 631 0.07 -7.20 -20.20
C PHE A 631 -0.34 -6.11 -19.22
N ARG A 632 -1.52 -6.24 -18.59
CA ARG A 632 -1.99 -5.20 -17.69
C ARG A 632 -1.05 -5.03 -16.50
N ARG A 633 -0.91 -6.08 -15.68
CA ARG A 633 -0.10 -6.02 -14.48
C ARG A 633 1.35 -6.44 -14.71
N SER A 634 1.77 -6.59 -15.97
CA SER A 634 3.16 -6.93 -16.25
C SER A 634 4.07 -5.75 -15.95
N LYS A 635 5.18 -6.02 -15.27
CA LYS A 635 6.15 -4.99 -14.91
C LYS A 635 7.45 -5.13 -15.70
N ILE A 636 7.37 -5.70 -16.89
CA ILE A 636 8.50 -5.83 -17.79
C ILE A 636 8.45 -4.69 -18.81
N ALA A 637 9.63 -4.18 -19.17
CA ALA A 637 9.68 -3.00 -20.04
C ALA A 637 9.09 -3.28 -21.42
N VAL A 638 9.42 -4.44 -21.99
CA VAL A 638 8.96 -4.74 -23.35
C VAL A 638 7.47 -4.98 -23.39
N PHE A 639 6.93 -5.68 -22.38
CA PHE A 639 5.51 -6.02 -22.38
C PHE A 639 4.63 -4.83 -22.00
N ASP A 640 5.05 -4.05 -21.00
CA ASP A 640 4.27 -2.88 -20.61
C ASP A 640 4.14 -1.90 -21.76
N LYS A 641 5.17 -1.81 -22.62
CA LYS A 641 5.06 -0.99 -23.82
C LYS A 641 3.98 -1.53 -24.75
N MET A 642 3.86 -2.85 -24.84
CA MET A 642 2.80 -3.45 -25.66
C MET A 642 1.44 -3.22 -25.04
N TRP A 643 1.35 -3.27 -23.71
CA TRP A 643 0.08 -3.01 -23.05
C TRP A 643 -0.38 -1.57 -23.28
N THR A 644 0.49 -0.60 -22.97
CA THR A 644 0.15 0.80 -23.17
C THR A 644 -0.17 1.12 -24.63
N TYR A 645 0.34 0.32 -25.57
CA TYR A 645 -0.05 0.50 -26.97
C TYR A 645 -1.49 0.03 -27.19
N MET A 646 -1.76 -1.24 -26.90
CA MET A 646 -3.09 -1.79 -27.15
C MET A 646 -4.15 -1.15 -26.27
N ARG A 647 -3.78 -0.74 -25.05
CA ARG A 647 -4.74 -0.08 -24.17
C ARG A 647 -5.26 1.21 -24.78
N SER A 648 -4.45 1.88 -25.60
CA SER A 648 -4.82 3.14 -26.22
C SER A 648 -4.81 3.08 -27.74
N ALA A 649 -4.90 1.88 -28.31
CA ALA A 649 -4.86 1.72 -29.76
C ALA A 649 -6.24 1.87 -30.35
N GLU A 650 -6.36 2.72 -31.38
CA GLU A 650 -7.63 2.92 -32.08
C GLU A 650 -7.42 2.77 -33.59
N PRO A 651 -8.31 2.03 -34.27
CA PRO A 651 -9.48 1.32 -33.72
C PRO A 651 -9.10 0.12 -32.85
N SER A 652 -10.08 -0.42 -32.13
CA SER A 652 -9.85 -1.48 -31.15
C SER A 652 -9.19 -2.71 -31.74
N VAL A 653 -7.98 -3.04 -31.27
CA VAL A 653 -7.20 -4.16 -31.80
C VAL A 653 -7.71 -5.41 -31.10
N PHE A 654 -8.69 -5.25 -30.23
CA PHE A 654 -9.26 -6.39 -29.53
C PHE A 654 -10.49 -6.91 -30.28
N VAL A 655 -10.80 -8.18 -30.05
CA VAL A 655 -11.95 -8.83 -30.67
C VAL A 655 -12.77 -9.52 -29.61
N ARG A 656 -13.98 -9.93 -30.00
CA ARG A 656 -14.91 -10.55 -29.06
C ARG A 656 -14.54 -12.00 -28.77
N THR A 657 -14.53 -12.83 -29.80
CA THR A 657 -14.23 -14.26 -29.67
C THR A 657 -12.96 -14.59 -30.42
N THR A 658 -12.43 -15.79 -30.14
CA THR A 658 -11.22 -16.26 -30.82
C THR A 658 -11.48 -16.52 -32.30
N ALA A 659 -12.73 -16.79 -32.68
CA ALA A 659 -13.03 -17.00 -34.09
C ALA A 659 -12.92 -15.71 -34.89
N GLU A 660 -13.22 -14.56 -34.27
CA GLU A 660 -13.07 -13.28 -34.97
C GLU A 660 -11.59 -12.93 -35.14
N GLY A 661 -10.77 -13.26 -34.15
CA GLY A 661 -9.36 -12.90 -34.22
C GLY A 661 -8.63 -13.58 -35.35
N VAL A 662 -8.90 -14.88 -35.55
CA VAL A 662 -8.26 -15.60 -36.65
C VAL A 662 -8.80 -15.10 -37.99
N ALA A 663 -10.07 -14.70 -38.04
CA ALA A 663 -10.64 -14.19 -39.28
C ALA A 663 -10.07 -12.81 -39.62
N ARG A 664 -9.67 -12.04 -38.61
CA ARG A 664 -9.11 -10.71 -38.86
C ARG A 664 -7.67 -10.78 -39.37
N VAL A 665 -6.90 -11.77 -38.93
CA VAL A 665 -5.55 -11.94 -39.43
C VAL A 665 -5.55 -12.36 -40.89
N ARG A 666 -6.61 -13.04 -41.33
CA ARG A 666 -6.68 -13.51 -42.71
C ARG A 666 -7.13 -12.44 -43.69
N LYS A 667 -7.83 -11.40 -43.22
CA LYS A 667 -8.36 -10.36 -44.08
C LYS A 667 -7.64 -9.03 -43.90
N SER A 668 -6.48 -9.02 -43.24
CA SER A 668 -5.72 -7.79 -43.03
C SER A 668 -4.48 -7.71 -43.91
N LYS A 669 -4.31 -8.66 -44.83
CA LYS A 669 -3.18 -8.70 -45.76
C LYS A 669 -1.83 -8.72 -45.05
N GLY A 670 -1.81 -9.13 -43.78
CA GLY A 670 -0.59 -9.12 -43.00
C GLY A 670 -0.34 -7.86 -42.20
N LYS A 671 -1.33 -6.99 -42.07
CA LYS A 671 -1.20 -5.76 -41.30
C LYS A 671 -1.74 -5.89 -39.89
N TYR A 672 -2.01 -7.11 -39.43
CA TYR A 672 -2.56 -7.32 -38.10
C TYR A 672 -2.05 -8.65 -37.54
N ALA A 673 -1.45 -8.59 -36.35
CA ALA A 673 -1.05 -9.77 -35.62
C ALA A 673 -2.04 -10.03 -34.48
N TYR A 674 -2.05 -11.27 -34.02
CA TYR A 674 -2.94 -11.68 -32.93
C TYR A 674 -2.16 -12.49 -31.92
N LEU A 675 -2.25 -12.10 -30.65
CA LEU A 675 -1.57 -12.80 -29.56
C LEU A 675 -2.54 -13.75 -28.88
N LEU A 676 -2.13 -15.01 -28.75
CA LEU A 676 -2.95 -16.00 -28.05
C LEU A 676 -2.03 -17.13 -27.60
N GLU A 677 -2.63 -18.15 -26.99
CA GLU A 677 -1.87 -19.28 -26.48
C GLU A 677 -1.24 -20.08 -27.61
N SER A 678 -0.14 -20.75 -27.30
CA SER A 678 0.63 -21.46 -28.33
C SER A 678 -0.11 -22.70 -28.82
N THR A 679 -0.94 -23.31 -27.98
CA THR A 679 -1.64 -24.53 -28.37
C THR A 679 -2.64 -24.25 -29.50
N MET A 680 -3.53 -23.27 -29.27
CA MET A 680 -4.50 -22.92 -30.31
C MET A 680 -3.82 -22.33 -31.54
N ASN A 681 -2.63 -21.72 -31.36
CA ASN A 681 -1.92 -21.16 -32.49
C ASN A 681 -1.35 -22.24 -33.40
N GLU A 682 -0.80 -23.32 -32.81
CA GLU A 682 -0.22 -24.39 -33.60
C GLU A 682 -1.27 -25.25 -34.29
N TYR A 683 -2.50 -25.28 -33.77
CA TYR A 683 -3.55 -26.08 -34.41
C TYR A 683 -4.19 -25.35 -35.58
N ILE A 684 -4.26 -24.01 -35.53
CA ILE A 684 -4.77 -23.26 -36.66
C ILE A 684 -3.78 -23.31 -37.82
N GLU A 685 -2.48 -23.34 -37.52
CA GLU A 685 -1.47 -23.45 -38.57
C GLU A 685 -1.59 -24.75 -39.34
N GLN A 686 -2.18 -25.79 -38.75
CA GLN A 686 -2.34 -27.09 -39.39
C GLN A 686 -3.78 -27.34 -39.83
N ARG A 687 -4.53 -26.28 -40.11
CA ARG A 687 -5.88 -26.38 -40.63
C ARG A 687 -6.02 -25.43 -41.81
N LYS A 688 -6.70 -25.90 -42.86
CA LYS A 688 -6.84 -25.15 -44.10
C LYS A 688 -7.49 -23.78 -43.88
N PRO A 689 -7.12 -22.78 -44.70
CA PRO A 689 -6.24 -22.87 -45.86
C PRO A 689 -4.75 -22.69 -45.56
N CYS A 690 -4.34 -22.97 -44.32
CA CYS A 690 -2.92 -22.94 -43.92
C CYS A 690 -2.30 -21.57 -44.22
N ASP A 691 -2.91 -20.53 -43.67
CA ASP A 691 -2.47 -19.16 -43.92
C ASP A 691 -1.98 -18.45 -42.65
N THR A 692 -1.68 -19.20 -41.60
CA THR A 692 -1.14 -18.64 -40.37
C THR A 692 0.15 -19.34 -40.00
N MET A 693 0.94 -18.69 -39.15
CA MET A 693 2.25 -19.21 -38.77
C MET A 693 2.62 -18.68 -37.39
N LYS A 694 3.13 -19.58 -36.54
CA LYS A 694 3.67 -19.17 -35.25
C LYS A 694 5.10 -18.69 -35.43
N VAL A 695 5.38 -17.50 -34.91
CA VAL A 695 6.71 -16.90 -35.02
C VAL A 695 7.25 -16.63 -33.62
N GLY A 696 8.56 -16.79 -33.47
CA GLY A 696 9.22 -16.53 -32.21
C GLY A 696 8.82 -17.51 -31.12
N GLY A 697 9.37 -17.28 -29.94
CA GLY A 697 9.07 -18.09 -28.77
C GLY A 697 7.77 -17.65 -28.11
N ASN A 698 7.59 -18.11 -26.88
CA ASN A 698 6.42 -17.77 -26.09
C ASN A 698 6.74 -16.68 -25.09
N LEU A 699 5.73 -15.89 -24.74
CA LEU A 699 5.94 -14.74 -23.87
C LEU A 699 5.94 -15.13 -22.39
N ASP A 700 5.14 -16.12 -22.00
CA ASP A 700 5.05 -16.54 -20.61
C ASP A 700 5.03 -18.06 -20.55
N SER A 701 5.09 -18.59 -19.32
CA SER A 701 5.13 -20.02 -19.07
C SER A 701 3.86 -20.42 -18.33
N LYS A 702 3.11 -21.35 -18.92
CA LYS A 702 1.91 -21.89 -18.31
C LYS A 702 1.67 -23.29 -18.84
N GLY A 703 0.60 -23.92 -18.37
CA GLY A 703 0.30 -25.28 -18.80
C GLY A 703 -1.09 -25.70 -18.38
N TYR A 704 -1.53 -26.82 -18.95
CA TYR A 704 -2.79 -27.45 -18.61
C TYR A 704 -2.56 -28.59 -17.62
N GLY A 705 -3.65 -29.07 -17.03
CA GLY A 705 -3.57 -30.15 -16.08
C GLY A 705 -4.91 -30.84 -15.91
N ILE A 706 -4.87 -31.98 -15.21
CA ILE A 706 -6.07 -32.72 -14.87
C ILE A 706 -6.44 -32.37 -13.42
N ALA A 707 -7.73 -32.25 -13.16
CA ALA A 707 -8.22 -31.77 -11.87
C ALA A 707 -9.03 -32.86 -11.16
N THR A 708 -8.77 -33.02 -9.87
CA THR A 708 -9.48 -33.94 -9.00
C THR A 708 -9.91 -33.20 -7.74
N PRO A 709 -11.04 -33.60 -7.14
CA PRO A 709 -11.49 -32.93 -5.92
C PRO A 709 -10.48 -33.08 -4.79
N LYS A 710 -10.54 -32.14 -3.85
CA LYS A 710 -9.63 -32.16 -2.71
C LYS A 710 -9.93 -33.38 -1.83
N GLY A 711 -8.88 -34.14 -1.51
CA GLY A 711 -9.07 -35.35 -0.75
C GLY A 711 -9.70 -36.48 -1.51
N SER A 712 -9.65 -36.44 -2.84
CA SER A 712 -10.21 -37.51 -3.64
C SER A 712 -9.27 -38.72 -3.66
N SER A 713 -9.86 -39.91 -3.74
CA SER A 713 -9.07 -41.14 -3.71
C SER A 713 -8.14 -41.22 -4.92
N LEU A 714 -8.67 -40.98 -6.12
CA LEU A 714 -7.92 -41.09 -7.36
C LEU A 714 -7.06 -39.86 -7.65
N GLY A 715 -6.83 -39.01 -6.66
CA GLY A 715 -6.03 -37.82 -6.86
C GLY A 715 -4.58 -38.11 -7.20
N THR A 716 -3.85 -38.68 -6.25
CA THR A 716 -2.43 -38.97 -6.40
C THR A 716 -2.18 -40.05 -7.46
N PRO A 717 -2.98 -41.11 -7.55
CA PRO A 717 -2.74 -42.11 -8.61
C PRO A 717 -2.76 -41.54 -10.01
N VAL A 718 -3.66 -40.59 -10.29
CA VAL A 718 -3.70 -39.97 -11.61
C VAL A 718 -2.51 -39.04 -11.79
N ASN A 719 -2.13 -38.33 -10.74
CA ASN A 719 -0.96 -37.45 -10.82
C ASN A 719 0.30 -38.23 -11.18
N LEU A 720 0.50 -39.39 -10.54
CA LEU A 720 1.63 -40.24 -10.88
C LEU A 720 1.51 -40.83 -12.27
N ALA A 721 0.29 -41.13 -12.70
CA ALA A 721 0.08 -41.73 -14.02
C ALA A 721 0.35 -40.74 -15.15
N VAL A 722 0.33 -39.44 -14.88
CA VAL A 722 0.65 -38.47 -15.92
C VAL A 722 2.16 -38.38 -16.13
N LEU A 723 2.93 -38.44 -15.04
CA LEU A 723 4.38 -38.45 -15.17
C LEU A 723 4.88 -39.67 -15.91
N LYS A 724 4.19 -40.80 -15.75
CA LYS A 724 4.59 -42.02 -16.46
C LYS A 724 4.38 -41.89 -17.96
N LEU A 725 3.24 -41.32 -18.37
CA LEU A 725 2.98 -41.14 -19.80
C LEU A 725 3.92 -40.14 -20.43
N SER A 726 4.36 -39.13 -19.69
CA SER A 726 5.21 -38.10 -20.25
C SER A 726 6.61 -38.64 -20.56
N GLU A 727 7.23 -39.32 -19.59
CA GLU A 727 8.59 -39.82 -19.78
C GLU A 727 8.64 -40.93 -20.82
N GLN A 728 7.58 -41.75 -20.91
CA GLN A 728 7.50 -42.76 -21.95
C GLN A 728 7.17 -42.17 -23.31
N GLY A 729 6.98 -40.86 -23.41
CA GLY A 729 6.72 -40.22 -24.69
C GLY A 729 5.32 -40.39 -25.22
N VAL A 730 4.37 -40.86 -24.40
CA VAL A 730 3.00 -41.04 -24.88
C VAL A 730 2.30 -39.71 -25.05
N LEU A 731 2.66 -38.70 -24.24
CA LEU A 731 2.03 -37.40 -24.36
C LEU A 731 2.46 -36.68 -25.64
N ASP A 732 3.77 -36.67 -25.90
CA ASP A 732 4.26 -36.02 -27.13
C ASP A 732 3.84 -36.77 -28.37
N LYS A 733 3.71 -38.10 -28.28
CA LYS A 733 3.20 -38.87 -29.41
C LYS A 733 1.75 -38.52 -29.70
N LEU A 734 0.93 -38.40 -28.65
CA LEU A 734 -0.47 -38.02 -28.84
C LEU A 734 -0.59 -36.57 -29.30
N LYS A 735 0.32 -35.69 -28.87
CA LYS A 735 0.34 -34.33 -29.37
C LYS A 735 0.63 -34.30 -30.87
N ASN A 736 1.53 -35.17 -31.33
CA ASN A 736 1.82 -35.28 -32.75
C ASN A 736 0.69 -35.91 -33.54
N LYS A 737 -0.27 -36.56 -32.87
CA LYS A 737 -1.34 -37.28 -33.56
C LYS A 737 -2.43 -36.32 -34.05
N TRP A 738 -3.13 -35.68 -33.12
CA TRP A 738 -4.27 -34.82 -33.48
C TRP A 738 -3.85 -33.45 -33.98
N TRP A 739 -2.56 -33.12 -33.97
CA TRP A 739 -2.08 -31.84 -34.47
C TRP A 739 -1.40 -31.99 -35.84
N TYR A 740 -0.31 -32.74 -35.91
CA TYR A 740 0.47 -32.84 -37.14
C TYR A 740 0.00 -33.97 -38.04
N ASP A 741 -0.16 -35.17 -37.49
CA ASP A 741 -0.49 -36.34 -38.31
C ASP A 741 -1.85 -36.18 -38.98
N LYS A 742 -2.91 -36.06 -38.20
CA LYS A 742 -4.24 -35.83 -38.75
C LYS A 742 -4.44 -34.39 -39.21
N GLY A 743 -3.37 -33.59 -39.25
CA GLY A 743 -3.51 -32.21 -39.67
C GLY A 743 -3.68 -32.08 -41.17
N GLU A 744 -4.36 -31.01 -41.57
CA GLU A 744 -4.63 -30.73 -42.97
C GLU A 744 -3.53 -29.92 -43.63
N CYS A 745 -2.52 -29.50 -42.88
CA CYS A 745 -1.40 -28.74 -43.41
C CYS A 745 -0.07 -29.39 -43.04
N GLY A 746 -0.04 -30.73 -43.06
CA GLY A 746 1.19 -31.45 -42.76
C GLY A 746 2.33 -31.10 -43.68
N ALA A 747 2.03 -30.62 -44.89
CA ALA A 747 3.08 -30.20 -45.81
C ALA A 747 3.53 -28.77 -45.54
N LYS A 748 2.65 -27.95 -44.95
CA LYS A 748 2.97 -26.57 -44.63
C LYS A 748 3.79 -26.42 -43.36
N ASP A 749 4.43 -27.50 -42.91
CA ASP A 749 5.27 -27.49 -41.71
C ASP A 749 6.69 -27.96 -41.97
N SER A 750 7.04 -28.31 -43.21
CA SER A 750 8.37 -28.79 -43.54
C SER A 750 9.16 -27.82 -44.40
N GLY A 751 8.52 -27.10 -45.31
CA GLY A 751 9.22 -26.16 -46.17
C GLY A 751 9.68 -24.95 -45.37
N SER A 752 10.98 -24.65 -45.43
CA SER A 752 11.56 -23.54 -44.68
C SER A 752 11.76 -22.35 -45.60
N LYS A 753 11.41 -21.16 -45.09
CA LYS A 753 11.55 -19.90 -45.82
C LYS A 753 12.72 -19.12 -45.22
N GLU A 754 13.79 -18.97 -45.98
CA GLU A 754 14.99 -18.28 -45.54
C GLU A 754 15.31 -17.13 -46.48
N LYS A 755 16.22 -16.26 -46.04
CA LYS A 755 16.63 -15.11 -46.83
C LYS A 755 17.65 -15.54 -47.88
N THR A 756 17.24 -15.57 -49.14
CA THR A 756 18.13 -15.99 -50.22
C THR A 756 19.20 -14.94 -50.48
N SER A 757 20.42 -15.40 -50.72
CA SER A 757 21.54 -14.48 -50.90
C SER A 757 21.60 -13.94 -52.32
N ALA A 758 21.42 -14.80 -53.32
CA ALA A 758 21.63 -14.43 -54.71
C ALA A 758 20.42 -13.64 -55.24
N LEU A 759 20.56 -13.18 -56.48
CA LEU A 759 19.51 -12.43 -57.16
C LEU A 759 18.61 -13.38 -57.95
N SER A 760 17.31 -13.12 -57.92
CA SER A 760 16.36 -14.03 -58.53
C SER A 760 16.59 -14.16 -60.04
N LEU A 761 16.22 -15.33 -60.58
CA LEU A 761 16.28 -15.58 -62.01
C LEU A 761 15.05 -15.07 -62.74
N SER A 762 13.94 -14.86 -62.02
CA SER A 762 12.69 -14.46 -62.68
C SER A 762 12.79 -13.06 -63.27
N ASN A 763 13.39 -12.11 -62.53
CA ASN A 763 13.53 -10.76 -63.05
C ASN A 763 14.45 -10.72 -64.25
N VAL A 764 15.50 -11.54 -64.24
CA VAL A 764 16.40 -11.62 -65.38
C VAL A 764 15.73 -12.29 -66.57
N ALA A 765 14.69 -13.09 -66.34
CA ALA A 765 13.98 -13.72 -67.44
C ALA A 765 13.31 -12.67 -68.33
N GLY A 766 12.76 -11.62 -67.73
CA GLY A 766 12.17 -10.53 -68.49
C GLY A 766 13.14 -9.86 -69.44
N VAL A 767 14.43 -9.94 -69.15
CA VAL A 767 15.45 -9.44 -70.07
C VAL A 767 15.79 -10.46 -71.15
N PHE A 768 15.73 -11.76 -70.83
CA PHE A 768 16.02 -12.79 -71.81
C PHE A 768 14.87 -12.98 -72.80
N TYR A 769 13.63 -12.72 -72.37
CA TYR A 769 12.50 -12.82 -73.28
C TYR A 769 12.40 -11.61 -74.22
N ILE A 770 13.02 -10.49 -73.86
CA ILE A 770 13.05 -9.35 -74.77
C ILE A 770 14.26 -9.38 -75.69
N LEU A 771 15.27 -10.20 -75.37
CA LEU A 771 16.43 -10.34 -76.25
C LEU A 771 16.15 -11.31 -77.39
N VAL A 772 15.70 -12.53 -77.06
CA VAL A 772 15.34 -13.49 -78.09
C VAL A 772 14.19 -12.98 -78.93
N GLY A 773 13.33 -12.14 -78.34
CA GLY A 773 12.30 -11.48 -79.12
C GLY A 773 12.85 -10.51 -80.15
N GLY A 774 14.09 -10.06 -79.96
CA GLY A 774 14.75 -9.22 -80.95
C GLY A 774 15.56 -10.03 -81.94
N LEU A 775 16.15 -11.14 -81.47
CA LEU A 775 16.89 -12.03 -82.36
C LEU A 775 15.96 -12.64 -83.41
N GLY A 776 14.76 -13.05 -82.99
CA GLY A 776 13.80 -13.58 -83.94
C GLY A 776 13.29 -12.52 -84.91
N LEU A 777 13.06 -11.31 -84.43
CA LEU A 777 12.67 -10.22 -85.31
C LEU A 777 13.81 -9.80 -86.23
N ALA A 778 15.06 -10.03 -85.81
CA ALA A 778 16.19 -9.70 -86.65
C ALA A 778 16.32 -10.66 -87.83
N MET A 779 16.10 -11.95 -87.59
CA MET A 779 16.18 -12.92 -88.68
C MET A 779 15.01 -12.78 -89.65
N LEU A 780 13.93 -12.12 -89.24
CA LEU A 780 12.81 -11.87 -90.15
C LEU A 780 13.14 -10.74 -91.13
N VAL A 781 13.92 -9.76 -90.70
CA VAL A 781 14.35 -8.69 -91.59
C VAL A 781 15.55 -9.11 -92.43
N ALA A 782 16.27 -10.16 -92.04
CA ALA A 782 17.41 -10.65 -92.80
C ALA A 782 17.02 -11.23 -94.15
N LEU A 783 15.78 -11.74 -94.28
CA LEU A 783 15.33 -12.37 -95.52
C LEU A 783 14.82 -11.37 -96.56
N ILE A 784 14.15 -10.30 -96.13
CA ILE A 784 13.69 -9.28 -97.08
C ILE A 784 14.84 -8.42 -97.60
N GLU A 785 15.94 -8.33 -96.86
CA GLU A 785 17.11 -7.61 -97.35
C GLU A 785 17.96 -8.44 -98.30
N PHE A 786 17.84 -9.78 -98.24
CA PHE A 786 18.58 -10.63 -99.16
C PHE A 786 17.91 -10.76 -100.52
N CYS A 787 16.61 -10.45 -100.62
CA CYS A 787 15.91 -10.48 -101.88
C CYS A 787 15.88 -9.13 -102.58
N TYR A 788 15.92 -8.04 -101.83
CA TYR A 788 15.90 -6.70 -102.40
C TYR A 788 17.31 -6.24 -102.74
N ASN B 1 -68.81 -6.05 44.71
CA ASN B 1 -68.43 -6.52 43.39
C ASN B 1 -66.93 -6.79 43.32
N SER B 2 -66.41 -7.42 44.38
CA SER B 2 -64.98 -7.70 44.47
C SER B 2 -64.65 -8.92 43.62
N ILE B 3 -63.93 -8.71 42.53
CA ILE B 3 -63.59 -9.78 41.59
C ILE B 3 -62.24 -10.38 41.96
N GLN B 4 -62.15 -11.70 41.92
CA GLN B 4 -60.95 -12.43 42.30
C GLN B 4 -60.15 -12.82 41.06
N ILE B 5 -58.83 -12.68 41.14
CA ILE B 5 -57.92 -12.89 40.03
C ILE B 5 -56.74 -13.70 40.51
N GLY B 6 -56.23 -14.59 39.66
CA GLY B 6 -55.06 -15.39 40.00
C GLY B 6 -53.78 -14.60 39.80
N GLY B 7 -52.92 -14.63 40.81
CA GLY B 7 -51.64 -13.94 40.75
C GLY B 7 -50.46 -14.86 40.99
N LEU B 8 -49.78 -15.26 39.92
CA LEU B 8 -48.64 -16.17 39.99
C LEU B 8 -47.36 -15.34 39.86
N PHE B 9 -46.72 -15.07 40.98
CA PHE B 9 -45.50 -14.29 40.97
C PHE B 9 -44.31 -15.17 41.35
N PRO B 10 -43.22 -15.11 40.59
CA PRO B 10 -42.00 -15.82 40.99
C PRO B 10 -41.36 -15.29 42.26
N ARG B 11 -40.36 -16.05 42.74
CA ARG B 11 -39.69 -15.68 43.99
C ARG B 11 -38.98 -14.32 43.85
N GLY B 12 -37.98 -14.25 42.97
CA GLY B 12 -37.20 -13.04 42.82
C GLY B 12 -37.86 -11.80 42.25
N ALA B 13 -39.15 -11.86 41.96
CA ALA B 13 -39.86 -10.74 41.32
C ALA B 13 -40.35 -9.79 42.41
N ASP B 14 -39.57 -8.75 42.68
CA ASP B 14 -39.94 -7.73 43.65
C ASP B 14 -40.53 -6.50 42.97
N GLN B 15 -39.78 -5.88 42.05
CA GLN B 15 -40.31 -4.73 41.33
C GLN B 15 -41.50 -5.12 40.46
N GLU B 16 -41.53 -6.36 39.96
CA GLU B 16 -42.67 -6.81 39.17
C GLU B 16 -43.95 -6.80 40.01
N TYR B 17 -43.85 -7.14 41.29
CA TYR B 17 -45.04 -7.10 42.14
C TYR B 17 -45.33 -5.68 42.60
N SER B 18 -44.29 -4.90 42.91
CA SER B 18 -44.49 -3.53 43.37
C SER B 18 -45.31 -2.74 42.35
N ALA B 19 -44.97 -2.88 41.07
CA ALA B 19 -45.77 -2.22 40.04
C ALA B 19 -47.16 -2.84 39.95
N PHE B 20 -47.30 -4.13 40.26
CA PHE B 20 -48.61 -4.76 40.21
C PHE B 20 -49.54 -4.20 41.27
N ARG B 21 -49.04 -4.05 42.50
CA ARG B 21 -49.88 -3.51 43.57
C ARG B 21 -50.28 -2.07 43.26
N VAL B 22 -49.36 -1.30 42.68
CA VAL B 22 -49.70 0.06 42.24
C VAL B 22 -50.77 0.01 41.15
N GLY B 23 -50.67 -0.96 40.25
CA GLY B 23 -51.61 -1.04 39.14
C GLY B 23 -53.04 -1.21 39.61
N MET B 24 -53.25 -2.03 40.65
CA MET B 24 -54.61 -2.21 41.16
C MET B 24 -55.15 -0.92 41.74
N VAL B 25 -54.32 -0.19 42.48
CA VAL B 25 -54.78 1.03 43.14
C VAL B 25 -55.15 2.10 42.11
N GLN B 26 -54.35 2.23 41.06
CA GLN B 26 -54.55 3.29 40.08
C GLN B 26 -55.77 3.04 39.18
N PHE B 27 -56.32 1.82 39.17
CA PHE B 27 -57.42 1.50 38.27
C PHE B 27 -58.67 0.98 38.96
N SER B 28 -58.60 0.66 40.25
CA SER B 28 -59.78 0.13 40.94
C SER B 28 -60.83 1.23 41.09
N THR B 29 -62.04 0.93 40.64
CA THR B 29 -63.14 1.89 40.68
C THR B 29 -63.98 1.70 41.93
N SER B 30 -64.91 2.64 42.15
CA SER B 30 -65.83 2.56 43.28
C SER B 30 -66.89 1.49 43.13
N GLU B 31 -67.04 0.92 41.93
CA GLU B 31 -68.08 -0.08 41.69
C GLU B 31 -67.53 -1.50 41.58
N PHE B 32 -66.22 -1.67 41.44
CA PHE B 32 -65.62 -2.99 41.56
C PHE B 32 -64.12 -2.83 41.71
N ARG B 33 -63.50 -3.81 42.39
CA ARG B 33 -62.06 -3.85 42.56
C ARG B 33 -61.53 -5.25 42.25
N LEU B 34 -60.28 -5.52 42.58
CA LEU B 34 -59.66 -6.82 42.33
C LEU B 34 -59.19 -7.40 43.65
N THR B 35 -59.59 -8.65 43.91
CA THR B 35 -59.13 -9.38 45.10
C THR B 35 -58.25 -10.53 44.62
N PRO B 36 -56.94 -10.30 44.45
CA PRO B 36 -56.07 -11.36 43.95
C PRO B 36 -55.52 -12.25 45.05
N HIS B 37 -55.48 -13.55 44.75
CA HIS B 37 -54.81 -14.52 45.62
C HIS B 37 -53.38 -14.70 45.10
N ILE B 38 -52.42 -14.19 45.86
CA ILE B 38 -51.02 -14.20 45.44
C ILE B 38 -50.38 -15.49 45.95
N ASP B 39 -49.93 -16.33 45.02
CA ASP B 39 -49.15 -17.52 45.33
C ASP B 39 -47.76 -17.33 44.75
N ASN B 40 -46.76 -17.22 45.62
CA ASN B 40 -45.37 -17.14 45.20
C ASN B 40 -44.82 -18.55 44.99
N LEU B 41 -44.24 -18.79 43.81
CA LEU B 41 -43.77 -20.11 43.44
C LEU B 41 -42.49 -20.00 42.64
N GLU B 42 -41.77 -21.12 42.57
CA GLU B 42 -40.61 -21.25 41.69
C GLU B 42 -41.13 -21.65 40.33
N VAL B 43 -41.11 -20.70 39.38
CA VAL B 43 -41.82 -20.88 38.12
C VAL B 43 -41.25 -22.00 37.27
N ALA B 44 -40.01 -22.41 37.52
CA ALA B 44 -39.38 -23.42 36.67
C ALA B 44 -40.01 -24.80 36.88
N ASN B 45 -40.38 -25.12 38.12
CA ASN B 45 -40.90 -26.45 38.44
C ASN B 45 -42.31 -26.61 37.89
N SER B 46 -42.46 -27.53 36.92
CA SER B 46 -43.76 -27.72 36.29
C SER B 46 -44.79 -28.26 37.27
N PHE B 47 -44.36 -29.12 38.20
CA PHE B 47 -45.29 -29.64 39.20
C PHE B 47 -45.79 -28.53 40.12
N ALA B 48 -44.91 -27.60 40.47
CA ALA B 48 -45.31 -26.47 41.32
C ALA B 48 -46.33 -25.60 40.60
N VAL B 49 -46.08 -25.28 39.33
CA VAL B 49 -47.04 -24.48 38.57
C VAL B 49 -48.33 -25.26 38.40
N THR B 50 -48.24 -26.54 38.04
CA THR B 50 -49.44 -27.35 37.85
C THR B 50 -50.28 -27.39 39.11
N ASN B 51 -49.63 -27.53 40.27
CA ASN B 51 -50.37 -27.55 41.53
C ASN B 51 -50.89 -26.15 41.87
N ALA B 52 -50.12 -25.11 41.56
CA ALA B 52 -50.53 -23.76 41.90
C ALA B 52 -51.66 -23.27 40.99
N PHE B 53 -51.70 -23.72 39.74
CA PHE B 53 -52.81 -23.36 38.86
C PHE B 53 -54.11 -23.95 39.36
N CYS B 54 -54.05 -25.05 40.10
CA CYS B 54 -55.24 -25.67 40.66
C CYS B 54 -55.66 -25.04 41.98
N SER B 55 -54.70 -24.49 42.73
CA SER B 55 -55.03 -23.77 43.96
C SER B 55 -55.85 -22.51 43.69
N GLN B 56 -55.77 -21.97 42.48
CA GLN B 56 -56.58 -20.81 42.10
C GLN B 56 -57.91 -21.16 41.45
N PHE B 57 -57.98 -22.30 40.75
CA PHE B 57 -59.25 -22.71 40.15
C PHE B 57 -60.26 -23.15 41.19
N SER B 58 -59.79 -23.83 42.24
CA SER B 58 -60.67 -24.22 43.34
C SER B 58 -61.21 -22.95 43.98
N ARG B 59 -60.33 -21.98 44.25
CA ARG B 59 -60.78 -20.69 44.78
C ARG B 59 -61.66 -19.94 43.79
N GLY B 60 -61.69 -20.36 42.53
CA GLY B 60 -62.62 -19.80 41.58
C GLY B 60 -62.26 -18.42 41.06
N VAL B 61 -61.00 -18.20 40.72
CA VAL B 61 -60.63 -16.93 40.09
C VAL B 61 -61.21 -16.87 38.69
N TYR B 62 -61.44 -15.65 38.19
CA TYR B 62 -61.98 -15.45 36.86
C TYR B 62 -60.89 -15.21 35.81
N ALA B 63 -59.65 -14.98 36.23
CA ALA B 63 -58.50 -14.83 35.35
C ALA B 63 -57.26 -14.94 36.20
N ILE B 64 -56.15 -15.33 35.57
CA ILE B 64 -54.90 -15.58 36.27
C ILE B 64 -53.80 -14.76 35.63
N PHE B 65 -53.22 -13.84 36.39
CA PHE B 65 -52.01 -13.14 35.99
C PHE B 65 -50.80 -13.88 36.55
N GLY B 66 -49.80 -14.09 35.71
CA GLY B 66 -48.63 -14.82 36.16
C GLY B 66 -47.46 -14.71 35.22
N PHE B 67 -46.56 -15.69 35.35
CA PHE B 67 -45.37 -15.81 34.51
C PHE B 67 -45.18 -17.28 34.18
N TYR B 68 -44.25 -17.55 33.26
CA TYR B 68 -43.86 -18.93 32.98
C TYR B 68 -42.44 -18.95 32.46
N ASP B 69 -41.84 -20.14 32.53
CA ASP B 69 -40.47 -20.38 32.11
C ASP B 69 -40.49 -21.14 30.77
N LYS B 70 -39.31 -21.44 30.26
CA LYS B 70 -39.22 -22.31 29.07
C LYS B 70 -39.79 -23.69 29.37
N LYS B 71 -39.56 -24.20 30.58
CA LYS B 71 -39.97 -25.56 30.93
C LYS B 71 -41.45 -25.63 31.31
N SER B 72 -42.00 -24.55 31.84
CA SER B 72 -43.35 -24.57 32.39
C SER B 72 -44.37 -23.89 31.49
N VAL B 73 -43.95 -23.28 30.38
CA VAL B 73 -44.90 -22.57 29.52
C VAL B 73 -45.95 -23.52 28.96
N ASN B 74 -45.53 -24.72 28.55
CA ASN B 74 -46.47 -25.65 27.95
C ASN B 74 -47.49 -26.14 28.97
N THR B 75 -47.13 -26.15 30.26
CA THR B 75 -48.10 -26.55 31.28
C THR B 75 -49.29 -25.60 31.30
N ILE B 76 -49.03 -24.29 31.27
CA ILE B 76 -50.10 -23.31 31.37
C ILE B 76 -50.90 -23.24 30.08
N THR B 77 -50.23 -23.31 28.93
CA THR B 77 -50.91 -23.11 27.66
C THR B 77 -51.96 -24.18 27.41
N SER B 78 -51.63 -25.44 27.70
CA SER B 78 -52.58 -26.53 27.48
C SER B 78 -53.61 -26.61 28.60
N PHE B 79 -53.22 -26.29 29.83
CA PHE B 79 -54.18 -26.27 30.94
C PHE B 79 -55.28 -25.26 30.68
N CYS B 80 -54.91 -24.00 30.45
CA CYS B 80 -55.89 -22.97 30.17
C CYS B 80 -56.67 -23.27 28.90
N GLY B 81 -56.06 -23.97 27.95
CA GLY B 81 -56.74 -24.31 26.72
C GLY B 81 -57.91 -25.25 26.93
N THR B 82 -57.79 -26.19 27.86
CA THR B 82 -58.87 -27.14 28.12
C THR B 82 -59.86 -26.63 29.15
N LEU B 83 -59.38 -25.96 30.19
CA LEU B 83 -60.24 -25.47 31.26
C LEU B 83 -60.76 -24.06 31.02
N HIS B 84 -60.43 -23.45 29.88
CA HIS B 84 -60.94 -22.16 29.45
C HIS B 84 -60.64 -21.02 30.42
N VAL B 85 -59.67 -21.22 31.32
CA VAL B 85 -59.22 -20.13 32.17
C VAL B 85 -58.36 -19.19 31.34
N SER B 86 -58.51 -17.89 31.57
CA SER B 86 -57.77 -16.88 30.82
C SER B 86 -56.48 -16.53 31.55
N PHE B 87 -55.36 -16.64 30.83
CA PHE B 87 -54.04 -16.35 31.38
C PHE B 87 -53.52 -15.07 30.75
N ILE B 88 -53.16 -14.11 31.60
CA ILE B 88 -52.58 -12.83 31.17
C ILE B 88 -51.20 -12.72 31.80
N THR B 89 -50.17 -12.60 30.96
CA THR B 89 -48.81 -12.70 31.44
C THR B 89 -47.91 -11.81 30.60
N PRO B 90 -46.80 -11.32 31.16
CA PRO B 90 -45.78 -10.67 30.34
C PRO B 90 -44.72 -11.64 29.80
N SER B 91 -44.68 -12.87 30.31
CA SER B 91 -43.64 -13.83 29.92
C SER B 91 -43.58 -14.01 28.40
N PHE B 92 -42.42 -14.42 27.90
CA PHE B 92 -42.13 -14.34 26.48
C PHE B 92 -43.24 -15.01 25.66
N PRO B 93 -43.61 -14.44 24.51
CA PRO B 93 -44.81 -14.90 23.80
C PRO B 93 -44.74 -16.38 23.43
N THR B 94 -45.91 -17.01 23.39
CA THR B 94 -45.99 -18.43 23.10
C THR B 94 -45.51 -18.73 21.70
N ASP B 95 -44.58 -19.68 21.58
CA ASP B 95 -44.11 -20.14 20.29
C ASP B 95 -45.22 -20.89 19.57
N GLY B 96 -46.04 -20.16 18.82
CA GLY B 96 -47.24 -20.70 18.21
C GLY B 96 -48.48 -19.99 18.72
N THR B 97 -49.62 -20.46 18.21
CA THR B 97 -50.92 -19.89 18.55
C THR B 97 -51.57 -20.77 19.61
N HIS B 98 -51.58 -20.30 20.85
CA HIS B 98 -52.24 -21.00 21.95
C HIS B 98 -53.37 -20.12 22.46
N PRO B 99 -54.61 -20.60 22.43
CA PRO B 99 -55.74 -19.74 22.83
C PRO B 99 -55.78 -19.52 24.33
N PHE B 100 -56.49 -18.46 24.72
CA PHE B 100 -56.72 -18.12 26.12
C PHE B 100 -55.42 -17.74 26.84
N VAL B 101 -54.52 -17.08 26.12
CA VAL B 101 -53.28 -16.55 26.71
C VAL B 101 -53.07 -15.14 26.17
N ILE B 102 -52.80 -14.19 27.07
CA ILE B 102 -52.61 -12.80 26.71
C ILE B 102 -51.16 -12.44 27.00
N GLN B 103 -50.39 -12.15 25.96
CA GLN B 103 -48.98 -11.85 26.09
C GLN B 103 -48.76 -10.35 25.99
N MET B 104 -48.44 -9.72 27.13
CA MET B 104 -48.13 -8.30 27.10
C MET B 104 -46.84 -8.02 26.35
N ARG B 105 -45.88 -8.96 26.42
CA ARG B 105 -44.58 -8.81 25.77
C ARG B 105 -44.77 -8.71 24.27
N PRO B 106 -44.48 -7.56 23.67
CA PRO B 106 -44.51 -7.47 22.20
C PRO B 106 -43.42 -8.32 21.59
N ASP B 107 -43.70 -8.84 20.39
CA ASP B 107 -42.79 -9.75 19.72
C ASP B 107 -41.49 -9.05 19.36
N LEU B 108 -40.42 -9.36 20.12
CA LEU B 108 -39.15 -8.68 19.90
C LEU B 108 -38.43 -9.21 18.67
N LYS B 109 -38.65 -10.48 18.33
CA LYS B 109 -37.88 -11.11 17.26
C LYS B 109 -38.09 -10.42 15.92
N GLY B 110 -39.32 -9.99 15.64
CA GLY B 110 -39.57 -9.25 14.41
C GLY B 110 -38.83 -7.93 14.36
N ALA B 111 -38.62 -7.32 15.52
CA ALA B 111 -37.90 -6.05 15.57
C ALA B 111 -36.40 -6.25 15.44
N LEU B 112 -35.86 -7.37 15.91
CA LEU B 112 -34.42 -7.60 15.85
C LEU B 112 -33.97 -7.82 14.41
N LEU B 113 -34.76 -8.53 13.62
CA LEU B 113 -34.38 -8.79 12.23
C LEU B 113 -34.25 -7.48 11.45
N SER B 114 -35.19 -6.56 11.65
CA SER B 114 -35.14 -5.29 10.93
C SER B 114 -33.93 -4.47 11.31
N LEU B 115 -33.45 -4.61 12.56
CA LEU B 115 -32.30 -3.82 13.00
C LEU B 115 -31.01 -4.33 12.38
N ILE B 116 -30.87 -5.65 12.28
CA ILE B 116 -29.65 -6.22 11.70
C ILE B 116 -29.50 -5.82 10.24
N GLU B 117 -30.62 -5.55 9.57
CA GLU B 117 -30.55 -5.13 8.18
C GLU B 117 -30.06 -3.69 8.04
N TYR B 118 -30.58 -2.78 8.87
CA TYR B 118 -30.19 -1.38 8.76
C TYR B 118 -28.71 -1.17 9.02
N TYR B 119 -28.10 -2.00 9.87
CA TYR B 119 -26.68 -1.90 10.13
C TYR B 119 -25.83 -2.57 9.07
N GLN B 120 -26.45 -3.31 8.14
CA GLN B 120 -25.75 -3.98 7.05
C GLN B 120 -24.64 -4.91 7.58
N TRP B 121 -25.06 -5.85 8.42
CA TRP B 121 -24.14 -6.85 8.95
C TRP B 121 -24.08 -8.07 8.03
N ASP B 122 -22.98 -8.79 8.12
CA ASP B 122 -22.81 -10.02 7.36
C ASP B 122 -22.35 -11.20 8.21
N LYS B 123 -21.37 -10.99 9.09
CA LYS B 123 -20.92 -12.02 10.02
C LYS B 123 -20.82 -11.44 11.42
N PHE B 124 -21.45 -12.11 12.37
CA PHE B 124 -21.50 -11.63 13.75
C PHE B 124 -21.72 -12.82 14.68
N ALA B 125 -21.49 -12.59 15.97
CA ALA B 125 -21.70 -13.60 17.00
C ALA B 125 -23.03 -13.35 17.69
N TYR B 126 -23.72 -14.44 18.04
CA TYR B 126 -25.02 -14.37 18.70
C TYR B 126 -24.91 -15.12 20.02
N LEU B 127 -25.10 -14.41 21.12
CA LEU B 127 -25.01 -15.00 22.46
C LEU B 127 -26.41 -15.23 23.01
N TYR B 128 -26.63 -16.41 23.57
CA TYR B 128 -27.94 -16.82 24.05
C TYR B 128 -27.77 -17.74 25.24
N ASP B 129 -28.76 -17.73 26.12
CA ASP B 129 -28.82 -18.62 27.27
C ASP B 129 -30.03 -19.53 27.12
N SER B 130 -29.80 -20.85 27.23
CA SER B 130 -30.87 -21.83 27.05
C SER B 130 -31.89 -21.66 28.17
N ASP B 131 -31.58 -20.92 29.21
CA ASP B 131 -32.54 -20.67 30.28
C ASP B 131 -33.67 -19.76 29.81
N ARG B 132 -33.33 -18.54 29.40
CA ARG B 132 -34.31 -17.64 28.81
C ARG B 132 -35.02 -18.20 27.59
N GLY B 133 -34.38 -19.08 26.85
CA GLY B 133 -34.94 -19.69 25.66
C GLY B 133 -34.12 -19.35 24.44
N LEU B 134 -34.65 -19.72 23.28
CA LEU B 134 -33.98 -19.43 22.02
C LEU B 134 -34.97 -19.34 20.87
N SER B 135 -36.21 -18.95 21.15
CA SER B 135 -37.19 -18.70 20.10
C SER B 135 -36.76 -17.58 19.15
N THR B 136 -35.93 -16.65 19.62
CA THR B 136 -35.41 -15.59 18.77
C THR B 136 -34.15 -16.01 18.02
N LEU B 137 -33.25 -16.75 18.69
CA LEU B 137 -32.09 -17.28 17.97
C LEU B 137 -32.53 -18.21 16.85
N GLN B 138 -33.58 -19.00 17.09
CA GLN B 138 -34.15 -19.79 16.01
C GLN B 138 -34.59 -18.90 14.86
N ALA B 139 -35.09 -17.70 15.17
CA ALA B 139 -35.60 -16.83 14.11
C ALA B 139 -34.48 -16.28 13.25
N VAL B 140 -33.32 -15.98 13.85
CA VAL B 140 -32.21 -15.44 13.06
C VAL B 140 -31.39 -16.55 12.41
N LEU B 141 -31.54 -17.79 12.87
CA LEU B 141 -30.87 -18.91 12.21
C LEU B 141 -31.66 -19.39 11.00
N ASP B 142 -32.99 -19.34 11.07
CA ASP B 142 -33.80 -19.64 9.89
C ASP B 142 -33.55 -18.62 8.79
N SER B 143 -33.54 -17.33 9.14
CA SER B 143 -33.36 -16.25 8.19
C SER B 143 -31.90 -15.97 7.87
N ALA B 144 -30.98 -16.83 8.30
CA ALA B 144 -29.56 -16.61 8.01
C ALA B 144 -29.19 -17.08 6.61
N ALA B 145 -29.98 -17.96 6.01
CA ALA B 145 -29.68 -18.42 4.64
C ALA B 145 -30.18 -17.43 3.61
N GLU B 146 -31.41 -16.93 3.79
CA GLU B 146 -31.99 -16.02 2.81
C GLU B 146 -31.23 -14.70 2.76
N LYS B 147 -30.75 -14.22 3.90
CA LYS B 147 -30.19 -12.89 4.01
C LYS B 147 -28.66 -12.88 4.15
N LYS B 148 -28.02 -14.03 3.93
CA LYS B 148 -26.56 -14.15 3.86
C LYS B 148 -25.90 -13.68 5.17
N TRP B 149 -26.10 -14.50 6.20
CA TRP B 149 -25.50 -14.27 7.51
C TRP B 149 -24.70 -15.49 7.93
N GLN B 150 -23.52 -15.24 8.49
CA GLN B 150 -22.62 -16.29 8.98
C GLN B 150 -22.57 -16.19 10.50
N VAL B 151 -23.64 -16.66 11.14
CA VAL B 151 -23.80 -16.48 12.58
C VAL B 151 -22.96 -17.51 13.32
N THR B 152 -22.11 -17.02 14.24
CA THR B 152 -21.36 -17.87 15.14
C THR B 152 -22.14 -17.93 16.45
N ALA B 153 -22.87 -19.01 16.66
CA ALA B 153 -23.78 -19.14 17.79
C ALA B 153 -23.04 -19.71 19.00
N ILE B 154 -22.96 -18.94 20.07
CA ILE B 154 -22.33 -19.35 21.32
C ILE B 154 -23.38 -19.34 22.41
N ASN B 155 -23.51 -20.46 23.13
CA ASN B 155 -24.41 -20.56 24.27
C ASN B 155 -23.69 -20.06 25.52
N VAL B 156 -24.30 -19.11 26.22
CA VAL B 156 -23.75 -18.55 27.44
C VAL B 156 -24.60 -18.91 28.66
N GLY B 157 -25.53 -19.84 28.52
CA GLY B 157 -26.41 -20.21 29.61
C GLY B 157 -25.75 -20.98 30.73
N ASN B 158 -25.48 -22.27 30.49
CA ASN B 158 -24.96 -23.16 31.53
C ASN B 158 -23.50 -22.84 31.74
N ILE B 159 -23.23 -21.98 32.73
CA ILE B 159 -21.87 -21.67 33.17
C ILE B 159 -21.89 -21.51 34.68
N ASN B 160 -20.91 -22.13 35.34
CA ASN B 160 -20.82 -22.03 36.79
C ASN B 160 -20.35 -20.64 37.20
N ASN B 161 -20.91 -20.12 38.29
CA ASN B 161 -20.60 -18.77 38.73
C ASN B 161 -19.19 -18.64 39.30
N ASP B 162 -18.50 -19.75 39.58
CA ASP B 162 -17.11 -19.70 40.00
C ASP B 162 -16.15 -19.77 38.82
N LYS B 163 -16.64 -20.09 37.63
CA LYS B 163 -15.82 -20.12 36.42
C LYS B 163 -16.21 -19.02 35.44
N LYS B 164 -16.90 -17.97 35.92
CA LYS B 164 -17.26 -16.84 35.06
C LYS B 164 -16.01 -16.17 34.49
N ASP B 165 -15.02 -15.92 35.34
CA ASP B 165 -13.80 -15.26 34.89
C ASP B 165 -13.03 -16.16 33.92
N GLU B 166 -13.04 -17.47 34.15
CA GLU B 166 -12.24 -18.38 33.34
C GLU B 166 -12.90 -18.69 32.00
N THR B 167 -14.23 -18.71 31.94
CA THR B 167 -14.92 -19.05 30.71
C THR B 167 -15.30 -17.85 29.85
N TYR B 168 -15.37 -16.65 30.44
CA TYR B 168 -15.72 -15.47 29.66
C TYR B 168 -14.54 -14.97 28.84
N ARG B 169 -13.37 -14.93 29.45
CA ARG B 169 -12.14 -14.53 28.76
C ARG B 169 -11.81 -15.52 27.64
N SER B 170 -11.97 -16.80 27.91
CA SER B 170 -11.75 -17.83 26.90
C SER B 170 -12.82 -17.78 25.81
N LEU B 171 -14.01 -17.30 26.14
CA LEU B 171 -15.04 -17.11 25.12
C LEU B 171 -14.59 -16.14 24.05
N PHE B 172 -13.95 -15.04 24.45
CA PHE B 172 -13.52 -14.02 23.51
C PHE B 172 -12.18 -14.28 22.85
N GLN B 173 -11.53 -15.38 23.24
CA GLN B 173 -10.48 -16.04 22.45
C GLN B 173 -11.05 -16.70 21.18
N ASP B 174 -12.20 -17.35 21.34
CA ASP B 174 -12.89 -18.05 20.26
C ASP B 174 -13.63 -17.06 19.37
N LEU B 175 -13.91 -15.85 19.86
CA LEU B 175 -14.47 -14.78 19.05
C LEU B 175 -13.39 -13.94 18.37
N GLU B 176 -12.15 -14.42 18.37
CA GLU B 176 -11.05 -13.78 17.67
C GLU B 176 -10.54 -14.60 16.49
N LEU B 177 -10.99 -15.86 16.34
CA LEU B 177 -10.52 -16.70 15.25
C LEU B 177 -10.86 -16.09 13.90
N LYS B 178 -12.08 -15.59 13.74
CA LYS B 178 -12.49 -14.88 12.54
C LYS B 178 -12.43 -13.37 12.72
N LYS B 179 -11.80 -12.89 13.79
CA LYS B 179 -11.78 -11.47 14.15
C LYS B 179 -13.21 -10.95 14.29
N GLU B 180 -13.98 -11.61 15.15
CA GLU B 180 -15.34 -11.15 15.41
C GLU B 180 -15.37 -9.79 16.09
N ARG B 181 -16.09 -8.85 15.50
CA ARG B 181 -16.12 -7.49 16.00
C ARG B 181 -17.57 -7.11 16.26
N ARG B 182 -18.49 -7.99 15.96
CA ARG B 182 -19.89 -7.74 16.19
C ARG B 182 -20.51 -8.86 17.02
N VAL B 183 -21.22 -8.49 18.08
CA VAL B 183 -21.83 -9.47 18.98
C VAL B 183 -23.20 -9.00 19.43
N ILE B 184 -24.22 -9.85 19.26
CA ILE B 184 -25.56 -9.58 19.74
C ILE B 184 -25.74 -10.27 21.09
N LEU B 185 -26.47 -9.62 22.00
CA LEU B 185 -26.71 -10.14 23.33
C LEU B 185 -28.21 -10.39 23.50
N ASP B 186 -28.61 -11.66 23.43
CA ASP B 186 -29.98 -12.09 23.67
C ASP B 186 -29.99 -12.90 24.95
N CYS B 187 -30.07 -12.20 26.08
CA CYS B 187 -30.01 -12.82 27.40
C CYS B 187 -31.02 -12.12 28.29
N GLU B 188 -30.86 -12.29 29.59
CA GLU B 188 -31.61 -11.55 30.59
C GLU B 188 -30.83 -10.31 31.01
N ARG B 189 -31.54 -9.32 31.54
CA ARG B 189 -30.91 -8.07 31.96
C ARG B 189 -29.85 -8.33 33.02
N ASP B 190 -30.15 -9.21 33.97
CA ASP B 190 -29.21 -9.52 35.04
C ASP B 190 -27.94 -10.19 34.52
N LYS B 191 -28.00 -10.81 33.34
CA LYS B 191 -26.81 -11.41 32.73
C LYS B 191 -26.09 -10.48 31.77
N VAL B 192 -26.79 -9.48 31.23
CA VAL B 192 -26.14 -8.49 30.38
C VAL B 192 -25.11 -7.70 31.18
N ASN B 193 -25.48 -7.32 32.41
CA ASN B 193 -24.54 -6.61 33.28
C ASN B 193 -23.28 -7.43 33.52
N ASP B 194 -23.40 -8.76 33.55
CA ASP B 194 -22.22 -9.59 33.73
C ASP B 194 -21.33 -9.56 32.50
N ILE B 195 -21.91 -9.75 31.31
CA ILE B 195 -21.09 -9.74 30.09
C ILE B 195 -20.51 -8.37 29.85
N VAL B 196 -21.31 -7.32 30.05
CA VAL B 196 -20.83 -5.95 29.80
C VAL B 196 -19.62 -5.64 30.67
N ASP B 197 -19.69 -5.99 31.96
CA ASP B 197 -18.57 -5.71 32.86
C ASP B 197 -17.31 -6.45 32.42
N GLN B 198 -17.45 -7.71 32.02
CA GLN B 198 -16.28 -8.52 31.67
C GLN B 198 -15.67 -8.06 30.36
N VAL B 199 -16.49 -7.62 29.41
CA VAL B 199 -15.97 -7.14 28.13
C VAL B 199 -15.03 -5.96 28.34
N ILE B 200 -15.31 -5.13 29.34
CA ILE B 200 -14.46 -3.96 29.59
C ILE B 200 -13.09 -4.40 30.09
N THR B 201 -13.04 -5.44 30.93
CA THR B 201 -11.78 -5.85 31.54
C THR B 201 -10.79 -6.33 30.50
N ILE B 202 -11.24 -7.14 29.54
CA ILE B 202 -10.37 -7.55 28.43
C ILE B 202 -10.26 -6.47 27.37
N GLY B 203 -11.03 -5.39 27.49
CA GLY B 203 -10.86 -4.25 26.62
C GLY B 203 -11.39 -4.42 25.21
N LYS B 204 -12.47 -5.16 25.02
CA LYS B 204 -13.07 -5.34 23.70
C LYS B 204 -14.28 -4.43 23.52
N HIS B 205 -14.18 -3.19 23.99
CA HIS B 205 -15.27 -2.22 23.83
C HIS B 205 -14.75 -0.87 23.34
N VAL B 206 -13.55 -0.85 22.75
CA VAL B 206 -13.00 0.38 22.18
C VAL B 206 -13.64 0.62 20.82
N LYS B 207 -13.14 1.61 20.09
CA LYS B 207 -13.69 1.93 18.77
C LYS B 207 -13.38 0.80 17.81
N GLY B 208 -14.43 0.16 17.29
CA GLY B 208 -14.28 -0.96 16.39
C GLY B 208 -15.34 -2.02 16.60
N TYR B 209 -15.71 -2.25 17.85
CA TYR B 209 -16.74 -3.22 18.17
C TYR B 209 -18.10 -2.55 18.20
N HIS B 210 -19.15 -3.36 18.07
CA HIS B 210 -20.51 -2.86 17.95
C HIS B 210 -21.45 -3.95 18.45
N TYR B 211 -22.11 -3.70 19.58
CA TYR B 211 -22.96 -4.69 20.23
C TYR B 211 -24.43 -4.35 20.03
N ILE B 212 -25.28 -5.36 20.19
CA ILE B 212 -26.73 -5.21 20.11
C ILE B 212 -27.35 -5.87 21.33
N ILE B 213 -28.15 -5.11 22.07
CA ILE B 213 -28.86 -5.63 23.23
C ILE B 213 -30.24 -6.08 22.80
N ALA B 214 -30.51 -7.38 22.92
CA ALA B 214 -31.75 -7.96 22.41
C ALA B 214 -32.72 -8.22 23.57
N ASN B 215 -33.23 -7.11 24.11
CA ASN B 215 -34.34 -7.16 25.04
C ASN B 215 -35.11 -5.85 24.92
N LEU B 216 -36.36 -5.88 25.37
CA LEU B 216 -37.20 -4.69 25.34
C LEU B 216 -36.88 -3.70 26.45
N GLY B 217 -35.80 -3.93 27.19
CA GLY B 217 -35.39 -3.02 28.24
C GLY B 217 -33.95 -2.55 28.07
N PHE B 218 -33.75 -1.50 27.28
CA PHE B 218 -32.40 -0.99 27.06
C PHE B 218 -31.94 -0.17 28.26
N THR B 219 -32.70 0.85 28.62
CA THR B 219 -32.36 1.74 29.75
C THR B 219 -32.75 1.16 31.10
N ASP B 220 -33.11 -0.12 31.16
CA ASP B 220 -33.49 -0.72 32.45
C ASP B 220 -32.27 -1.16 33.25
N GLY B 221 -31.15 -1.45 32.60
CA GLY B 221 -29.93 -1.82 33.27
C GLY B 221 -28.90 -0.69 33.26
N ASP B 222 -27.80 -0.93 33.98
CA ASP B 222 -26.71 0.04 34.03
C ASP B 222 -25.98 0.01 32.70
N LEU B 223 -25.95 1.16 32.02
CA LEU B 223 -25.40 1.27 30.68
C LEU B 223 -24.41 2.44 30.50
N LEU B 224 -24.03 3.07 31.61
CA LEU B 224 -23.08 4.18 31.58
C LEU B 224 -21.69 3.58 31.47
N LYS B 225 -21.52 2.31 31.84
CA LYS B 225 -20.18 1.72 31.92
C LYS B 225 -19.49 1.70 30.56
N ILE B 226 -20.23 1.51 29.48
CA ILE B 226 -19.64 1.48 28.14
C ILE B 226 -20.13 2.67 27.34
N GLN B 227 -20.44 3.76 28.04
CA GLN B 227 -20.92 4.98 27.40
C GLN B 227 -19.79 5.79 26.78
N PHE B 228 -18.53 5.49 27.12
CA PHE B 228 -17.40 6.23 26.57
C PHE B 228 -16.31 5.31 26.03
N GLY B 229 -16.58 4.01 25.90
CA GLY B 229 -15.55 3.09 25.44
C GLY B 229 -15.13 3.31 24.00
N GLY B 230 -16.03 3.86 23.17
CA GLY B 230 -15.79 4.05 21.77
C GLY B 230 -16.60 3.12 20.89
N ALA B 231 -16.88 1.91 21.37
CA ALA B 231 -17.74 0.99 20.63
C ALA B 231 -19.15 1.53 20.56
N GLU B 232 -19.90 1.04 19.57
CA GLU B 232 -21.29 1.43 19.39
C GLU B 232 -22.21 0.37 19.98
N VAL B 233 -23.27 0.83 20.64
CA VAL B 233 -24.22 -0.05 21.31
C VAL B 233 -25.63 0.34 20.89
N SER B 234 -26.42 -0.65 20.48
CA SER B 234 -27.80 -0.44 20.08
C SER B 234 -28.68 -1.42 20.83
N GLY B 235 -29.90 -0.99 21.12
CA GLY B 235 -30.83 -1.83 21.87
C GLY B 235 -32.27 -1.51 21.57
N PHE B 236 -33.18 -1.93 22.45
CA PHE B 236 -34.60 -1.71 22.26
C PHE B 236 -35.22 -1.25 23.56
N GLN B 237 -36.17 -0.33 23.45
CA GLN B 237 -36.92 0.16 24.60
C GLN B 237 -38.40 0.06 24.27
N ILE B 238 -39.17 -0.56 25.16
CA ILE B 238 -40.61 -0.67 24.97
C ILE B 238 -41.29 0.35 25.88
N VAL B 239 -40.64 0.67 27.00
CA VAL B 239 -41.14 1.64 27.96
C VAL B 239 -40.46 2.96 27.62
N ASP B 240 -41.13 3.77 26.80
CA ASP B 240 -40.55 5.05 26.38
C ASP B 240 -40.68 6.05 27.53
N TYR B 241 -39.57 6.27 28.25
CA TYR B 241 -39.57 7.22 29.36
C TYR B 241 -39.80 8.64 28.91
N ASP B 242 -39.80 8.90 27.61
CA ASP B 242 -40.11 10.23 27.10
C ASP B 242 -41.61 10.43 26.89
N ASP B 243 -42.39 9.35 26.88
CA ASP B 243 -43.84 9.47 26.79
C ASP B 243 -44.39 10.16 28.03
N SER B 244 -45.47 10.91 27.84
CA SER B 244 -46.00 11.75 28.91
C SER B 244 -46.55 10.91 30.07
N LEU B 245 -47.17 9.77 29.76
CA LEU B 245 -47.77 8.95 30.80
C LEU B 245 -46.70 8.33 31.69
N VAL B 246 -45.56 7.96 31.11
CA VAL B 246 -44.49 7.37 31.91
C VAL B 246 -43.81 8.42 32.77
N SER B 247 -43.74 9.67 32.29
CA SER B 247 -43.14 10.74 33.08
C SER B 247 -43.94 11.01 34.34
N LYS B 248 -45.27 11.08 34.21
CA LYS B 248 -46.12 11.18 35.38
C LYS B 248 -46.07 9.92 36.24
N PHE B 249 -45.71 8.78 35.63
CA PHE B 249 -45.54 7.55 36.39
C PHE B 249 -44.24 7.55 37.18
N ILE B 250 -43.14 7.99 36.54
CA ILE B 250 -41.83 7.94 37.19
C ILE B 250 -41.80 8.82 38.42
N GLU B 251 -42.46 9.99 38.37
CA GLU B 251 -42.49 10.89 39.52
C GLU B 251 -43.06 10.18 40.74
N ARG B 252 -44.19 9.49 40.57
CA ARG B 252 -44.76 8.74 41.69
C ARG B 252 -43.92 7.51 42.02
N TRP B 253 -43.21 6.96 41.04
CA TRP B 253 -42.42 5.77 41.27
C TRP B 253 -41.21 6.08 42.14
N SER B 254 -40.35 7.00 41.70
CA SER B 254 -39.16 7.38 42.45
C SER B 254 -39.46 8.16 43.73
N THR B 255 -40.72 8.22 44.15
CA THR B 255 -41.10 8.88 45.40
C THR B 255 -41.70 7.94 46.42
N LEU B 256 -42.21 6.78 46.01
CA LEU B 256 -42.77 5.82 46.94
C LEU B 256 -41.72 5.37 47.95
N GLU B 257 -42.20 4.88 49.08
CA GLU B 257 -41.32 4.42 50.14
C GLU B 257 -40.66 3.11 49.74
N GLU B 258 -39.32 3.13 49.60
CA GLU B 258 -38.62 1.91 49.21
C GLU B 258 -38.78 0.80 50.23
N LYS B 259 -39.20 1.13 51.46
CA LYS B 259 -39.51 0.09 52.42
C LYS B 259 -40.80 -0.63 52.06
N GLU B 260 -41.78 0.09 51.53
CA GLU B 260 -43.07 -0.52 51.22
C GLU B 260 -43.01 -1.34 49.95
N TYR B 261 -42.69 -0.71 48.83
CA TYR B 261 -42.58 -1.38 47.53
C TYR B 261 -41.12 -1.54 47.17
N PRO B 262 -40.53 -2.72 47.37
CA PRO B 262 -39.08 -2.86 47.20
C PRO B 262 -38.64 -2.66 45.76
N GLY B 263 -37.43 -2.14 45.61
CA GLY B 263 -36.86 -1.90 44.29
C GLY B 263 -37.66 -0.96 43.42
N ALA B 264 -38.39 -0.03 44.03
CA ALA B 264 -39.27 0.85 43.29
C ALA B 264 -38.93 2.33 43.44
N HIS B 265 -37.93 2.67 44.25
CA HIS B 265 -37.61 4.07 44.52
C HIS B 265 -36.78 4.70 43.40
N THR B 266 -36.53 3.96 42.32
CA THR B 266 -35.67 4.44 41.24
C THR B 266 -36.47 5.27 40.25
N ALA B 267 -35.74 5.87 39.31
CA ALA B 267 -36.34 6.63 38.21
C ALA B 267 -36.53 5.79 36.95
N THR B 268 -36.31 4.48 37.04
CA THR B 268 -36.49 3.57 35.92
C THR B 268 -37.33 2.38 36.36
N ILE B 269 -38.14 1.88 35.43
CA ILE B 269 -39.02 0.75 35.66
C ILE B 269 -38.80 -0.26 34.55
N LYS B 270 -38.57 -1.52 34.91
CA LYS B 270 -38.18 -2.53 33.95
C LYS B 270 -39.24 -2.71 32.86
N TYR B 271 -38.82 -3.30 31.74
CA TYR B 271 -39.78 -3.61 30.69
C TYR B 271 -40.72 -4.72 31.14
N THR B 272 -40.25 -5.64 31.98
CA THR B 272 -41.14 -6.62 32.60
C THR B 272 -42.06 -5.94 33.60
N SER B 273 -41.49 -5.13 34.50
CA SER B 273 -42.27 -4.46 35.51
C SER B 273 -43.33 -3.55 34.89
N ALA B 274 -42.94 -2.73 33.93
CA ALA B 274 -43.88 -1.79 33.32
C ALA B 274 -45.00 -2.51 32.57
N LEU B 275 -44.68 -3.65 31.94
CA LEU B 275 -45.74 -4.43 31.32
C LEU B 275 -46.70 -5.01 32.36
N THR B 276 -46.19 -5.30 33.57
CA THR B 276 -47.06 -5.81 34.62
C THR B 276 -48.11 -4.77 35.01
N TYR B 277 -47.71 -3.50 35.14
CA TYR B 277 -48.67 -2.43 35.39
C TYR B 277 -49.67 -2.33 34.25
N ASP B 278 -49.18 -2.29 33.01
CA ASP B 278 -50.06 -2.20 31.85
C ASP B 278 -50.98 -3.41 31.74
N ALA B 279 -50.62 -4.52 32.40
CA ALA B 279 -51.49 -5.70 32.36
C ALA B 279 -52.70 -5.53 33.28
N VAL B 280 -52.50 -4.93 34.45
CA VAL B 280 -53.60 -4.73 35.39
C VAL B 280 -54.72 -3.93 34.74
N GLN B 281 -54.35 -2.96 33.91
CA GLN B 281 -55.37 -2.17 33.21
C GLN B 281 -56.18 -3.03 32.26
N VAL B 282 -55.52 -3.98 31.59
CA VAL B 282 -56.23 -4.86 30.66
C VAL B 282 -57.23 -5.73 31.41
N MET B 283 -56.91 -6.14 32.64
CA MET B 283 -57.82 -6.97 33.41
C MET B 283 -58.95 -6.16 34.03
N THR B 284 -58.71 -4.89 34.34
CA THR B 284 -59.78 -4.04 34.84
C THR B 284 -60.72 -3.64 33.71
N GLU B 285 -60.16 -3.16 32.59
CA GLU B 285 -60.98 -2.83 31.43
C GLU B 285 -61.68 -4.06 30.87
N ALA B 286 -61.26 -5.26 31.27
CA ALA B 286 -61.95 -6.48 30.89
C ALA B 286 -63.34 -6.53 31.53
N PHE B 287 -63.38 -6.68 32.85
CA PHE B 287 -64.66 -6.79 33.55
C PHE B 287 -65.49 -5.52 33.45
N ARG B 288 -64.86 -4.38 33.17
CA ARG B 288 -65.63 -3.15 32.99
C ARG B 288 -66.44 -3.18 31.70
N ASN B 289 -65.93 -3.83 30.65
CA ASN B 289 -66.66 -3.94 29.40
C ASN B 289 -67.64 -5.11 29.42
N LEU B 290 -67.37 -6.15 30.21
CA LEU B 290 -68.30 -7.26 30.35
C LEU B 290 -69.55 -6.84 31.11
N ARG B 291 -69.37 -6.10 32.21
CA ARG B 291 -70.52 -5.56 32.93
C ARG B 291 -71.27 -4.53 32.09
N LYS B 292 -70.57 -3.82 31.21
CA LYS B 292 -71.21 -2.78 30.41
C LYS B 292 -72.09 -3.38 29.33
N GLN B 293 -71.62 -4.44 28.67
CA GLN B 293 -72.35 -5.06 27.57
C GLN B 293 -73.48 -5.98 28.05
N ARG B 294 -73.80 -5.94 29.35
CA ARG B 294 -74.99 -6.58 29.90
C ARG B 294 -74.97 -8.10 29.72
N ILE B 295 -73.90 -8.71 30.23
CA ILE B 295 -73.78 -10.16 30.31
C ILE B 295 -73.01 -10.50 31.57
N GLU B 296 -73.45 -11.55 32.26
CA GLU B 296 -72.90 -11.89 33.57
C GLU B 296 -71.92 -13.05 33.47
N ILE B 297 -71.00 -13.11 34.43
CA ILE B 297 -69.90 -14.06 34.41
C ILE B 297 -69.76 -14.72 35.77
N SER B 298 -70.73 -14.49 36.67
CA SER B 298 -70.64 -15.04 38.01
C SER B 298 -70.76 -16.56 37.97
N ARG B 299 -70.01 -17.22 38.83
CA ARG B 299 -69.98 -18.68 38.84
C ARG B 299 -71.28 -19.25 39.40
N ARG B 300 -71.66 -20.42 38.90
CA ARG B 300 -72.85 -21.11 39.37
C ARG B 300 -72.59 -21.80 40.72
N GLY B 301 -71.65 -22.75 40.73
CA GLY B 301 -71.29 -23.44 41.95
C GLY B 301 -69.79 -23.48 42.16
N ASN B 302 -69.34 -24.28 43.14
CA ASN B 302 -67.91 -24.42 43.38
C ASN B 302 -67.22 -25.06 42.18
N ALA B 303 -66.02 -24.57 41.86
CA ALA B 303 -65.31 -25.04 40.68
C ALA B 303 -64.78 -26.45 40.85
N GLY B 304 -64.42 -26.82 42.08
CA GLY B 304 -63.96 -28.18 42.32
C GLY B 304 -62.52 -28.40 41.86
N ASP B 305 -62.27 -29.61 41.38
CA ASP B 305 -60.92 -30.04 41.05
C ASP B 305 -60.57 -29.69 39.60
N CYS B 306 -59.27 -29.47 39.37
CA CYS B 306 -58.79 -29.12 38.04
C CYS B 306 -58.66 -30.34 37.14
N LEU B 307 -58.36 -31.51 37.70
CA LEU B 307 -58.34 -32.77 36.95
C LEU B 307 -59.73 -33.38 36.82
N ALA B 308 -60.75 -32.55 36.62
CA ALA B 308 -62.12 -33.03 36.50
C ALA B 308 -62.28 -33.83 35.22
N ASN B 309 -62.61 -35.11 35.36
CA ASN B 309 -62.86 -35.97 34.21
C ASN B 309 -64.32 -36.37 34.17
N PRO B 310 -65.02 -36.07 33.06
CA PRO B 310 -64.51 -35.39 31.87
C PRO B 310 -64.26 -33.90 32.07
N ALA B 311 -63.36 -33.33 31.27
CA ALA B 311 -63.04 -31.91 31.36
C ALA B 311 -64.29 -31.07 31.14
N VAL B 312 -64.81 -30.47 32.20
CA VAL B 312 -65.99 -29.60 32.12
C VAL B 312 -65.52 -28.18 31.93
N PRO B 313 -65.58 -27.63 30.72
CA PRO B 313 -65.14 -26.25 30.50
C PRO B 313 -66.29 -25.27 30.69
N TRP B 314 -66.15 -24.36 31.66
CA TRP B 314 -67.22 -23.43 31.95
C TRP B 314 -67.45 -22.48 30.77
N GLY B 315 -68.71 -22.07 30.61
CA GLY B 315 -69.09 -21.33 29.42
C GLY B 315 -68.53 -19.91 29.39
N GLN B 316 -68.62 -19.20 30.52
CA GLN B 316 -68.23 -17.80 30.57
C GLN B 316 -66.73 -17.59 30.36
N GLY B 317 -65.93 -18.64 30.31
CA GLY B 317 -64.52 -18.47 30.01
C GLY B 317 -64.28 -17.97 28.61
N VAL B 318 -65.10 -18.41 27.65
CA VAL B 318 -64.94 -17.97 26.27
C VAL B 318 -65.38 -16.52 26.09
N GLU B 319 -66.26 -16.02 26.98
CA GLU B 319 -66.63 -14.61 26.93
C GLU B 319 -65.57 -13.73 27.58
N ILE B 320 -64.84 -14.26 28.55
CA ILE B 320 -63.73 -13.52 29.13
C ILE B 320 -62.59 -13.37 28.12
N GLU B 321 -62.31 -14.44 27.37
CA GLU B 321 -61.26 -14.38 26.35
C GLU B 321 -61.55 -13.31 25.31
N ARG B 322 -62.83 -13.16 24.93
CA ARG B 322 -63.19 -12.17 23.92
C ARG B 322 -63.04 -10.75 24.46
N ALA B 323 -63.41 -10.53 25.72
CA ALA B 323 -63.31 -9.18 26.28
C ALA B 323 -61.87 -8.72 26.37
N LEU B 324 -60.97 -9.59 26.84
CA LEU B 324 -59.57 -9.23 27.02
C LEU B 324 -58.97 -8.75 25.71
N LYS B 325 -59.02 -9.60 24.68
CA LYS B 325 -58.38 -9.26 23.41
C LYS B 325 -59.05 -8.09 22.71
N GLN B 326 -60.29 -7.74 23.10
CA GLN B 326 -60.97 -6.58 22.53
C GLN B 326 -60.61 -5.27 23.23
N VAL B 327 -59.93 -5.34 24.37
CA VAL B 327 -59.47 -4.12 25.04
C VAL B 327 -58.46 -3.41 24.17
N GLN B 328 -58.62 -2.10 24.04
CA GLN B 328 -57.67 -1.26 23.30
C GLN B 328 -57.48 0.04 24.07
N VAL B 329 -56.36 0.13 24.78
CA VAL B 329 -56.06 1.32 25.58
C VAL B 329 -54.61 1.73 25.34
N GLU B 330 -54.10 2.64 26.16
CA GLU B 330 -52.74 3.14 26.06
C GLU B 330 -52.02 2.91 27.38
N GLY B 331 -50.74 2.55 27.30
CA GLY B 331 -49.96 2.25 28.49
C GLY B 331 -48.48 2.52 28.33
N LEU B 332 -47.69 2.09 29.33
CA LEU B 332 -46.26 2.37 29.33
C LEU B 332 -45.53 1.73 28.17
N SER B 333 -46.12 0.70 27.55
CA SER B 333 -45.51 0.02 26.41
C SER B 333 -45.90 0.64 25.08
N GLY B 334 -46.78 1.65 25.09
CA GLY B 334 -47.31 2.20 23.87
C GLY B 334 -48.75 1.80 23.67
N ASN B 335 -49.17 1.63 22.43
CA ASN B 335 -50.54 1.21 22.16
C ASN B 335 -50.69 -0.28 22.45
N ILE B 336 -51.83 -0.64 23.03
CA ILE B 336 -52.09 -2.02 23.44
C ILE B 336 -53.40 -2.48 22.81
N LYS B 337 -53.30 -3.32 21.78
CA LYS B 337 -54.44 -4.04 21.24
C LYS B 337 -53.98 -5.45 20.86
N PHE B 338 -54.90 -6.40 20.89
CA PHE B 338 -54.56 -7.80 20.72
C PHE B 338 -55.31 -8.40 19.53
N ASP B 339 -54.74 -9.48 19.01
CA ASP B 339 -55.42 -10.29 18.01
C ASP B 339 -56.18 -11.42 18.69
N GLN B 340 -56.86 -12.25 17.90
CA GLN B 340 -57.67 -13.33 18.45
C GLN B 340 -56.84 -14.35 19.21
N ASN B 341 -55.52 -14.32 19.08
CA ASN B 341 -54.66 -15.25 19.82
C ASN B 341 -54.16 -14.66 21.12
N GLY B 342 -53.95 -13.36 21.18
CA GLY B 342 -53.40 -12.71 22.35
C GLY B 342 -52.01 -12.14 22.16
N LYS B 343 -51.59 -11.86 20.93
CA LYS B 343 -50.31 -11.22 20.68
C LYS B 343 -50.50 -9.74 20.38
N ARG B 344 -49.53 -8.94 20.80
CA ARG B 344 -49.62 -7.50 20.63
C ARG B 344 -49.61 -7.12 19.16
N ILE B 345 -50.46 -6.16 18.80
CA ILE B 345 -50.50 -5.61 17.44
C ILE B 345 -50.58 -4.09 17.55
N ASN B 346 -50.21 -3.42 16.45
CA ASN B 346 -50.16 -1.96 16.38
C ASN B 346 -49.31 -1.41 17.53
N TYR B 347 -48.25 -2.11 17.86
CA TYR B 347 -47.38 -1.71 18.95
C TYR B 347 -46.14 -1.00 18.41
N THR B 348 -45.30 -0.52 19.33
CA THR B 348 -44.20 0.36 18.97
C THR B 348 -42.97 0.00 19.81
N ILE B 349 -41.90 -0.39 19.13
CA ILE B 349 -40.63 -0.73 19.77
C ILE B 349 -39.61 0.30 19.33
N ASN B 350 -39.16 1.14 20.27
CA ASN B 350 -38.14 2.13 19.96
C ASN B 350 -36.78 1.46 19.75
N ILE B 351 -36.00 2.03 18.86
CA ILE B 351 -34.65 1.56 18.54
C ILE B 351 -33.68 2.65 18.99
N MET B 352 -32.86 2.34 19.98
CA MET B 352 -32.00 3.33 20.62
C MET B 352 -30.55 2.91 20.51
N GLU B 353 -29.71 3.81 19.99
CA GLU B 353 -28.27 3.64 20.03
C GLU B 353 -27.70 4.35 21.26
N LEU B 354 -26.45 4.03 21.57
CA LEU B 354 -25.76 4.65 22.69
C LEU B 354 -24.78 5.69 22.16
N LYS B 355 -25.01 6.95 22.50
CA LYS B 355 -24.14 8.05 22.12
C LYS B 355 -23.39 8.55 23.34
N THR B 356 -22.65 9.65 23.16
CA THR B 356 -21.82 10.17 24.25
C THR B 356 -22.67 10.63 25.43
N ASN B 357 -23.68 11.46 25.17
CA ASN B 357 -24.53 11.95 26.25
C ASN B 357 -25.43 10.87 26.83
N GLY B 358 -25.50 9.70 26.22
CA GLY B 358 -26.28 8.60 26.76
C GLY B 358 -27.17 7.92 25.73
N PRO B 359 -28.23 7.27 26.23
CA PRO B 359 -29.17 6.58 25.32
C PRO B 359 -29.96 7.58 24.50
N ARG B 360 -29.89 7.44 23.18
CA ARG B 360 -30.57 8.33 22.26
C ARG B 360 -31.56 7.53 21.41
N LYS B 361 -32.72 8.13 21.16
CA LYS B 361 -33.73 7.50 20.30
C LYS B 361 -33.46 7.85 18.85
N ILE B 362 -33.53 6.84 17.97
CA ILE B 362 -33.30 7.03 16.55
C ILE B 362 -34.54 6.70 15.73
N GLY B 363 -35.26 5.65 16.11
CA GLY B 363 -36.44 5.27 15.37
C GLY B 363 -37.24 4.22 16.11
N TYR B 364 -38.52 4.16 15.78
CA TYR B 364 -39.42 3.16 16.36
C TYR B 364 -39.64 2.03 15.36
N TRP B 365 -40.14 0.91 15.88
CA TRP B 365 -40.46 -0.25 15.05
C TRP B 365 -41.91 -0.64 15.27
N SER B 366 -42.64 -0.83 14.18
CA SER B 366 -43.98 -1.38 14.22
C SER B 366 -44.07 -2.51 13.22
N GLU B 367 -45.09 -3.35 13.39
CA GLU B 367 -45.28 -4.45 12.46
C GLU B 367 -45.59 -3.94 11.06
N VAL B 368 -46.38 -2.88 10.96
CA VAL B 368 -46.79 -2.36 9.65
C VAL B 368 -45.69 -1.51 9.04
N ASP B 369 -44.97 -0.74 9.86
CA ASP B 369 -43.99 0.21 9.35
C ASP B 369 -42.56 -0.33 9.38
N LYS B 370 -42.33 -1.48 9.99
CA LYS B 370 -40.97 -2.04 10.16
C LYS B 370 -40.14 -0.98 10.90
N MET B 371 -38.87 -0.79 10.54
CA MET B 371 -38.05 0.24 11.16
C MET B 371 -38.16 1.51 10.33
N VAL B 372 -38.49 2.62 10.99
CA VAL B 372 -38.53 3.93 10.36
C VAL B 372 -37.75 4.82 11.31
N LEU B 373 -36.68 5.42 10.81
CA LEU B 373 -35.83 6.26 11.66
C LEU B 373 -36.37 7.68 11.70
N THR B 374 -36.21 8.32 12.86
CA THR B 374 -36.49 9.74 13.04
C THR B 374 -35.16 10.36 13.49
N GLU B 375 -34.31 10.64 12.51
CA GLU B 375 -32.89 10.87 12.76
C GLU B 375 -32.66 12.15 13.55
N ASP B 376 -31.38 12.45 13.76
CA ASP B 376 -30.95 13.55 14.62
C ASP B 376 -29.85 14.42 14.03
N ASP B 377 -29.21 14.02 12.93
CA ASP B 377 -28.18 14.82 12.28
C ASP B 377 -28.64 15.22 10.88
N THR B 378 -28.10 16.33 10.39
CA THR B 378 -28.46 16.78 9.04
C THR B 378 -27.47 17.67 8.24
N SER B 379 -26.14 17.58 8.39
CA SER B 379 -25.40 16.69 9.48
C SER B 379 -25.24 17.89 10.43
N GLY B 380 -24.70 17.73 11.65
CA GLY B 380 -23.92 16.60 12.12
C GLY B 380 -22.42 16.88 12.16
N LEU B 381 -21.68 16.29 11.22
CA LEU B 381 -20.26 16.59 11.02
C LEU B 381 -20.00 16.52 9.51
N GLU B 382 -20.23 17.65 8.84
CA GLU B 382 -20.23 17.66 7.38
C GLU B 382 -18.83 17.77 6.80
N GLN B 383 -17.99 18.64 7.38
CA GLN B 383 -16.77 19.13 6.72
C GLN B 383 -17.27 19.77 5.42
N LYS B 384 -16.65 19.49 4.27
CA LYS B 384 -17.17 19.98 3.00
C LYS B 384 -16.48 19.25 1.86
N THR B 385 -17.22 19.10 0.76
CA THR B 385 -16.66 18.60 -0.48
C THR B 385 -15.93 19.73 -1.18
N VAL B 386 -14.61 19.63 -1.28
CA VAL B 386 -13.81 20.70 -1.87
C VAL B 386 -14.13 20.81 -3.35
N VAL B 387 -14.42 22.03 -3.80
CA VAL B 387 -14.79 22.29 -5.19
C VAL B 387 -13.55 22.67 -5.98
N VAL B 388 -13.38 22.04 -7.15
CA VAL B 388 -12.26 22.32 -8.05
C VAL B 388 -12.83 22.71 -9.40
N THR B 389 -12.26 23.76 -10.00
CA THR B 389 -12.70 24.26 -11.29
C THR B 389 -11.59 24.11 -12.31
N THR B 390 -11.97 23.79 -13.54
CA THR B 390 -11.03 23.66 -14.64
C THR B 390 -11.80 23.81 -15.94
N ILE B 391 -11.05 24.03 -17.03
CA ILE B 391 -11.65 24.27 -18.34
C ILE B 391 -11.42 23.06 -19.23
N LEU B 392 -12.41 22.80 -20.08
CA LEU B 392 -12.29 21.75 -21.09
C LEU B 392 -11.34 22.20 -22.19
N GLU B 393 -10.07 21.83 -22.07
CA GLU B 393 -9.08 22.15 -23.09
C GLU B 393 -8.09 20.99 -23.18
N SER B 394 -8.04 20.35 -24.33
CA SER B 394 -7.18 19.19 -24.55
C SER B 394 -5.70 19.55 -24.37
N PRO B 395 -4.93 18.64 -23.77
CA PRO B 395 -5.37 17.34 -23.25
C PRO B 395 -5.50 17.33 -21.73
N TYR B 396 -5.46 18.51 -21.11
CA TYR B 396 -5.39 18.59 -19.66
C TYR B 396 -6.68 18.07 -19.02
N VAL B 397 -7.83 18.56 -19.48
CA VAL B 397 -9.13 18.08 -19.02
C VAL B 397 -10.03 17.99 -20.25
N MET B 398 -10.49 16.78 -20.57
CA MET B 398 -11.33 16.55 -21.72
C MET B 398 -12.52 15.69 -21.31
N MET B 399 -13.70 16.02 -21.82
CA MET B 399 -14.87 15.19 -21.57
C MET B 399 -14.66 13.82 -22.19
N LYS B 400 -14.93 12.78 -21.41
CA LYS B 400 -14.70 11.42 -21.89
C LYS B 400 -15.65 11.09 -23.04
N LYS B 401 -15.31 10.03 -23.77
CA LYS B 401 -16.04 9.67 -24.98
C LYS B 401 -17.47 9.23 -24.68
N ASN B 402 -17.74 8.74 -23.47
CA ASN B 402 -19.10 8.38 -23.09
C ASN B 402 -19.53 9.16 -21.85
N HIS B 403 -19.32 10.48 -21.88
CA HIS B 403 -19.63 11.32 -20.73
C HIS B 403 -21.13 11.37 -20.43
N GLU B 404 -21.97 11.01 -21.41
CA GLU B 404 -23.41 11.02 -21.18
C GLU B 404 -23.82 9.88 -20.25
N MET B 405 -23.34 8.67 -20.54
CA MET B 405 -23.66 7.54 -19.67
C MET B 405 -23.02 7.68 -18.30
N LEU B 406 -21.81 8.25 -18.24
CA LEU B 406 -21.14 8.46 -16.98
C LEU B 406 -21.63 9.74 -16.30
N GLU B 407 -21.23 9.91 -15.05
CA GLU B 407 -21.60 11.10 -14.29
C GLU B 407 -20.70 11.18 -13.05
N GLY B 408 -20.75 12.33 -12.40
CA GLY B 408 -19.90 12.56 -11.23
C GLY B 408 -18.60 13.23 -11.61
N ASN B 409 -17.49 12.69 -11.14
CA ASN B 409 -16.18 13.22 -11.47
C ASN B 409 -15.50 12.48 -12.60
N GLU B 410 -15.91 11.24 -12.89
CA GLU B 410 -15.25 10.44 -13.90
C GLU B 410 -15.65 10.79 -15.32
N ARG B 411 -16.68 11.63 -15.51
CA ARG B 411 -17.08 12.00 -16.86
C ARG B 411 -16.01 12.80 -17.60
N TYR B 412 -15.03 13.32 -16.87
CA TYR B 412 -13.91 14.05 -17.44
C TYR B 412 -12.63 13.26 -17.20
N GLU B 413 -11.74 13.25 -18.20
CA GLU B 413 -10.44 12.62 -18.06
C GLU B 413 -9.39 13.47 -18.77
N GLY B 414 -8.16 13.36 -18.31
CA GLY B 414 -7.07 14.12 -18.91
C GLY B 414 -5.88 14.16 -17.98
N TYR B 415 -5.00 15.14 -18.23
CA TYR B 415 -3.81 15.31 -17.41
C TYR B 415 -4.19 15.80 -16.00
N CYS B 416 -4.94 16.89 -15.93
CA CYS B 416 -5.32 17.43 -14.62
C CYS B 416 -6.26 16.50 -13.88
N VAL B 417 -7.03 15.69 -14.61
CA VAL B 417 -7.91 14.72 -13.97
C VAL B 417 -7.09 13.63 -13.28
N ASP B 418 -6.11 13.07 -14.00
CA ASP B 418 -5.16 12.15 -13.36
C ASP B 418 -4.39 12.83 -12.25
N LEU B 419 -4.23 14.15 -12.33
CA LEU B 419 -3.58 14.91 -11.27
C LEU B 419 -4.54 15.27 -10.15
N ALA B 420 -5.84 15.40 -10.47
CA ALA B 420 -6.83 15.71 -9.44
C ALA B 420 -6.85 14.65 -8.35
N ALA B 421 -6.78 13.38 -8.74
CA ALA B 421 -6.74 12.31 -7.74
C ALA B 421 -5.38 12.23 -7.06
N GLU B 422 -4.29 12.45 -7.81
CA GLU B 422 -2.96 12.38 -7.23
C GLU B 422 -2.74 13.47 -6.19
N ILE B 423 -3.48 14.57 -6.28
CA ILE B 423 -3.39 15.60 -5.26
C ILE B 423 -4.20 15.21 -4.03
N ALA B 424 -5.40 14.65 -4.23
CA ALA B 424 -6.25 14.28 -3.11
C ALA B 424 -5.70 13.10 -2.32
N LYS B 425 -4.75 12.34 -2.89
CA LYS B 425 -4.19 11.21 -2.16
C LYS B 425 -3.30 11.67 -1.02
N HIS B 426 -2.55 12.77 -1.22
CA HIS B 426 -1.66 13.28 -0.19
C HIS B 426 -2.29 14.32 0.71
N CYS B 427 -3.41 14.91 0.30
CA CYS B 427 -4.13 15.89 1.11
C CYS B 427 -5.28 15.27 1.89
N GLY B 428 -6.18 14.57 1.20
CA GLY B 428 -7.27 13.86 1.83
C GLY B 428 -8.66 14.37 1.52
N PHE B 429 -8.83 15.45 0.76
CA PHE B 429 -10.15 15.97 0.50
C PHE B 429 -10.86 15.17 -0.59
N LYS B 430 -12.12 15.48 -0.80
CA LYS B 430 -12.93 14.89 -1.86
C LYS B 430 -13.23 15.97 -2.88
N TYR B 431 -12.64 15.84 -4.06
CA TYR B 431 -12.82 16.83 -5.12
C TYR B 431 -14.22 16.74 -5.71
N LYS B 432 -14.67 17.87 -6.27
CA LYS B 432 -15.89 17.93 -7.07
C LYS B 432 -15.52 18.61 -8.38
N LEU B 433 -15.29 17.80 -9.41
CA LEU B 433 -14.84 18.31 -10.70
C LEU B 433 -15.93 19.18 -11.32
N THR B 434 -15.68 20.50 -11.36
CA THR B 434 -16.62 21.45 -11.92
C THR B 434 -15.94 22.21 -13.05
N ILE B 435 -16.74 22.69 -14.00
CA ILE B 435 -16.26 23.45 -15.15
C ILE B 435 -16.63 24.91 -14.94
N VAL B 436 -15.69 25.81 -15.23
CA VAL B 436 -15.96 27.24 -15.10
C VAL B 436 -17.02 27.68 -16.10
N GLY B 437 -17.08 27.04 -17.27
CA GLY B 437 -18.09 27.33 -18.26
C GLY B 437 -17.92 28.62 -19.02
N ASP B 438 -16.95 29.46 -18.64
CA ASP B 438 -16.69 30.71 -19.36
C ASP B 438 -16.13 30.53 -20.80
N GLY B 439 -15.09 29.70 -21.01
CA GLY B 439 -14.40 28.92 -20.01
C GLY B 439 -12.99 29.38 -19.79
N LYS B 440 -12.56 30.35 -20.60
CA LYS B 440 -11.20 30.87 -20.49
C LYS B 440 -10.98 31.47 -19.10
N TYR B 441 -9.74 31.37 -18.62
CA TYR B 441 -9.39 31.78 -17.27
C TYR B 441 -8.93 33.24 -17.24
N GLY B 442 -9.24 33.91 -16.14
CA GLY B 442 -8.95 35.33 -15.97
C GLY B 442 -7.47 35.68 -16.05
N ALA B 443 -7.05 36.83 -16.62
CA ALA B 443 -7.89 37.95 -17.26
C ALA B 443 -8.96 38.95 -17.02
N ARG B 444 -8.62 39.97 -16.22
CA ARG B 444 -9.58 41.07 -15.88
C ARG B 444 -9.82 42.25 -16.76
N ASP B 445 -10.97 42.88 -16.55
CA ASP B 445 -11.36 44.01 -17.39
C ASP B 445 -10.66 45.30 -16.95
N ALA B 446 -10.79 46.34 -17.78
CA ALA B 446 -10.05 47.57 -17.58
C ALA B 446 -10.72 48.50 -16.57
N ASP B 447 -12.00 48.82 -16.78
CA ASP B 447 -12.73 49.68 -15.85
C ASP B 447 -13.75 48.92 -15.00
N THR B 448 -14.25 47.78 -15.50
CA THR B 448 -15.02 46.90 -14.62
C THR B 448 -14.14 46.35 -13.52
N LYS B 449 -12.91 45.96 -13.87
CA LYS B 449 -11.90 45.47 -12.92
C LYS B 449 -12.39 44.29 -12.09
N ILE B 450 -13.41 43.59 -12.57
CA ILE B 450 -13.87 42.36 -11.95
C ILE B 450 -13.18 41.19 -12.63
N TRP B 451 -12.72 40.24 -11.84
CA TRP B 451 -12.08 39.06 -12.40
C TRP B 451 -13.12 38.13 -13.03
N ASN B 452 -12.64 37.24 -13.89
CA ASN B 452 -13.50 36.27 -14.55
C ASN B 452 -12.77 34.93 -14.59
N GLY B 453 -13.36 33.97 -15.29
CA GLY B 453 -12.73 32.68 -15.51
C GLY B 453 -12.49 31.92 -14.21
N MET B 454 -11.46 31.08 -14.24
CA MET B 454 -11.16 30.24 -13.08
C MET B 454 -10.56 31.05 -11.94
N VAL B 455 -9.79 32.09 -12.26
CA VAL B 455 -9.20 32.89 -11.19
C VAL B 455 -10.27 33.68 -10.45
N GLY B 456 -11.33 34.08 -11.16
CA GLY B 456 -12.38 34.84 -10.51
C GLY B 456 -13.16 34.02 -9.50
N GLU B 457 -13.44 32.76 -9.82
CA GLU B 457 -14.22 31.91 -8.94
C GLU B 457 -13.48 31.60 -7.64
N LEU B 458 -12.16 31.83 -7.59
CA LEU B 458 -11.43 31.64 -6.35
C LEU B 458 -11.62 32.80 -5.40
N VAL B 459 -11.40 34.02 -5.89
CA VAL B 459 -11.43 35.19 -5.00
C VAL B 459 -12.83 35.45 -4.50
N TYR B 460 -13.84 35.25 -5.35
CA TYR B 460 -15.21 35.61 -5.04
C TYR B 460 -15.95 34.52 -4.27
N GLY B 461 -15.23 33.60 -3.63
CA GLY B 461 -15.84 32.58 -2.81
C GLY B 461 -16.66 31.54 -3.55
N LYS B 462 -16.66 31.56 -4.88
CA LYS B 462 -17.43 30.58 -5.64
C LYS B 462 -16.85 29.18 -5.48
N ALA B 463 -15.59 29.01 -5.87
CA ALA B 463 -14.91 27.72 -5.80
C ALA B 463 -13.86 27.74 -4.68
N ASP B 464 -13.39 26.53 -4.34
CA ASP B 464 -12.42 26.38 -3.27
C ASP B 464 -10.98 26.31 -3.75
N ILE B 465 -10.75 25.77 -4.95
CA ILE B 465 -9.40 25.63 -5.49
C ILE B 465 -9.51 25.43 -7.01
N ALA B 466 -8.38 25.49 -7.71
CA ALA B 466 -8.37 25.35 -9.16
C ALA B 466 -7.05 24.74 -9.62
N ILE B 467 -7.14 23.64 -10.38
CA ILE B 467 -5.99 23.02 -11.01
C ILE B 467 -6.27 22.89 -12.50
N ALA B 468 -5.34 23.40 -13.33
CA ALA B 468 -5.47 23.46 -14.78
C ALA B 468 -4.22 24.07 -15.39
N PRO B 469 -4.06 24.05 -16.73
CA PRO B 469 -2.96 24.82 -17.33
C PRO B 469 -3.11 26.31 -17.10
N LEU B 470 -2.66 26.78 -15.94
CA LEU B 470 -2.76 28.18 -15.56
C LEU B 470 -1.33 28.74 -15.54
N THR B 471 -1.02 29.58 -16.52
CA THR B 471 0.30 30.19 -16.58
C THR B 471 0.49 31.09 -15.37
N ILE B 472 1.66 30.98 -14.72
CA ILE B 472 1.95 31.74 -13.51
C ILE B 472 2.40 33.14 -13.88
N THR B 473 1.51 34.12 -13.70
CA THR B 473 1.81 35.52 -13.98
C THR B 473 1.85 36.32 -12.68
N LEU B 474 2.49 37.48 -12.76
CA LEU B 474 2.60 38.34 -11.57
C LEU B 474 1.26 38.96 -11.21
N VAL B 475 0.44 39.28 -12.22
CA VAL B 475 -0.84 39.92 -11.95
C VAL B 475 -1.77 39.00 -11.20
N ARG B 476 -1.62 37.68 -11.36
CA ARG B 476 -2.44 36.74 -10.62
C ARG B 476 -1.87 36.49 -9.23
N GLU B 477 -0.54 36.44 -9.10
CA GLU B 477 0.10 36.16 -7.83
C GLU B 477 -0.31 37.16 -6.76
N GLU B 478 -0.77 38.35 -7.16
CA GLU B 478 -1.10 39.39 -6.21
C GLU B 478 -2.45 39.13 -5.55
N VAL B 479 -3.38 38.50 -6.27
CA VAL B 479 -4.72 38.25 -5.74
C VAL B 479 -4.91 36.81 -5.30
N ILE B 480 -4.23 35.85 -5.91
CA ILE B 480 -4.34 34.44 -5.52
C ILE B 480 -2.94 33.89 -5.31
N ASP B 481 -2.85 32.78 -4.58
CA ASP B 481 -1.56 32.18 -4.26
C ASP B 481 -1.27 31.02 -5.20
N PHE B 482 -0.03 30.97 -5.71
CA PHE B 482 0.41 29.96 -6.67
C PHE B 482 1.32 28.95 -5.98
N SER B 483 1.27 27.72 -6.48
CA SER B 483 2.22 26.70 -6.07
C SER B 483 3.51 26.83 -6.89
N LYS B 484 4.51 26.03 -6.54
CA LYS B 484 5.67 25.90 -7.39
C LYS B 484 5.26 25.25 -8.71
N PRO B 485 5.91 25.61 -9.81
CA PRO B 485 5.46 25.13 -11.12
C PRO B 485 5.57 23.61 -11.23
N PHE B 486 4.55 23.00 -11.81
CA PHE B 486 4.55 21.56 -12.05
C PHE B 486 4.80 21.20 -13.50
N MET B 487 5.04 22.18 -14.37
CA MET B 487 5.28 21.89 -15.79
C MET B 487 5.81 23.17 -16.43
N SER B 488 7.13 23.32 -16.42
CA SER B 488 7.77 24.45 -17.04
C SER B 488 7.61 24.37 -18.55
N LEU B 489 7.33 25.51 -19.17
CA LEU B 489 7.09 25.59 -20.61
C LEU B 489 7.76 26.85 -21.15
N GLY B 490 7.45 27.17 -22.40
CA GLY B 490 8.00 28.35 -23.03
C GLY B 490 7.49 28.47 -24.45
N ILE B 491 7.69 29.65 -25.02
CA ILE B 491 7.26 29.91 -26.38
C ILE B 491 8.11 29.09 -27.34
N SER B 492 7.48 28.45 -28.31
CA SER B 492 8.18 27.58 -29.25
C SER B 492 7.58 27.75 -30.64
N ILE B 493 8.21 27.10 -31.62
CA ILE B 493 7.85 27.24 -33.02
C ILE B 493 7.18 25.95 -33.49
N MET B 494 6.32 26.08 -34.49
CA MET B 494 5.60 24.94 -35.06
C MET B 494 5.49 25.10 -36.57
N ILE B 495 5.86 24.06 -37.30
CA ILE B 495 5.81 24.06 -38.76
C ILE B 495 5.43 22.69 -39.28
N LYS B 496 5.42 22.52 -40.60
CA LYS B 496 5.31 21.21 -41.22
C LYS B 496 6.68 20.56 -41.32
N LYS B 497 6.72 19.34 -41.88
CA LYS B 497 7.99 18.64 -42.06
C LYS B 497 8.81 19.18 -43.24
N PRO B 498 8.20 19.34 -44.44
CA PRO B 498 6.91 18.85 -44.98
C PRO B 498 6.90 17.40 -45.52
N GLN B 499 7.78 16.94 -46.41
CA GLN B 499 8.92 17.67 -47.00
C GLN B 499 8.62 18.47 -48.29
N LYS B 500 7.96 17.90 -49.31
CA LYS B 500 7.44 16.53 -49.35
C LYS B 500 8.43 15.59 -50.03
N SER B 501 9.00 16.03 -51.15
CA SER B 501 10.00 15.22 -51.84
C SER B 501 11.39 15.90 -51.86
N LYS B 502 11.56 17.12 -52.41
CA LYS B 502 10.58 17.89 -53.17
C LYS B 502 11.07 18.00 -54.62
N PRO B 503 10.17 17.79 -55.58
CA PRO B 503 10.59 17.70 -56.98
C PRO B 503 11.02 19.05 -57.54
N GLY B 504 11.80 18.98 -58.62
CA GLY B 504 12.27 20.17 -59.29
C GLY B 504 13.49 19.88 -60.14
N VAL B 505 13.80 20.83 -61.01
CA VAL B 505 14.98 20.70 -61.86
C VAL B 505 16.34 20.94 -61.22
N PHE B 506 16.41 21.81 -60.20
CA PHE B 506 17.66 21.98 -59.46
C PHE B 506 18.00 20.84 -58.45
N SER B 507 17.04 19.93 -58.31
CA SER B 507 17.22 18.77 -57.45
C SER B 507 17.82 17.67 -58.31
N PHE B 508 17.84 17.85 -59.63
CA PHE B 508 18.43 16.83 -60.50
C PHE B 508 19.95 16.82 -60.38
N LEU B 509 20.58 17.99 -60.39
CA LEU B 509 22.03 18.10 -60.25
C LEU B 509 22.47 18.15 -58.80
N ASP B 510 21.71 17.53 -57.90
CA ASP B 510 21.99 17.54 -56.46
C ASP B 510 22.93 16.43 -56.00
N PRO B 511 23.00 15.25 -56.66
CA PRO B 511 24.03 14.26 -56.29
C PRO B 511 25.41 14.87 -56.24
N LEU B 512 25.97 15.19 -57.40
CA LEU B 512 27.16 16.02 -57.45
C LEU B 512 26.82 17.41 -56.92
N ALA B 513 27.72 17.96 -56.10
CA ALA B 513 27.48 19.29 -55.57
C ALA B 513 27.47 20.32 -56.70
N TYR B 514 26.93 21.51 -56.39
CA TYR B 514 26.83 22.58 -57.37
C TYR B 514 28.20 22.97 -57.94
N GLU B 515 29.29 22.62 -57.26
CA GLU B 515 30.63 22.98 -57.70
C GLU B 515 31.21 22.00 -58.70
N ILE B 516 30.85 20.71 -58.62
CA ILE B 516 31.42 19.73 -59.54
C ILE B 516 30.81 19.85 -60.93
N TRP B 517 29.52 20.20 -61.02
CA TRP B 517 28.90 20.37 -62.34
C TRP B 517 29.58 21.47 -63.14
N MET B 518 30.00 22.54 -62.47
CA MET B 518 30.76 23.61 -63.11
C MET B 518 32.26 23.34 -63.14
N CYS B 519 32.70 22.26 -62.51
CA CYS B 519 34.12 21.88 -62.55
C CYS B 519 34.39 20.78 -63.56
N ILE B 520 33.40 19.91 -63.85
CA ILE B 520 33.59 18.88 -64.85
C ILE B 520 33.73 19.50 -66.23
N VAL B 521 33.08 20.64 -66.47
CA VAL B 521 33.18 21.30 -67.77
C VAL B 521 34.58 21.85 -68.01
N PHE B 522 35.33 22.15 -66.95
CA PHE B 522 36.70 22.63 -67.13
C PHE B 522 37.62 21.51 -67.58
N ALA B 523 37.31 20.27 -67.22
CA ALA B 523 38.07 19.13 -67.72
C ALA B 523 37.62 18.74 -69.13
N TYR B 524 36.35 18.98 -69.46
CA TYR B 524 35.85 18.70 -70.80
C TYR B 524 36.59 19.54 -71.84
N ILE B 525 36.42 20.87 -71.76
CA ILE B 525 37.11 21.75 -72.70
C ILE B 525 38.61 21.75 -72.46
N GLY B 526 39.06 21.32 -71.29
CA GLY B 526 40.48 21.20 -71.04
C GLY B 526 41.16 20.05 -71.74
N VAL B 527 40.39 19.04 -72.15
CA VAL B 527 40.96 17.87 -72.81
C VAL B 527 40.70 17.99 -74.30
N SER B 528 39.56 18.58 -74.65
CA SER B 528 39.25 18.79 -76.06
C SER B 528 40.25 19.75 -76.72
N VAL B 529 40.86 20.62 -75.92
CA VAL B 529 41.93 21.49 -76.42
C VAL B 529 43.30 20.85 -76.26
N VAL B 530 43.40 19.72 -75.56
CA VAL B 530 44.65 18.97 -75.54
C VAL B 530 44.78 18.11 -76.79
N LEU B 531 43.66 17.55 -77.27
CA LEU B 531 43.66 16.91 -78.57
C LEU B 531 43.99 17.92 -79.67
N PHE B 532 43.80 19.21 -79.38
CA PHE B 532 44.30 20.26 -80.26
C PHE B 532 45.82 20.18 -80.40
N LEU B 533 46.50 19.78 -79.33
CA LEU B 533 47.96 19.90 -79.25
C LEU B 533 48.72 18.59 -79.38
N VAL B 534 48.05 17.46 -79.53
CA VAL B 534 48.72 16.17 -79.61
C VAL B 534 48.68 15.58 -81.02
N SER B 535 47.64 15.84 -81.80
CA SER B 535 47.55 15.28 -83.15
C SER B 535 48.40 16.10 -84.13
N ILE B 545 39.97 24.88 -86.71
CA ILE B 545 39.58 24.45 -85.37
C ILE B 545 38.12 24.06 -85.33
N PHE B 546 37.40 24.35 -86.43
CA PHE B 546 35.99 24.00 -86.50
C PHE B 546 35.79 22.50 -86.72
N ASN B 547 36.74 21.85 -87.40
CA ASN B 547 36.66 20.41 -87.62
C ASN B 547 37.44 19.61 -86.60
N SER B 548 38.35 20.26 -85.85
CA SER B 548 39.06 19.58 -84.78
C SER B 548 38.32 19.65 -83.45
N LEU B 549 37.61 20.75 -83.19
CA LEU B 549 36.70 20.78 -82.05
C LEU B 549 35.52 19.85 -82.29
N TRP B 550 35.03 19.79 -83.52
CA TRP B 550 34.03 18.79 -83.89
C TRP B 550 34.60 17.38 -83.83
N PHE B 551 35.92 17.24 -83.97
CA PHE B 551 36.57 15.94 -83.77
C PHE B 551 36.72 15.64 -82.28
N SER B 552 37.17 16.62 -81.49
CA SER B 552 37.28 16.43 -80.05
C SER B 552 35.91 16.29 -79.40
N LEU B 553 34.89 16.91 -79.99
CA LEU B 553 33.52 16.65 -79.55
C LEU B 553 33.02 15.31 -80.06
N GLY B 554 33.49 14.87 -81.22
CA GLY B 554 33.28 13.52 -81.68
C GLY B 554 34.17 12.49 -80.99
N ALA B 555 35.17 12.95 -80.25
CA ALA B 555 35.99 12.07 -79.44
C ALA B 555 35.56 12.05 -77.97
N PHE B 556 34.62 12.91 -77.59
CA PHE B 556 34.12 12.96 -76.22
C PHE B 556 32.87 12.11 -76.02
N MET B 557 31.92 12.16 -76.97
CA MET B 557 30.73 11.31 -76.87
C MET B 557 31.12 9.84 -76.82
N GLN B 558 32.15 9.45 -77.55
CA GLN B 558 32.73 8.12 -77.47
C GLN B 558 34.03 8.23 -76.67
N GLN B 559 33.88 8.35 -75.35
CA GLN B 559 34.99 8.24 -74.40
C GLN B 559 35.96 9.38 -74.63
N GLY B 560 37.23 9.11 -74.95
CA GLY B 560 38.21 10.16 -75.15
C GLY B 560 39.02 10.01 -76.43
N SER B 567 49.34 7.65 -82.92
CA SER B 567 49.49 8.76 -81.98
C SER B 567 49.56 8.26 -80.55
N LEU B 568 50.78 8.10 -80.04
CA LEU B 568 50.96 7.62 -78.66
C LEU B 568 50.58 8.70 -77.66
N SER B 569 51.07 9.92 -77.87
CA SER B 569 50.76 11.00 -76.95
C SER B 569 49.27 11.34 -76.96
N GLY B 570 48.61 11.15 -78.10
CA GLY B 570 47.18 11.42 -78.17
C GLY B 570 46.30 10.33 -77.60
N ARG B 571 46.84 9.12 -77.43
CA ARG B 571 46.05 8.02 -76.88
C ARG B 571 45.90 8.15 -75.38
N ILE B 572 46.99 8.45 -74.67
CA ILE B 572 46.93 8.60 -73.21
C ILE B 572 46.08 9.79 -72.82
N VAL B 573 45.76 10.68 -73.76
CA VAL B 573 44.85 11.78 -73.48
C VAL B 573 43.43 11.28 -73.28
N GLY B 574 43.00 10.33 -74.13
CA GLY B 574 41.67 9.77 -74.05
C GLY B 574 41.49 8.64 -73.06
N GLY B 575 42.59 8.03 -72.59
CA GLY B 575 42.51 6.98 -71.60
C GLY B 575 42.44 7.50 -70.19
N VAL B 576 43.25 8.53 -69.89
CA VAL B 576 43.19 9.17 -68.58
C VAL B 576 41.88 9.93 -68.42
N TRP B 577 41.39 10.53 -69.52
CA TRP B 577 40.08 11.16 -69.47
C TRP B 577 38.96 10.14 -69.24
N TRP B 578 39.14 8.92 -69.71
CA TRP B 578 38.08 7.92 -69.57
C TRP B 578 38.03 7.35 -68.15
N PHE B 579 39.18 7.09 -67.54
CA PHE B 579 39.19 6.70 -66.14
C PHE B 579 38.60 7.80 -65.26
N PHE B 580 38.80 9.06 -65.64
CA PHE B 580 38.26 10.17 -64.89
C PHE B 580 36.74 10.24 -65.04
N THR B 581 36.23 10.11 -66.26
CA THR B 581 34.80 10.13 -66.49
C THR B 581 34.12 8.82 -66.08
N LEU B 582 34.88 7.84 -65.60
CA LEU B 582 34.31 6.60 -65.09
C LEU B 582 34.04 6.66 -63.59
N ILE B 583 34.93 7.32 -62.84
CA ILE B 583 34.72 7.46 -61.40
C ILE B 583 33.50 8.33 -61.13
N ILE B 584 33.33 9.42 -61.88
CA ILE B 584 32.22 10.33 -61.65
C ILE B 584 30.89 9.63 -61.92
N ILE B 585 30.79 8.93 -63.05
CA ILE B 585 29.54 8.26 -63.38
C ILE B 585 29.27 7.11 -62.41
N SER B 586 30.32 6.49 -61.87
CA SER B 586 30.15 5.51 -60.81
C SER B 586 30.05 6.13 -59.43
N SER B 587 30.33 7.43 -59.31
CA SER B 587 30.04 8.16 -58.08
C SER B 587 28.69 8.87 -58.15
N TYR B 588 28.27 9.26 -59.35
CA TYR B 588 26.92 9.78 -59.53
C TYR B 588 25.88 8.67 -59.40
N THR B 589 26.27 7.41 -59.62
CA THR B 589 25.36 6.29 -59.45
C THR B 589 25.41 5.71 -58.05
N ALA B 590 26.56 5.74 -57.40
CA ALA B 590 26.67 5.19 -56.05
C ALA B 590 26.15 6.15 -54.99
N ASN B 591 26.24 7.46 -55.23
CA ASN B 591 25.67 8.43 -54.30
C ASN B 591 24.18 8.62 -54.49
N LEU B 592 23.64 8.31 -55.68
CA LEU B 592 22.21 8.38 -55.91
C LEU B 592 21.49 7.19 -55.31
N ALA B 593 22.10 6.00 -55.37
CA ALA B 593 21.53 4.84 -54.73
C ALA B 593 21.47 4.99 -53.21
N ALA B 594 22.34 5.81 -52.64
CA ALA B 594 22.31 6.05 -51.19
C ALA B 594 21.17 6.99 -50.80
N PHE B 595 20.98 8.08 -51.54
CA PHE B 595 19.90 9.02 -51.24
C PHE B 595 18.53 8.49 -51.64
N LEU B 596 18.45 7.32 -52.25
CA LEU B 596 17.17 6.64 -52.48
C LEU B 596 16.92 5.53 -51.47
N THR B 597 17.98 4.98 -50.87
CA THR B 597 17.79 3.99 -49.81
C THR B 597 17.28 4.64 -48.53
N VAL B 598 17.98 5.67 -48.06
CA VAL B 598 17.65 6.38 -46.84
C VAL B 598 17.16 7.77 -47.20
N GLU B 599 15.96 8.12 -46.74
CA GLU B 599 15.37 9.43 -46.99
C GLU B 599 15.64 10.33 -45.79
N ARG B 600 16.30 11.45 -46.03
CA ARG B 600 16.60 12.44 -44.99
C ARG B 600 15.57 13.57 -45.04
N MET B 601 15.50 14.29 -43.92
CA MET B 601 14.61 15.43 -43.79
C MET B 601 15.39 16.70 -43.47
N VAL B 602 15.12 17.76 -44.21
CA VAL B 602 15.78 19.02 -43.91
C VAL B 602 14.76 19.95 -43.29
N SER B 603 15.06 20.45 -42.09
CA SER B 603 14.14 21.34 -41.42
C SER B 603 14.58 22.75 -41.73
N PRO B 604 13.68 23.49 -42.38
CA PRO B 604 14.00 24.85 -42.82
C PRO B 604 14.21 25.84 -41.69
N ILE B 605 14.15 25.40 -40.43
CA ILE B 605 14.32 26.27 -39.27
C ILE B 605 15.41 25.68 -38.39
N GLU B 606 16.57 26.32 -38.37
CA GLU B 606 17.68 25.88 -37.52
C GLU B 606 17.49 26.32 -36.08
N SER B 607 16.95 27.52 -35.88
CA SER B 607 16.73 28.07 -34.54
C SER B 607 15.75 29.24 -34.67
N ALA B 608 15.66 30.05 -33.61
CA ALA B 608 14.73 31.17 -33.64
C ALA B 608 15.22 32.28 -34.57
N GLU B 609 16.52 32.54 -34.59
CA GLU B 609 17.05 33.62 -35.41
C GLU B 609 17.15 33.23 -36.88
N ASP B 610 17.39 31.96 -37.18
CA ASP B 610 17.48 31.54 -38.58
C ASP B 610 16.12 31.62 -39.27
N LEU B 611 15.03 31.53 -38.51
CA LEU B 611 13.71 31.74 -39.08
C LEU B 611 13.49 33.22 -39.43
N SER B 612 14.14 34.12 -38.71
CA SER B 612 13.96 35.55 -38.92
C SER B 612 14.88 36.14 -39.98
N LYS B 613 15.98 35.45 -40.30
CA LYS B 613 16.93 35.96 -41.28
C LYS B 613 16.50 35.72 -42.72
N GLN B 614 15.32 35.16 -42.95
CA GLN B 614 14.79 34.96 -44.29
C GLN B 614 13.31 35.32 -44.30
N THR B 615 12.85 35.85 -45.43
CA THR B 615 11.45 36.22 -45.60
C THR B 615 10.71 35.29 -46.56
N GLU B 616 11.37 34.23 -47.03
CA GLU B 616 10.69 33.23 -47.85
C GLU B 616 9.57 32.56 -47.07
N ILE B 617 9.84 32.18 -45.82
CA ILE B 617 8.86 31.55 -44.94
C ILE B 617 8.42 32.58 -43.91
N ALA B 618 7.11 32.76 -43.78
CA ALA B 618 6.56 33.73 -42.84
C ALA B 618 6.28 33.09 -41.49
N TYR B 619 5.92 33.91 -40.52
CA TYR B 619 5.64 33.44 -39.17
C TYR B 619 4.84 34.50 -38.42
N GLY B 620 4.21 34.07 -37.34
CA GLY B 620 3.39 34.96 -36.54
C GLY B 620 2.93 34.27 -35.28
N THR B 621 2.28 35.05 -34.42
CA THR B 621 1.74 34.58 -33.15
C THR B 621 0.24 34.85 -33.09
N LEU B 622 -0.36 34.51 -31.95
CA LEU B 622 -1.78 34.81 -31.74
C LEU B 622 -1.97 36.31 -31.55
N ASP B 623 -3.16 36.79 -31.93
CA ASP B 623 -3.40 38.23 -31.94
C ASP B 623 -3.48 38.84 -30.54
N SER B 624 -3.72 38.01 -29.51
CA SER B 624 -3.82 38.54 -28.15
C SER B 624 -3.46 37.42 -27.18
N GLY B 625 -2.32 37.54 -26.51
CA GLY B 625 -1.89 36.54 -25.57
C GLY B 625 -0.48 36.81 -25.11
N SER B 626 -0.05 36.03 -24.12
CA SER B 626 1.29 36.19 -23.57
C SER B 626 2.36 35.95 -24.62
N THR B 627 2.04 35.18 -25.65
CA THR B 627 3.01 34.93 -26.72
C THR B 627 3.28 36.21 -27.50
N LYS B 628 2.23 36.91 -27.91
CA LYS B 628 2.41 38.14 -28.66
C LYS B 628 3.03 39.23 -27.78
N GLU B 629 2.52 39.38 -26.55
CA GLU B 629 3.04 40.41 -25.66
C GLU B 629 4.51 40.19 -25.32
N PHE B 630 4.98 38.94 -25.39
CA PHE B 630 6.38 38.67 -25.10
C PHE B 630 7.29 39.35 -26.12
N PHE B 631 6.93 39.29 -27.40
CA PHE B 631 7.76 39.89 -28.42
C PHE B 631 7.68 41.42 -28.37
N ARG B 632 6.57 41.97 -27.90
CA ARG B 632 6.45 43.42 -27.80
C ARG B 632 7.47 43.99 -26.82
N ARG B 633 7.35 43.62 -25.55
CA ARG B 633 8.27 44.09 -24.51
C ARG B 633 9.50 43.20 -24.37
N SER B 634 9.88 42.50 -25.44
CA SER B 634 11.03 41.59 -25.36
C SER B 634 12.32 42.37 -25.09
N LYS B 635 12.54 43.44 -25.85
CA LYS B 635 13.73 44.26 -25.75
C LYS B 635 15.01 43.45 -25.97
N ILE B 636 14.90 42.33 -26.69
CA ILE B 636 16.04 41.50 -27.05
C ILE B 636 16.19 41.55 -28.56
N ALA B 637 17.44 41.66 -29.02
CA ALA B 637 17.72 41.98 -30.42
C ALA B 637 17.09 40.95 -31.36
N VAL B 638 17.39 39.67 -31.16
CA VAL B 638 16.90 38.63 -32.06
C VAL B 638 15.38 38.61 -32.09
N PHE B 639 14.75 38.70 -30.91
CA PHE B 639 13.30 38.71 -30.86
C PHE B 639 12.72 40.03 -31.35
N ASP B 640 13.43 41.14 -31.13
CA ASP B 640 12.95 42.43 -31.62
C ASP B 640 12.90 42.46 -33.14
N LYS B 641 13.84 41.76 -33.80
CA LYS B 641 13.77 41.62 -35.25
C LYS B 641 12.51 40.86 -35.66
N MET B 642 12.04 39.94 -34.81
CA MET B 642 10.83 39.20 -35.11
C MET B 642 9.58 40.04 -34.89
N TRP B 643 9.56 40.84 -33.82
CA TRP B 643 8.37 41.65 -33.53
C TRP B 643 8.19 42.76 -34.55
N THR B 644 9.29 43.41 -34.96
CA THR B 644 9.18 44.46 -35.97
C THR B 644 8.69 43.90 -37.30
N TYR B 645 9.01 42.63 -37.59
CA TYR B 645 8.50 42.00 -38.80
C TYR B 645 7.01 41.74 -38.70
N MET B 646 6.57 41.10 -37.60
CA MET B 646 5.17 40.73 -37.45
C MET B 646 4.27 41.96 -37.32
N ARG B 647 4.82 43.07 -36.80
CA ARG B 647 4.02 44.27 -36.64
C ARG B 647 3.79 44.99 -37.97
N SER B 648 4.64 44.76 -38.96
CA SER B 648 4.56 45.47 -40.24
C SER B 648 4.48 44.52 -41.43
N ALA B 649 4.02 43.29 -41.23
CA ALA B 649 3.94 42.32 -42.31
C ALA B 649 2.56 42.33 -42.94
N GLU B 650 2.51 42.37 -44.27
CA GLU B 650 1.25 42.29 -45.00
C GLU B 650 1.28 41.08 -45.93
N PRO B 651 0.19 40.28 -45.94
CA PRO B 651 -1.04 40.48 -45.18
C PRO B 651 -0.94 40.14 -43.69
N SER B 652 -2.08 40.10 -43.01
CA SER B 652 -2.10 39.90 -41.57
C SER B 652 -1.52 38.55 -41.20
N VAL B 653 -0.54 38.56 -40.28
CA VAL B 653 0.10 37.34 -39.81
C VAL B 653 -0.47 36.85 -38.49
N PHE B 654 -1.42 37.57 -37.90
CA PHE B 654 -2.02 37.20 -36.63
C PHE B 654 -3.36 36.51 -36.86
N VAL B 655 -3.65 35.49 -36.08
CA VAL B 655 -4.85 34.69 -36.22
C VAL B 655 -5.79 34.98 -35.06
N ARG B 656 -7.04 34.56 -35.21
CA ARG B 656 -8.07 34.84 -34.20
C ARG B 656 -7.88 33.97 -32.98
N THR B 657 -7.94 32.65 -33.15
CA THR B 657 -7.80 31.70 -32.07
C THR B 657 -6.62 30.78 -32.33
N THR B 658 -6.37 29.87 -31.39
CA THR B 658 -5.26 28.92 -31.53
C THR B 658 -5.56 27.87 -32.60
N ALA B 659 -6.83 27.48 -32.73
CA ALA B 659 -7.20 26.46 -33.71
C ALA B 659 -7.02 26.98 -35.14
N GLU B 660 -7.13 28.30 -35.35
CA GLU B 660 -6.87 28.85 -36.68
C GLU B 660 -5.38 28.90 -36.98
N GLY B 661 -4.56 29.18 -35.97
CA GLY B 661 -3.12 29.24 -36.20
C GLY B 661 -2.54 27.89 -36.58
N VAL B 662 -3.06 26.82 -35.97
CA VAL B 662 -2.61 25.48 -36.35
C VAL B 662 -3.12 25.13 -37.74
N ALA B 663 -4.36 25.50 -38.05
CA ALA B 663 -4.92 25.20 -39.36
C ALA B 663 -4.24 26.01 -40.45
N ARG B 664 -3.73 27.20 -40.13
CA ARG B 664 -3.06 28.01 -41.14
C ARG B 664 -1.74 27.40 -41.58
N VAL B 665 -1.05 26.70 -40.67
CA VAL B 665 0.19 26.05 -41.04
C VAL B 665 -0.08 24.89 -42.01
N ARG B 666 -1.19 24.19 -41.80
CA ARG B 666 -1.55 23.03 -42.63
C ARG B 666 -2.05 23.41 -44.02
N LYS B 667 -1.92 24.67 -44.46
CA LYS B 667 -2.39 25.06 -45.78
C LYS B 667 -1.37 25.89 -46.56
N SER B 668 -0.23 26.24 -45.96
CA SER B 668 0.76 27.07 -46.62
C SER B 668 1.78 26.27 -47.42
N LYS B 669 1.63 24.95 -47.48
CA LYS B 669 2.56 24.06 -48.18
C LYS B 669 4.01 24.22 -47.69
N GLY B 670 4.18 24.72 -46.48
CA GLY B 670 5.50 24.89 -45.89
C GLY B 670 6.09 26.27 -45.99
N LYS B 671 5.27 27.32 -46.00
CA LYS B 671 5.75 28.69 -46.12
C LYS B 671 5.19 29.58 -45.02
N TYR B 672 4.83 28.99 -43.88
CA TYR B 672 4.28 29.77 -42.77
C TYR B 672 4.55 29.03 -41.47
N ALA B 673 4.84 29.80 -40.41
CA ALA B 673 5.12 29.25 -39.10
C ALA B 673 4.20 29.90 -38.07
N TYR B 674 4.15 29.29 -36.89
CA TYR B 674 3.33 29.78 -35.79
C TYR B 674 4.08 29.59 -34.48
N LEU B 675 3.96 30.58 -33.60
CA LEU B 675 4.67 30.59 -32.33
C LEU B 675 3.67 30.47 -31.18
N LEU B 676 3.89 29.48 -30.31
CA LEU B 676 2.99 29.25 -29.19
C LEU B 676 3.77 28.57 -28.07
N GLU B 677 3.06 28.28 -26.99
CA GLU B 677 3.65 27.62 -25.83
C GLU B 677 4.12 26.21 -26.21
N SER B 678 5.12 25.72 -25.48
CA SER B 678 5.75 24.45 -25.83
C SER B 678 4.83 23.27 -25.53
N THR B 679 4.07 23.34 -24.44
CA THR B 679 3.19 22.23 -24.08
C THR B 679 2.11 22.02 -25.13
N MET B 680 1.45 23.11 -25.54
CA MET B 680 0.45 23.00 -26.60
C MET B 680 1.10 22.63 -27.93
N ASN B 681 2.35 23.03 -28.13
CA ASN B 681 3.04 22.66 -29.38
C ASN B 681 3.38 21.19 -29.40
N GLU B 682 3.84 20.64 -28.26
CA GLU B 682 4.19 19.22 -28.20
C GLU B 682 2.96 18.34 -28.32
N TYR B 683 1.78 18.84 -27.93
CA TYR B 683 0.57 18.03 -27.99
C TYR B 683 0.04 17.92 -29.41
N ILE B 684 0.04 19.02 -30.16
CA ILE B 684 -0.37 18.97 -31.56
C ILE B 684 0.55 18.08 -32.37
N GLU B 685 1.79 17.88 -31.91
CA GLU B 685 2.73 17.04 -32.62
C GLU B 685 2.29 15.59 -32.63
N GLN B 686 1.59 15.14 -31.59
CA GLN B 686 1.26 13.73 -31.41
C GLN B 686 -0.16 13.38 -31.84
N ARG B 687 -0.85 14.28 -32.53
CA ARG B 687 -2.20 14.02 -33.01
C ARG B 687 -2.22 13.98 -34.54
N LYS B 688 -2.97 13.03 -35.09
CA LYS B 688 -3.06 12.86 -36.53
C LYS B 688 -3.62 14.10 -37.22
N PRO B 689 -3.27 14.32 -38.49
CA PRO B 689 -2.46 13.48 -39.38
C PRO B 689 -0.95 13.61 -39.20
N CYS B 690 -0.52 14.11 -38.04
CA CYS B 690 0.90 14.21 -37.68
C CYS B 690 1.66 15.02 -38.74
N ASP B 691 1.40 16.33 -38.72
CA ASP B 691 2.01 17.25 -39.69
C ASP B 691 2.62 18.48 -39.04
N THR B 692 2.71 18.53 -37.72
CA THR B 692 3.30 19.66 -37.01
C THR B 692 4.46 19.17 -36.16
N MET B 693 5.46 20.03 -35.99
CA MET B 693 6.68 19.64 -35.29
C MET B 693 7.22 20.81 -34.48
N LYS B 694 7.66 20.50 -33.26
CA LYS B 694 8.35 21.48 -32.42
C LYS B 694 9.82 21.54 -32.82
N VAL B 695 10.30 22.75 -33.13
CA VAL B 695 11.67 22.97 -33.54
C VAL B 695 12.34 23.94 -32.58
N GLY B 696 13.57 23.65 -32.21
CA GLY B 696 14.33 24.50 -31.32
C GLY B 696 13.82 24.48 -29.89
N GLY B 697 14.59 25.08 -28.97
CA GLY B 697 14.20 25.16 -27.58
C GLY B 697 13.15 26.22 -27.34
N ASN B 698 12.70 26.28 -26.10
CA ASN B 698 11.73 27.28 -25.70
C ASN B 698 12.38 28.67 -25.69
N LEU B 699 11.61 29.67 -26.10
CA LEU B 699 12.14 31.03 -26.17
C LEU B 699 12.25 31.69 -24.81
N ASP B 700 11.43 31.27 -23.85
CA ASP B 700 11.43 31.86 -22.51
C ASP B 700 11.32 30.75 -21.47
N SER B 701 11.18 31.15 -20.21
CA SER B 701 11.09 30.22 -19.08
C SER B 701 9.87 30.58 -18.24
N LYS B 702 8.74 29.93 -18.54
CA LYS B 702 7.52 30.08 -17.78
C LYS B 702 7.07 28.72 -17.26
N GLY B 703 6.04 28.72 -16.43
CA GLY B 703 5.55 27.50 -15.83
C GLY B 703 4.07 27.56 -15.55
N TYR B 704 3.44 26.39 -15.58
CA TYR B 704 2.05 26.23 -15.16
C TYR B 704 1.99 25.98 -13.65
N GLY B 705 0.87 26.38 -13.05
CA GLY B 705 0.75 26.32 -11.60
C GLY B 705 -0.66 26.01 -11.14
N ILE B 706 -0.79 25.82 -9.82
CA ILE B 706 -2.05 25.51 -9.17
C ILE B 706 -2.48 26.72 -8.34
N ALA B 707 -3.74 27.10 -8.46
CA ALA B 707 -4.25 28.34 -7.91
C ALA B 707 -5.09 28.09 -6.66
N THR B 708 -4.73 28.78 -5.58
CA THR B 708 -5.45 28.74 -4.31
C THR B 708 -5.78 30.16 -3.87
N PRO B 709 -6.97 30.39 -3.32
CA PRO B 709 -7.27 31.71 -2.73
C PRO B 709 -6.28 32.07 -1.63
N LYS B 710 -5.97 33.35 -1.53
CA LYS B 710 -4.98 33.81 -0.57
C LYS B 710 -5.48 33.61 0.85
N GLY B 711 -4.59 33.13 1.72
CA GLY B 711 -4.93 32.83 3.08
C GLY B 711 -5.70 31.54 3.28
N SER B 712 -6.00 30.80 2.22
CA SER B 712 -6.78 29.59 2.36
C SER B 712 -5.92 28.46 2.94
N SER B 713 -6.61 27.47 3.50
CA SER B 713 -5.91 26.34 4.11
C SER B 713 -5.22 25.47 3.06
N LEU B 714 -5.82 25.35 1.86
CA LEU B 714 -5.25 24.49 0.84
C LEU B 714 -3.90 24.97 0.34
N GLY B 715 -3.60 26.25 0.51
CA GLY B 715 -2.43 26.87 -0.09
C GLY B 715 -1.10 26.18 0.16
N THR B 716 -0.74 25.99 1.42
CA THR B 716 0.56 25.43 1.77
C THR B 716 0.69 23.95 1.42
N PRO B 717 -0.30 23.09 1.71
CA PRO B 717 -0.12 21.67 1.37
C PRO B 717 0.00 21.41 -0.12
N VAL B 718 -0.86 22.01 -0.94
CA VAL B 718 -0.84 21.73 -2.37
C VAL B 718 0.52 22.08 -2.96
N ASN B 719 1.14 23.16 -2.48
CA ASN B 719 2.48 23.52 -2.95
C ASN B 719 3.48 22.42 -2.61
N LEU B 720 3.52 22.02 -1.34
CA LEU B 720 4.43 20.96 -0.93
C LEU B 720 4.08 19.63 -1.59
N ALA B 721 2.81 19.43 -1.95
CA ALA B 721 2.44 18.21 -2.66
C ALA B 721 3.00 18.19 -4.08
N VAL B 722 3.09 19.35 -4.72
CA VAL B 722 3.55 19.41 -6.11
C VAL B 722 5.01 18.97 -6.21
N LEU B 723 5.85 19.42 -5.26
CA LEU B 723 7.25 19.04 -5.30
C LEU B 723 7.43 17.53 -5.16
N LYS B 724 6.56 16.89 -4.37
CA LYS B 724 6.69 15.44 -4.16
C LYS B 724 6.39 14.67 -5.44
N LEU B 725 5.40 15.13 -6.21
CA LEU B 725 5.02 14.39 -7.42
C LEU B 725 6.12 14.56 -8.46
N SER B 726 6.76 15.73 -8.50
CA SER B 726 7.81 15.95 -9.48
C SER B 726 9.03 15.07 -9.19
N GLU B 727 9.42 14.98 -7.92
CA GLU B 727 10.56 14.15 -7.56
C GLU B 727 10.29 12.65 -7.52
N GLN B 728 9.02 12.24 -7.55
CA GLN B 728 8.66 10.83 -7.66
C GLN B 728 8.47 10.38 -9.10
N GLY B 729 8.74 11.25 -10.08
CA GLY B 729 8.54 10.93 -11.47
C GLY B 729 7.09 10.80 -11.91
N VAL B 730 6.13 11.09 -11.03
CA VAL B 730 4.73 10.99 -11.40
C VAL B 730 4.38 12.01 -12.47
N LEU B 731 4.78 13.27 -12.27
CA LEU B 731 4.49 14.31 -13.25
C LEU B 731 5.15 14.01 -14.59
N ASP B 732 6.39 13.50 -14.56
CA ASP B 732 7.02 13.09 -15.80
C ASP B 732 6.33 11.86 -16.40
N LYS B 733 5.73 11.01 -15.58
CA LYS B 733 4.96 9.89 -16.09
C LYS B 733 3.62 10.37 -16.64
N LEU B 734 2.95 11.28 -15.92
CA LEU B 734 1.65 11.77 -16.36
C LEU B 734 1.76 12.50 -17.69
N LYS B 735 2.78 13.35 -17.85
CA LYS B 735 3.00 14.02 -19.12
C LYS B 735 3.31 13.01 -20.21
N ASN B 736 4.17 12.03 -19.91
CA ASN B 736 4.48 11.00 -20.88
C ASN B 736 3.26 10.14 -21.20
N LYS B 737 2.36 9.96 -20.23
CA LYS B 737 1.22 9.09 -20.46
C LYS B 737 0.10 9.79 -21.23
N TRP B 738 -0.02 11.11 -21.08
CA TRP B 738 -1.09 11.84 -21.77
C TRP B 738 -0.62 12.61 -22.99
N TRP B 739 0.67 12.89 -23.11
CA TRP B 739 1.20 13.48 -24.33
C TRP B 739 1.70 12.44 -25.33
N TYR B 740 2.36 11.39 -24.83
CA TYR B 740 3.04 10.43 -25.68
C TYR B 740 2.41 9.04 -25.69
N ASP B 741 2.12 8.47 -24.52
CA ASP B 741 1.48 7.15 -24.48
C ASP B 741 0.11 7.20 -25.15
N LYS B 742 -0.75 8.12 -24.72
CA LYS B 742 -2.05 8.31 -25.35
C LYS B 742 -1.93 8.85 -26.78
N GLY B 743 -0.76 9.29 -27.20
CA GLY B 743 -0.61 9.87 -28.51
C GLY B 743 -0.82 8.86 -29.62
N GLU B 744 -1.42 9.33 -30.71
CA GLU B 744 -1.67 8.47 -31.86
C GLU B 744 -0.40 8.26 -32.69
N CYS B 745 0.26 9.35 -33.06
CA CYS B 745 1.59 9.26 -33.68
C CYS B 745 2.58 9.07 -32.55
N GLY B 746 2.87 7.81 -32.23
CA GLY B 746 3.67 7.51 -31.06
C GLY B 746 5.08 8.06 -31.16
N ALA B 747 5.78 8.05 -30.01
CA ALA B 747 7.16 8.50 -29.98
C ALA B 747 8.09 7.60 -30.78
N LYS B 748 7.64 6.39 -31.13
CA LYS B 748 8.37 5.52 -32.04
C LYS B 748 7.83 5.57 -33.46
N ASP B 749 6.71 6.26 -33.69
CA ASP B 749 6.20 6.43 -35.05
C ASP B 749 7.14 7.30 -35.88
N SER B 750 7.85 8.22 -35.24
CA SER B 750 8.90 8.99 -35.90
C SER B 750 10.26 8.33 -35.78
N GLY B 751 10.29 7.21 -35.07
CA GLY B 751 11.47 6.40 -34.91
C GLY B 751 11.59 5.34 -35.98
N SER B 752 11.92 5.77 -37.19
CA SER B 752 12.19 4.81 -38.25
C SER B 752 11.04 3.82 -38.44
N LYS B 753 9.81 4.32 -38.44
CA LYS B 753 8.67 3.43 -38.50
C LYS B 753 8.59 2.59 -39.77
N GLU B 754 8.87 3.18 -40.93
CA GLU B 754 8.76 2.43 -42.18
C GLU B 754 9.56 2.98 -43.37
N LYS B 755 9.78 2.13 -44.37
CA LYS B 755 10.45 2.53 -45.59
C LYS B 755 9.68 2.08 -46.83
N THR B 756 9.65 2.92 -47.85
CA THR B 756 8.92 2.62 -49.07
C THR B 756 9.62 3.32 -50.21
N SER B 757 9.51 2.78 -51.42
CA SER B 757 10.19 3.41 -52.53
C SER B 757 9.34 3.07 -53.74
N ALA B 758 9.72 3.62 -54.87
CA ALA B 758 9.01 3.39 -56.12
C ALA B 758 9.81 4.15 -57.16
N LEU B 759 9.15 5.04 -57.90
CA LEU B 759 9.81 5.73 -58.99
C LEU B 759 8.94 6.88 -59.47
N SER B 760 9.50 8.08 -59.57
CA SER B 760 8.76 9.22 -60.08
C SER B 760 9.41 9.74 -61.36
N LEU B 761 8.58 10.29 -62.24
CA LEU B 761 9.06 10.93 -63.46
C LEU B 761 9.32 12.43 -63.28
N SER B 762 8.84 13.02 -62.19
CA SER B 762 8.95 14.46 -61.99
C SER B 762 10.40 14.94 -61.97
N ASN B 763 11.35 14.05 -61.69
CA ASN B 763 12.76 14.42 -61.67
C ASN B 763 13.49 14.12 -62.97
N VAL B 764 13.05 13.10 -63.72
CA VAL B 764 13.71 12.73 -64.97
C VAL B 764 13.56 13.80 -66.05
N ALA B 765 12.73 14.82 -65.81
CA ALA B 765 12.52 15.86 -66.82
C ALA B 765 13.77 16.69 -67.06
N GLY B 766 14.60 16.89 -66.02
CA GLY B 766 15.81 17.68 -66.18
C GLY B 766 16.79 17.12 -67.19
N VAL B 767 16.73 15.81 -67.45
CA VAL B 767 17.62 15.22 -68.44
C VAL B 767 17.03 15.31 -69.84
N PHE B 768 15.71 15.22 -69.97
CA PHE B 768 15.08 15.25 -71.29
C PHE B 768 15.18 16.62 -71.93
N TYR B 769 15.00 17.68 -71.13
CA TYR B 769 14.95 19.02 -71.70
C TYR B 769 16.32 19.54 -72.10
N ILE B 770 17.40 18.95 -71.58
CA ILE B 770 18.74 19.35 -72.00
C ILE B 770 19.16 18.69 -73.30
N LEU B 771 18.43 17.67 -73.75
CA LEU B 771 18.69 17.06 -75.06
C LEU B 771 17.81 17.66 -76.14
N VAL B 772 16.57 18.00 -75.82
CA VAL B 772 15.71 18.67 -76.79
C VAL B 772 16.23 20.07 -77.09
N GLY B 773 16.73 20.76 -76.07
CA GLY B 773 17.48 21.97 -76.32
C GLY B 773 18.73 21.69 -77.13
N GLY B 774 19.37 20.54 -76.89
CA GLY B 774 20.46 20.12 -77.74
C GLY B 774 20.00 19.70 -79.13
N LEU B 775 18.81 19.09 -79.22
CA LEU B 775 18.23 18.83 -80.53
C LEU B 775 17.77 20.12 -81.19
N GLY B 776 17.25 21.06 -80.40
CA GLY B 776 16.92 22.38 -80.92
C GLY B 776 18.13 23.22 -81.25
N LEU B 777 19.27 22.95 -80.61
CA LEU B 777 20.52 23.63 -80.94
C LEU B 777 21.26 22.94 -82.08
N ALA B 778 21.26 21.61 -82.11
CA ALA B 778 21.87 20.90 -83.23
C ALA B 778 21.16 21.22 -84.54
N MET B 779 19.83 21.33 -84.51
CA MET B 779 19.09 21.78 -85.68
C MET B 779 19.19 23.29 -85.89
N LEU B 780 19.59 24.03 -84.86
CA LEU B 780 19.92 25.44 -85.04
C LEU B 780 21.29 25.63 -85.68
N VAL B 781 22.14 24.61 -85.64
CA VAL B 781 23.45 24.67 -86.24
C VAL B 781 23.55 23.82 -87.51
N ALA B 782 22.82 22.71 -87.60
CA ALA B 782 22.86 21.88 -88.81
C ALA B 782 22.28 22.60 -90.02
N LEU B 783 21.42 23.60 -89.81
CA LEU B 783 20.85 24.34 -90.93
C LEU B 783 21.84 25.33 -91.52
N ILE B 784 22.82 25.80 -90.72
CA ILE B 784 23.83 26.72 -91.25
C ILE B 784 24.98 26.00 -91.92
N GLU B 785 25.06 24.67 -91.81
CA GLU B 785 26.08 23.90 -92.50
C GLU B 785 25.63 23.42 -93.88
N PHE B 786 24.33 23.47 -94.16
CA PHE B 786 23.81 23.13 -95.48
C PHE B 786 23.73 24.33 -96.42
N CYS B 787 24.14 25.51 -95.95
CA CYS B 787 24.13 26.73 -96.75
C CYS B 787 25.52 27.28 -97.04
N TYR B 788 26.43 27.22 -96.07
CA TYR B 788 27.79 27.72 -96.27
C TYR B 788 28.63 26.73 -97.07
N ASN C 1 -5.08 60.32 65.62
CA ASN C 1 -5.37 59.40 64.54
C ASN C 1 -4.11 58.71 64.04
N SER C 2 -3.56 57.83 64.87
CA SER C 2 -2.38 57.06 64.51
C SER C 2 -2.79 55.67 64.06
N ILE C 3 -2.33 55.28 62.87
CA ILE C 3 -2.69 54.01 62.25
C ILE C 3 -1.40 53.22 62.10
N GLN C 4 -1.13 52.34 63.06
CA GLN C 4 0.11 51.57 63.04
C GLN C 4 0.01 50.43 62.03
N ILE C 5 0.99 50.36 61.13
CA ILE C 5 1.07 49.30 60.14
C ILE C 5 2.39 48.56 60.34
N GLY C 6 2.50 47.40 59.68
CA GLY C 6 3.67 46.56 59.79
C GLY C 6 4.55 46.69 58.56
N GLY C 7 5.86 46.84 58.81
CA GLY C 7 6.83 46.95 57.73
C GLY C 7 7.90 45.89 57.79
N LEU C 8 7.98 45.08 56.74
CA LEU C 8 8.98 44.01 56.64
C LEU C 8 9.78 44.22 55.36
N PHE C 9 11.10 44.40 55.51
CA PHE C 9 11.98 44.66 54.39
C PHE C 9 13.22 43.78 54.51
N PRO C 10 13.62 43.10 53.44
CA PRO C 10 14.88 42.33 53.50
C PRO C 10 16.08 43.26 53.54
N ARG C 11 17.07 42.89 54.36
CA ARG C 11 18.30 43.66 54.39
C ARG C 11 19.01 43.58 53.04
N GLY C 12 19.48 44.72 52.56
CA GLY C 12 19.98 44.84 51.21
C GLY C 12 18.97 45.39 50.22
N ALA C 13 17.70 45.44 50.60
CA ALA C 13 16.66 46.08 49.78
C ALA C 13 16.55 47.56 50.17
N ASP C 14 17.67 48.27 49.95
CA ASP C 14 17.75 49.67 50.33
C ASP C 14 16.80 50.53 49.51
N GLN C 15 16.81 50.35 48.18
CA GLN C 15 15.92 51.12 47.33
C GLN C 15 14.45 50.81 47.58
N GLU C 16 14.15 49.55 47.91
CA GLU C 16 12.76 49.17 48.15
C GLU C 16 12.19 49.85 49.40
N TYR C 17 13.02 50.06 50.43
CA TYR C 17 12.54 50.76 51.61
C TYR C 17 12.53 52.27 51.41
N SER C 18 13.43 52.80 50.59
CA SER C 18 13.48 54.24 50.37
C SER C 18 12.20 54.75 49.72
N ALA C 19 11.63 53.95 48.81
CA ALA C 19 10.38 54.34 48.17
C ALA C 19 9.20 54.26 49.15
N PHE C 20 9.31 53.41 50.17
CA PHE C 20 8.24 53.29 51.15
C PHE C 20 8.09 54.58 51.95
N ARG C 21 9.20 55.25 52.25
CA ARG C 21 9.14 56.52 52.96
C ARG C 21 8.67 57.66 52.06
N VAL C 22 8.95 57.58 50.76
CA VAL C 22 8.48 58.60 49.83
C VAL C 22 6.97 58.63 49.79
N GLY C 23 6.34 57.44 49.75
CA GLY C 23 4.89 57.38 49.81
C GLY C 23 4.33 57.83 51.14
N MET C 24 5.10 57.65 52.22
CA MET C 24 4.67 58.17 53.52
C MET C 24 4.62 59.68 53.54
N VAL C 25 5.43 60.34 52.71
CA VAL C 25 5.49 61.80 52.69
C VAL C 25 4.49 62.37 51.70
N GLN C 26 4.47 61.85 50.47
CA GLN C 26 3.59 62.42 49.44
C GLN C 26 2.13 62.18 49.77
N PHE C 27 1.79 61.04 50.36
CA PHE C 27 0.41 60.73 50.70
C PHE C 27 0.16 60.85 52.20
N SER C 28 0.63 61.95 52.79
CA SER C 28 0.46 62.21 54.22
C SER C 28 -0.63 63.25 54.42
N THR C 29 -1.67 62.89 55.16
CA THR C 29 -2.82 63.75 55.40
C THR C 29 -2.91 64.09 56.89
N SER C 30 -3.68 65.12 57.19
CA SER C 30 -3.94 65.52 58.57
C SER C 30 -5.10 64.77 59.20
N GLU C 31 -5.93 64.11 58.40
CA GLU C 31 -6.98 63.26 58.93
C GLU C 31 -6.39 62.14 59.78
N PHE C 32 -5.36 61.47 59.26
CA PHE C 32 -4.73 60.35 59.93
C PHE C 32 -3.29 60.25 59.45
N ARG C 33 -2.48 59.54 60.23
CA ARG C 33 -1.07 59.33 59.90
C ARG C 33 -0.71 57.88 60.20
N LEU C 34 -0.06 57.24 59.23
CA LEU C 34 0.31 55.83 59.38
C LEU C 34 1.61 55.70 60.17
N THR C 35 1.70 54.65 60.99
CA THR C 35 2.84 54.41 61.86
C THR C 35 3.52 53.10 61.45
N PRO C 36 4.44 53.13 60.50
CA PRO C 36 5.12 51.90 60.07
C PRO C 36 6.13 51.53 61.14
N HIS C 37 6.10 50.26 61.55
CA HIS C 37 7.07 49.71 62.49
C HIS C 37 7.89 48.71 61.66
N ILE C 38 9.13 49.05 61.38
CA ILE C 38 9.97 48.31 60.45
C ILE C 38 10.69 47.20 61.21
N ASP C 39 10.98 46.10 60.52
CA ASP C 39 11.70 44.95 61.08
C ASP C 39 12.58 44.37 59.98
N ASN C 40 13.80 44.86 59.88
CA ASN C 40 14.75 44.33 58.90
C ASN C 40 15.06 42.87 59.22
N LEU C 41 14.72 41.98 58.29
CA LEU C 41 14.87 40.54 58.51
C LEU C 41 15.26 39.87 57.20
N GLU C 42 15.84 38.68 57.33
CA GLU C 42 16.11 37.85 56.16
C GLU C 42 14.81 37.28 55.61
N VAL C 43 14.66 37.34 54.29
CA VAL C 43 13.40 36.98 53.66
C VAL C 43 13.28 35.47 53.38
N ALA C 44 14.40 34.76 53.28
CA ALA C 44 14.39 33.34 52.93
C ALA C 44 14.36 32.42 54.14
N ASN C 45 14.05 32.94 55.33
CA ASN C 45 13.96 32.14 56.54
C ASN C 45 12.53 32.20 57.06
N SER C 46 11.93 31.03 57.26
CA SER C 46 10.54 30.96 57.68
C SER C 46 10.36 31.24 59.16
N PHE C 47 11.33 30.86 59.99
CA PHE C 47 11.22 31.12 61.42
C PHE C 47 11.34 32.61 61.74
N ALA C 48 12.18 33.34 60.98
CA ALA C 48 12.32 34.77 61.21
C ALA C 48 11.04 35.52 60.82
N VAL C 49 10.44 35.15 59.70
CA VAL C 49 9.19 35.78 59.29
C VAL C 49 8.07 35.45 60.28
N THR C 50 7.98 34.18 60.68
CA THR C 50 6.95 33.77 61.63
C THR C 50 7.09 34.53 62.95
N ASN C 51 8.33 34.81 63.35
CA ASN C 51 8.54 35.61 64.56
C ASN C 51 8.29 37.09 64.30
N ALA C 52 8.72 37.59 63.14
CA ALA C 52 8.51 38.99 62.81
C ALA C 52 7.05 39.31 62.55
N PHE C 53 6.23 38.31 62.21
CA PHE C 53 4.80 38.53 62.06
C PHE C 53 4.11 38.59 63.42
N CYS C 54 4.46 37.67 64.32
CA CYS C 54 3.94 37.74 65.68
C CYS C 54 4.46 38.96 66.41
N SER C 55 5.62 39.49 65.99
CA SER C 55 6.13 40.73 66.57
C SER C 55 5.20 41.89 66.25
N GLN C 56 4.82 42.04 64.98
CA GLN C 56 3.85 43.07 64.61
C GLN C 56 2.48 42.77 65.18
N PHE C 57 2.13 41.48 65.30
CA PHE C 57 0.79 41.11 65.72
C PHE C 57 0.52 41.48 67.18
N SER C 58 1.49 41.19 68.06
CA SER C 58 1.33 41.53 69.47
C SER C 58 1.46 43.03 69.73
N ARG C 59 1.86 43.82 68.74
CA ARG C 59 2.01 45.26 68.90
C ARG C 59 0.84 46.04 68.32
N GLY C 60 -0.19 45.36 67.81
CA GLY C 60 -1.40 46.03 67.36
C GLY C 60 -1.26 46.80 66.06
N VAL C 61 -1.15 46.08 64.95
CA VAL C 61 -1.08 46.70 63.63
C VAL C 61 -2.38 46.40 62.89
N TYR C 62 -2.72 47.29 61.96
CA TYR C 62 -3.94 47.15 61.18
C TYR C 62 -3.70 46.56 59.78
N ALA C 63 -2.48 46.67 59.26
CA ALA C 63 -2.11 46.07 57.99
C ALA C 63 -0.59 45.92 57.98
N ILE C 64 -0.10 45.08 57.07
CA ILE C 64 1.33 44.80 56.97
C ILE C 64 1.74 44.87 55.51
N PHE C 65 2.88 45.50 55.25
CA PHE C 65 3.46 45.60 53.92
C PHE C 65 4.84 44.97 53.94
N GLY C 66 5.04 43.95 53.11
CA GLY C 66 6.32 43.27 53.09
C GLY C 66 6.54 42.47 51.82
N PHE C 67 7.55 41.61 51.86
CA PHE C 67 7.97 40.78 50.74
C PHE C 67 8.01 39.32 51.21
N TYR C 68 8.28 38.41 50.28
CA TYR C 68 8.41 36.99 50.62
C TYR C 68 9.18 36.30 49.49
N ASP C 69 9.30 34.98 49.58
CA ASP C 69 10.06 34.18 48.63
C ASP C 69 9.32 32.86 48.40
N LYS C 70 9.93 32.00 47.57
CA LYS C 70 9.31 30.71 47.25
C LYS C 70 9.06 29.89 48.51
N LYS C 71 10.04 29.85 49.41
CA LYS C 71 9.90 29.06 50.64
C LYS C 71 9.00 29.73 51.66
N SER C 72 8.85 31.04 51.61
CA SER C 72 8.18 31.80 52.66
C SER C 72 6.78 32.25 52.31
N VAL C 73 6.36 32.14 51.05
CA VAL C 73 5.05 32.64 50.66
C VAL C 73 3.94 31.83 51.33
N ASN C 74 4.15 30.53 51.50
CA ASN C 74 3.14 29.68 52.13
C ASN C 74 2.88 30.11 53.57
N THR C 75 3.89 30.66 54.23
CA THR C 75 3.72 31.06 55.63
C THR C 75 2.84 32.30 55.74
N ILE C 76 3.05 33.29 54.89
CA ILE C 76 2.28 34.53 54.98
C ILE C 76 0.81 34.28 54.65
N THR C 77 0.55 33.52 53.58
CA THR C 77 -0.84 33.30 53.18
C THR C 77 -1.61 32.52 54.24
N SER C 78 -0.96 31.58 54.91
CA SER C 78 -1.65 30.79 55.93
C SER C 78 -1.90 31.59 57.19
N PHE C 79 -0.94 32.40 57.61
CA PHE C 79 -1.11 33.20 58.82
C PHE C 79 -2.08 34.37 58.60
N CYS C 80 -2.07 34.96 57.41
CA CYS C 80 -3.00 36.04 57.13
C CYS C 80 -4.44 35.53 57.07
N GLY C 81 -4.67 34.42 56.37
CA GLY C 81 -6.03 33.94 56.23
C GLY C 81 -6.61 33.43 57.53
N THR C 82 -5.74 33.06 58.47
CA THR C 82 -6.23 32.55 59.76
C THR C 82 -6.52 33.70 60.72
N LEU C 83 -5.70 34.75 60.69
CA LEU C 83 -5.81 35.85 61.64
C LEU C 83 -6.49 37.08 61.05
N HIS C 84 -7.00 36.98 59.80
CA HIS C 84 -7.76 38.06 59.17
C HIS C 84 -6.96 39.36 59.05
N VAL C 85 -5.64 39.25 58.89
CA VAL C 85 -4.77 40.42 58.74
C VAL C 85 -4.42 40.57 57.26
N SER C 86 -4.46 41.80 56.78
CA SER C 86 -4.19 42.09 55.38
C SER C 86 -2.68 42.24 55.14
N PHE C 87 -2.22 41.71 54.01
CA PHE C 87 -0.81 41.75 53.64
C PHE C 87 -0.69 42.39 52.26
N ILE C 88 0.16 43.41 52.15
CA ILE C 88 0.42 44.11 50.90
C ILE C 88 1.84 43.78 50.46
N THR C 89 2.00 43.36 49.21
CA THR C 89 3.30 42.92 48.73
C THR C 89 3.55 43.33 47.28
N PRO C 90 4.76 43.79 46.97
CA PRO C 90 5.17 43.96 45.58
C PRO C 90 5.87 42.76 44.96
N SER C 91 5.82 41.60 45.60
CA SER C 91 6.47 40.41 45.08
C SER C 91 5.58 39.70 44.06
N PHE C 92 6.03 38.55 43.58
CA PHE C 92 5.29 37.84 42.55
C PHE C 92 3.97 37.32 43.12
N PRO C 93 2.91 37.30 42.32
CA PRO C 93 1.60 36.89 42.84
C PRO C 93 1.57 35.44 43.26
N THR C 94 0.58 35.10 44.08
CA THR C 94 0.46 33.76 44.62
C THR C 94 -0.01 32.77 43.56
N ASP C 95 0.38 31.51 43.74
CA ASP C 95 0.01 30.43 42.83
C ASP C 95 -1.32 29.84 43.29
N GLY C 96 -2.40 30.54 42.96
CA GLY C 96 -3.73 30.16 43.34
C GLY C 96 -4.53 31.37 43.78
N THR C 97 -5.57 31.13 44.58
CA THR C 97 -6.43 32.18 45.11
C THR C 97 -6.38 32.12 46.63
N HIS C 98 -5.57 32.99 47.22
CA HIS C 98 -5.41 33.07 48.67
C HIS C 98 -6.00 34.36 49.20
N PRO C 99 -6.87 34.31 50.21
CA PRO C 99 -7.47 35.54 50.72
C PRO C 99 -6.48 36.35 51.54
N PHE C 100 -6.81 37.63 51.71
CA PHE C 100 -6.03 38.57 52.53
C PHE C 100 -4.60 38.73 51.99
N VAL C 101 -4.50 38.92 50.68
CA VAL C 101 -3.22 39.16 50.02
C VAL C 101 -3.42 40.27 48.99
N ILE C 102 -2.55 41.29 49.05
CA ILE C 102 -2.61 42.43 48.13
C ILE C 102 -1.34 42.39 47.30
N GLN C 103 -1.44 41.90 46.07
CA GLN C 103 -0.29 41.75 45.18
C GLN C 103 -0.25 42.94 44.22
N MET C 104 0.75 43.81 44.41
CA MET C 104 0.93 44.95 43.53
C MET C 104 1.54 44.58 42.18
N ARG C 105 2.15 43.40 42.09
CA ARG C 105 2.79 42.99 40.85
C ARG C 105 1.77 42.37 39.91
N PRO C 106 1.67 42.84 38.66
CA PRO C 106 0.75 42.23 37.71
C PRO C 106 1.22 40.86 37.26
N ASP C 107 0.26 40.04 36.84
CA ASP C 107 0.59 38.69 36.39
C ASP C 107 1.24 38.74 35.01
N LEU C 108 2.45 38.22 34.90
CA LEU C 108 3.21 38.24 33.65
C LEU C 108 2.95 37.01 32.79
N LYS C 109 2.22 36.01 33.30
CA LYS C 109 2.01 34.77 32.57
C LYS C 109 1.38 35.03 31.20
N GLY C 110 0.21 35.66 31.18
CA GLY C 110 -0.47 35.91 29.93
C GLY C 110 0.31 36.83 29.01
N ALA C 111 1.16 37.70 29.58
CA ALA C 111 1.94 38.61 28.76
C ALA C 111 3.03 37.86 27.99
N LEU C 112 3.78 37.00 28.67
CA LEU C 112 4.83 36.24 27.99
C LEU C 112 4.22 35.24 27.01
N LEU C 113 3.19 34.51 27.44
CA LEU C 113 2.50 33.60 26.53
C LEU C 113 2.00 34.32 25.28
N SER C 114 1.59 35.57 25.41
CA SER C 114 1.22 36.36 24.25
C SER C 114 2.43 36.82 23.46
N LEU C 115 3.55 37.06 24.13
CA LEU C 115 4.75 37.49 23.43
C LEU C 115 5.44 36.34 22.71
N ILE C 116 5.38 35.13 23.28
CA ILE C 116 5.87 33.95 22.56
C ILE C 116 5.06 33.74 21.29
N GLU C 117 3.73 33.93 21.39
CA GLU C 117 2.85 33.83 20.24
C GLU C 117 3.08 34.99 19.25
N TYR C 118 3.59 36.12 19.72
CA TYR C 118 3.87 37.24 18.83
C TYR C 118 4.99 36.91 17.85
N TYR C 119 6.19 36.64 18.37
CA TYR C 119 7.33 36.31 17.52
C TYR C 119 7.15 34.98 16.78
N GLN C 120 6.07 34.25 17.05
CA GLN C 120 5.78 32.96 16.41
C GLN C 120 6.93 31.97 16.64
N TRP C 121 7.23 31.75 17.92
CA TRP C 121 8.23 30.79 18.33
C TRP C 121 7.57 29.42 18.51
N ASP C 122 8.08 28.42 17.80
CA ASP C 122 7.63 27.05 17.97
C ASP C 122 8.60 26.20 18.78
N LYS C 123 9.84 26.67 18.94
CA LYS C 123 10.85 25.97 19.73
C LYS C 123 11.81 27.00 20.28
N PHE C 124 12.04 26.95 21.60
CA PHE C 124 12.91 27.91 22.24
C PHE C 124 13.40 27.31 23.55
N ALA C 125 14.31 28.04 24.20
CA ALA C 125 14.86 27.65 25.49
C ALA C 125 14.24 28.50 26.59
N TYR C 126 13.78 27.84 27.65
CA TYR C 126 13.18 28.52 28.80
C TYR C 126 14.13 28.33 29.98
N LEU C 127 15.03 29.30 30.16
CA LEU C 127 15.99 29.29 31.27
C LEU C 127 15.34 29.95 32.48
N TYR C 128 14.95 29.15 33.45
CA TYR C 128 14.21 29.61 34.62
C TYR C 128 15.05 29.44 35.88
N ASP C 129 14.86 30.36 36.82
CA ASP C 129 15.39 30.20 38.16
C ASP C 129 14.27 29.80 39.10
N SER C 130 14.55 28.84 39.98
CA SER C 130 13.52 28.32 40.87
C SER C 130 13.28 29.26 42.05
N ASP C 131 13.44 30.56 41.84
CA ASP C 131 13.33 31.54 42.91
C ASP C 131 11.94 32.17 43.02
N ARG C 132 11.31 32.49 41.89
CA ARG C 132 10.01 33.15 41.90
C ARG C 132 8.85 32.21 41.60
N GLY C 133 8.99 30.94 41.98
CA GLY C 133 7.92 29.98 41.74
C GLY C 133 7.83 29.55 40.30
N LEU C 134 7.33 28.33 40.06
CA LEU C 134 7.24 27.77 38.71
C LEU C 134 5.90 28.08 38.05
N SER C 135 5.38 29.30 38.25
CA SER C 135 4.09 29.66 37.68
C SER C 135 4.20 29.82 36.16
N THR C 136 5.12 30.68 35.70
CA THR C 136 5.31 30.86 34.27
C THR C 136 5.98 29.66 33.62
N LEU C 137 6.69 28.83 34.39
CA LEU C 137 7.26 27.61 33.83
C LEU C 137 6.17 26.62 33.46
N GLN C 138 5.24 26.36 34.38
CA GLN C 138 4.11 25.50 34.06
C GLN C 138 3.14 26.17 33.11
N ALA C 139 3.21 27.49 32.95
CA ALA C 139 2.34 28.17 32.00
C ALA C 139 2.79 27.90 30.57
N VAL C 140 4.11 27.93 30.32
CA VAL C 140 4.61 27.66 28.99
C VAL C 140 4.68 26.16 28.70
N LEU C 141 4.65 25.31 29.73
CA LEU C 141 4.66 23.87 29.52
C LEU C 141 3.27 23.35 29.18
N ASP C 142 2.23 23.93 29.79
CA ASP C 142 0.87 23.54 29.44
C ASP C 142 0.50 24.06 28.05
N SER C 143 0.97 25.26 27.70
CA SER C 143 0.83 25.74 26.34
C SER C 143 1.78 25.04 25.38
N ALA C 144 2.78 24.32 25.89
CA ALA C 144 3.71 23.59 25.03
C ALA C 144 3.04 22.42 24.32
N ALA C 145 1.92 21.93 24.84
CA ALA C 145 1.15 20.89 24.18
C ALA C 145 -0.09 21.45 23.48
N GLU C 146 -0.73 22.46 24.06
CA GLU C 146 -1.88 23.08 23.42
C GLU C 146 -1.50 23.70 22.09
N LYS C 147 -0.49 24.56 22.09
CA LYS C 147 -0.01 25.19 20.87
C LYS C 147 1.15 24.42 20.24
N LYS C 148 1.55 23.29 20.82
CA LYS C 148 2.54 22.38 20.24
C LYS C 148 3.90 23.05 20.06
N TRP C 149 4.47 23.47 21.18
CA TRP C 149 5.81 24.03 21.19
C TRP C 149 6.84 22.94 21.50
N GLN C 150 8.12 23.32 21.37
CA GLN C 150 9.24 22.44 21.71
C GLN C 150 10.13 23.21 22.68
N VAL C 151 9.61 23.44 23.89
CA VAL C 151 10.34 24.19 24.91
C VAL C 151 11.45 23.31 25.48
N THR C 152 12.65 23.86 25.56
CA THR C 152 13.80 23.19 26.17
C THR C 152 14.08 23.92 27.48
N ALA C 153 13.40 23.50 28.54
CA ALA C 153 13.50 24.16 29.84
C ALA C 153 14.68 23.60 30.62
N ILE C 154 15.53 24.49 31.13
CA ILE C 154 16.71 24.14 31.91
C ILE C 154 16.68 24.92 33.22
N ASN C 155 16.93 24.23 34.33
CA ASN C 155 17.02 24.89 35.63
C ASN C 155 18.40 25.49 35.79
N VAL C 156 18.47 26.82 35.88
CA VAL C 156 19.73 27.53 36.00
C VAL C 156 19.89 28.17 37.37
N GLY C 157 19.00 27.86 38.31
CA GLY C 157 19.09 28.42 39.64
C GLY C 157 20.11 27.73 40.53
N ASN C 158 20.16 26.39 40.47
CA ASN C 158 21.06 25.60 41.30
C ASN C 158 22.44 25.58 40.67
N ILE C 159 23.14 26.71 40.80
CA ILE C 159 24.52 26.85 40.34
C ILE C 159 25.30 27.63 41.40
N ASN C 160 26.55 27.23 41.60
CA ASN C 160 27.44 27.94 42.51
C ASN C 160 28.15 29.07 41.79
N ASN C 161 28.51 30.11 42.54
CA ASN C 161 29.09 31.30 41.94
C ASN C 161 30.57 31.18 41.63
N ASP C 162 31.27 30.23 42.26
CA ASP C 162 32.69 30.05 41.96
C ASP C 162 32.88 29.35 40.61
N LYS C 163 32.18 28.24 40.40
CA LYS C 163 32.16 27.55 39.12
C LYS C 163 31.16 28.17 38.15
N LYS C 164 30.75 29.42 38.40
CA LYS C 164 29.75 30.07 37.55
C LYS C 164 30.27 30.24 36.13
N ASP C 165 31.58 30.43 35.97
CA ASP C 165 32.14 30.59 34.63
C ASP C 165 32.16 29.27 33.88
N GLU C 166 32.22 28.14 34.59
CA GLU C 166 32.34 26.84 33.95
C GLU C 166 30.99 26.16 33.72
N THR C 167 30.05 26.30 34.66
CA THR C 167 28.74 25.71 34.46
C THR C 167 27.92 26.49 33.43
N TYR C 168 28.14 27.81 33.33
CA TYR C 168 27.45 28.60 32.32
C TYR C 168 27.90 28.22 30.91
N ARG C 169 29.22 28.14 30.70
CA ARG C 169 29.73 27.62 29.43
C ARG C 169 29.32 26.16 29.22
N SER C 170 28.96 25.45 30.29
CA SER C 170 28.45 24.09 30.16
C SER C 170 26.99 24.08 29.72
N LEU C 171 26.23 25.13 30.05
CA LEU C 171 24.83 25.18 29.65
C LEU C 171 24.68 25.49 28.17
N PHE C 172 25.43 26.49 27.67
CA PHE C 172 25.30 26.90 26.28
C PHE C 172 25.88 25.88 25.31
N GLN C 173 26.70 24.96 25.78
CA GLN C 173 27.14 23.85 24.94
C GLN C 173 26.13 22.72 24.90
N ASP C 174 25.08 22.77 25.72
CA ASP C 174 23.92 21.92 25.56
C ASP C 174 22.90 22.53 24.61
N LEU C 175 22.75 23.85 24.65
CA LEU C 175 21.81 24.55 23.78
C LEU C 175 22.35 24.74 22.36
N GLU C 176 23.56 24.26 22.08
CA GLU C 176 24.09 24.27 20.72
C GLU C 176 23.81 22.95 19.99
N LEU C 177 23.41 21.91 20.72
CA LEU C 177 23.03 20.66 20.07
C LEU C 177 21.75 20.82 19.26
N LYS C 178 20.86 21.71 19.68
CA LYS C 178 19.67 22.05 18.94
C LYS C 178 19.85 23.29 18.06
N LYS C 179 21.03 23.90 18.07
CA LYS C 179 21.28 25.18 17.42
C LYS C 179 20.26 26.23 17.87
N GLU C 180 20.02 26.26 19.18
CA GLU C 180 19.03 27.17 19.73
C GLU C 180 19.48 28.62 19.56
N ARG C 181 18.61 29.44 18.98
CA ARG C 181 18.86 30.86 18.83
C ARG C 181 17.85 31.72 19.56
N ARG C 182 16.83 31.12 20.18
CA ARG C 182 15.78 31.85 20.87
C ARG C 182 15.73 31.36 22.31
N VAL C 183 16.04 32.24 23.25
CA VAL C 183 16.14 31.90 24.67
C VAL C 183 15.28 32.87 25.46
N ILE C 184 14.36 32.32 26.26
CA ILE C 184 13.54 33.12 27.16
C ILE C 184 14.19 33.08 28.54
N LEU C 185 14.71 34.22 28.97
CA LEU C 185 15.32 34.33 30.30
C LEU C 185 14.25 34.71 31.31
N ASP C 186 13.86 33.75 32.14
CA ASP C 186 12.90 33.99 33.22
C ASP C 186 13.65 33.88 34.55
N CYS C 187 14.42 34.93 34.85
CA CYS C 187 15.23 34.97 36.05
C CYS C 187 15.12 36.35 36.69
N GLU C 188 15.82 36.52 37.81
CA GLU C 188 15.85 37.80 38.50
C GLU C 188 16.75 38.78 37.77
N ARG C 189 16.62 40.07 38.11
CA ARG C 189 17.37 41.10 37.41
C ARG C 189 18.86 40.98 37.67
N ASP C 190 19.26 40.42 38.82
CA ASP C 190 20.68 40.22 39.08
C ASP C 190 21.19 38.94 38.43
N LYS C 191 20.36 37.90 38.39
CA LYS C 191 20.76 36.66 37.74
C LYS C 191 20.84 36.81 36.23
N VAL C 192 20.06 37.74 35.68
CA VAL C 192 20.15 38.03 34.25
C VAL C 192 21.51 38.65 33.92
N ASN C 193 21.96 39.61 34.75
CA ASN C 193 23.25 40.25 34.51
C ASN C 193 24.41 39.27 34.57
N ASP C 194 24.24 38.13 35.24
CA ASP C 194 25.29 37.12 35.24
C ASP C 194 25.22 36.26 33.98
N ILE C 195 24.01 35.95 33.52
CA ILE C 195 23.88 35.22 32.25
C ILE C 195 24.30 36.11 31.09
N VAL C 196 23.85 37.37 31.09
CA VAL C 196 24.21 38.30 30.02
C VAL C 196 25.71 38.49 29.97
N ASP C 197 26.37 38.59 31.12
CA ASP C 197 27.82 38.68 31.16
C ASP C 197 28.48 37.42 30.61
N GLN C 198 27.78 36.29 30.60
CA GLN C 198 28.33 35.06 30.05
C GLN C 198 27.97 34.85 28.59
N VAL C 199 26.89 35.47 28.11
CA VAL C 199 26.55 35.36 26.70
C VAL C 199 27.58 36.09 25.85
N ILE C 200 27.99 37.29 26.26
CA ILE C 200 29.01 38.02 25.53
C ILE C 200 30.35 37.29 25.59
N THR C 201 30.65 36.64 26.71
CA THR C 201 31.93 35.95 26.86
C THR C 201 32.10 34.87 25.80
N ILE C 202 31.07 34.06 25.59
CA ILE C 202 31.14 33.05 24.53
C ILE C 202 30.82 33.64 23.17
N GLY C 203 30.16 34.80 23.11
CA GLY C 203 29.90 35.47 21.86
C GLY C 203 28.58 35.15 21.21
N LYS C 204 27.55 34.83 21.98
CA LYS C 204 26.23 34.48 21.43
C LYS C 204 25.28 35.66 21.47
N HIS C 205 25.74 36.84 21.04
CA HIS C 205 24.91 38.02 20.95
C HIS C 205 24.97 38.66 19.57
N VAL C 206 25.45 37.93 18.56
CA VAL C 206 25.55 38.44 17.21
C VAL C 206 24.21 38.33 16.51
N LYS C 207 24.16 38.77 15.25
CA LYS C 207 22.93 38.66 14.46
C LYS C 207 22.54 37.20 14.31
N GLY C 208 21.33 36.87 14.73
CA GLY C 208 20.84 35.50 14.63
C GLY C 208 20.14 35.04 15.90
N TYR C 209 20.64 35.47 17.05
CA TYR C 209 20.06 35.11 18.33
C TYR C 209 18.95 36.11 18.66
N HIS C 210 18.23 35.82 19.74
CA HIS C 210 17.11 36.63 20.18
C HIS C 210 16.76 36.18 21.58
N TYR C 211 16.64 37.12 22.51
CA TYR C 211 16.42 36.80 23.91
C TYR C 211 15.21 37.55 24.43
N ILE C 212 14.56 36.96 25.44
CA ILE C 212 13.36 37.51 26.05
C ILE C 212 13.57 37.49 27.56
N ILE C 213 13.74 38.67 28.16
CA ILE C 213 13.93 38.79 29.60
C ILE C 213 12.55 38.81 30.23
N ALA C 214 12.08 37.64 30.67
CA ALA C 214 10.70 37.47 31.14
C ALA C 214 10.55 38.02 32.56
N ASN C 215 10.73 39.33 32.70
CA ASN C 215 10.54 40.01 33.96
C ASN C 215 9.93 41.38 33.68
N LEU C 216 9.41 42.01 34.73
CA LEU C 216 8.75 43.30 34.59
C LEU C 216 9.72 44.48 34.60
N GLY C 217 11.02 44.24 34.71
CA GLY C 217 11.98 45.32 34.75
C GLY C 217 13.04 45.21 33.67
N PHE C 218 12.66 45.51 32.43
CA PHE C 218 13.61 45.44 31.33
C PHE C 218 14.66 46.54 31.43
N THR C 219 14.23 47.77 31.68
CA THR C 219 15.13 48.91 31.77
C THR C 219 15.84 49.00 33.12
N ASP C 220 15.60 48.08 34.05
CA ASP C 220 16.29 48.10 35.33
C ASP C 220 17.73 47.63 35.20
N GLY C 221 17.93 46.45 34.59
CA GLY C 221 19.27 45.94 34.41
C GLY C 221 20.01 46.63 33.28
N ASP C 222 21.32 46.42 33.26
CA ASP C 222 22.15 47.01 32.23
C ASP C 222 21.88 46.35 30.89
N LEU C 223 21.57 47.19 29.88
CA LEU C 223 21.26 46.70 28.54
C LEU C 223 22.22 47.20 27.46
N LEU C 224 23.15 48.10 27.80
CA LEU C 224 24.05 48.67 26.81
C LEU C 224 25.20 47.74 26.44
N LYS C 225 25.39 46.63 27.16
CA LYS C 225 26.47 45.72 26.84
C LYS C 225 26.12 44.73 25.73
N ILE C 226 24.83 44.49 25.50
CA ILE C 226 24.36 43.65 24.41
C ILE C 226 23.58 44.44 23.37
N GLN C 227 23.46 45.76 23.54
CA GLN C 227 22.66 46.57 22.63
C GLN C 227 23.24 46.59 21.22
N PHE C 228 24.57 46.59 21.10
CA PHE C 228 25.25 46.68 19.80
C PHE C 228 25.85 45.35 19.37
N GLY C 229 25.27 44.24 19.84
CA GLY C 229 25.75 42.93 19.45
C GLY C 229 25.20 42.47 18.12
N GLY C 230 23.89 42.60 17.94
CA GLY C 230 23.23 42.16 16.72
C GLY C 230 21.99 41.34 16.99
N ALA C 231 22.04 40.52 18.03
CA ALA C 231 20.87 39.73 18.41
C ALA C 231 19.78 40.62 18.99
N GLU C 232 18.54 40.30 18.64
CA GLU C 232 17.41 41.04 19.19
C GLU C 232 17.17 40.65 20.64
N VAL C 233 16.72 41.63 21.43
CA VAL C 233 16.40 41.43 22.83
C VAL C 233 15.03 42.05 23.10
N SER C 234 14.22 41.36 23.90
CA SER C 234 12.87 41.83 24.21
C SER C 234 12.57 41.58 25.68
N GLY C 235 11.59 42.31 26.19
CA GLY C 235 11.21 42.18 27.58
C GLY C 235 9.88 42.83 27.87
N PHE C 236 9.70 43.16 29.15
CA PHE C 236 8.46 43.79 29.61
C PHE C 236 8.81 44.94 30.54
N GLN C 237 7.83 45.84 30.72
CA GLN C 237 8.03 47.02 31.56
C GLN C 237 6.70 47.40 32.19
N ILE C 238 6.77 47.85 33.44
CA ILE C 238 5.58 48.29 34.16
C ILE C 238 5.60 49.78 34.50
N VAL C 239 6.77 50.43 34.45
CA VAL C 239 6.89 51.84 34.79
C VAL C 239 6.99 52.61 33.48
N ASP C 240 5.89 53.24 33.08
CA ASP C 240 5.87 54.07 31.88
C ASP C 240 6.48 55.42 32.22
N TYR C 241 7.72 55.64 31.77
CA TYR C 241 8.41 56.90 32.03
C TYR C 241 7.94 58.04 31.15
N ASP C 242 7.16 57.75 30.11
CA ASP C 242 6.57 58.81 29.28
C ASP C 242 5.27 59.34 29.87
N ASP C 243 4.73 58.70 30.89
CA ASP C 243 3.52 59.18 31.53
C ASP C 243 3.78 60.49 32.27
N SER C 244 2.72 61.26 32.47
CA SER C 244 2.84 62.53 33.18
C SER C 244 2.95 62.32 34.68
N LEU C 245 2.25 61.32 35.23
CA LEU C 245 2.34 61.06 36.66
C LEU C 245 3.73 60.54 37.04
N VAL C 246 4.37 59.79 36.14
CA VAL C 246 5.71 59.28 36.44
C VAL C 246 6.77 60.34 36.15
N SER C 247 6.57 61.17 35.13
CA SER C 247 7.55 62.20 34.81
C SER C 247 7.69 63.22 35.93
N LYS C 248 6.63 63.47 36.70
CA LYS C 248 6.72 64.38 37.83
C LYS C 248 7.37 63.70 39.03
N PHE C 249 7.09 62.41 39.25
CA PHE C 249 7.78 61.68 40.30
C PHE C 249 9.27 61.57 40.01
N ILE C 250 9.63 61.43 38.73
CA ILE C 250 11.04 61.39 38.36
C ILE C 250 11.68 62.76 38.60
N GLU C 251 10.94 63.83 38.39
CA GLU C 251 11.46 65.17 38.68
C GLU C 251 11.80 65.33 40.16
N ARG C 252 11.11 64.61 41.04
CA ARG C 252 11.37 64.69 42.46
C ARG C 252 12.26 63.56 42.98
N TRP C 253 12.19 62.39 42.35
CA TRP C 253 12.98 61.25 42.83
C TRP C 253 14.46 61.43 42.55
N SER C 254 14.81 61.93 41.36
CA SER C 254 16.21 62.06 40.96
C SER C 254 16.93 63.20 41.64
N THR C 255 16.23 64.03 42.42
CA THR C 255 16.83 65.19 43.08
C THR C 255 17.14 64.95 44.55
N LEU C 256 16.93 63.74 45.06
CA LEU C 256 17.19 63.46 46.46
C LEU C 256 18.67 63.18 46.71
N GLU C 257 19.06 63.27 47.97
CA GLU C 257 20.42 62.95 48.38
C GLU C 257 20.55 61.46 48.64
N GLU C 258 21.66 60.89 48.18
CA GLU C 258 21.87 59.45 48.27
C GLU C 258 22.30 58.98 49.65
N LYS C 259 22.71 59.89 50.54
CA LYS C 259 23.12 59.47 51.87
C LYS C 259 21.93 59.04 52.71
N GLU C 260 20.79 59.71 52.56
CA GLU C 260 19.59 59.35 53.30
C GLU C 260 18.73 58.34 52.56
N TYR C 261 18.57 58.52 51.25
CA TYR C 261 17.83 57.57 50.42
C TYR C 261 18.80 56.72 49.60
N PRO C 262 19.19 55.54 50.10
CA PRO C 262 20.17 54.73 49.37
C PRO C 262 19.59 54.21 48.06
N GLY C 263 20.34 54.39 46.98
CA GLY C 263 19.93 53.93 45.66
C GLY C 263 18.73 54.68 45.12
N ALA C 264 18.76 56.02 45.19
CA ALA C 264 17.65 56.84 44.75
C ALA C 264 17.99 58.05 43.89
N HIS C 265 19.27 58.36 43.70
CA HIS C 265 19.66 59.55 42.94
C HIS C 265 19.88 59.17 41.47
N THR C 266 18.82 58.62 40.86
CA THR C 266 18.84 58.23 39.46
C THR C 266 17.47 58.61 38.92
N ALA C 267 17.36 58.61 37.59
CA ALA C 267 16.12 58.91 36.91
C ALA C 267 15.28 57.68 36.61
N THR C 268 15.76 56.50 36.98
CA THR C 268 15.02 55.25 36.80
C THR C 268 14.76 54.62 38.16
N ILE C 269 13.75 53.75 38.20
CA ILE C 269 13.35 53.07 39.43
C ILE C 269 13.00 51.63 39.10
N LYS C 270 13.47 50.70 39.91
CA LYS C 270 13.16 49.29 39.69
C LYS C 270 11.67 49.04 39.92
N TYR C 271 11.14 48.04 39.21
CA TYR C 271 9.71 47.77 39.28
C TYR C 271 9.27 47.36 40.68
N THR C 272 10.13 46.63 41.40
CA THR C 272 9.80 46.29 42.78
C THR C 272 9.67 47.53 43.65
N SER C 273 10.44 48.57 43.36
CA SER C 273 10.37 49.79 44.16
C SER C 273 9.16 50.64 43.78
N ALA C 274 8.83 50.71 42.50
CA ALA C 274 7.69 51.52 42.07
C ALA C 274 6.39 50.98 42.65
N LEU C 275 6.26 49.66 42.74
CA LEU C 275 5.06 49.07 43.33
C LEU C 275 4.97 49.38 44.82
N THR C 276 6.12 49.54 45.49
CA THR C 276 6.12 49.90 46.90
C THR C 276 5.52 51.28 47.11
N TYR C 277 5.98 52.27 46.35
CA TYR C 277 5.43 53.62 46.46
C TYR C 277 3.94 53.63 46.16
N ASP C 278 3.51 52.86 45.17
CA ASP C 278 2.08 52.74 44.87
C ASP C 278 1.35 51.99 45.97
N ALA C 279 2.03 51.07 46.65
CA ALA C 279 1.39 50.33 47.73
C ALA C 279 1.04 51.25 48.91
N VAL C 280 1.76 52.35 49.07
CA VAL C 280 1.43 53.30 50.13
C VAL C 280 0.18 54.09 49.77
N GLN C 281 0.05 54.48 48.49
CA GLN C 281 -1.15 55.18 48.06
C GLN C 281 -2.38 54.29 48.19
N VAL C 282 -2.23 52.98 48.02
CA VAL C 282 -3.36 52.07 48.19
C VAL C 282 -3.73 51.94 49.66
N MET C 283 -2.73 51.92 50.55
CA MET C 283 -3.01 51.84 51.98
C MET C 283 -3.47 53.19 52.54
N THR C 284 -3.06 54.29 51.92
CA THR C 284 -3.51 55.61 52.37
C THR C 284 -4.98 55.81 52.07
N GLU C 285 -5.38 55.57 50.82
CA GLU C 285 -6.79 55.68 50.44
C GLU C 285 -7.66 54.62 51.10
N ALA C 286 -7.06 53.51 51.55
CA ALA C 286 -7.84 52.45 52.19
C ALA C 286 -8.41 52.92 53.53
N PHE C 287 -7.53 53.35 54.44
CA PHE C 287 -7.98 53.84 55.74
C PHE C 287 -8.72 55.17 55.63
N ARG C 288 -8.58 55.89 54.51
CA ARG C 288 -9.28 57.15 54.35
C ARG C 288 -10.77 56.93 54.09
N ASN C 289 -11.11 55.96 53.23
CA ASN C 289 -12.51 55.67 52.97
C ASN C 289 -13.19 55.05 54.19
N LEU C 290 -12.43 54.34 55.03
CA LEU C 290 -12.99 53.81 56.27
C LEU C 290 -13.47 54.93 57.18
N ARG C 291 -12.80 56.07 57.15
CA ARG C 291 -13.29 57.24 57.89
C ARG C 291 -14.58 57.77 57.27
N LYS C 292 -14.67 57.75 55.95
CA LYS C 292 -15.82 58.32 55.24
C LYS C 292 -16.97 57.34 55.06
N GLN C 293 -16.76 56.06 55.35
CA GLN C 293 -17.84 55.08 55.34
C GLN C 293 -18.40 54.82 56.73
N ARG C 294 -17.95 55.57 57.74
CA ARG C 294 -18.37 55.39 59.13
C ARG C 294 -18.18 53.95 59.57
N ILE C 295 -16.97 53.44 59.36
CA ILE C 295 -16.59 52.08 59.75
C ILE C 295 -15.39 52.21 60.68
N GLU C 296 -15.61 51.92 61.97
CA GLU C 296 -14.55 52.01 62.96
C GLU C 296 -13.71 50.74 62.97
N ILE C 297 -12.39 50.90 63.08
CA ILE C 297 -11.45 49.80 62.95
C ILE C 297 -10.44 49.74 64.09
N SER C 298 -10.55 50.60 65.09
CA SER C 298 -9.57 50.62 66.16
C SER C 298 -9.58 49.30 66.93
N ARG C 299 -8.42 48.92 67.45
CA ARG C 299 -8.28 47.62 68.08
C ARG C 299 -8.96 47.60 69.44
N ARG C 300 -9.59 46.46 69.75
CA ARG C 300 -10.25 46.31 71.05
C ARG C 300 -9.23 46.27 72.18
N GLY C 301 -8.13 45.57 71.99
CA GLY C 301 -7.10 45.51 73.00
C GLY C 301 -5.83 44.92 72.45
N ASN C 302 -5.03 44.35 73.35
CA ASN C 302 -3.82 43.65 72.93
C ASN C 302 -4.20 42.39 72.17
N ALA C 303 -3.62 42.23 70.97
CA ALA C 303 -3.92 41.05 70.18
C ALA C 303 -3.43 39.77 70.84
N GLY C 304 -2.39 39.87 71.66
CA GLY C 304 -1.90 38.72 72.39
C GLY C 304 -0.90 37.90 71.62
N ASP C 305 -1.00 36.57 71.75
CA ASP C 305 -0.06 35.65 71.12
C ASP C 305 -0.65 35.10 69.82
N CYS C 306 0.20 34.99 68.80
CA CYS C 306 -0.25 34.47 67.51
C CYS C 306 -0.60 32.99 67.60
N LEU C 307 0.09 32.23 68.44
CA LEU C 307 -0.20 30.82 68.64
C LEU C 307 -1.36 30.57 69.59
N ALA C 308 -2.26 31.54 69.74
CA ALA C 308 -3.39 31.39 70.65
C ALA C 308 -4.29 30.25 70.19
N ASN C 309 -4.49 29.28 71.07
CA ASN C 309 -5.30 28.11 70.76
C ASN C 309 -6.51 28.03 71.69
N PRO C 310 -7.72 28.09 71.13
CA PRO C 310 -8.02 28.28 69.71
C PRO C 310 -7.75 29.70 69.20
N ALA C 311 -7.64 29.85 67.88
CA ALA C 311 -7.31 31.13 67.27
C ALA C 311 -8.59 31.91 67.01
N VAL C 312 -8.67 33.11 67.57
CA VAL C 312 -9.81 34.01 67.40
C VAL C 312 -9.42 35.11 66.42
N PRO C 313 -10.11 35.26 65.30
CA PRO C 313 -9.77 36.34 64.36
C PRO C 313 -10.53 37.62 64.67
N TRP C 314 -9.85 38.76 64.68
CA TRP C 314 -10.52 40.02 64.95
C TRP C 314 -11.50 40.35 63.84
N GLY C 315 -12.67 40.86 64.23
CA GLY C 315 -13.76 41.04 63.29
C GLY C 315 -13.50 42.11 62.25
N GLN C 316 -12.87 43.21 62.66
CA GLN C 316 -12.61 44.32 61.75
C GLN C 316 -11.48 44.04 60.77
N GLY C 317 -10.96 42.82 60.73
CA GLY C 317 -9.97 42.47 59.73
C GLY C 317 -10.56 42.12 58.39
N VAL C 318 -11.78 41.59 58.37
CA VAL C 318 -12.46 41.30 57.11
C VAL C 318 -12.92 42.58 56.44
N GLU C 319 -13.09 43.66 57.20
CA GLU C 319 -13.45 44.95 56.61
C GLU C 319 -12.26 45.64 55.97
N ILE C 320 -11.06 45.46 56.54
CA ILE C 320 -9.87 46.06 55.94
C ILE C 320 -9.53 45.37 54.62
N GLU C 321 -9.77 44.06 54.53
CA GLU C 321 -9.56 43.37 53.26
C GLU C 321 -10.49 43.90 52.18
N ARG C 322 -11.75 44.16 52.54
CA ARG C 322 -12.70 44.70 51.57
C ARG C 322 -12.34 46.12 51.17
N ALA C 323 -11.74 46.88 52.09
CA ALA C 323 -11.39 48.27 51.78
C ALA C 323 -10.20 48.35 50.85
N LEU C 324 -9.19 47.51 51.05
CA LEU C 324 -7.99 47.56 50.22
C LEU C 324 -8.28 47.12 48.78
N LYS C 325 -9.09 46.08 48.62
CA LYS C 325 -9.33 45.51 47.29
C LYS C 325 -10.27 46.36 46.44
N GLN C 326 -10.96 47.34 47.02
CA GLN C 326 -11.86 48.20 46.28
C GLN C 326 -11.24 49.55 45.92
N VAL C 327 -9.97 49.76 46.26
CA VAL C 327 -9.29 51.01 45.93
C VAL C 327 -8.90 50.98 44.46
N GLN C 328 -9.09 52.10 43.78
CA GLN C 328 -8.65 52.24 42.39
C GLN C 328 -8.16 53.68 42.21
N VAL C 329 -6.84 53.85 42.15
CA VAL C 329 -6.20 55.12 41.88
C VAL C 329 -5.10 54.90 40.85
N GLU C 330 -4.47 55.99 40.44
CA GLU C 330 -3.41 55.95 39.43
C GLU C 330 -2.06 55.96 40.12
N GLY C 331 -1.17 55.05 39.71
CA GLY C 331 0.16 54.98 40.26
C GLY C 331 1.23 54.85 39.19
N LEU C 332 2.45 54.50 39.60
CA LEU C 332 3.54 54.36 38.64
C LEU C 332 3.38 53.11 37.76
N SER C 333 2.53 52.18 38.15
CA SER C 333 2.26 50.98 37.37
C SER C 333 1.01 51.11 36.50
N GLY C 334 0.55 52.34 36.29
CA GLY C 334 -0.65 52.56 35.50
C GLY C 334 -1.91 52.46 36.33
N ASN C 335 -2.94 51.83 35.76
CA ASN C 335 -4.21 51.67 36.46
C ASN C 335 -4.07 50.56 37.50
N ILE C 336 -4.27 50.91 38.76
CA ILE C 336 -4.10 49.99 39.88
C ILE C 336 -5.49 49.58 40.37
N LYS C 337 -5.84 48.31 40.14
CA LYS C 337 -7.13 47.78 40.54
C LYS C 337 -6.99 46.30 40.80
N PHE C 338 -7.66 45.83 41.86
CA PHE C 338 -7.60 44.43 42.27
C PHE C 338 -8.96 43.77 42.09
N ASP C 339 -8.95 42.45 42.19
CA ASP C 339 -10.16 41.64 42.14
C ASP C 339 -10.49 41.14 43.54
N GLN C 340 -11.29 40.07 43.63
CA GLN C 340 -11.68 39.53 44.91
C GLN C 340 -10.57 38.72 45.58
N ASN C 341 -9.60 38.21 44.80
CA ASN C 341 -8.51 37.42 45.34
C ASN C 341 -7.22 38.20 45.49
N GLY C 342 -7.16 39.44 44.99
CA GLY C 342 -5.99 40.29 45.15
C GLY C 342 -5.15 40.47 43.91
N LYS C 343 -5.47 39.78 42.81
CA LYS C 343 -4.67 39.91 41.59
C LYS C 343 -4.87 41.29 40.96
N ARG C 344 -3.81 41.78 40.34
CA ARG C 344 -3.93 43.00 39.55
C ARG C 344 -4.78 42.73 38.31
N ILE C 345 -5.74 43.61 38.07
CA ILE C 345 -6.59 43.55 36.88
C ILE C 345 -6.58 44.93 36.23
N ASN C 346 -7.10 45.00 35.01
CA ASN C 346 -7.32 46.28 34.34
C ASN C 346 -6.01 47.03 34.14
N TYR C 347 -4.90 46.29 34.03
CA TYR C 347 -3.56 46.86 34.09
C TYR C 347 -2.92 46.91 32.70
N THR C 348 -1.70 47.43 32.65
CA THR C 348 -1.00 47.72 31.40
C THR C 348 0.46 47.30 31.54
N ILE C 349 0.88 46.34 30.71
CA ILE C 349 2.26 45.88 30.68
C ILE C 349 2.82 46.23 29.31
N ASN C 350 3.67 47.26 29.25
CA ASN C 350 4.32 47.63 28.00
C ASN C 350 5.41 46.64 27.67
N ILE C 351 5.55 46.33 26.38
CA ILE C 351 6.56 45.38 25.89
C ILE C 351 7.66 46.18 25.21
N MET C 352 8.91 45.91 25.61
CA MET C 352 10.05 46.67 25.14
C MET C 352 10.89 45.85 24.18
N GLU C 353 11.58 46.55 23.27
CA GLU C 353 12.56 45.94 22.39
C GLU C 353 13.86 46.73 22.47
N LEU C 354 14.97 46.06 22.20
CA LEU C 354 16.30 46.65 22.26
C LEU C 354 16.87 46.72 20.85
N LYS C 355 16.82 47.92 20.25
CA LYS C 355 17.40 48.13 18.94
C LYS C 355 18.73 48.85 19.16
N THR C 356 19.31 49.39 18.09
CA THR C 356 20.54 50.16 18.21
C THR C 356 20.51 51.47 19.00
N ASN C 357 19.39 52.19 18.96
CA ASN C 357 19.24 53.44 19.68
C ASN C 357 18.71 53.25 21.10
N GLY C 358 18.58 52.01 21.56
CA GLY C 358 18.20 51.75 22.93
C GLY C 358 16.86 51.05 23.07
N PRO C 359 16.35 50.99 24.31
CA PRO C 359 15.05 50.36 24.53
C PRO C 359 13.92 51.27 24.07
N ARG C 360 12.98 50.69 23.34
CA ARG C 360 11.91 51.45 22.69
C ARG C 360 10.57 50.81 23.01
N LYS C 361 9.61 51.63 23.46
CA LYS C 361 8.27 51.14 23.74
C LYS C 361 7.62 50.61 22.47
N ILE C 362 7.44 49.30 22.40
CA ILE C 362 6.90 48.65 21.21
C ILE C 362 5.69 47.78 21.51
N GLY C 363 5.29 47.65 22.78
CA GLY C 363 4.19 46.79 23.15
C GLY C 363 3.29 47.42 24.21
N TYR C 364 2.26 46.66 24.58
CA TYR C 364 1.17 47.14 25.42
C TYR C 364 0.44 45.81 25.57
N TRP C 365 -0.04 45.50 26.77
CA TRP C 365 -0.61 44.19 27.09
C TRP C 365 -1.64 44.45 28.17
N SER C 366 -2.88 44.05 27.91
CA SER C 366 -3.98 44.13 28.86
C SER C 366 -4.52 42.74 29.13
N GLU C 367 -5.37 42.65 30.16
CA GLU C 367 -5.98 41.37 30.50
C GLU C 367 -7.12 41.00 29.56
N VAL C 368 -7.68 41.98 28.84
CA VAL C 368 -8.76 41.73 27.90
C VAL C 368 -8.22 41.75 26.47
N ASP C 369 -7.20 42.57 26.23
CA ASP C 369 -6.62 42.73 24.91
C ASP C 369 -5.13 42.41 24.99
N LYS C 370 -4.65 41.59 24.06
CA LYS C 370 -3.25 41.17 24.05
C LYS C 370 -2.56 41.70 22.80
N MET C 371 -1.41 42.36 23.00
CA MET C 371 -0.51 42.77 21.93
C MET C 371 -0.88 43.82 20.87
N VAL C 372 -0.95 45.08 21.28
CA VAL C 372 -1.19 46.20 20.37
C VAL C 372 -0.33 47.43 20.67
N LEU C 373 0.29 48.01 19.65
CA LEU C 373 0.96 49.27 19.70
C LEU C 373 0.72 50.39 18.73
N THR C 374 0.64 51.63 19.21
CA THR C 374 0.51 52.79 18.33
C THR C 374 1.77 52.70 17.49
N GLU C 375 1.62 52.24 16.24
CA GLU C 375 2.77 51.98 15.38
C GLU C 375 3.61 53.22 15.09
N ASP C 376 3.12 54.42 15.45
CA ASP C 376 3.92 55.62 15.27
C ASP C 376 5.17 55.61 16.15
N ASP C 377 5.20 54.78 17.19
CA ASP C 377 6.37 54.70 18.06
C ASP C 377 7.53 54.03 17.32
N THR C 378 7.30 52.85 16.75
CA THR C 378 8.34 52.12 16.06
C THR C 378 8.31 52.40 14.55
N SER C 379 9.46 52.74 13.98
CA SER C 379 10.71 52.83 14.75
C SER C 379 11.07 54.27 15.16
N GLY C 380 11.13 55.25 14.26
CA GLY C 380 10.94 55.11 12.82
C GLY C 380 12.19 55.50 12.05
N LEU C 381 13.34 55.01 12.51
CA LEU C 381 14.61 55.37 11.89
C LEU C 381 14.73 54.80 10.48
N GLU C 382 14.19 53.60 10.26
CA GLU C 382 14.24 52.93 8.96
C GLU C 382 15.69 52.78 8.48
N GLN C 383 16.48 52.06 9.28
CA GLN C 383 17.88 51.80 8.98
C GLN C 383 18.15 50.31 9.20
N LYS C 384 18.10 49.54 8.12
CA LYS C 384 18.27 48.10 8.17
C LYS C 384 19.41 47.69 7.24
N THR C 385 20.17 46.68 7.65
CA THR C 385 21.24 46.10 6.85
C THR C 385 20.90 44.63 6.64
N VAL C 386 20.66 44.26 5.38
CA VAL C 386 20.22 42.91 5.04
C VAL C 386 21.43 42.03 4.76
N VAL C 387 21.44 40.85 5.36
CA VAL C 387 22.53 39.89 5.20
C VAL C 387 22.14 38.91 4.11
N VAL C 388 22.91 38.87 3.02
CA VAL C 388 22.65 38.00 1.88
C VAL C 388 23.78 36.98 1.81
N THR C 389 23.41 35.71 1.72
CA THR C 389 24.36 34.62 1.62
C THR C 389 24.29 33.97 0.25
N THR C 390 25.43 33.57 -0.28
CA THR C 390 25.51 32.90 -1.58
C THR C 390 26.79 32.09 -1.62
N ILE C 391 26.98 31.36 -2.72
CA ILE C 391 28.10 30.44 -2.89
C ILE C 391 28.89 30.85 -4.13
N LEU C 392 30.18 30.50 -4.13
CA LEU C 392 31.07 30.82 -5.24
C LEU C 392 31.05 29.69 -6.25
N GLU C 393 30.44 29.95 -7.41
CA GLU C 393 30.44 28.98 -8.51
C GLU C 393 30.13 29.73 -9.79
N SER C 394 30.97 29.55 -10.81
CA SER C 394 30.76 30.20 -12.09
C SER C 394 29.51 29.66 -12.76
N PRO C 395 28.74 30.53 -13.43
CA PRO C 395 28.99 31.97 -13.51
C PRO C 395 28.05 32.79 -12.61
N TYR C 396 27.41 32.12 -11.66
CA TYR C 396 26.41 32.80 -10.83
C TYR C 396 27.06 33.86 -9.95
N VAL C 397 28.14 33.49 -9.26
CA VAL C 397 28.91 34.42 -8.44
C VAL C 397 30.38 34.10 -8.61
N MET C 398 31.18 35.12 -8.94
CA MET C 398 32.61 34.96 -9.17
C MET C 398 33.35 36.13 -8.54
N MET C 399 34.68 36.07 -8.62
CA MET C 399 35.54 37.15 -8.14
C MET C 399 36.31 37.75 -9.31
N LYS C 400 36.61 39.04 -9.21
CA LYS C 400 37.29 39.75 -10.28
C LYS C 400 38.79 39.51 -10.21
N LYS C 401 39.45 39.73 -11.36
CA LYS C 401 40.89 39.55 -11.44
C LYS C 401 41.64 40.51 -10.53
N ASN C 402 41.03 41.64 -10.18
CA ASN C 402 41.64 42.59 -9.25
C ASN C 402 40.85 42.65 -7.95
N HIS C 403 40.63 41.48 -7.33
CA HIS C 403 39.84 41.43 -6.10
C HIS C 403 40.62 41.92 -4.90
N GLU C 404 41.95 41.80 -4.92
CA GLU C 404 42.75 42.33 -3.82
C GLU C 404 42.62 43.84 -3.71
N MET C 405 42.64 44.54 -4.85
CA MET C 405 42.62 45.99 -4.90
C MET C 405 41.21 46.57 -4.83
N LEU C 406 40.23 45.77 -4.43
CA LEU C 406 38.85 46.23 -4.28
C LEU C 406 38.32 45.82 -2.92
N GLU C 407 37.11 46.27 -2.62
CA GLU C 407 36.49 46.03 -1.32
C GLU C 407 34.99 46.20 -1.44
N GLY C 408 34.28 45.61 -0.48
CA GLY C 408 32.83 45.72 -0.41
C GLY C 408 32.10 44.76 -1.33
N ASN C 409 30.90 45.16 -1.72
CA ASN C 409 30.10 44.34 -2.61
C ASN C 409 30.73 44.22 -3.99
N GLU C 410 31.53 45.21 -4.39
CA GLU C 410 32.10 45.25 -5.74
C GLU C 410 33.13 44.17 -5.98
N ARG C 411 33.51 43.40 -4.95
CA ARG C 411 34.50 42.34 -5.11
C ARG C 411 33.99 41.17 -5.93
N TYR C 412 32.69 41.10 -6.20
CA TYR C 412 32.09 39.95 -6.86
C TYR C 412 31.32 40.38 -8.10
N GLU C 413 31.04 39.40 -8.95
CA GLU C 413 30.30 39.63 -10.18
C GLU C 413 29.74 38.30 -10.66
N GLY C 414 28.53 38.33 -11.20
CA GLY C 414 27.91 37.13 -11.71
C GLY C 414 26.41 37.30 -11.87
N TYR C 415 25.76 36.20 -12.22
CA TYR C 415 24.31 36.21 -12.43
C TYR C 415 23.57 36.60 -11.16
N CYS C 416 23.77 35.84 -10.09
CA CYS C 416 23.10 36.15 -8.83
C CYS C 416 23.52 37.51 -8.29
N VAL C 417 24.75 37.93 -8.57
CA VAL C 417 25.21 39.25 -8.13
C VAL C 417 24.32 40.33 -8.73
N ASP C 418 24.09 40.28 -10.03
CA ASP C 418 23.19 41.23 -10.66
C ASP C 418 21.75 40.97 -10.25
N LEU C 419 21.38 39.70 -10.06
CA LEU C 419 20.05 39.39 -9.56
C LEU C 419 19.85 39.94 -8.16
N ALA C 420 20.91 39.96 -7.35
CA ALA C 420 20.82 40.51 -6.01
C ALA C 420 20.53 42.00 -6.05
N ALA C 421 21.11 42.71 -7.03
CA ALA C 421 20.85 44.13 -7.14
C ALA C 421 19.43 44.41 -7.62
N GLU C 422 18.95 43.63 -8.59
CA GLU C 422 17.59 43.84 -9.10
C GLU C 422 16.55 43.47 -8.05
N ILE C 423 16.80 42.42 -7.27
CA ILE C 423 15.93 42.09 -6.15
C ILE C 423 15.90 43.23 -5.15
N ALA C 424 17.06 43.85 -4.91
CA ALA C 424 17.16 44.95 -3.96
C ALA C 424 16.64 46.26 -4.52
N LYS C 425 16.50 46.37 -5.84
CA LYS C 425 15.98 47.62 -6.42
C LYS C 425 14.47 47.72 -6.31
N HIS C 426 13.77 46.59 -6.39
CA HIS C 426 12.32 46.58 -6.26
C HIS C 426 11.87 46.40 -4.81
N CYS C 427 12.79 46.26 -3.87
CA CYS C 427 12.46 46.14 -2.46
C CYS C 427 13.12 47.18 -1.58
N GLY C 428 14.19 47.83 -2.03
CA GLY C 428 14.81 48.91 -1.30
C GLY C 428 15.38 48.51 0.06
N PHE C 429 16.42 47.68 0.06
CA PHE C 429 17.07 47.30 1.30
C PHE C 429 18.58 47.31 1.10
N LYS C 430 19.28 47.89 2.08
CA LYS C 430 20.74 47.91 2.08
C LYS C 430 21.27 46.51 2.35
N TYR C 431 21.78 45.86 1.30
CA TYR C 431 22.20 44.47 1.40
C TYR C 431 23.73 44.37 1.35
N LYS C 432 24.22 43.23 1.82
CA LYS C 432 25.65 42.93 1.84
C LYS C 432 25.84 41.50 1.36
N LEU C 433 26.72 41.31 0.38
CA LEU C 433 26.95 39.99 -0.17
C LEU C 433 27.97 39.23 0.69
N THR C 434 27.62 38.00 1.07
CA THR C 434 28.46 37.17 1.91
C THR C 434 28.58 35.78 1.32
N ILE C 435 29.71 35.13 1.61
CA ILE C 435 29.97 33.77 1.16
C ILE C 435 29.61 32.80 2.28
N VAL C 436 28.92 31.72 1.92
CA VAL C 436 28.59 30.70 2.90
C VAL C 436 29.88 30.05 3.39
N GLY C 437 29.98 29.88 4.71
CA GLY C 437 31.22 29.41 5.30
C GLY C 437 31.57 27.99 4.90
N ASP C 438 30.57 27.12 4.81
CA ASP C 438 30.79 25.72 4.49
C ASP C 438 30.51 25.37 3.04
N GLY C 439 29.55 26.06 2.40
CA GLY C 439 29.16 25.72 1.05
C GLY C 439 28.09 24.65 1.01
N LYS C 440 28.17 23.75 0.04
CA LYS C 440 27.29 22.58 -0.10
C LYS C 440 25.83 22.96 -0.31
N TYR C 441 25.54 24.22 -0.66
CA TYR C 441 24.18 24.68 -0.92
C TYR C 441 23.40 24.32 0.33
N GLY C 442 22.34 23.53 0.18
CA GLY C 442 21.50 23.15 1.29
C GLY C 442 21.22 21.68 1.51
N ALA C 443 21.77 21.12 2.58
CA ALA C 443 21.55 19.73 2.94
C ALA C 443 21.39 19.62 4.44
N ARG C 444 20.85 18.48 4.88
CA ARG C 444 20.64 18.19 6.29
C ARG C 444 21.28 16.86 6.63
N ASP C 445 22.16 16.85 7.62
CA ASP C 445 22.80 15.62 8.05
C ASP C 445 21.79 14.66 8.65
N ALA C 446 22.01 13.36 8.44
CA ALA C 446 21.05 12.37 8.87
C ALA C 446 21.06 12.20 10.39
N ASP C 447 22.26 12.12 10.99
CA ASP C 447 22.35 11.88 12.43
C ASP C 447 22.04 13.13 13.24
N THR C 448 22.91 14.14 13.17
CA THR C 448 22.73 15.33 13.99
C THR C 448 21.51 16.16 13.58
N LYS C 449 21.00 15.96 12.35
CA LYS C 449 19.85 16.72 11.84
C LYS C 449 20.13 18.21 11.86
N ILE C 450 21.36 18.59 11.53
CA ILE C 450 21.77 19.99 11.45
C ILE C 450 21.85 20.38 9.99
N TRP C 451 21.27 21.52 9.65
CA TRP C 451 21.35 22.04 8.28
C TRP C 451 22.67 22.75 8.07
N ASN C 452 23.26 22.55 6.90
CA ASN C 452 24.50 23.20 6.52
C ASN C 452 24.26 24.07 5.29
N GLY C 453 25.18 25.00 5.06
CA GLY C 453 25.16 25.80 3.86
C GLY C 453 24.33 27.07 3.99
N MET C 454 24.00 27.61 2.81
CA MET C 454 23.24 28.87 2.76
C MET C 454 21.88 28.71 3.42
N VAL C 455 21.20 27.59 3.16
CA VAL C 455 19.93 27.33 3.82
C VAL C 455 20.10 27.31 5.33
N GLY C 456 21.25 26.80 5.81
CA GLY C 456 21.50 26.79 7.23
C GLY C 456 21.57 28.18 7.82
N GLU C 457 22.34 29.06 7.19
CA GLU C 457 22.47 30.43 7.67
C GLU C 457 21.17 31.22 7.59
N LEU C 458 20.13 30.66 6.97
CA LEU C 458 18.80 31.26 7.01
C LEU C 458 17.98 30.73 8.18
N VAL C 459 18.05 29.42 8.44
CA VAL C 459 17.27 28.83 9.53
C VAL C 459 17.82 29.28 10.88
N TYR C 460 19.11 29.59 10.96
CA TYR C 460 19.75 29.96 12.22
C TYR C 460 20.00 31.47 12.33
N GLY C 461 19.26 32.27 11.56
CA GLY C 461 19.30 33.72 11.69
C GLY C 461 20.58 34.40 11.28
N LYS C 462 21.61 33.66 10.87
CA LYS C 462 22.88 34.27 10.51
C LYS C 462 22.82 35.00 9.17
N ALA C 463 21.78 34.79 8.38
CA ALA C 463 21.57 35.55 7.15
C ALA C 463 20.09 35.89 7.04
N ASP C 464 19.77 36.82 6.15
CA ASP C 464 18.40 37.28 5.96
C ASP C 464 17.79 36.86 4.63
N ILE C 465 18.60 36.36 3.69
CA ILE C 465 18.11 35.88 2.41
C ILE C 465 19.24 35.14 1.72
N ALA C 466 18.90 34.26 0.80
CA ALA C 466 19.89 33.48 0.04
C ALA C 466 19.56 33.57 -1.44
N ILE C 467 20.45 34.21 -2.20
CA ILE C 467 20.29 34.37 -3.64
C ILE C 467 21.43 33.61 -4.30
N ALA C 468 21.15 32.40 -4.76
CA ALA C 468 22.15 31.52 -5.34
C ALA C 468 21.44 30.46 -6.17
N PRO C 469 22.17 29.76 -7.06
CA PRO C 469 21.52 28.68 -7.83
C PRO C 469 21.04 27.55 -6.94
N LEU C 470 20.13 27.86 -6.02
CA LEU C 470 19.66 26.90 -5.03
C LEU C 470 18.54 26.07 -5.63
N THR C 471 18.72 24.75 -5.67
CA THR C 471 17.76 23.87 -6.29
C THR C 471 16.47 23.83 -5.46
N ILE C 472 15.36 24.18 -6.09
CA ILE C 472 14.06 24.15 -5.42
C ILE C 472 13.66 22.70 -5.21
N THR C 473 14.09 22.12 -4.09
CA THR C 473 13.76 20.76 -3.72
C THR C 473 12.72 20.76 -2.61
N LEU C 474 12.15 19.56 -2.36
CA LEU C 474 11.09 19.45 -1.37
C LEU C 474 11.61 19.66 0.04
N VAL C 475 12.73 19.02 0.38
CA VAL C 475 13.24 19.08 1.75
C VAL C 475 13.67 20.49 2.12
N ARG C 476 14.10 21.28 1.14
CA ARG C 476 14.53 22.65 1.42
C ARG C 476 13.35 23.60 1.57
N GLU C 477 12.28 23.36 0.81
CA GLU C 477 11.08 24.19 0.92
C GLU C 477 10.47 24.11 2.32
N GLU C 478 10.81 23.08 3.10
CA GLU C 478 10.22 22.89 4.42
C GLU C 478 10.83 23.81 5.48
N VAL C 479 12.04 24.32 5.25
CA VAL C 479 12.72 25.14 6.24
C VAL C 479 12.89 26.59 5.79
N ILE C 480 12.95 26.85 4.50
CA ILE C 480 13.05 28.20 3.97
C ILE C 480 11.93 28.41 2.97
N ASP C 481 11.82 29.64 2.48
CA ASP C 481 10.80 30.00 1.49
C ASP C 481 11.49 30.28 0.16
N PHE C 482 11.23 29.43 -0.83
CA PHE C 482 11.76 29.62 -2.16
C PHE C 482 10.87 30.57 -2.96
N SER C 483 11.50 31.50 -3.67
CA SER C 483 10.76 32.30 -4.63
C SER C 483 10.44 31.46 -5.86
N LYS C 484 9.66 32.04 -6.76
CA LYS C 484 9.34 31.36 -8.01
C LYS C 484 10.64 31.09 -8.78
N PRO C 485 10.67 30.03 -9.58
CA PRO C 485 11.92 29.67 -10.26
C PRO C 485 12.40 30.75 -11.22
N PHE C 486 13.50 31.42 -10.88
CA PHE C 486 14.06 32.42 -11.77
C PHE C 486 14.89 31.82 -12.89
N MET C 487 14.92 30.50 -13.01
CA MET C 487 15.72 29.83 -14.03
C MET C 487 15.33 28.37 -14.17
N SER C 488 14.64 28.02 -15.25
CA SER C 488 14.31 26.64 -15.51
C SER C 488 15.55 25.90 -15.99
N LEU C 489 15.66 24.62 -15.61
CA LEU C 489 16.75 23.78 -16.04
C LEU C 489 16.33 22.33 -15.91
N GLY C 490 17.28 21.42 -16.04
CA GLY C 490 17.01 20.00 -15.98
C GLY C 490 18.21 19.23 -16.45
N ILE C 491 18.09 17.90 -16.33
CA ILE C 491 19.19 17.01 -16.68
C ILE C 491 19.33 16.94 -18.19
N SER C 492 20.48 17.36 -18.71
CA SER C 492 20.77 17.36 -20.14
C SER C 492 22.06 16.56 -20.39
N ILE C 493 22.39 16.40 -21.67
CA ILE C 493 23.52 15.59 -22.11
C ILE C 493 24.63 16.49 -22.61
N MET C 494 25.88 16.11 -22.34
CA MET C 494 27.06 16.82 -22.83
C MET C 494 27.94 15.82 -23.58
N ILE C 495 28.22 16.11 -24.85
CA ILE C 495 28.99 15.22 -25.71
C ILE C 495 30.17 16.00 -26.28
N LYS C 496 30.97 15.31 -27.09
CA LYS C 496 32.13 15.91 -27.73
C LYS C 496 31.70 16.78 -28.91
N LYS C 497 32.66 17.53 -29.45
CA LYS C 497 32.38 18.42 -30.56
C LYS C 497 32.40 17.66 -31.89
N PRO C 498 31.49 17.97 -32.79
CA PRO C 498 31.43 17.27 -34.08
C PRO C 498 32.32 17.92 -35.13
N GLN C 499 32.41 17.24 -36.27
CA GLN C 499 33.10 17.75 -37.47
C GLN C 499 34.60 18.06 -37.42
N LYS C 500 35.37 17.22 -36.73
CA LYS C 500 36.82 17.36 -36.79
C LYS C 500 37.43 17.13 -38.19
N SER C 501 36.97 16.13 -38.93
CA SER C 501 37.69 15.70 -40.14
C SER C 501 36.77 15.39 -41.35
N LYS C 502 37.30 14.87 -42.47
CA LYS C 502 38.69 14.41 -42.64
C LYS C 502 39.22 14.47 -44.09
N PRO C 503 38.28 14.23 -45.10
CA PRO C 503 38.79 13.83 -46.42
C PRO C 503 40.28 13.52 -46.70
N GLY C 504 40.77 13.90 -47.87
CA GLY C 504 42.18 13.81 -48.17
C GLY C 504 42.41 13.04 -49.46
N VAL C 505 43.69 12.94 -49.82
CA VAL C 505 44.08 12.19 -51.01
C VAL C 505 44.05 10.68 -50.73
N PHE C 506 44.41 10.26 -49.52
CA PHE C 506 44.36 8.85 -49.16
C PHE C 506 42.93 8.31 -49.08
N SER C 507 41.93 9.19 -49.04
CA SER C 507 40.54 8.77 -48.95
C SER C 507 39.88 8.60 -50.32
N PHE C 508 40.51 9.08 -51.39
CA PHE C 508 39.92 8.92 -52.72
C PHE C 508 39.99 7.48 -53.19
N LEU C 509 41.14 6.82 -53.02
CA LEU C 509 41.32 5.43 -53.41
C LEU C 509 40.79 4.44 -52.37
N ASP C 510 39.96 4.91 -51.45
CA ASP C 510 39.44 4.10 -50.35
C ASP C 510 38.38 3.08 -50.78
N PRO C 511 37.42 3.43 -51.70
CA PRO C 511 36.39 2.45 -52.07
C PRO C 511 36.99 1.11 -52.47
N LEU C 512 37.75 1.09 -53.55
CA LEU C 512 38.57 -0.07 -53.85
C LEU C 512 39.65 -0.24 -52.79
N ALA C 513 39.97 -1.50 -52.49
CA ALA C 513 40.97 -1.77 -51.46
C ALA C 513 42.34 -1.34 -51.97
N TYR C 514 43.22 -1.06 -51.01
CA TYR C 514 44.58 -0.63 -51.35
C TYR C 514 45.28 -1.65 -52.24
N GLU C 515 45.04 -2.93 -52.01
CA GLU C 515 45.72 -3.98 -52.77
C GLU C 515 45.18 -4.09 -54.19
N ILE C 516 44.00 -3.55 -54.47
CA ILE C 516 43.40 -3.70 -55.80
C ILE C 516 43.81 -2.56 -56.73
N TRP C 517 43.97 -1.35 -56.20
CA TRP C 517 44.53 -0.27 -57.01
C TRP C 517 45.91 -0.64 -57.53
N MET C 518 46.68 -1.39 -56.75
CA MET C 518 47.99 -1.88 -57.16
C MET C 518 47.92 -3.23 -57.85
N CYS C 519 46.72 -3.80 -58.01
CA CYS C 519 46.54 -5.03 -58.77
C CYS C 519 45.87 -4.82 -60.12
N ILE C 520 45.11 -3.73 -60.28
CA ILE C 520 44.51 -3.43 -61.57
C ILE C 520 45.57 -3.03 -62.58
N VAL C 521 46.68 -2.45 -62.12
CA VAL C 521 47.74 -2.03 -63.03
C VAL C 521 48.50 -3.22 -63.58
N PHE C 522 48.58 -4.32 -62.82
CA PHE C 522 49.24 -5.53 -63.31
C PHE C 522 48.52 -6.11 -64.52
N ALA C 523 47.20 -5.97 -64.56
CA ALA C 523 46.42 -6.45 -65.70
C ALA C 523 46.40 -5.45 -66.86
N TYR C 524 46.64 -4.17 -66.57
CA TYR C 524 46.67 -3.18 -67.65
C TYR C 524 47.91 -3.34 -68.51
N ILE C 525 49.08 -3.50 -67.88
CA ILE C 525 50.30 -3.75 -68.65
C ILE C 525 50.38 -5.17 -69.17
N GLY C 526 49.60 -6.09 -68.61
CA GLY C 526 49.58 -7.46 -69.13
C GLY C 526 48.85 -7.59 -70.44
N VAL C 527 47.85 -6.75 -70.69
CA VAL C 527 47.13 -6.80 -71.95
C VAL C 527 47.86 -6.04 -73.05
N SER C 528 48.55 -4.95 -72.70
CA SER C 528 49.33 -4.22 -73.69
C SER C 528 50.49 -5.05 -74.22
N VAL C 529 51.05 -5.95 -73.39
CA VAL C 529 52.13 -6.80 -73.85
C VAL C 529 51.60 -8.05 -74.55
N VAL C 530 50.31 -8.36 -74.40
CA VAL C 530 49.72 -9.44 -75.18
C VAL C 530 49.46 -8.98 -76.60
N LEU C 531 49.01 -7.73 -76.78
CA LEU C 531 48.90 -7.17 -78.11
C LEU C 531 50.26 -6.96 -78.76
N PHE C 532 51.33 -6.97 -77.97
CA PHE C 532 52.67 -7.05 -78.52
C PHE C 532 52.88 -8.37 -79.26
N LEU C 533 52.27 -9.45 -78.75
CA LEU C 533 52.50 -10.80 -79.25
C LEU C 533 51.43 -11.28 -80.23
N VAL C 534 50.17 -10.88 -80.05
CA VAL C 534 49.11 -11.36 -80.93
C VAL C 534 49.10 -10.61 -82.27
N SER C 535 49.70 -9.43 -82.33
CA SER C 535 49.74 -8.66 -83.57
C SER C 535 51.03 -8.91 -84.34
N ILE C 545 56.09 -0.03 -81.58
CA ILE C 545 55.73 -0.10 -80.17
C ILE C 545 55.10 1.22 -79.72
N PHE C 546 55.59 2.34 -80.28
CA PHE C 546 55.02 3.64 -79.92
C PHE C 546 53.65 3.84 -80.52
N ASN C 547 53.31 3.14 -81.61
CA ASN C 547 51.96 3.21 -82.16
C ASN C 547 51.09 2.02 -81.77
N SER C 548 51.70 0.94 -81.27
CA SER C 548 50.91 -0.18 -80.78
C SER C 548 50.41 0.06 -79.36
N LEU C 549 51.26 0.61 -78.50
CA LEU C 549 50.78 1.12 -77.22
C LEU C 549 49.83 2.30 -77.42
N TRP C 550 50.03 3.07 -78.49
CA TRP C 550 49.05 4.07 -78.89
C TRP C 550 47.71 3.43 -79.22
N PHE C 551 47.75 2.26 -79.85
CA PHE C 551 46.52 1.59 -80.25
C PHE C 551 45.93 0.79 -79.11
N SER C 552 46.77 0.09 -78.34
CA SER C 552 46.27 -0.74 -77.25
C SER C 552 45.59 0.13 -76.19
N LEU C 553 46.11 1.33 -75.95
CA LEU C 553 45.43 2.26 -75.06
C LEU C 553 44.17 2.81 -75.72
N GLY C 554 44.19 3.01 -77.04
CA GLY C 554 42.97 3.28 -77.77
C GLY C 554 42.06 2.08 -77.91
N ALA C 555 42.61 0.88 -77.66
CA ALA C 555 41.80 -0.34 -77.57
C ALA C 555 41.51 -0.73 -76.13
N PHE C 556 42.14 -0.07 -75.15
CA PHE C 556 41.83 -0.29 -73.74
C PHE C 556 40.69 0.59 -73.25
N MET C 557 40.61 1.83 -73.73
CA MET C 557 39.50 2.69 -73.36
C MET C 557 38.19 2.12 -73.89
N GLN C 558 38.09 1.91 -75.20
CA GLN C 558 36.92 1.32 -75.82
C GLN C 558 36.94 -0.19 -75.55
N GLN C 559 36.47 -0.55 -74.35
CA GLN C 559 36.33 -1.94 -73.91
C GLN C 559 37.69 -2.62 -74.00
N GLY C 560 37.87 -3.64 -74.84
CA GLY C 560 39.14 -4.33 -74.94
C GLY C 560 39.63 -4.52 -76.36
N SER C 567 42.06 -10.11 -85.42
CA SER C 567 42.67 -11.42 -85.21
C SER C 567 41.90 -12.16 -84.12
N LEU C 568 41.76 -13.47 -84.29
CA LEU C 568 41.04 -14.27 -83.32
C LEU C 568 41.76 -14.29 -81.97
N SER C 569 43.08 -14.19 -81.96
CA SER C 569 43.82 -14.17 -80.71
C SER C 569 43.50 -12.89 -79.93
N GLY C 570 43.62 -11.73 -80.58
CA GLY C 570 43.32 -10.47 -79.94
C GLY C 570 41.84 -10.22 -79.71
N ARG C 571 40.98 -10.87 -80.51
CA ARG C 571 39.55 -10.69 -80.32
C ARG C 571 39.09 -11.26 -78.98
N ILE C 572 39.66 -12.40 -78.58
CA ILE C 572 39.33 -12.93 -77.26
C ILE C 572 40.12 -12.22 -76.17
N VAL C 573 41.14 -11.44 -76.52
CA VAL C 573 41.71 -10.50 -75.57
C VAL C 573 40.74 -9.35 -75.34
N GLY C 574 40.00 -8.97 -76.37
CA GLY C 574 39.00 -7.93 -76.21
C GLY C 574 37.79 -8.34 -75.42
N GLY C 575 37.37 -9.59 -75.55
CA GLY C 575 36.20 -10.07 -74.82
C GLY C 575 36.46 -10.33 -73.35
N VAL C 576 37.66 -10.82 -73.02
CA VAL C 576 37.96 -11.20 -71.65
C VAL C 576 38.36 -9.98 -70.83
N TRP C 577 39.06 -9.02 -71.44
CA TRP C 577 39.47 -7.83 -70.69
C TRP C 577 38.27 -7.00 -70.26
N TRP C 578 37.15 -7.12 -70.98
CA TRP C 578 35.98 -6.34 -70.61
C TRP C 578 35.26 -6.94 -69.41
N PHE C 579 35.03 -8.25 -69.40
CA PHE C 579 34.34 -8.88 -68.27
C PHE C 579 35.13 -8.79 -66.97
N PHE C 580 36.44 -8.53 -67.05
CA PHE C 580 37.21 -8.29 -65.84
C PHE C 580 37.05 -6.85 -65.37
N THR C 581 37.18 -5.88 -66.26
CA THR C 581 36.96 -4.49 -65.89
C THR C 581 35.48 -4.19 -65.65
N LEU C 582 34.58 -5.01 -66.19
CA LEU C 582 33.15 -4.81 -65.94
C LEU C 582 32.79 -5.14 -64.50
N ILE C 583 33.47 -6.12 -63.89
CA ILE C 583 33.17 -6.48 -62.52
C ILE C 583 33.82 -5.48 -61.55
N ILE C 584 35.03 -5.02 -61.86
CA ILE C 584 35.72 -4.09 -60.97
C ILE C 584 34.95 -2.78 -60.85
N ILE C 585 34.50 -2.24 -61.99
CA ILE C 585 33.73 -1.00 -61.96
C ILE C 585 32.40 -1.21 -61.24
N SER C 586 31.83 -2.41 -61.35
CA SER C 586 30.63 -2.72 -60.58
C SER C 586 30.96 -2.95 -59.11
N SER C 587 32.05 -3.69 -58.84
CA SER C 587 32.52 -3.86 -57.47
C SER C 587 32.98 -2.54 -56.86
N TYR C 588 33.37 -1.58 -57.70
CA TYR C 588 33.62 -0.23 -57.20
C TYR C 588 32.32 0.52 -56.95
N THR C 589 31.39 0.43 -57.90
CA THR C 589 30.12 1.14 -57.75
C THR C 589 29.28 0.55 -56.63
N ALA C 590 29.19 -0.78 -56.58
CA ALA C 590 28.36 -1.42 -55.55
C ALA C 590 28.93 -1.19 -54.16
N ASN C 591 30.24 -1.35 -54.00
CA ASN C 591 30.83 -1.18 -52.67
C ASN C 591 30.79 0.28 -52.23
N LEU C 592 30.98 1.21 -53.17
CA LEU C 592 30.93 2.63 -52.81
C LEU C 592 29.55 3.03 -52.32
N ALA C 593 28.51 2.38 -52.84
CA ALA C 593 27.16 2.66 -52.34
C ALA C 593 26.99 2.18 -50.91
N ALA C 594 27.81 1.23 -50.47
CA ALA C 594 27.67 0.70 -49.12
C ALA C 594 28.22 1.67 -48.08
N PHE C 595 29.18 2.50 -48.46
CA PHE C 595 29.75 3.46 -47.54
C PHE C 595 28.99 4.78 -47.51
N LEU C 596 28.19 5.07 -48.53
CA LEU C 596 27.32 6.22 -48.50
C LEU C 596 25.98 5.91 -47.86
N THR C 597 25.53 4.66 -47.93
CA THR C 597 24.37 4.24 -47.16
C THR C 597 24.70 4.11 -45.68
N VAL C 598 25.94 3.76 -45.37
CA VAL C 598 26.39 3.61 -43.98
C VAL C 598 26.16 4.92 -43.21
N GLU C 599 26.85 5.97 -43.64
CA GLU C 599 26.72 7.27 -42.99
C GLU C 599 25.24 7.66 -42.85
N ARG C 600 24.51 7.56 -43.96
CA ARG C 600 23.08 7.86 -43.96
C ARG C 600 22.39 7.37 -42.69
N MET C 601 22.95 6.33 -42.09
CA MET C 601 22.48 5.75 -40.84
C MET C 601 23.41 6.28 -39.75
N VAL C 602 23.33 7.58 -39.51
CA VAL C 602 24.14 8.24 -38.48
C VAL C 602 23.06 8.30 -37.40
N SER C 603 23.24 9.20 -36.43
CA SER C 603 22.28 9.35 -35.34
C SER C 603 21.53 10.70 -35.37
N PRO C 604 22.22 11.91 -35.64
CA PRO C 604 23.70 11.80 -35.62
C PRO C 604 24.41 11.53 -34.27
N ILE C 605 24.15 12.21 -33.14
CA ILE C 605 23.13 13.26 -32.92
C ILE C 605 21.70 12.72 -32.80
N GLU C 606 21.41 12.05 -31.70
CA GLU C 606 20.16 11.32 -31.58
C GLU C 606 19.35 11.90 -30.41
N SER C 607 18.39 11.13 -29.92
CA SER C 607 17.61 11.50 -28.75
C SER C 607 18.21 10.88 -27.50
N ALA C 608 17.71 11.33 -26.35
CA ALA C 608 18.22 10.83 -25.08
C ALA C 608 17.88 9.35 -24.88
N GLU C 609 16.82 8.87 -25.55
CA GLU C 609 16.44 7.46 -25.42
C GLU C 609 17.40 6.57 -26.20
N ASP C 610 17.68 6.92 -27.46
CA ASP C 610 18.55 6.09 -28.29
C ASP C 610 19.98 6.07 -27.78
N LEU C 611 20.36 7.01 -26.92
CA LEU C 611 21.67 6.95 -26.28
C LEU C 611 21.82 5.69 -25.43
N SER C 612 20.72 5.17 -24.90
CA SER C 612 20.74 3.97 -24.06
C SER C 612 20.62 2.68 -24.86
N LYS C 613 20.22 2.74 -26.13
CA LYS C 613 20.01 1.54 -26.92
C LYS C 613 21.31 0.93 -27.42
N GLN C 614 22.40 1.69 -27.44
CA GLN C 614 23.70 1.20 -27.89
C GLN C 614 24.69 1.27 -26.74
N THR C 615 25.71 0.41 -26.80
CA THR C 615 26.73 0.35 -25.77
C THR C 615 28.12 0.71 -26.28
N GLU C 616 28.26 1.12 -27.54
CA GLU C 616 29.56 1.53 -28.05
C GLU C 616 30.02 2.81 -27.37
N ILE C 617 29.15 3.82 -27.32
CA ILE C 617 29.43 5.05 -26.60
C ILE C 617 28.89 4.90 -25.19
N ALA C 618 29.78 4.91 -24.20
CA ALA C 618 29.37 4.76 -22.81
C ALA C 618 28.84 6.08 -22.27
N TYR C 619 28.05 5.99 -21.20
CA TYR C 619 27.44 7.16 -20.61
C TYR C 619 27.26 6.94 -19.11
N GLY C 620 27.38 8.03 -18.35
CA GLY C 620 27.22 7.98 -16.91
C GLY C 620 27.00 9.37 -16.37
N THR C 621 26.69 9.41 -15.07
CA THR C 621 26.44 10.66 -14.36
C THR C 621 27.44 10.81 -13.22
N LEU C 622 27.22 11.80 -12.37
CA LEU C 622 28.04 11.99 -11.20
C LEU C 622 27.80 10.87 -10.21
N ASP C 623 28.80 10.63 -9.34
CA ASP C 623 28.73 9.50 -8.43
C ASP C 623 27.69 9.69 -7.33
N SER C 624 27.31 10.93 -7.03
CA SER C 624 26.32 11.19 -5.98
C SER C 624 25.72 12.57 -6.21
N GLY C 625 24.42 12.64 -6.41
CA GLY C 625 23.76 13.92 -6.60
C GLY C 625 22.33 13.72 -7.05
N SER C 626 21.67 14.86 -7.26
CA SER C 626 20.29 14.86 -7.73
C SER C 626 20.14 14.18 -9.08
N THR C 627 21.22 14.13 -9.88
CA THR C 627 21.14 13.53 -11.21
C THR C 627 21.12 12.02 -11.14
N LYS C 628 22.00 11.43 -10.33
CA LYS C 628 22.08 9.97 -10.26
C LYS C 628 20.81 9.39 -9.63
N GLU C 629 20.30 10.02 -8.57
CA GLU C 629 19.10 9.53 -7.92
C GLU C 629 17.90 9.55 -8.86
N PHE C 630 17.91 10.44 -9.85
CA PHE C 630 16.80 10.51 -10.79
C PHE C 630 16.63 9.18 -11.53
N PHE C 631 17.73 8.63 -12.06
CA PHE C 631 17.63 7.40 -12.82
C PHE C 631 17.33 6.21 -11.92
N ARG C 632 17.67 6.30 -10.64
CA ARG C 632 17.45 5.20 -9.72
C ARG C 632 15.96 4.92 -9.55
N ARG C 633 15.22 5.89 -9.02
CA ARG C 633 13.81 5.72 -8.72
C ARG C 633 12.89 6.09 -9.87
N SER C 634 13.44 6.37 -11.05
CA SER C 634 12.61 6.65 -12.21
C SER C 634 11.95 5.36 -12.66
N LYS C 635 10.63 5.29 -12.52
CA LYS C 635 9.88 4.14 -12.99
C LYS C 635 9.66 4.14 -14.49
N ILE C 636 10.12 5.20 -15.19
CA ILE C 636 10.00 5.23 -16.64
C ILE C 636 10.89 4.17 -17.25
N ALA C 637 10.37 3.49 -18.28
CA ALA C 637 11.09 2.36 -18.87
C ALA C 637 12.40 2.81 -19.52
N VAL C 638 12.40 3.99 -20.13
CA VAL C 638 13.60 4.49 -20.80
C VAL C 638 14.71 4.74 -19.77
N PHE C 639 14.40 5.52 -18.74
CA PHE C 639 15.41 5.85 -17.74
C PHE C 639 15.77 4.65 -16.88
N ASP C 640 14.86 3.68 -16.74
CA ASP C 640 15.20 2.47 -16.01
C ASP C 640 16.21 1.62 -16.77
N LYS C 641 16.09 1.60 -18.10
CA LYS C 641 17.08 0.89 -18.91
C LYS C 641 18.42 1.59 -18.84
N MET C 642 18.42 2.92 -18.73
CA MET C 642 19.68 3.65 -18.56
C MET C 642 20.30 3.34 -17.20
N TRP C 643 19.48 3.26 -16.16
CA TRP C 643 20.01 3.04 -14.82
C TRP C 643 20.57 1.62 -14.67
N THR C 644 19.89 0.63 -15.24
CA THR C 644 20.38 -0.75 -15.15
C THR C 644 21.71 -0.91 -15.86
N TYR C 645 21.97 -0.12 -16.90
CA TYR C 645 23.25 -0.19 -17.58
C TYR C 645 24.36 0.46 -16.74
N MET C 646 24.16 1.70 -16.33
CA MET C 646 25.18 2.44 -15.59
C MET C 646 25.48 1.81 -14.24
N ARG C 647 24.53 1.06 -13.67
CA ARG C 647 24.75 0.47 -12.35
C ARG C 647 25.75 -0.68 -12.40
N SER C 648 25.77 -1.45 -13.49
CA SER C 648 26.64 -2.62 -13.61
C SER C 648 27.66 -2.48 -14.73
N ALA C 649 27.75 -1.32 -15.37
CA ALA C 649 28.72 -1.14 -16.45
C ALA C 649 30.13 -1.11 -15.90
N GLU C 650 30.98 -1.97 -16.42
CA GLU C 650 32.39 -1.99 -16.02
C GLU C 650 33.29 -1.62 -17.19
N PRO C 651 34.29 -0.77 -16.96
CA PRO C 651 34.64 -0.17 -15.65
C PRO C 651 33.66 0.92 -15.19
N SER C 652 33.94 1.51 -14.03
CA SER C 652 33.03 2.48 -13.43
C SER C 652 32.85 3.69 -14.34
N VAL C 653 31.60 3.94 -14.74
CA VAL C 653 31.29 5.08 -15.60
C VAL C 653 31.04 6.35 -14.80
N PHE C 654 31.15 6.31 -13.48
CA PHE C 654 30.94 7.48 -12.63
C PHE C 654 32.28 8.10 -12.25
N VAL C 655 32.28 9.42 -12.08
CA VAL C 655 33.50 10.16 -11.74
C VAL C 655 33.37 10.76 -10.35
N ARG C 656 34.42 11.47 -9.92
CA ARG C 656 34.46 12.02 -8.57
C ARG C 656 33.81 13.40 -8.50
N THR C 657 34.23 14.34 -9.35
CA THR C 657 33.71 15.70 -9.35
C THR C 657 33.19 16.05 -10.73
N THR C 658 32.54 17.22 -10.81
CA THR C 658 32.01 17.70 -12.09
C THR C 658 33.14 18.13 -13.03
N ALA C 659 34.26 18.59 -12.47
CA ALA C 659 35.40 18.96 -13.30
C ALA C 659 35.97 17.76 -14.03
N GLU C 660 35.87 16.57 -13.44
CA GLU C 660 36.38 15.36 -14.10
C GLU C 660 35.49 14.93 -15.26
N GLY C 661 34.18 15.11 -15.12
CA GLY C 661 33.26 14.66 -16.16
C GLY C 661 33.46 15.41 -17.47
N VAL C 662 33.59 16.73 -17.40
CA VAL C 662 33.82 17.52 -18.62
C VAL C 662 35.14 17.11 -19.27
N ALA C 663 36.18 16.92 -18.47
CA ALA C 663 37.47 16.49 -19.01
C ALA C 663 37.39 15.08 -19.59
N ARG C 664 36.52 14.22 -19.04
CA ARG C 664 36.40 12.87 -19.56
C ARG C 664 35.75 12.85 -20.95
N VAL C 665 34.92 13.85 -21.25
CA VAL C 665 34.31 13.91 -22.58
C VAL C 665 35.31 14.47 -23.59
N ARG C 666 36.19 15.38 -23.18
CA ARG C 666 37.13 16.00 -24.10
C ARG C 666 38.27 15.05 -24.50
N LYS C 667 38.48 13.98 -23.73
CA LYS C 667 39.61 13.07 -23.98
C LYS C 667 39.15 11.66 -24.34
N SER C 668 37.87 11.46 -24.64
CA SER C 668 37.34 10.15 -24.97
C SER C 668 37.15 9.93 -26.46
N LYS C 669 37.60 10.88 -27.29
CA LYS C 669 37.43 10.81 -28.74
C LYS C 669 35.96 10.61 -29.13
N GLY C 670 35.05 11.15 -28.32
CA GLY C 670 33.64 11.04 -28.59
C GLY C 670 33.01 9.73 -28.20
N LYS C 671 33.70 8.89 -27.43
CA LYS C 671 33.17 7.60 -27.01
C LYS C 671 32.52 7.64 -25.64
N TYR C 672 32.33 8.82 -25.06
CA TYR C 672 31.71 8.94 -23.76
C TYR C 672 30.90 10.23 -23.70
N ALA C 673 29.76 10.16 -23.00
CA ALA C 673 28.90 11.31 -22.81
C ALA C 673 28.64 11.50 -21.32
N TYR C 674 28.21 12.71 -20.95
CA TYR C 674 27.99 13.07 -19.56
C TYR C 674 26.65 13.74 -19.39
N LEU C 675 25.97 13.43 -18.28
CA LEU C 675 24.66 13.98 -17.98
C LEU C 675 24.75 14.93 -16.80
N LEU C 676 24.20 16.13 -16.97
CA LEU C 676 24.23 17.14 -15.93
C LEU C 676 23.12 18.15 -16.21
N GLU C 677 23.04 19.17 -15.36
CA GLU C 677 22.00 20.17 -15.50
C GLU C 677 22.25 21.05 -16.73
N SER C 678 21.16 21.56 -17.30
CA SER C 678 21.27 22.33 -18.53
C SER C 678 22.00 23.65 -18.32
N THR C 679 21.87 24.26 -17.15
CA THR C 679 22.55 25.53 -16.90
C THR C 679 24.06 25.35 -16.94
N MET C 680 24.57 24.32 -16.26
CA MET C 680 26.01 24.06 -16.32
C MET C 680 26.42 23.52 -17.67
N ASN C 681 25.55 22.77 -18.34
CA ASN C 681 25.89 22.26 -19.66
C ASN C 681 25.89 23.36 -20.71
N GLU C 682 24.95 24.31 -20.61
CA GLU C 682 24.94 25.46 -21.50
C GLU C 682 26.08 26.43 -21.21
N TYR C 683 26.81 26.24 -20.11
CA TYR C 683 27.93 27.12 -19.77
C TYR C 683 29.27 26.55 -20.16
N ILE C 684 29.44 25.22 -20.12
CA ILE C 684 30.69 24.62 -20.57
C ILE C 684 30.77 24.68 -22.09
N GLU C 685 29.64 24.59 -22.79
CA GLU C 685 29.61 24.73 -24.24
C GLU C 685 30.18 26.07 -24.69
N GLN C 686 30.12 27.09 -23.83
CA GLN C 686 30.57 28.43 -24.17
C GLN C 686 31.88 28.78 -23.45
N ARG C 687 32.81 27.83 -23.39
CA ARG C 687 34.12 28.05 -22.78
C ARG C 687 35.17 27.30 -23.58
N LYS C 688 36.36 27.89 -23.67
CA LYS C 688 37.47 27.28 -24.37
C LYS C 688 37.79 25.90 -23.78
N PRO C 689 38.11 24.92 -24.64
CA PRO C 689 38.25 25.05 -26.09
C PRO C 689 37.00 24.74 -26.92
N CYS C 690 35.81 25.04 -26.37
CA CYS C 690 34.56 24.94 -27.12
C CYS C 690 34.35 23.54 -27.71
N ASP C 691 34.62 22.50 -26.91
CA ASP C 691 34.55 21.13 -27.38
C ASP C 691 33.35 20.37 -26.80
N THR C 692 32.46 21.04 -26.08
CA THR C 692 31.26 20.42 -25.53
C THR C 692 30.04 21.06 -26.14
N MET C 693 28.94 20.30 -26.18
CA MET C 693 27.71 20.77 -26.81
C MET C 693 26.52 20.12 -26.14
N LYS C 694 25.58 20.94 -25.65
CA LYS C 694 24.33 20.43 -25.11
C LYS C 694 23.47 19.87 -26.23
N VAL C 695 23.13 18.59 -26.13
CA VAL C 695 22.32 17.92 -27.13
C VAL C 695 20.99 17.51 -26.51
N GLY C 696 19.91 17.73 -27.25
CA GLY C 696 18.58 17.36 -26.80
C GLY C 696 18.08 18.20 -25.65
N GLY C 697 16.77 18.16 -25.40
CA GLY C 697 16.19 18.85 -24.28
C GLY C 697 16.58 18.22 -22.96
N ASN C 698 16.05 18.79 -21.90
CA ASN C 698 16.34 18.28 -20.57
C ASN C 698 15.61 16.95 -20.34
N LEU C 699 16.01 16.25 -19.28
CA LEU C 699 15.39 14.98 -18.93
C LEU C 699 14.32 15.11 -17.84
N ASP C 700 14.26 16.25 -17.16
CA ASP C 700 13.24 16.50 -16.17
C ASP C 700 13.11 18.01 -16.00
N SER C 701 12.14 18.42 -15.17
CA SER C 701 11.92 19.82 -14.88
C SER C 701 12.37 20.12 -13.45
N LYS C 702 13.00 21.28 -13.29
CA LYS C 702 13.40 21.76 -11.98
C LYS C 702 13.53 23.28 -12.06
N GLY C 703 14.33 23.86 -11.17
CA GLY C 703 14.51 25.29 -11.18
C GLY C 703 15.27 25.82 -9.98
N TYR C 704 15.97 26.93 -10.16
CA TYR C 704 16.65 27.60 -9.07
C TYR C 704 15.73 28.65 -8.45
N GLY C 705 15.86 28.84 -7.15
CA GLY C 705 15.00 29.76 -6.43
C GLY C 705 15.76 30.53 -5.38
N ILE C 706 15.23 31.71 -5.06
CA ILE C 706 15.80 32.56 -4.01
C ILE C 706 15.21 32.14 -2.67
N ALA C 707 16.06 31.64 -1.79
CA ALA C 707 15.63 31.12 -0.49
C ALA C 707 15.56 32.26 0.53
N THR C 708 14.41 32.38 1.20
CA THR C 708 14.24 33.34 2.27
C THR C 708 13.84 32.62 3.53
N PRO C 709 14.25 33.14 4.70
CA PRO C 709 13.80 32.54 5.96
C PRO C 709 12.29 32.62 6.09
N LYS C 710 11.69 31.54 6.59
CA LYS C 710 10.25 31.53 6.80
C LYS C 710 9.87 32.58 7.84
N GLY C 711 8.80 33.31 7.57
CA GLY C 711 8.37 34.38 8.44
C GLY C 711 9.13 35.67 8.30
N SER C 712 10.09 35.75 7.38
CA SER C 712 10.83 36.99 7.17
C SER C 712 10.02 37.96 6.34
N SER C 713 10.25 39.25 6.58
CA SER C 713 9.54 40.28 5.83
C SER C 713 9.92 40.27 4.36
N LEU C 714 11.15 39.84 4.04
CA LEU C 714 11.61 39.84 2.65
C LEU C 714 10.87 38.83 1.78
N GLY C 715 10.31 37.78 2.38
CA GLY C 715 9.75 36.66 1.66
C GLY C 715 8.84 36.98 0.48
N THR C 716 7.67 37.57 0.76
CA THR C 716 6.72 37.81 -0.32
C THR C 716 7.19 38.86 -1.32
N PRO C 717 7.74 40.01 -0.91
CA PRO C 717 8.20 40.98 -1.93
C PRO C 717 9.28 40.44 -2.84
N VAL C 718 10.23 39.67 -2.32
CA VAL C 718 11.27 39.07 -3.16
C VAL C 718 10.63 38.09 -4.15
N ASN C 719 9.62 37.36 -3.71
CA ASN C 719 8.92 36.44 -4.60
C ASN C 719 8.17 37.20 -5.69
N LEU C 720 7.52 38.31 -5.33
CA LEU C 720 6.88 39.15 -6.33
C LEU C 720 7.90 39.77 -7.27
N ALA C 721 9.11 40.02 -6.79
CA ALA C 721 10.16 40.60 -7.64
C ALA C 721 10.56 39.62 -8.75
N VAL C 722 10.76 38.35 -8.39
CA VAL C 722 11.22 37.36 -9.36
C VAL C 722 10.20 37.21 -10.49
N LEU C 723 8.91 37.34 -10.18
CA LEU C 723 7.90 37.22 -11.23
C LEU C 723 7.90 38.42 -12.16
N LYS C 724 8.11 39.62 -11.60
CA LYS C 724 8.19 40.80 -12.46
C LYS C 724 9.41 40.73 -13.38
N LEU C 725 10.52 40.21 -12.87
CA LEU C 725 11.74 40.14 -13.66
C LEU C 725 11.60 39.19 -14.84
N SER C 726 11.11 37.97 -14.59
CA SER C 726 11.01 36.99 -15.67
C SER C 726 10.04 37.44 -16.75
N GLU C 727 9.04 38.24 -16.38
CA GLU C 727 8.07 38.70 -17.37
C GLU C 727 8.60 39.86 -18.20
N GLN C 728 9.40 40.74 -17.60
CA GLN C 728 10.03 41.84 -18.32
C GLN C 728 11.27 41.40 -19.10
N GLY C 729 11.56 40.11 -19.12
CA GLY C 729 12.71 39.61 -19.87
C GLY C 729 14.05 39.82 -19.21
N VAL C 730 14.07 40.35 -17.99
CA VAL C 730 15.36 40.62 -17.33
C VAL C 730 16.08 39.33 -16.99
N LEU C 731 15.35 38.34 -16.46
CA LEU C 731 15.97 37.06 -16.14
C LEU C 731 16.39 36.31 -17.41
N ASP C 732 15.64 36.46 -18.49
CA ASP C 732 16.11 35.97 -19.78
C ASP C 732 17.31 36.78 -20.28
N LYS C 733 17.30 38.08 -20.01
CA LYS C 733 18.42 38.93 -20.43
C LYS C 733 19.69 38.61 -19.66
N LEU C 734 19.58 38.49 -18.33
CA LEU C 734 20.76 38.17 -17.53
C LEU C 734 21.25 36.75 -17.78
N LYS C 735 20.32 35.83 -18.14
CA LYS C 735 20.75 34.50 -18.56
C LYS C 735 21.62 34.57 -19.80
N ASN C 736 21.32 35.52 -20.69
CA ASN C 736 22.13 35.72 -21.89
C ASN C 736 23.37 36.55 -21.62
N LYS C 737 23.40 37.32 -20.53
CA LYS C 737 24.53 38.20 -20.27
C LYS C 737 25.78 37.43 -19.86
N TRP C 738 25.61 36.40 -19.02
CA TRP C 738 26.76 35.69 -18.49
C TRP C 738 27.04 34.36 -19.16
N TRP C 739 26.07 33.81 -19.90
CA TRP C 739 26.28 32.55 -20.59
C TRP C 739 26.81 32.76 -22.00
N TYR C 740 26.16 33.61 -22.78
CA TYR C 740 26.49 33.79 -24.19
C TYR C 740 27.22 35.07 -24.50
N ASP C 741 26.94 36.18 -23.80
CA ASP C 741 27.63 37.43 -24.08
C ASP C 741 29.11 37.34 -23.72
N LYS C 742 29.41 37.18 -22.43
CA LYS C 742 30.80 37.06 -22.00
C LYS C 742 31.32 35.63 -22.19
N GLY C 743 30.83 34.96 -23.24
CA GLY C 743 31.24 33.59 -23.50
C GLY C 743 32.43 33.54 -24.43
N GLU C 744 33.40 32.70 -24.08
CA GLU C 744 34.63 32.57 -24.86
C GLU C 744 34.43 31.85 -26.18
N CYS C 745 33.21 31.43 -26.52
CA CYS C 745 32.93 30.74 -27.77
C CYS C 745 31.67 31.29 -28.40
N GLY C 746 31.53 32.62 -28.42
CA GLY C 746 30.35 33.23 -29.00
C GLY C 746 30.18 32.96 -30.48
N ALA C 747 31.27 32.63 -31.18
CA ALA C 747 31.23 32.33 -32.60
C ALA C 747 31.21 30.81 -32.72
N LYS C 748 31.19 30.09 -31.60
CA LYS C 748 31.09 28.64 -31.60
C LYS C 748 29.68 27.95 -31.52
N ASP C 749 28.67 28.81 -31.35
CA ASP C 749 27.28 28.38 -31.26
C ASP C 749 26.31 28.57 -32.42
N SER C 750 26.43 29.67 -33.17
CA SER C 750 25.54 29.93 -34.30
C SER C 750 26.05 29.34 -35.60
N GLY C 751 27.28 28.85 -35.64
CA GLY C 751 27.82 28.23 -36.84
C GLY C 751 27.91 26.72 -36.72
N SER C 752 27.91 26.22 -35.49
CA SER C 752 27.95 24.78 -35.26
C SER C 752 26.62 24.10 -35.57
N LYS C 753 25.57 24.87 -35.84
CA LYS C 753 24.27 24.31 -36.21
C LYS C 753 23.93 24.53 -37.66
N GLU C 754 24.79 25.19 -38.44
CA GLU C 754 24.57 25.45 -39.85
C GLU C 754 25.52 24.55 -40.65
N LYS C 755 24.96 23.62 -41.41
CA LYS C 755 25.76 22.70 -42.21
C LYS C 755 24.89 22.14 -43.34
N THR C 756 25.49 22.01 -44.52
CA THR C 756 24.82 21.45 -45.68
C THR C 756 25.18 19.98 -45.85
N SER C 757 24.31 19.25 -46.55
CA SER C 757 24.45 17.80 -46.72
C SER C 757 24.41 17.47 -48.20
N ALA C 758 25.58 17.15 -48.77
CA ALA C 758 25.67 16.73 -50.16
C ALA C 758 27.05 16.11 -50.30
N LEU C 759 27.54 15.99 -51.53
CA LEU C 759 28.88 15.50 -51.80
C LEU C 759 29.96 16.58 -51.76
N SER C 760 31.01 16.33 -50.98
CA SER C 760 32.04 17.33 -50.78
C SER C 760 32.89 17.51 -52.04
N LEU C 761 33.18 18.77 -52.36
CA LEU C 761 34.11 19.07 -53.45
C LEU C 761 35.54 18.71 -53.08
N SER C 762 35.85 18.60 -51.78
CA SER C 762 37.22 18.38 -51.34
C SER C 762 37.73 17.01 -51.79
N ASN C 763 36.93 15.97 -51.58
CA ASN C 763 37.36 14.63 -51.99
C ASN C 763 37.25 14.43 -53.49
N VAL C 764 36.32 15.14 -54.15
CA VAL C 764 36.22 15.05 -55.60
C VAL C 764 37.51 15.56 -56.25
N ALA C 765 38.21 16.50 -55.61
CA ALA C 765 39.45 17.01 -56.16
C ALA C 765 40.51 15.93 -56.27
N GLY C 766 40.44 14.90 -55.44
CA GLY C 766 41.37 13.78 -55.55
C GLY C 766 41.35 13.09 -56.90
N VAL C 767 40.24 13.23 -57.64
CA VAL C 767 40.17 12.72 -59.00
C VAL C 767 40.58 13.76 -60.03
N PHE C 768 40.67 15.03 -59.64
CA PHE C 768 41.07 16.09 -60.56
C PHE C 768 42.56 16.34 -60.58
N TYR C 769 43.26 16.12 -59.45
CA TYR C 769 44.71 16.26 -59.45
C TYR C 769 45.39 15.14 -60.23
N ILE C 770 44.72 14.00 -60.41
CA ILE C 770 45.28 12.91 -61.19
C ILE C 770 44.99 13.04 -62.67
N LEU C 771 43.94 13.77 -63.06
CA LEU C 771 43.66 14.00 -64.47
C LEU C 771 44.55 15.10 -65.04
N VAL C 772 44.61 16.25 -64.35
CA VAL C 772 45.52 17.31 -64.75
C VAL C 772 46.96 16.81 -64.64
N GLY C 773 47.23 15.96 -63.65
CA GLY C 773 48.51 15.29 -63.58
C GLY C 773 48.74 14.32 -64.72
N GLY C 774 47.68 13.96 -65.45
CA GLY C 774 47.79 13.14 -66.63
C GLY C 774 47.76 13.96 -67.89
N LEU C 775 47.15 15.16 -67.82
CA LEU C 775 47.18 16.07 -68.95
C LEU C 775 48.57 16.66 -69.14
N GLY C 776 49.20 17.09 -68.04
CA GLY C 776 50.56 17.60 -68.11
C GLY C 776 51.56 16.56 -68.54
N LEU C 777 51.36 15.31 -68.12
CA LEU C 777 52.24 14.23 -68.59
C LEU C 777 52.00 13.93 -70.06
N ALA C 778 50.77 14.09 -70.54
CA ALA C 778 50.50 13.93 -71.97
C ALA C 778 51.00 15.12 -72.78
N MET C 779 51.31 16.25 -72.13
CA MET C 779 51.93 17.38 -72.80
C MET C 779 53.44 17.26 -72.86
N LEU C 780 54.05 16.54 -71.92
CA LEU C 780 55.49 16.30 -71.97
C LEU C 780 55.84 15.22 -73.00
N VAL C 781 54.95 14.25 -73.20
CA VAL C 781 55.15 13.27 -74.26
C VAL C 781 54.85 13.88 -75.62
N ALA C 782 53.96 14.88 -75.67
CA ALA C 782 53.65 15.56 -76.94
C ALA C 782 54.80 16.42 -77.44
N LEU C 783 55.77 16.76 -76.58
CA LEU C 783 56.94 17.53 -76.96
C LEU C 783 58.14 16.66 -77.34
N ILE C 784 58.35 15.55 -76.64
CA ILE C 784 59.46 14.66 -76.98
C ILE C 784 59.18 13.88 -78.26
N GLU C 785 57.90 13.72 -78.63
CA GLU C 785 57.54 13.14 -79.92
C GLU C 785 57.52 14.16 -81.04
N PHE C 786 57.50 15.46 -80.71
CA PHE C 786 57.57 16.52 -81.72
C PHE C 786 59.00 16.98 -81.98
N CYS C 787 59.88 16.91 -80.97
CA CYS C 787 61.27 17.26 -81.20
C CYS C 787 62.00 16.19 -82.01
N TYR C 788 61.60 14.93 -81.87
CA TYR C 788 62.20 13.85 -82.66
C TYR C 788 61.64 13.85 -84.08
N ASN D 1 12.54 6.41 82.21
CA ASN D 1 13.20 6.85 80.98
C ASN D 1 12.17 7.19 79.91
N SER D 2 11.10 7.86 80.31
CA SER D 2 10.05 8.26 79.36
C SER D 2 10.61 9.35 78.44
N ILE D 3 11.03 8.94 77.25
CA ILE D 3 11.61 9.85 76.28
C ILE D 3 10.48 10.57 75.54
N GLN D 4 10.38 11.87 75.74
CA GLN D 4 9.31 12.67 75.16
C GLN D 4 9.63 12.99 73.70
N ILE D 5 8.78 12.53 72.78
CA ILE D 5 8.93 12.83 71.36
C ILE D 5 7.62 13.41 70.84
N GLY D 6 7.69 14.03 69.67
CA GLY D 6 6.56 14.67 69.06
C GLY D 6 5.90 13.80 68.00
N GLY D 7 4.67 14.16 67.65
CA GLY D 7 3.92 13.43 66.66
C GLY D 7 2.98 14.31 65.85
N LEU D 8 3.16 14.34 64.53
CA LEU D 8 2.34 15.14 63.63
C LEU D 8 1.80 14.23 62.53
N PHE D 9 0.53 13.82 62.67
CA PHE D 9 -0.08 12.98 61.65
C PHE D 9 -1.24 13.71 60.99
N PRO D 10 -1.37 13.62 59.67
CA PRO D 10 -2.51 14.23 58.99
C PRO D 10 -3.83 13.61 59.45
N ARG D 11 -4.92 14.32 59.13
CA ARG D 11 -6.24 13.89 59.59
C ARG D 11 -6.61 12.52 59.05
N GLY D 12 -6.26 12.24 57.80
CA GLY D 12 -6.63 10.99 57.17
C GLY D 12 -5.58 9.91 57.17
N ALA D 13 -4.44 10.13 57.83
CA ALA D 13 -3.36 9.14 57.86
C ALA D 13 -3.75 8.03 58.84
N ASP D 14 -4.56 7.10 58.36
CA ASP D 14 -5.04 6.01 59.21
C ASP D 14 -4.02 4.88 59.31
N GLN D 15 -3.68 4.27 58.18
CA GLN D 15 -2.68 3.20 58.20
C GLN D 15 -1.29 3.73 58.54
N GLU D 16 -1.03 5.01 58.29
CA GLU D 16 0.27 5.58 58.61
C GLU D 16 0.50 5.64 60.12
N TYR D 17 -0.51 6.00 60.89
CA TYR D 17 -0.40 6.00 62.35
C TYR D 17 -0.57 4.62 62.96
N SER D 18 -1.29 3.73 62.29
CA SER D 18 -1.43 2.36 62.80
C SER D 18 -0.09 1.64 62.81
N ALA D 19 0.68 1.75 61.72
CA ALA D 19 2.01 1.16 61.69
C ALA D 19 2.97 1.84 62.65
N PHE D 20 2.68 3.07 63.06
CA PHE D 20 3.52 3.73 64.06
C PHE D 20 3.44 3.02 65.40
N ARG D 21 2.25 2.59 65.81
CA ARG D 21 2.09 1.92 67.09
C ARG D 21 2.61 0.49 67.03
N VAL D 22 2.59 -0.14 65.85
CA VAL D 22 3.16 -1.48 65.71
C VAL D 22 4.67 -1.45 65.94
N GLY D 23 5.34 -0.42 65.43
CA GLY D 23 6.75 -0.26 65.70
C GLY D 23 7.06 0.08 67.14
N MET D 24 6.13 0.78 67.81
CA MET D 24 6.29 1.08 69.22
C MET D 24 6.27 -0.18 70.09
N VAL D 25 5.64 -1.25 69.61
CA VAL D 25 5.55 -2.50 70.37
C VAL D 25 6.63 -3.48 69.95
N GLN D 26 6.91 -3.59 68.65
CA GLN D 26 7.90 -4.54 68.18
C GLN D 26 9.32 -4.13 68.56
N PHE D 27 9.56 -2.82 68.75
CA PHE D 27 10.89 -2.31 69.08
C PHE D 27 10.95 -1.69 70.47
N SER D 28 9.99 -2.01 71.33
CA SER D 28 10.02 -1.52 72.70
C SER D 28 11.07 -2.28 73.51
N THR D 29 11.74 -1.55 74.41
CA THR D 29 12.77 -2.14 75.26
C THR D 29 12.58 -1.66 76.69
N SER D 30 13.08 -2.47 77.63
CA SER D 30 13.00 -2.12 79.04
C SER D 30 14.08 -1.11 79.46
N GLU D 31 15.02 -0.79 78.57
CA GLU D 31 15.99 0.27 78.86
C GLU D 31 15.28 1.60 78.98
N PHE D 32 14.52 1.98 77.96
CA PHE D 32 13.82 3.25 77.95
C PHE D 32 12.52 3.08 77.19
N ARG D 33 11.58 3.99 77.46
CA ARG D 33 10.29 4.01 76.80
C ARG D 33 10.10 5.33 76.07
N LEU D 34 9.56 5.25 74.87
CA LEU D 34 9.25 6.43 74.06
C LEU D 34 7.78 6.79 74.29
N THR D 35 7.54 8.01 74.76
CA THR D 35 6.17 8.47 75.04
C THR D 35 5.73 9.45 73.95
N PRO D 36 4.98 9.00 72.95
CA PRO D 36 4.59 9.91 71.87
C PRO D 36 3.48 10.85 72.32
N HIS D 37 3.58 12.10 71.84
CA HIS D 37 2.55 13.11 72.05
C HIS D 37 1.95 13.42 70.68
N ILE D 38 0.85 12.75 70.36
CA ILE D 38 0.29 12.80 69.02
C ILE D 38 -0.61 14.03 68.87
N ASP D 39 -0.54 14.67 67.70
CA ASP D 39 -1.40 15.80 67.36
C ASP D 39 -1.87 15.60 65.92
N ASN D 40 -3.12 15.17 65.75
CA ASN D 40 -3.72 15.09 64.43
C ASN D 40 -4.10 16.48 63.96
N LEU D 41 -3.64 16.83 62.74
CA LEU D 41 -3.85 18.18 62.23
C LEU D 41 -3.94 18.13 60.72
N GLU D 42 -4.31 19.26 60.13
CA GLU D 42 -4.33 19.42 58.67
C GLU D 42 -2.90 19.62 58.19
N VAL D 43 -2.35 18.62 57.50
CA VAL D 43 -0.96 18.69 57.08
C VAL D 43 -0.74 19.81 56.06
N ALA D 44 -1.78 20.15 55.31
CA ALA D 44 -1.63 21.19 54.28
C ALA D 44 -1.50 22.57 54.90
N ASN D 45 -2.37 22.90 55.84
CA ASN D 45 -2.34 24.21 56.49
C ASN D 45 -1.08 24.33 57.32
N SER D 46 -0.25 25.34 56.99
CA SER D 46 1.04 25.49 57.66
C SER D 46 0.91 26.16 59.02
N PHE D 47 -0.10 27.01 59.21
CA PHE D 47 -0.32 27.61 60.52
C PHE D 47 -0.61 26.53 61.57
N ALA D 48 -1.41 25.52 61.19
CA ALA D 48 -1.65 24.42 62.10
C ALA D 48 -0.37 23.67 62.44
N VAL D 49 0.58 23.61 61.50
CA VAL D 49 1.85 22.96 61.76
C VAL D 49 2.72 23.81 62.67
N THR D 50 2.62 25.14 62.56
CA THR D 50 3.44 26.02 63.39
C THR D 50 3.05 25.91 64.86
N ASN D 51 1.75 25.88 65.16
CA ASN D 51 1.34 25.77 66.55
C ASN D 51 1.57 24.36 67.08
N ALA D 52 1.39 23.33 66.23
CA ALA D 52 1.62 21.97 66.67
C ALA D 52 3.09 21.70 66.96
N PHE D 53 3.99 22.35 66.22
CA PHE D 53 5.42 22.20 66.48
C PHE D 53 5.81 22.87 67.80
N CYS D 54 5.35 24.09 68.02
CA CYS D 54 5.63 24.80 69.26
C CYS D 54 4.88 24.22 70.45
N SER D 55 3.93 23.32 70.22
CA SER D 55 3.35 22.56 71.32
C SER D 55 4.27 21.42 71.75
N GLN D 56 5.01 20.83 70.80
CA GLN D 56 5.98 19.80 71.14
C GLN D 56 7.24 20.40 71.76
N PHE D 57 7.68 21.56 71.26
CA PHE D 57 8.90 22.18 71.78
C PHE D 57 8.72 22.59 73.23
N SER D 58 7.63 23.28 73.55
CA SER D 58 7.40 23.76 74.92
C SER D 58 7.30 22.60 75.90
N ARG D 59 6.77 21.45 75.46
CA ARG D 59 6.78 20.25 76.29
C ARG D 59 8.15 19.57 76.31
N GLY D 60 9.15 20.12 75.63
CA GLY D 60 10.50 19.62 75.70
C GLY D 60 10.72 18.28 75.02
N VAL D 61 10.24 18.14 73.79
CA VAL D 61 10.48 16.89 73.06
C VAL D 61 11.94 16.81 72.64
N TYR D 62 12.39 15.59 72.35
CA TYR D 62 13.75 15.35 71.90
C TYR D 62 13.85 15.12 70.40
N ALA D 63 12.74 14.79 69.75
CA ALA D 63 12.67 14.62 68.30
C ALA D 63 11.20 14.61 67.92
N ILE D 64 10.94 14.72 66.62
CA ILE D 64 9.57 14.79 66.11
C ILE D 64 9.45 13.86 64.90
N PHE D 65 8.35 13.10 64.87
CA PHE D 65 7.97 12.32 63.70
C PHE D 65 6.71 12.90 63.09
N GLY D 66 6.70 13.05 61.77
CA GLY D 66 5.53 13.61 61.12
C GLY D 66 5.65 13.57 59.62
N PHE D 67 4.78 14.33 58.96
CA PHE D 67 4.76 14.44 57.52
C PHE D 67 4.71 15.92 57.14
N TYR D 68 4.81 16.20 55.84
CA TYR D 68 4.61 17.55 55.35
C TYR D 68 4.13 17.51 53.91
N ASP D 69 3.46 18.58 53.51
CA ASP D 69 3.09 18.81 52.12
C ASP D 69 4.11 19.76 51.49
N LYS D 70 4.01 19.93 50.17
CA LYS D 70 4.87 20.91 49.50
C LYS D 70 4.58 22.31 50.00
N LYS D 71 3.35 22.56 50.48
CA LYS D 71 3.04 23.84 51.08
C LYS D 71 3.68 23.99 52.45
N SER D 72 3.90 22.88 53.16
CA SER D 72 4.34 22.92 54.55
C SER D 72 5.74 22.39 54.76
N VAL D 73 6.42 21.93 53.71
CA VAL D 73 7.76 21.34 53.88
C VAL D 73 8.76 22.40 54.33
N ASN D 74 8.66 23.62 53.77
CA ASN D 74 9.62 24.67 54.11
C ASN D 74 9.44 25.15 55.54
N THR D 75 8.24 24.99 56.10
CA THR D 75 8.03 25.39 57.49
C THR D 75 8.77 24.47 58.45
N ILE D 76 8.80 23.18 58.15
CA ILE D 76 9.48 22.23 59.04
C ILE D 76 10.99 22.40 58.97
N THR D 77 11.54 22.41 57.75
CA THR D 77 12.98 22.50 57.58
C THR D 77 13.56 23.82 58.07
N SER D 78 12.72 24.80 58.38
CA SER D 78 13.21 26.07 58.90
C SER D 78 13.17 26.11 60.42
N PHE D 79 12.10 25.61 61.03
CA PHE D 79 12.05 25.52 62.49
C PHE D 79 13.03 24.49 63.01
N CYS D 80 13.25 23.40 62.26
CA CYS D 80 14.18 22.37 62.69
C CYS D 80 15.63 22.80 62.54
N GLY D 81 15.91 23.79 61.70
CA GLY D 81 17.28 24.24 61.53
C GLY D 81 17.74 25.23 62.59
N THR D 82 16.80 26.01 63.13
CA THR D 82 17.17 27.01 64.14
C THR D 82 17.22 26.40 65.54
N LEU D 83 16.11 25.83 65.99
CA LEU D 83 16.01 25.26 67.33
C LEU D 83 16.73 23.93 67.48
N HIS D 84 17.36 23.42 66.42
CA HIS D 84 18.15 22.18 66.46
C HIS D 84 17.30 20.98 66.89
N VAL D 85 16.02 20.96 66.53
CA VAL D 85 15.13 19.85 66.84
C VAL D 85 15.08 18.92 65.63
N SER D 86 15.34 17.64 65.86
CA SER D 86 15.33 16.68 64.78
C SER D 86 13.91 16.40 64.30
N PHE D 87 13.80 15.93 63.06
CA PHE D 87 12.50 15.65 62.45
C PHE D 87 12.64 14.50 61.47
N ILE D 88 11.98 13.39 61.76
CA ILE D 88 11.98 12.22 60.88
C ILE D 88 10.68 12.23 60.10
N THR D 89 10.75 11.97 58.79
CA THR D 89 9.55 11.97 57.96
C THR D 89 9.65 10.99 56.81
N PRO D 90 8.58 10.25 56.51
CA PRO D 90 8.54 9.45 55.29
C PRO D 90 8.15 10.24 54.05
N SER D 91 7.86 11.53 54.18
CA SER D 91 7.41 12.32 53.05
C SER D 91 8.54 12.49 52.03
N PHE D 92 8.22 13.17 50.93
CA PHE D 92 9.13 13.28 49.81
C PHE D 92 10.41 14.01 50.21
N PRO D 93 11.55 13.66 49.61
CA PRO D 93 12.81 14.32 49.96
C PRO D 93 12.77 15.81 49.64
N THR D 94 13.37 16.60 50.51
CA THR D 94 13.41 18.04 50.31
C THR D 94 14.25 18.39 49.09
N ASP D 95 13.80 19.40 48.35
CA ASP D 95 14.51 19.85 47.15
C ASP D 95 15.72 20.68 47.58
N GLY D 96 16.74 19.98 48.06
CA GLY D 96 17.96 20.61 48.52
C GLY D 96 18.62 19.74 49.57
N THR D 97 19.51 20.36 50.34
CA THR D 97 20.25 19.71 51.42
C THR D 97 19.89 20.43 52.72
N HIS D 98 18.85 19.95 53.38
CA HIS D 98 18.40 20.61 54.59
C HIS D 98 18.85 19.85 55.83
N PRO D 99 19.17 20.57 56.90
CA PRO D 99 19.64 19.92 58.13
C PRO D 99 18.50 19.55 59.06
N PHE D 100 18.83 18.70 60.04
CA PHE D 100 17.89 18.27 61.08
C PHE D 100 16.62 17.66 60.47
N VAL D 101 16.80 16.91 59.39
CA VAL D 101 15.69 16.20 58.74
C VAL D 101 16.18 14.80 58.37
N ILE D 102 15.42 13.79 58.79
CA ILE D 102 15.74 12.40 58.52
C ILE D 102 14.70 11.89 57.52
N GLN D 103 15.04 11.91 56.24
CA GLN D 103 14.11 11.58 55.17
C GLN D 103 14.11 10.07 54.95
N MET D 104 13.06 9.40 55.44
CA MET D 104 12.95 7.96 55.28
C MET D 104 12.71 7.55 53.83
N ARG D 105 12.25 8.47 52.98
CA ARG D 105 11.87 8.12 51.62
C ARG D 105 13.09 8.16 50.70
N PRO D 106 13.34 7.12 49.92
CA PRO D 106 14.45 7.17 48.96
C PRO D 106 14.13 8.11 47.80
N ASP D 107 15.20 8.48 47.10
CA ASP D 107 15.10 9.45 46.00
C ASP D 107 14.62 8.72 44.75
N LEU D 108 13.45 9.12 44.25
CA LEU D 108 12.84 8.46 43.10
C LEU D 108 13.39 8.94 41.77
N LYS D 109 13.96 10.16 41.73
CA LYS D 109 14.37 10.75 40.45
C LYS D 109 15.36 9.87 39.71
N GLY D 110 16.28 9.23 40.43
CA GLY D 110 17.25 8.37 39.77
C GLY D 110 16.63 7.10 39.21
N ALA D 111 15.68 6.52 39.93
CA ALA D 111 15.05 5.29 39.47
C ALA D 111 14.22 5.52 38.21
N LEU D 112 13.43 6.61 38.19
CA LEU D 112 12.58 6.87 37.03
C LEU D 112 13.41 7.17 35.79
N LEU D 113 14.45 7.99 35.92
CA LEU D 113 15.28 8.34 34.77
C LEU D 113 16.02 7.13 34.21
N SER D 114 16.28 6.13 35.05
CA SER D 114 16.94 4.92 34.56
C SER D 114 15.97 3.92 33.97
N LEU D 115 14.67 4.02 34.29
CA LEU D 115 13.66 3.15 33.72
C LEU D 115 13.20 3.63 32.35
N ILE D 116 13.08 4.95 32.16
CA ILE D 116 12.75 5.49 30.85
C ILE D 116 13.77 5.05 29.81
N GLU D 117 15.05 5.00 30.22
CA GLU D 117 16.09 4.57 29.29
C GLU D 117 16.01 3.08 28.99
N TYR D 118 15.52 2.28 29.95
CA TYR D 118 15.41 0.83 29.73
C TYR D 118 14.48 0.52 28.57
N TYR D 119 13.28 1.08 28.59
CA TYR D 119 12.34 0.88 27.50
C TYR D 119 12.72 1.64 26.24
N GLN D 120 13.77 2.47 26.29
CA GLN D 120 14.22 3.29 25.17
C GLN D 120 13.08 4.18 24.66
N TRP D 121 12.60 5.04 25.57
CA TRP D 121 11.57 6.02 25.24
C TRP D 121 12.22 7.30 24.74
N ASP D 122 11.67 7.83 23.64
CA ASP D 122 12.13 9.09 23.07
C ASP D 122 11.04 10.14 22.99
N LYS D 123 9.78 9.75 23.08
CA LYS D 123 8.67 10.69 23.04
C LYS D 123 7.56 10.11 23.91
N PHE D 124 7.28 10.78 25.04
CA PHE D 124 6.28 10.28 25.97
C PHE D 124 5.62 11.45 26.67
N ALA D 125 4.49 11.18 27.31
CA ALA D 125 3.78 12.16 28.12
C ALA D 125 4.16 11.98 29.59
N TYR D 126 4.28 13.10 30.29
CA TYR D 126 4.66 13.10 31.71
C TYR D 126 3.64 13.94 32.47
N LEU D 127 2.52 13.32 32.83
CA LEU D 127 1.56 13.96 33.71
C LEU D 127 2.20 14.18 35.09
N TYR D 128 1.68 15.15 35.83
CA TYR D 128 2.27 15.46 37.12
C TYR D 128 1.29 16.23 37.97
N ASP D 129 1.35 15.98 39.28
CA ASP D 129 0.57 16.70 40.28
C ASP D 129 1.53 17.45 41.20
N SER D 130 1.11 18.64 41.61
CA SER D 130 1.97 19.53 42.40
C SER D 130 1.93 19.18 43.88
N ASP D 131 1.79 17.91 44.22
CA ASP D 131 1.70 17.51 45.62
C ASP D 131 3.06 17.17 46.22
N ARG D 132 3.80 16.26 45.59
CA ARG D 132 5.09 15.83 46.10
C ARG D 132 6.26 16.52 45.40
N GLY D 133 6.08 17.78 45.01
CA GLY D 133 7.13 18.54 44.39
C GLY D 133 7.40 18.14 42.95
N LEU D 134 7.77 19.13 42.13
CA LEU D 134 8.13 18.90 40.73
C LEU D 134 9.61 18.55 40.58
N SER D 135 10.28 18.20 41.66
CA SER D 135 11.69 17.80 41.58
C SER D 135 11.86 16.59 40.65
N THR D 136 10.86 15.70 40.62
CA THR D 136 10.88 14.61 39.66
C THR D 136 10.61 15.11 38.25
N LEU D 137 9.76 16.14 38.11
CA LEU D 137 9.52 16.72 36.79
C LEU D 137 10.73 17.47 36.28
N GLN D 138 11.40 18.21 37.16
CA GLN D 138 12.61 18.92 36.74
C GLN D 138 13.74 17.96 36.44
N ALA D 139 13.72 16.77 37.02
CA ALA D 139 14.76 15.79 36.75
C ALA D 139 14.59 15.17 35.37
N VAL D 140 13.34 15.01 34.91
CA VAL D 140 13.11 14.48 33.58
C VAL D 140 13.08 15.56 32.51
N LEU D 141 12.98 16.83 32.90
CA LEU D 141 13.04 17.93 31.95
C LEU D 141 14.46 18.46 31.75
N ASP D 142 15.22 18.59 32.84
CA ASP D 142 16.63 18.96 32.72
C ASP D 142 17.43 17.87 32.03
N SER D 143 16.99 16.62 32.14
CA SER D 143 17.61 15.51 31.42
C SER D 143 16.91 15.23 30.10
N ALA D 144 15.79 15.90 29.81
CA ALA D 144 15.14 15.73 28.51
C ALA D 144 16.00 16.29 27.39
N ALA D 145 16.72 17.40 27.67
CA ALA D 145 17.61 17.95 26.65
C ALA D 145 18.84 17.09 26.44
N GLU D 146 19.35 16.49 27.53
CA GLU D 146 20.57 15.69 27.43
C GLU D 146 20.36 14.50 26.50
N LYS D 147 19.41 13.63 26.83
CA LYS D 147 19.14 12.43 26.05
C LYS D 147 18.13 12.65 24.94
N LYS D 148 17.72 13.89 24.71
CA LYS D 148 16.76 14.23 23.65
C LYS D 148 15.46 13.44 23.79
N TRP D 149 14.60 13.86 24.71
CA TRP D 149 13.26 13.32 24.85
C TRP D 149 12.26 14.43 24.58
N GLN D 150 11.15 14.09 23.93
CA GLN D 150 10.06 15.04 23.69
C GLN D 150 8.99 14.78 24.74
N VAL D 151 9.11 15.45 25.88
CA VAL D 151 8.20 15.25 27.00
C VAL D 151 6.98 16.15 26.83
N THR D 152 5.80 15.56 26.93
CA THR D 152 4.54 16.32 26.88
C THR D 152 3.98 16.42 28.30
N ALA D 153 4.61 17.29 29.08
CA ALA D 153 4.23 17.46 30.48
C ALA D 153 2.88 18.15 30.59
N ILE D 154 1.94 17.52 31.27
CA ILE D 154 0.59 18.05 31.46
C ILE D 154 0.31 18.15 32.95
N ASN D 155 0.02 19.37 33.42
CA ASN D 155 -0.30 19.61 34.82
C ASN D 155 -1.68 19.07 35.12
N VAL D 156 -1.74 17.89 35.75
CA VAL D 156 -3.02 17.28 36.11
C VAL D 156 -3.48 17.68 37.50
N GLY D 157 -2.71 18.49 38.22
CA GLY D 157 -3.01 18.76 39.61
C GLY D 157 -4.26 19.60 39.80
N ASN D 158 -4.35 20.72 39.08
CA ASN D 158 -5.43 21.69 39.30
C ASN D 158 -6.69 21.21 38.60
N ILE D 159 -7.49 20.42 39.31
CA ILE D 159 -8.79 19.97 38.83
C ILE D 159 -9.72 19.82 40.03
N ASN D 160 -10.93 20.34 39.91
CA ASN D 160 -11.97 20.13 40.91
C ASN D 160 -12.71 18.83 40.64
N ASN D 161 -13.46 18.37 41.63
CA ASN D 161 -14.08 17.05 41.57
C ASN D 161 -15.36 17.21 40.78
N ASP D 162 -15.88 18.43 40.65
CA ASP D 162 -17.12 18.63 39.89
C ASP D 162 -17.01 18.35 38.37
N LYS D 163 -16.08 19.03 37.72
CA LYS D 163 -15.74 18.76 36.32
C LYS D 163 -14.52 17.88 36.08
N LYS D 164 -14.47 16.71 36.73
CA LYS D 164 -13.33 15.82 36.61
C LYS D 164 -13.39 14.97 35.35
N ASP D 165 -14.59 14.51 34.99
CA ASP D 165 -14.71 13.63 33.84
C ASP D 165 -14.56 14.39 32.52
N GLU D 166 -14.90 15.68 32.50
CA GLU D 166 -14.82 16.46 31.27
C GLU D 166 -13.39 16.83 30.94
N THR D 167 -12.62 17.28 31.93
CA THR D 167 -11.23 17.65 31.69
C THR D 167 -10.33 16.44 31.50
N TYR D 168 -10.78 15.25 31.88
CA TYR D 168 -9.97 14.06 31.72
C TYR D 168 -10.08 13.49 30.30
N ARG D 169 -11.31 13.38 29.78
CA ARG D 169 -11.47 12.99 28.39
C ARG D 169 -10.85 14.02 27.45
N SER D 170 -10.95 15.30 27.82
CA SER D 170 -10.28 16.35 27.05
C SER D 170 -8.77 16.28 27.19
N LEU D 171 -8.27 15.66 28.27
CA LEU D 171 -6.83 15.50 28.42
C LEU D 171 -6.29 14.39 27.53
N PHE D 172 -7.09 13.36 27.26
CA PHE D 172 -6.68 12.28 26.39
C PHE D 172 -7.12 12.48 24.94
N GLN D 173 -8.04 13.41 24.69
CA GLN D 173 -8.21 13.95 23.34
C GLN D 173 -7.18 15.02 23.01
N ASP D 174 -6.44 15.48 24.02
CA ASP D 174 -5.23 16.26 23.81
C ASP D 174 -3.99 15.38 23.74
N LEU D 175 -3.99 14.25 24.45
CA LEU D 175 -2.98 13.22 24.28
C LEU D 175 -3.20 12.38 23.04
N GLU D 176 -4.34 12.56 22.35
CA GLU D 176 -4.59 11.91 21.08
C GLU D 176 -4.04 12.72 19.90
N LEU D 177 -3.82 14.02 20.08
CA LEU D 177 -3.17 14.82 19.05
C LEU D 177 -1.78 14.30 18.76
N LYS D 178 -1.01 14.01 19.81
CA LYS D 178 0.31 13.41 19.68
C LYS D 178 0.27 11.90 19.48
N LYS D 179 -0.93 11.30 19.47
CA LYS D 179 -1.07 9.84 19.44
C LYS D 179 -0.23 9.20 20.54
N GLU D 180 -0.30 9.80 21.73
CA GLU D 180 0.59 9.41 22.81
C GLU D 180 0.20 8.04 23.35
N ARG D 181 1.10 7.07 23.22
CA ARG D 181 0.91 5.73 23.75
C ARG D 181 1.76 5.45 24.98
N ARG D 182 2.68 6.34 25.33
CA ARG D 182 3.61 6.14 26.44
C ARG D 182 3.44 7.30 27.42
N VAL D 183 2.88 7.02 28.58
CA VAL D 183 2.53 8.03 29.56
C VAL D 183 3.22 7.70 30.88
N ILE D 184 3.67 8.74 31.58
CA ILE D 184 4.17 8.64 32.95
C ILE D 184 3.22 9.42 33.84
N LEU D 185 2.90 8.85 35.01
CA LEU D 185 1.92 9.45 35.90
C LEU D 185 2.56 10.32 36.98
N ASP D 186 3.40 9.73 37.83
CA ASP D 186 4.13 10.46 38.88
C ASP D 186 3.19 11.31 39.71
N CYS D 187 2.34 10.62 40.47
CA CYS D 187 1.35 11.27 41.31
C CYS D 187 1.17 10.47 42.59
N GLU D 188 0.45 11.08 43.53
CA GLU D 188 0.10 10.40 44.78
C GLU D 188 -0.78 9.19 44.49
N ARG D 189 -0.65 8.17 45.33
CA ARG D 189 -1.34 6.90 45.08
C ARG D 189 -2.86 7.08 45.02
N ASP D 190 -3.39 8.13 45.65
CA ASP D 190 -4.82 8.39 45.58
C ASP D 190 -5.22 8.90 44.20
N LYS D 191 -4.42 9.78 43.62
CA LYS D 191 -4.71 10.31 42.29
C LYS D 191 -4.38 9.32 41.18
N VAL D 192 -3.74 8.19 41.50
CA VAL D 192 -3.44 7.19 40.49
C VAL D 192 -4.70 6.42 40.10
N ASN D 193 -5.43 5.92 41.10
CA ASN D 193 -6.61 5.09 40.83
C ASN D 193 -7.70 5.89 40.14
N ASP D 194 -7.77 7.20 40.37
CA ASP D 194 -8.72 8.03 39.62
C ASP D 194 -8.32 8.13 38.16
N ILE D 195 -7.02 8.30 37.89
CA ILE D 195 -6.53 8.35 36.52
C ILE D 195 -6.73 6.99 35.85
N VAL D 196 -6.40 5.91 36.56
CA VAL D 196 -6.52 4.57 35.98
C VAL D 196 -7.96 4.27 35.60
N ASP D 197 -8.92 4.73 36.41
CA ASP D 197 -10.32 4.42 36.16
C ASP D 197 -10.82 5.07 34.88
N GLN D 198 -10.61 6.38 34.73
CA GLN D 198 -11.06 7.06 33.51
C GLN D 198 -10.37 6.50 32.28
N VAL D 199 -9.16 5.97 32.42
CA VAL D 199 -8.47 5.36 31.29
C VAL D 199 -9.23 4.13 30.79
N ILE D 200 -9.74 3.32 31.72
CA ILE D 200 -10.47 2.13 31.32
C ILE D 200 -11.77 2.50 30.63
N THR D 201 -12.41 3.58 31.06
CA THR D 201 -13.72 3.93 30.52
C THR D 201 -13.60 4.39 29.07
N ILE D 202 -12.53 5.11 28.73
CA ILE D 202 -12.34 5.52 27.34
C ILE D 202 -11.67 4.42 26.53
N GLY D 203 -11.05 3.44 27.16
CA GLY D 203 -10.47 2.32 26.45
C GLY D 203 -9.03 2.50 26.05
N LYS D 204 -8.26 3.31 26.77
CA LYS D 204 -6.84 3.48 26.49
C LYS D 204 -5.98 2.57 27.35
N HIS D 205 -6.32 1.27 27.35
CA HIS D 205 -5.56 0.28 28.09
C HIS D 205 -5.43 -1.03 27.34
N VAL D 206 -5.74 -1.07 26.04
CA VAL D 206 -5.61 -2.28 25.25
C VAL D 206 -4.17 -2.39 24.75
N LYS D 207 -3.90 -3.41 23.94
CA LYS D 207 -2.56 -3.63 23.41
C LYS D 207 -2.08 -2.43 22.63
N GLY D 208 -1.08 -1.73 23.14
CA GLY D 208 -0.53 -0.58 22.45
C GLY D 208 -0.04 0.53 23.37
N TYR D 209 -0.63 0.63 24.56
CA TYR D 209 -0.28 1.67 25.52
C TYR D 209 0.70 1.07 26.53
N HIS D 210 1.46 1.97 27.16
CA HIS D 210 2.44 1.58 28.18
C HIS D 210 2.47 2.73 29.18
N TYR D 211 2.12 2.45 30.42
CA TYR D 211 2.10 3.46 31.47
C TYR D 211 3.23 3.19 32.45
N ILE D 212 3.72 4.25 33.08
CA ILE D 212 4.76 4.16 34.09
C ILE D 212 4.27 4.87 35.34
N ILE D 213 4.12 4.13 36.43
CA ILE D 213 3.65 4.67 37.70
C ILE D 213 4.87 5.05 38.53
N ALA D 214 5.11 6.36 38.66
CA ALA D 214 6.31 6.86 39.33
C ALA D 214 5.98 7.16 40.78
N ASN D 215 5.93 6.10 41.59
CA ASN D 215 5.83 6.21 43.03
C ASN D 215 6.22 4.87 43.64
N LEU D 216 6.64 4.92 44.90
CA LEU D 216 7.12 3.71 45.56
C LEU D 216 6.02 2.72 45.89
N GLY D 217 4.78 3.00 45.50
CA GLY D 217 3.68 2.09 45.78
C GLY D 217 3.02 1.52 44.53
N PHE D 218 3.70 0.57 43.89
CA PHE D 218 3.14 -0.07 42.70
C PHE D 218 2.04 -1.04 43.09
N THR D 219 2.36 -2.00 43.97
CA THR D 219 1.39 -3.00 44.41
C THR D 219 0.50 -2.52 45.54
N ASP D 220 0.74 -1.33 46.08
CA ASP D 220 -0.06 -0.84 47.19
C ASP D 220 -1.45 -0.38 46.75
N GLY D 221 -1.65 -0.11 45.46
CA GLY D 221 -2.96 0.12 44.91
C GLY D 221 -3.54 -1.15 44.31
N ASP D 222 -4.66 -0.98 43.61
CA ASP D 222 -5.30 -2.10 42.92
C ASP D 222 -4.82 -2.14 41.48
N LEU D 223 -4.29 -3.29 41.07
CA LEU D 223 -3.77 -3.47 39.72
C LEU D 223 -4.51 -4.53 38.92
N LEU D 224 -5.40 -5.31 39.54
CA LEU D 224 -6.09 -6.37 38.83
C LEU D 224 -7.06 -5.82 37.78
N LYS D 225 -7.45 -4.56 37.88
CA LYS D 225 -8.40 -4.01 36.92
C LYS D 225 -7.74 -3.77 35.56
N ILE D 226 -6.53 -3.21 35.55
CA ILE D 226 -5.81 -3.00 34.30
C ILE D 226 -4.83 -4.14 34.08
N GLN D 227 -5.19 -5.34 34.51
CA GLN D 227 -4.35 -6.51 34.34
C GLN D 227 -4.71 -7.32 33.11
N PHE D 228 -5.87 -7.06 32.50
CA PHE D 228 -6.32 -7.85 31.37
C PHE D 228 -6.60 -7.02 30.13
N GLY D 229 -6.26 -5.73 30.13
CA GLY D 229 -6.55 -4.90 28.97
C GLY D 229 -5.64 -5.19 27.80
N GLY D 230 -4.34 -5.32 28.06
CA GLY D 230 -3.37 -5.61 27.02
C GLY D 230 -2.18 -4.69 27.07
N ALA D 231 -2.35 -3.51 27.67
CA ALA D 231 -1.28 -2.52 27.75
C ALA D 231 -0.24 -2.95 28.79
N GLU D 232 0.99 -2.49 28.59
CA GLU D 232 2.06 -2.72 29.55
C GLU D 232 2.06 -1.62 30.59
N VAL D 233 2.23 -2.01 31.85
CA VAL D 233 2.26 -1.07 32.97
C VAL D 233 3.50 -1.35 33.79
N SER D 234 4.17 -0.29 34.24
CA SER D 234 5.39 -0.39 35.03
C SER D 234 5.27 0.47 36.27
N GLY D 235 6.15 0.21 37.24
CA GLY D 235 6.14 0.97 38.46
C GLY D 235 7.37 0.69 39.30
N PHE D 236 7.27 1.05 40.58
CA PHE D 236 8.37 0.90 41.51
C PHE D 236 7.85 0.39 42.85
N GLN D 237 8.61 -0.52 43.46
CA GLN D 237 8.24 -1.09 44.74
C GLN D 237 9.46 -1.10 45.66
N ILE D 238 9.28 -0.59 46.88
CA ILE D 238 10.32 -0.64 47.88
C ILE D 238 10.09 -1.73 48.90
N VAL D 239 8.84 -2.10 49.17
CA VAL D 239 8.53 -3.15 50.15
C VAL D 239 8.58 -4.50 49.44
N ASP D 240 9.63 -5.30 49.72
CA ASP D 240 9.77 -6.61 49.11
C ASP D 240 8.98 -7.62 49.94
N TYR D 241 7.90 -8.15 49.37
CA TYR D 241 7.06 -9.11 50.07
C TYR D 241 7.57 -10.54 49.98
N ASP D 242 8.78 -10.74 49.46
CA ASP D 242 9.41 -12.06 49.45
C ASP D 242 10.49 -12.20 50.51
N ASP D 243 10.80 -11.14 51.24
CA ASP D 243 11.81 -11.22 52.30
C ASP D 243 11.21 -11.82 53.57
N SER D 244 12.04 -12.58 54.29
CA SER D 244 11.59 -13.23 55.52
C SER D 244 11.29 -12.23 56.62
N LEU D 245 11.92 -11.05 56.62
CA LEU D 245 11.61 -10.05 57.63
C LEU D 245 10.20 -9.50 57.45
N VAL D 246 9.80 -9.23 56.22
CA VAL D 246 8.45 -8.75 55.96
C VAL D 246 7.44 -9.88 56.10
N SER D 247 7.84 -11.12 55.80
CA SER D 247 6.93 -12.25 55.99
C SER D 247 6.55 -12.40 57.46
N LYS D 248 7.54 -12.40 58.35
CA LYS D 248 7.27 -12.42 59.79
C LYS D 248 6.47 -11.20 60.23
N PHE D 249 6.54 -10.10 59.49
CA PHE D 249 5.72 -8.93 59.77
C PHE D 249 4.32 -9.09 59.22
N ILE D 250 4.20 -9.63 58.00
CA ILE D 250 2.89 -9.83 57.39
C ILE D 250 2.12 -10.93 58.13
N GLU D 251 2.82 -11.98 58.56
CA GLU D 251 2.16 -13.05 59.31
C GLU D 251 1.47 -12.52 60.57
N ARG D 252 1.97 -11.41 61.12
CA ARG D 252 1.32 -10.80 62.27
C ARG D 252 0.35 -9.68 61.84
N TRP D 253 0.70 -8.93 60.80
CA TRP D 253 -0.14 -7.82 60.37
C TRP D 253 -1.49 -8.33 59.87
N SER D 254 -1.47 -9.34 59.01
CA SER D 254 -2.73 -9.85 58.43
C SER D 254 -3.65 -10.41 59.50
N THR D 255 -3.10 -10.89 60.62
CA THR D 255 -3.89 -11.49 61.67
C THR D 255 -4.47 -10.47 62.64
N LEU D 256 -4.04 -9.21 62.59
CA LEU D 256 -4.57 -8.20 63.48
C LEU D 256 -5.98 -7.79 63.05
N GLU D 257 -6.78 -7.38 64.03
CA GLU D 257 -8.15 -6.97 63.78
C GLU D 257 -8.19 -5.58 63.14
N GLU D 258 -9.26 -5.32 62.39
CA GLU D 258 -9.39 -4.08 61.64
C GLU D 258 -10.13 -2.99 62.42
N LYS D 259 -10.61 -3.27 63.62
CA LYS D 259 -11.26 -2.25 64.44
C LYS D 259 -10.27 -1.41 65.24
N GLU D 260 -9.23 -2.05 65.77
CA GLU D 260 -8.24 -1.32 66.57
C GLU D 260 -7.30 -0.50 65.68
N TYR D 261 -6.73 -1.11 64.65
CA TYR D 261 -5.82 -0.42 63.77
C TYR D 261 -6.44 -0.30 62.38
N PRO D 262 -6.91 0.90 61.99
CA PRO D 262 -7.62 1.03 60.72
C PRO D 262 -6.72 0.68 59.54
N GLY D 263 -7.22 -0.20 58.68
CA GLY D 263 -6.47 -0.63 57.51
C GLY D 263 -5.29 -1.51 57.85
N ALA D 264 -5.53 -2.51 58.70
CA ALA D 264 -4.46 -3.41 59.12
C ALA D 264 -4.74 -4.91 59.00
N HIS D 265 -5.88 -5.30 58.44
CA HIS D 265 -6.22 -6.72 58.28
C HIS D 265 -6.03 -7.15 56.83
N THR D 266 -4.93 -6.72 56.22
CA THR D 266 -4.63 -7.01 54.82
C THR D 266 -3.26 -7.68 54.81
N ALA D 267 -2.92 -8.26 53.65
CA ALA D 267 -1.65 -8.91 53.46
C ALA D 267 -0.59 -8.01 52.86
N THR D 268 -0.91 -6.74 52.63
CA THR D 268 0.05 -5.77 52.10
C THR D 268 -0.01 -4.50 52.95
N ILE D 269 0.99 -3.64 52.75
CA ILE D 269 1.16 -2.42 53.53
C ILE D 269 1.64 -1.31 52.62
N LYS D 270 1.12 -0.11 52.84
CA LYS D 270 1.52 1.04 52.03
C LYS D 270 2.98 1.42 52.29
N TYR D 271 3.62 1.97 51.26
CA TYR D 271 4.99 2.44 51.44
C TYR D 271 5.04 3.62 52.40
N THR D 272 3.96 4.43 52.43
CA THR D 272 3.89 5.49 53.43
C THR D 272 3.82 4.92 54.84
N SER D 273 3.20 3.75 54.99
CA SER D 273 3.08 3.11 56.29
C SER D 273 4.29 2.25 56.61
N ALA D 274 4.86 1.57 55.61
CA ALA D 274 6.01 0.72 55.85
C ALA D 274 7.22 1.52 56.29
N LEU D 275 7.34 2.77 55.81
CA LEU D 275 8.44 3.63 56.24
C LEU D 275 8.19 4.21 57.63
N THR D 276 6.93 4.39 58.03
CA THR D 276 6.63 4.79 59.39
C THR D 276 7.02 3.70 60.38
N TYR D 277 6.76 2.44 60.03
CA TYR D 277 7.20 1.33 60.88
C TYR D 277 8.73 1.25 60.94
N ASP D 278 9.40 1.51 59.82
CA ASP D 278 10.85 1.51 59.80
C ASP D 278 11.44 2.78 60.41
N ALA D 279 10.64 3.83 60.59
CA ALA D 279 11.15 5.03 61.24
C ALA D 279 11.29 4.85 62.74
N VAL D 280 10.51 3.95 63.33
CA VAL D 280 10.62 3.69 64.76
C VAL D 280 11.92 2.97 65.08
N GLN D 281 12.27 1.96 64.27
CA GLN D 281 13.53 1.25 64.47
C GLN D 281 14.72 2.17 64.32
N VAL D 282 14.56 3.26 63.55
CA VAL D 282 15.63 4.25 63.46
C VAL D 282 15.68 5.08 64.74
N MET D 283 14.52 5.49 65.25
CA MET D 283 14.50 6.29 66.48
C MET D 283 14.90 5.46 67.70
N THR D 284 14.43 4.21 67.77
CA THR D 284 14.78 3.35 68.89
C THR D 284 16.29 3.14 68.98
N GLU D 285 16.91 2.72 67.86
CA GLU D 285 18.35 2.56 67.83
C GLU D 285 19.09 3.88 67.96
N ALA D 286 18.44 5.01 67.67
CA ALA D 286 19.09 6.31 67.81
C ALA D 286 19.28 6.66 69.28
N PHE D 287 18.19 6.67 70.06
CA PHE D 287 18.31 6.93 71.48
C PHE D 287 18.98 5.78 72.22
N ARG D 288 19.03 4.59 71.63
CA ARG D 288 19.73 3.47 72.25
C ARG D 288 21.24 3.65 72.19
N ASN D 289 21.76 4.06 71.02
CA ASN D 289 23.19 4.28 70.89
C ASN D 289 23.65 5.55 71.60
N LEU D 290 22.72 6.47 71.91
CA LEU D 290 23.08 7.64 72.71
C LEU D 290 23.50 7.22 74.12
N ARG D 291 22.75 6.29 74.73
CA ARG D 291 23.11 5.80 76.05
C ARG D 291 24.42 5.02 76.02
N LYS D 292 24.76 4.43 74.87
CA LYS D 292 25.97 3.62 74.76
C LYS D 292 27.23 4.46 74.59
N GLN D 293 27.11 5.70 74.11
CA GLN D 293 28.27 6.55 73.86
C GLN D 293 28.43 7.63 74.93
N ARG D 294 27.82 7.44 76.09
CA ARG D 294 27.92 8.39 77.21
C ARG D 294 27.52 9.80 76.79
N ILE D 295 26.32 9.92 76.23
CA ILE D 295 25.77 11.20 75.78
C ILE D 295 24.44 11.38 76.47
N GLU D 296 24.35 12.38 77.35
CA GLU D 296 23.11 12.69 78.05
C GLU D 296 22.34 13.76 77.30
N ILE D 297 21.02 13.56 77.17
CA ILE D 297 20.15 14.44 76.41
C ILE D 297 19.00 15.00 77.23
N SER D 298 18.94 14.69 78.52
CA SER D 298 17.85 15.18 79.35
C SER D 298 17.89 16.70 79.43
N ARG D 299 16.83 17.34 78.94
CA ARG D 299 16.80 18.80 78.89
C ARG D 299 16.83 19.37 80.31
N ARG D 300 17.56 20.48 80.47
CA ARG D 300 17.78 21.04 81.80
C ARG D 300 16.48 21.60 82.39
N GLY D 301 15.71 22.32 81.60
CA GLY D 301 14.49 22.94 82.09
C GLY D 301 13.47 23.12 80.97
N ASN D 302 12.63 24.12 81.13
CA ASN D 302 11.58 24.38 80.14
C ASN D 302 12.16 24.97 78.87
N ALA D 303 11.68 24.48 77.72
CA ALA D 303 12.04 25.08 76.45
C ALA D 303 11.36 26.41 76.21
N GLY D 304 10.36 26.75 77.02
CA GLY D 304 9.66 28.02 76.92
C GLY D 304 8.97 28.17 75.58
N ASP D 305 8.86 29.43 75.15
CA ASP D 305 8.23 29.73 73.87
C ASP D 305 9.24 29.51 72.74
N CYS D 306 8.79 28.84 71.68
CA CYS D 306 9.63 28.68 70.50
C CYS D 306 10.05 30.03 69.93
N LEU D 307 9.23 31.06 70.11
CA LEU D 307 9.54 32.40 69.63
C LEU D 307 10.47 33.12 70.61
N ALA D 308 11.32 32.38 71.30
CA ALA D 308 12.25 32.98 72.24
C ALA D 308 13.23 33.89 71.51
N ASN D 309 13.36 35.11 72.03
CA ASN D 309 14.32 36.06 71.47
C ASN D 309 15.30 36.52 72.55
N PRO D 310 16.60 36.23 72.37
CA PRO D 310 17.18 35.53 71.21
C PRO D 310 16.89 34.03 71.21
N ALA D 311 16.82 33.44 70.02
CA ALA D 311 16.57 32.00 69.88
C ALA D 311 17.81 31.24 70.34
N VAL D 312 17.73 30.66 71.53
CA VAL D 312 18.81 29.86 72.09
C VAL D 312 18.51 28.39 71.77
N PRO D 313 19.30 27.74 70.93
CA PRO D 313 19.08 26.32 70.65
C PRO D 313 19.79 25.43 71.65
N TRP D 314 19.08 24.42 72.11
CA TRP D 314 19.66 23.46 73.05
C TRP D 314 20.77 22.68 72.35
N GLY D 315 21.98 22.75 72.93
CA GLY D 315 23.15 22.17 72.30
C GLY D 315 23.07 20.68 72.09
N GLN D 316 22.43 19.95 73.03
CA GLN D 316 22.33 18.51 72.91
C GLN D 316 21.50 18.07 71.71
N GLY D 317 20.73 18.97 71.10
CA GLY D 317 20.04 18.65 69.86
C GLY D 317 20.96 18.33 68.71
N VAL D 318 22.21 18.80 68.77
CA VAL D 318 23.17 18.45 67.72
C VAL D 318 23.59 16.99 67.84
N GLU D 319 23.62 16.44 69.06
CA GLU D 319 23.98 15.04 69.23
C GLU D 319 22.84 14.13 68.81
N ILE D 320 21.59 14.55 69.06
CA ILE D 320 20.44 13.73 68.68
C ILE D 320 20.39 13.55 67.17
N GLU D 321 20.73 14.60 66.42
CA GLU D 321 20.73 14.51 64.96
C GLU D 321 21.81 13.55 64.48
N ARG D 322 23.02 13.67 65.02
CA ARG D 322 24.11 12.78 64.62
C ARG D 322 23.74 11.33 64.92
N ALA D 323 23.19 11.06 66.10
CA ALA D 323 22.78 9.70 66.44
C ALA D 323 21.67 9.21 65.52
N LEU D 324 20.73 10.09 65.18
CA LEU D 324 19.68 9.71 64.25
C LEU D 324 20.23 9.38 62.87
N LYS D 325 21.29 10.06 62.45
CA LYS D 325 21.85 9.85 61.12
C LYS D 325 22.87 8.72 61.07
N GLN D 326 23.41 8.31 62.21
CA GLN D 326 24.37 7.21 62.26
C GLN D 326 23.71 5.86 62.47
N VAL D 327 22.38 5.78 62.34
CA VAL D 327 21.69 4.50 62.42
C VAL D 327 21.94 3.70 61.15
N GLN D 328 21.96 2.38 61.27
CA GLN D 328 22.09 1.50 60.11
C GLN D 328 21.50 0.15 60.50
N VAL D 329 20.18 0.02 60.32
CA VAL D 329 19.46 -1.19 60.72
C VAL D 329 18.79 -1.81 59.51
N GLU D 330 18.02 -2.88 59.74
CA GLU D 330 17.31 -3.58 58.68
C GLU D 330 15.81 -3.52 58.95
N GLY D 331 15.04 -3.16 57.93
CA GLY D 331 13.61 -3.03 58.08
C GLY D 331 12.79 -3.45 56.86
N LEU D 332 11.56 -2.95 56.77
CA LEU D 332 10.70 -3.32 55.65
C LEU D 332 11.23 -2.79 54.33
N SER D 333 11.69 -1.54 54.32
CA SER D 333 12.21 -0.93 53.10
C SER D 333 13.64 -1.35 52.80
N GLY D 334 13.99 -2.60 53.08
CA GLY D 334 15.34 -3.07 52.83
C GLY D 334 16.33 -2.44 53.79
N ASN D 335 17.56 -2.28 53.30
CA ASN D 335 18.61 -1.67 54.10
C ASN D 335 18.38 -0.17 54.20
N ILE D 336 18.48 0.36 55.42
CA ILE D 336 18.24 1.78 55.69
C ILE D 336 19.56 2.42 56.09
N LYS D 337 19.86 3.57 55.50
CA LYS D 337 21.05 4.33 55.85
C LYS D 337 20.88 5.75 55.34
N PHE D 338 21.49 6.70 56.05
CA PHE D 338 21.35 8.12 55.74
C PHE D 338 22.73 8.74 55.52
N ASP D 339 22.75 9.82 54.74
CA ASP D 339 23.94 10.64 54.57
C ASP D 339 23.87 11.81 55.54
N GLN D 340 24.76 12.79 55.38
CA GLN D 340 24.80 13.90 56.33
C GLN D 340 23.57 14.79 56.24
N ASN D 341 22.83 14.75 55.13
CA ASN D 341 21.62 15.55 54.99
C ASN D 341 20.39 14.84 55.53
N GLY D 342 20.39 13.51 55.53
CA GLY D 342 19.22 12.72 55.84
C GLY D 342 18.60 11.99 54.66
N LYS D 343 19.27 11.99 53.51
CA LYS D 343 18.79 11.27 52.35
C LYS D 343 19.06 9.77 52.49
N ARG D 344 18.16 8.96 51.94
CA ARG D 344 18.36 7.52 51.96
C ARG D 344 19.49 7.14 51.01
N ILE D 345 20.43 6.33 51.49
CA ILE D 345 21.58 5.90 50.72
C ILE D 345 21.68 4.39 50.76
N ASN D 346 22.43 3.83 49.81
CA ASN D 346 22.68 2.40 49.73
C ASN D 346 21.36 1.62 49.72
N TYR D 347 20.37 2.17 49.04
CA TYR D 347 19.03 1.60 49.00
C TYR D 347 18.79 0.90 47.67
N THR D 348 17.86 -0.05 47.69
CA THR D 348 17.52 -0.86 46.53
C THR D 348 16.03 -0.70 46.23
N ILE D 349 15.72 -0.28 45.01
CA ILE D 349 14.34 -0.11 44.56
C ILE D 349 14.06 -1.16 43.49
N ASN D 350 13.11 -2.05 43.77
CA ASN D 350 12.75 -3.08 42.81
C ASN D 350 11.74 -2.54 41.80
N ILE D 351 11.98 -2.84 40.52
CA ILE D 351 11.12 -2.38 39.43
C ILE D 351 10.15 -3.51 39.06
N MET D 352 8.87 -3.18 38.94
CA MET D 352 7.83 -4.15 38.73
C MET D 352 7.13 -3.91 37.39
N GLU D 353 6.80 -5.00 36.70
CA GLU D 353 5.98 -4.96 35.51
C GLU D 353 4.68 -5.73 35.76
N LEU D 354 3.62 -5.32 35.08
CA LEU D 354 2.31 -5.96 35.21
C LEU D 354 2.09 -6.87 34.01
N LYS D 355 1.72 -8.12 34.28
CA LYS D 355 1.46 -9.09 33.23
C LYS D 355 0.15 -9.76 33.60
N THR D 356 -0.08 -10.96 33.07
CA THR D 356 -1.29 -11.72 33.37
C THR D 356 -1.45 -12.27 34.78
N ASN D 357 -0.38 -12.81 35.36
CA ASN D 357 -0.43 -13.42 36.68
C ASN D 357 -0.31 -12.41 37.82
N GLY D 358 -0.12 -11.13 37.51
CA GLY D 358 -0.01 -10.11 38.54
C GLY D 358 1.30 -9.36 38.47
N PRO D 359 1.60 -8.58 39.51
CA PRO D 359 2.88 -7.87 39.55
C PRO D 359 4.04 -8.86 39.61
N ARG D 360 5.18 -8.41 39.10
CA ARG D 360 6.34 -9.30 38.96
C ARG D 360 7.62 -8.47 38.95
N LYS D 361 8.56 -8.87 39.80
CA LYS D 361 9.84 -8.17 39.88
C LYS D 361 10.67 -8.47 38.65
N ILE D 362 11.08 -7.43 37.92
CA ILE D 362 11.94 -7.58 36.77
C ILE D 362 13.38 -7.17 37.05
N GLY D 363 13.61 -6.41 38.12
CA GLY D 363 14.96 -6.00 38.46
C GLY D 363 14.93 -4.98 39.58
N TYR D 364 16.13 -4.56 39.98
CA TYR D 364 16.28 -3.58 41.04
C TYR D 364 17.19 -2.45 40.59
N TRP D 365 17.03 -1.29 41.23
CA TRP D 365 17.78 -0.08 40.93
C TRP D 365 18.68 0.28 42.10
N SER D 366 19.82 0.89 41.79
CA SER D 366 20.77 1.29 42.82
C SER D 366 21.50 2.54 42.38
N GLU D 367 22.13 3.22 43.34
CA GLU D 367 22.88 4.43 43.05
C GLU D 367 24.29 4.13 42.56
N VAL D 368 24.85 2.97 42.89
CA VAL D 368 26.15 2.58 42.39
C VAL D 368 25.99 2.08 40.96
N ASP D 369 25.42 0.88 40.81
CA ASP D 369 25.05 0.37 39.49
C ASP D 369 23.59 0.73 39.23
N LYS D 370 23.36 1.48 38.17
CA LYS D 370 22.04 2.05 37.88
C LYS D 370 20.98 0.97 37.70
N MET D 371 21.02 0.27 36.57
CA MET D 371 20.02 -0.73 36.22
C MET D 371 20.61 -2.13 36.32
N VAL D 372 19.85 -3.05 36.92
CA VAL D 372 20.24 -4.44 37.05
C VAL D 372 19.07 -5.28 36.56
N LEU D 373 19.18 -5.82 35.35
CA LEU D 373 18.13 -6.66 34.80
C LEU D 373 18.19 -8.06 35.40
N THR D 374 17.07 -8.77 35.29
CA THR D 374 16.96 -10.16 35.73
C THR D 374 16.58 -11.00 34.51
N GLU D 375 17.44 -11.96 34.18
CA GLU D 375 17.23 -12.82 33.00
C GLU D 375 16.19 -13.92 33.23
N ASP D 376 15.12 -13.61 33.95
CA ASP D 376 14.04 -14.57 34.20
C ASP D 376 12.99 -14.55 33.10
N ASP D 377 13.29 -13.96 31.95
CA ASP D 377 12.37 -13.89 30.83
C ASP D 377 12.71 -14.99 29.83
N THR D 378 11.72 -15.81 29.48
CA THR D 378 11.91 -16.88 28.53
C THR D 378 11.92 -16.33 27.10
N SER D 379 12.24 -17.21 26.15
CA SER D 379 12.30 -16.86 24.74
C SER D 379 10.98 -17.25 24.09
N GLY D 380 10.19 -16.25 23.69
CA GLY D 380 8.89 -16.49 23.08
C GLY D 380 8.98 -16.76 21.59
N LEU D 381 9.84 -16.04 20.88
CA LEU D 381 10.02 -16.23 19.46
C LEU D 381 10.61 -17.61 19.20
N GLU D 382 9.89 -18.45 18.46
CA GLU D 382 10.28 -19.83 18.22
C GLU D 382 10.92 -19.95 16.85
N GLN D 383 12.19 -20.35 16.82
CA GLN D 383 12.88 -20.69 15.59
C GLN D 383 13.36 -22.15 15.69
N LYS D 384 12.81 -23.10 14.92
CA LYS D 384 11.87 -22.96 13.79
C LYS D 384 12.43 -22.11 12.65
N THR D 385 13.64 -22.46 12.23
CA THR D 385 14.26 -21.93 11.03
C THR D 385 14.36 -23.06 10.01
N VAL D 386 13.83 -22.83 8.81
CA VAL D 386 13.72 -23.88 7.81
C VAL D 386 15.07 -24.06 7.12
N VAL D 387 15.55 -25.30 7.08
CA VAL D 387 16.80 -25.61 6.39
C VAL D 387 16.53 -25.74 4.90
N VAL D 388 17.35 -25.08 4.10
CA VAL D 388 17.21 -25.08 2.64
C VAL D 388 18.50 -25.60 2.04
N THR D 389 18.42 -26.72 1.32
CA THR D 389 19.55 -27.30 0.63
C THR D 389 19.53 -26.93 -0.84
N THR D 390 20.71 -26.77 -1.42
CA THR D 390 20.85 -26.39 -2.82
C THR D 390 22.20 -26.88 -3.33
N ILE D 391 22.48 -26.58 -4.60
CA ILE D 391 23.73 -26.93 -5.25
C ILE D 391 24.28 -25.69 -5.95
N LEU D 392 25.61 -25.55 -5.92
CA LEU D 392 26.27 -24.44 -6.61
C LEU D 392 26.26 -24.70 -8.11
N GLU D 393 25.45 -23.93 -8.84
CA GLU D 393 25.41 -24.05 -10.30
C GLU D 393 24.92 -22.72 -10.87
N SER D 394 25.67 -22.17 -11.82
CA SER D 394 25.33 -20.87 -12.41
C SER D 394 24.15 -21.00 -13.37
N PRO D 395 23.28 -19.97 -13.40
CA PRO D 395 23.33 -18.78 -12.53
C PRO D 395 22.37 -18.91 -11.35
N TYR D 396 22.10 -20.15 -10.94
CA TYR D 396 21.09 -20.38 -9.92
C TYR D 396 21.61 -20.01 -8.53
N VAL D 397 22.77 -20.55 -8.16
CA VAL D 397 23.40 -20.26 -6.87
C VAL D 397 24.89 -20.05 -7.13
N MET D 398 25.37 -18.84 -6.92
CA MET D 398 26.77 -18.49 -7.13
C MET D 398 27.31 -17.74 -5.93
N MET D 399 28.60 -17.95 -5.65
CA MET D 399 29.27 -17.20 -4.59
C MET D 399 29.68 -15.83 -5.10
N LYS D 400 29.49 -14.81 -4.25
CA LYS D 400 29.80 -13.46 -4.63
C LYS D 400 31.31 -13.26 -4.79
N LYS D 401 31.68 -12.15 -5.44
CA LYS D 401 33.09 -11.88 -5.72
C LYS D 401 33.89 -11.59 -4.44
N ASN D 402 33.22 -11.14 -3.39
CA ASN D 402 33.88 -10.92 -2.10
C ASN D 402 33.24 -11.77 -1.01
N HIS D 403 33.26 -13.09 -1.22
CA HIS D 403 32.58 -14.00 -0.30
C HIS D 403 33.32 -14.13 1.01
N GLU D 404 34.65 -14.02 1.01
CA GLU D 404 35.41 -14.14 2.24
C GLU D 404 35.10 -13.01 3.21
N MET D 405 34.73 -11.84 2.70
CA MET D 405 34.39 -10.70 3.53
C MET D 405 32.91 -10.66 3.89
N LEU D 406 32.14 -11.69 3.56
CA LEU D 406 30.72 -11.77 3.86
C LEU D 406 30.44 -13.02 4.70
N GLU D 407 29.18 -13.17 5.10
CA GLU D 407 28.80 -14.25 6.01
C GLU D 407 27.29 -14.44 5.94
N GLY D 408 26.85 -15.62 6.37
CA GLY D 408 25.42 -15.86 6.45
C GLY D 408 24.85 -16.23 5.09
N ASN D 409 23.65 -15.71 4.82
CA ASN D 409 22.99 -15.96 3.53
C ASN D 409 23.44 -15.00 2.44
N GLU D 410 24.07 -13.88 2.80
CA GLU D 410 24.57 -12.92 1.83
C GLU D 410 25.87 -13.38 1.17
N ARG D 411 26.32 -14.61 1.44
CA ARG D 411 27.51 -15.13 0.77
C ARG D 411 27.22 -15.51 -0.67
N TYR D 412 26.00 -15.93 -0.96
CA TYR D 412 25.63 -16.46 -2.26
C TYR D 412 24.69 -15.51 -2.98
N GLU D 413 24.61 -15.67 -4.30
CA GLU D 413 23.72 -14.88 -5.14
C GLU D 413 23.35 -15.69 -6.36
N GLY D 414 22.16 -15.42 -6.89
CA GLY D 414 21.69 -16.11 -8.07
C GLY D 414 20.18 -16.11 -8.14
N TYR D 415 19.67 -16.87 -9.11
CA TYR D 415 18.22 -16.95 -9.32
C TYR D 415 17.53 -17.60 -8.12
N CYS D 416 18.03 -18.74 -7.67
CA CYS D 416 17.41 -19.44 -6.56
C CYS D 416 17.61 -18.72 -5.23
N VAL D 417 18.63 -17.87 -5.12
CA VAL D 417 18.84 -17.11 -3.90
C VAL D 417 17.72 -16.09 -3.71
N ASP D 418 17.37 -15.38 -4.79
CA ASP D 418 16.24 -14.46 -4.72
C ASP D 418 14.91 -15.21 -4.60
N LEU D 419 14.85 -16.42 -5.16
CA LEU D 419 13.62 -17.20 -5.09
C LEU D 419 13.33 -17.65 -3.66
N ALA D 420 14.39 -17.97 -2.89
CA ALA D 420 14.19 -18.41 -1.51
C ALA D 420 13.67 -17.27 -0.63
N ALA D 421 14.08 -16.03 -0.91
CA ALA D 421 13.61 -14.90 -0.11
C ALA D 421 12.13 -14.61 -0.36
N GLU D 422 11.68 -14.80 -1.61
CA GLU D 422 10.26 -14.55 -1.92
C GLU D 422 9.37 -15.61 -1.30
N ILE D 423 9.78 -16.88 -1.34
CA ILE D 423 8.99 -17.95 -0.75
C ILE D 423 8.85 -17.73 0.75
N ALA D 424 9.95 -17.39 1.42
CA ALA D 424 9.91 -17.14 2.85
C ALA D 424 9.12 -15.88 3.20
N LYS D 425 9.00 -14.94 2.26
CA LYS D 425 8.26 -13.71 2.55
C LYS D 425 6.76 -13.97 2.60
N HIS D 426 6.25 -14.79 1.69
CA HIS D 426 4.83 -15.13 1.69
C HIS D 426 4.49 -16.20 2.70
N CYS D 427 5.47 -16.93 3.22
CA CYS D 427 5.25 -17.94 4.25
C CYS D 427 5.60 -17.46 5.64
N GLY D 428 6.58 -16.56 5.77
CA GLY D 428 6.88 -15.94 7.05
C GLY D 428 7.76 -16.73 7.98
N PHE D 429 8.79 -17.39 7.45
CA PHE D 429 9.74 -18.12 8.27
C PHE D 429 11.16 -17.68 7.93
N LYS D 430 12.07 -17.90 8.88
CA LYS D 430 13.49 -17.65 8.65
C LYS D 430 14.14 -18.87 8.01
N TYR D 431 15.15 -18.63 7.20
CA TYR D 431 15.78 -19.67 6.41
C TYR D 431 17.29 -19.59 6.51
N LYS D 432 17.94 -20.69 6.12
CA LYS D 432 19.39 -20.77 6.06
C LYS D 432 19.78 -21.51 4.80
N LEU D 433 20.77 -20.99 4.09
CA LEU D 433 21.21 -21.56 2.81
C LEU D 433 22.37 -22.52 3.08
N THR D 434 22.15 -23.80 2.83
CA THR D 434 23.14 -24.83 3.05
C THR D 434 23.51 -25.51 1.73
N ILE D 435 24.69 -26.12 1.72
CA ILE D 435 25.24 -26.77 0.52
C ILE D 435 25.16 -28.28 0.70
N VAL D 436 24.79 -28.98 -0.38
CA VAL D 436 24.69 -30.42 -0.34
C VAL D 436 26.09 -31.02 -0.27
N GLY D 437 26.25 -32.08 0.53
CA GLY D 437 27.54 -32.67 0.78
C GLY D 437 28.19 -33.31 -0.44
N ASP D 438 27.60 -34.40 -0.94
CA ASP D 438 28.19 -35.11 -2.07
C ASP D 438 28.20 -34.25 -3.33
N GLY D 439 27.25 -33.34 -3.48
CA GLY D 439 27.20 -32.43 -4.60
C GLY D 439 26.35 -32.90 -5.77
N LYS D 440 26.17 -34.20 -5.93
CA LYS D 440 25.38 -34.75 -7.02
C LYS D 440 24.01 -35.16 -6.49
N TYR D 441 22.96 -34.53 -7.00
CA TYR D 441 21.61 -34.68 -6.50
C TYR D 441 20.80 -35.64 -7.38
N GLY D 442 19.69 -36.12 -6.82
CA GLY D 442 18.73 -36.93 -7.55
C GLY D 442 19.31 -38.20 -8.14
N ALA D 443 19.86 -39.07 -7.30
CA ALA D 443 20.39 -40.34 -7.77
C ALA D 443 20.10 -41.42 -6.73
N ARG D 444 19.59 -42.55 -7.19
CA ARG D 444 19.27 -43.69 -6.33
C ARG D 444 20.02 -44.91 -6.86
N ASP D 445 20.91 -45.46 -6.03
CA ASP D 445 21.72 -46.59 -6.47
C ASP D 445 20.85 -47.81 -6.76
N ALA D 446 21.29 -48.61 -7.74
CA ALA D 446 20.52 -49.78 -8.13
C ALA D 446 20.64 -50.93 -7.14
N ASP D 447 21.78 -51.03 -6.45
CA ASP D 447 22.01 -52.13 -5.52
C ASP D 447 21.56 -51.78 -4.10
N THR D 448 22.02 -50.65 -3.57
CA THR D 448 21.77 -50.29 -2.17
C THR D 448 20.45 -49.58 -1.95
N LYS D 449 19.88 -48.95 -2.99
CA LYS D 449 18.62 -48.22 -2.89
C LYS D 449 18.69 -47.11 -1.85
N ILE D 450 19.84 -46.44 -1.78
CA ILE D 450 20.07 -45.34 -0.86
C ILE D 450 20.07 -44.03 -1.65
N TRP D 451 19.18 -43.11 -1.29
CA TRP D 451 19.15 -41.81 -1.94
C TRP D 451 20.36 -40.99 -1.55
N ASN D 452 20.81 -40.14 -2.47
CA ASN D 452 21.95 -39.27 -2.24
C ASN D 452 21.60 -37.86 -2.69
N GLY D 453 22.53 -36.93 -2.46
CA GLY D 453 22.32 -35.56 -2.88
C GLY D 453 21.28 -34.85 -2.03
N MET D 454 20.53 -33.96 -2.67
CA MET D 454 19.52 -33.17 -1.97
C MET D 454 18.21 -33.93 -1.81
N VAL D 455 17.96 -34.93 -2.65
CA VAL D 455 16.73 -35.73 -2.51
C VAL D 455 16.82 -36.61 -1.27
N GLY D 456 18.03 -37.11 -0.95
CA GLY D 456 18.18 -37.95 0.22
C GLY D 456 18.12 -37.20 1.52
N GLU D 457 18.44 -35.90 1.49
CA GLU D 457 18.43 -35.10 2.72
C GLU D 457 17.02 -34.77 3.18
N LEU D 458 16.04 -34.85 2.29
CA LEU D 458 14.64 -34.60 2.67
C LEU D 458 13.98 -35.86 3.21
N VAL D 459 14.19 -37.00 2.54
CA VAL D 459 13.61 -38.26 3.00
C VAL D 459 14.20 -38.66 4.34
N TYR D 460 15.51 -38.47 4.52
CA TYR D 460 16.19 -38.85 5.74
C TYR D 460 16.16 -37.76 6.80
N GLY D 461 15.40 -36.69 6.57
CA GLY D 461 15.23 -35.64 7.55
C GLY D 461 16.37 -34.67 7.69
N LYS D 462 17.46 -34.84 6.92
CA LYS D 462 18.60 -33.94 7.01
C LYS D 462 18.33 -32.58 6.40
N ALA D 463 17.15 -32.36 5.82
CA ALA D 463 16.78 -31.06 5.26
C ALA D 463 15.26 -30.95 5.27
N ASP D 464 14.78 -29.71 5.30
CA ASP D 464 13.35 -29.43 5.34
C ASP D 464 12.76 -29.06 3.99
N ILE D 465 13.50 -28.29 3.18
CA ILE D 465 13.02 -27.86 1.86
C ILE D 465 14.21 -27.69 0.95
N ALA D 466 13.97 -27.76 -0.35
CA ALA D 466 15.03 -27.65 -1.35
C ALA D 466 14.56 -26.75 -2.49
N ILE D 467 15.36 -25.73 -2.80
CA ILE D 467 15.07 -24.78 -3.87
C ILE D 467 16.28 -24.77 -4.79
N ALA D 468 16.16 -25.43 -5.94
CA ALA D 468 17.25 -25.57 -6.89
C ALA D 468 16.69 -26.11 -8.20
N PRO D 469 17.40 -25.90 -9.32
CA PRO D 469 16.96 -26.50 -10.58
C PRO D 469 16.97 -28.03 -10.53
N LEU D 470 15.88 -28.60 -10.02
CA LEU D 470 15.74 -30.04 -9.88
C LEU D 470 14.70 -30.54 -10.87
N THR D 471 15.10 -31.47 -11.74
CA THR D 471 14.18 -31.99 -12.75
C THR D 471 13.08 -32.81 -12.10
N ILE D 472 11.85 -32.59 -12.55
CA ILE D 472 10.69 -33.30 -12.03
C ILE D 472 10.56 -34.63 -12.78
N THR D 473 10.78 -35.73 -12.08
CA THR D 473 10.65 -37.06 -12.64
C THR D 473 9.68 -37.89 -11.81
N LEU D 474 9.33 -39.05 -12.34
CA LEU D 474 8.35 -39.91 -11.67
C LEU D 474 8.95 -40.62 -10.47
N VAL D 475 10.22 -41.05 -10.57
CA VAL D 475 10.83 -41.81 -9.48
C VAL D 475 11.00 -40.94 -8.24
N ARG D 476 11.17 -39.63 -8.41
CA ARG D 476 11.32 -38.73 -7.27
C ARG D 476 10.00 -38.34 -6.65
N GLU D 477 8.89 -38.51 -7.37
CA GLU D 477 7.58 -38.15 -6.85
C GLU D 477 7.03 -39.15 -5.86
N GLU D 478 7.54 -40.39 -5.86
CA GLU D 478 7.03 -41.43 -4.99
C GLU D 478 7.62 -41.38 -3.58
N VAL D 479 8.54 -40.45 -3.31
CA VAL D 479 9.19 -40.34 -2.02
C VAL D 479 8.98 -38.97 -1.38
N ILE D 480 8.97 -37.90 -2.18
CA ILE D 480 8.81 -36.54 -1.69
C ILE D 480 7.72 -35.85 -2.49
N ASP D 481 7.35 -34.67 -2.02
CA ASP D 481 6.32 -33.85 -2.67
C ASP D 481 6.99 -32.79 -3.54
N PHE D 482 6.56 -32.71 -4.80
CA PHE D 482 7.05 -31.70 -5.73
C PHE D 482 6.01 -30.61 -5.90
N SER D 483 6.48 -29.37 -6.01
CA SER D 483 5.60 -28.24 -6.25
C SER D 483 5.38 -28.09 -7.76
N LYS D 484 4.51 -27.14 -8.12
CA LYS D 484 4.27 -26.86 -9.53
C LYS D 484 5.52 -26.25 -10.16
N PRO D 485 5.70 -26.40 -11.47
CA PRO D 485 6.92 -25.91 -12.12
C PRO D 485 7.00 -24.39 -12.11
N PHE D 486 8.20 -23.88 -11.81
CA PHE D 486 8.46 -22.45 -11.81
C PHE D 486 9.28 -21.99 -13.00
N MET D 487 9.76 -22.90 -13.84
CA MET D 487 10.53 -22.52 -15.03
C MET D 487 10.49 -23.69 -16.00
N SER D 488 9.92 -23.45 -17.18
CA SER D 488 9.81 -24.48 -18.21
C SER D 488 11.06 -24.49 -19.08
N LEU D 489 11.37 -25.65 -19.64
CA LEU D 489 12.56 -25.82 -20.47
C LEU D 489 12.36 -27.04 -21.35
N GLY D 490 13.41 -27.40 -22.08
CA GLY D 490 13.34 -28.55 -22.98
C GLY D 490 14.65 -28.68 -23.72
N ILE D 491 14.79 -29.83 -24.39
CA ILE D 491 16.00 -30.14 -25.14
C ILE D 491 16.07 -29.21 -26.35
N SER D 492 17.07 -28.34 -26.37
CA SER D 492 17.25 -27.36 -27.44
C SER D 492 18.57 -27.63 -28.15
N ILE D 493 18.86 -26.80 -29.14
CA ILE D 493 20.05 -26.94 -29.98
C ILE D 493 20.95 -25.73 -29.76
N MET D 494 22.24 -25.98 -29.56
CA MET D 494 23.23 -24.94 -29.35
C MET D 494 24.28 -25.02 -30.46
N ILE D 495 24.43 -23.93 -31.20
CA ILE D 495 25.42 -23.84 -32.28
C ILE D 495 26.08 -22.47 -32.22
N LYS D 496 27.31 -22.40 -32.71
CA LYS D 496 28.03 -21.13 -32.75
C LYS D 496 27.44 -20.23 -33.84
N LYS D 497 27.31 -18.95 -33.51
CA LYS D 497 26.74 -17.98 -34.44
C LYS D 497 27.67 -17.76 -35.63
N PRO D 498 27.26 -18.13 -36.85
CA PRO D 498 28.13 -17.95 -38.02
C PRO D 498 27.99 -16.56 -38.59
N GLN D 499 29.01 -15.73 -38.40
CA GLN D 499 29.00 -14.38 -38.97
C GLN D 499 29.07 -14.43 -40.49
N LYS D 500 30.11 -15.05 -41.03
CA LYS D 500 30.10 -15.27 -42.46
C LYS D 500 29.86 -13.98 -43.24
N SER D 501 30.83 -13.06 -43.24
CA SER D 501 32.20 -13.34 -42.82
C SER D 501 32.64 -14.56 -43.59
N LYS D 502 32.25 -14.61 -44.86
CA LYS D 502 32.38 -15.81 -45.66
C LYS D 502 33.06 -15.54 -47.00
N PRO D 503 34.44 -15.30 -46.91
CA PRO D 503 35.07 -15.02 -48.21
C PRO D 503 35.27 -16.26 -49.05
N GLY D 504 35.48 -16.08 -50.35
CA GLY D 504 35.74 -17.20 -51.24
C GLY D 504 35.33 -16.92 -52.68
N VAL D 505 35.51 -17.92 -53.55
CA VAL D 505 35.14 -17.75 -54.94
C VAL D 505 33.64 -18.03 -55.14
N PHE D 506 33.04 -18.88 -54.31
CA PHE D 506 31.60 -19.10 -54.38
C PHE D 506 30.81 -17.86 -53.98
N SER D 507 31.44 -16.93 -53.26
CA SER D 507 30.81 -15.68 -52.88
C SER D 507 31.06 -14.56 -53.88
N PHE D 508 31.87 -14.80 -54.91
CA PHE D 508 32.09 -13.79 -55.94
C PHE D 508 30.94 -13.78 -56.94
N LEU D 509 30.54 -14.95 -57.43
CA LEU D 509 29.39 -15.06 -58.32
C LEU D 509 28.07 -15.01 -57.55
N ASP D 510 28.07 -14.46 -56.36
CA ASP D 510 26.90 -14.34 -55.49
C ASP D 510 25.92 -13.26 -55.96
N PRO D 511 26.37 -12.08 -56.47
CA PRO D 511 25.41 -11.07 -56.94
C PRO D 511 24.37 -11.63 -57.90
N LEU D 512 24.78 -11.95 -59.12
CA LEU D 512 23.92 -12.76 -59.97
C LEU D 512 23.79 -14.15 -59.36
N ALA D 513 22.72 -14.84 -59.73
CA ALA D 513 22.53 -16.18 -59.17
C ALA D 513 23.24 -17.22 -60.01
N TYR D 514 23.35 -18.42 -59.42
CA TYR D 514 23.95 -19.55 -60.12
C TYR D 514 23.28 -19.81 -61.47
N GLU D 515 22.02 -19.39 -61.63
CA GLU D 515 21.28 -19.62 -62.85
C GLU D 515 21.46 -18.52 -63.89
N ILE D 516 21.87 -17.32 -63.49
CA ILE D 516 22.08 -16.24 -64.44
C ILE D 516 23.49 -16.29 -65.03
N TRP D 517 24.50 -16.57 -64.21
CA TRP D 517 25.85 -16.74 -64.74
C TRP D 517 25.91 -17.82 -65.81
N MET D 518 25.07 -18.86 -65.69
CA MET D 518 25.03 -19.94 -66.65
C MET D 518 23.97 -19.73 -67.73
N CYS D 519 23.21 -18.63 -67.67
CA CYS D 519 22.25 -18.29 -68.71
C CYS D 519 22.71 -17.15 -69.61
N ILE D 520 23.55 -16.25 -69.10
CA ILE D 520 24.11 -15.19 -69.94
C ILE D 520 24.95 -15.79 -71.06
N VAL D 521 25.62 -16.91 -70.80
CA VAL D 521 26.45 -17.53 -71.83
C VAL D 521 25.59 -18.07 -72.97
N PHE D 522 24.34 -18.46 -72.68
CA PHE D 522 23.44 -18.89 -73.73
C PHE D 522 23.02 -17.73 -74.64
N ALA D 523 23.09 -16.50 -74.15
CA ALA D 523 22.87 -15.33 -74.97
C ALA D 523 24.13 -14.86 -75.69
N TYR D 524 25.29 -15.07 -75.07
CA TYR D 524 26.58 -14.80 -75.68
C TYR D 524 26.73 -15.60 -76.98
N ILE D 525 26.76 -16.92 -76.86
CA ILE D 525 26.92 -17.77 -78.04
C ILE D 525 25.71 -17.69 -78.96
N GLY D 526 24.58 -17.16 -78.47
CA GLY D 526 23.42 -17.00 -79.32
C GLY D 526 23.47 -15.76 -80.20
N VAL D 527 24.17 -14.72 -79.75
CA VAL D 527 24.31 -13.51 -80.54
C VAL D 527 25.54 -13.57 -81.44
N SER D 528 26.63 -14.18 -80.97
CA SER D 528 27.79 -14.40 -81.82
C SER D 528 27.49 -15.35 -82.98
N VAL D 529 26.46 -16.20 -82.85
CA VAL D 529 26.07 -17.07 -83.94
C VAL D 529 25.09 -16.39 -84.89
N VAL D 530 24.46 -15.29 -84.48
CA VAL D 530 23.61 -14.54 -85.39
C VAL D 530 24.47 -13.69 -86.33
N LEU D 531 25.58 -13.17 -85.82
CA LEU D 531 26.52 -12.41 -86.66
C LEU D 531 27.10 -13.26 -87.78
N PHE D 532 27.14 -14.58 -87.61
CA PHE D 532 27.44 -15.46 -88.74
C PHE D 532 26.36 -15.36 -89.80
N LEU D 533 25.11 -15.27 -89.38
CA LEU D 533 23.99 -15.37 -90.31
C LEU D 533 23.67 -14.03 -90.96
N VAL D 534 23.99 -12.92 -90.29
CA VAL D 534 23.62 -11.61 -90.83
C VAL D 534 24.65 -11.07 -91.80
N SER D 535 25.89 -11.55 -91.74
CA SER D 535 26.94 -11.07 -92.62
C SER D 535 27.05 -11.94 -93.87
N ILE D 545 34.06 -19.94 -91.05
CA ILE D 545 33.56 -20.09 -89.70
C ILE D 545 34.65 -19.77 -88.69
N PHE D 546 35.90 -20.12 -89.02
CA PHE D 546 37.01 -19.84 -88.12
C PHE D 546 37.37 -18.37 -88.08
N ASN D 547 37.00 -17.60 -89.11
CA ASN D 547 37.18 -16.16 -89.11
C ASN D 547 35.89 -15.40 -88.82
N SER D 548 34.73 -16.04 -88.96
CA SER D 548 33.48 -15.40 -88.60
C SER D 548 33.24 -15.45 -87.09
N LEU D 549 33.52 -16.59 -86.47
CA LEU D 549 33.57 -16.64 -85.01
C LEU D 549 34.71 -15.78 -84.48
N TRP D 550 35.80 -15.68 -85.24
CA TRP D 550 36.86 -14.75 -84.89
C TRP D 550 36.39 -13.31 -84.98
N PHE D 551 35.45 -13.03 -85.88
CA PHE D 551 34.89 -11.69 -86.01
C PHE D 551 33.75 -11.45 -85.04
N SER D 552 32.84 -12.42 -84.88
CA SER D 552 31.71 -12.24 -83.99
C SER D 552 32.16 -12.05 -82.55
N LEU D 553 33.25 -12.72 -82.15
CA LEU D 553 33.84 -12.45 -80.84
C LEU D 553 34.52 -11.09 -80.81
N GLY D 554 35.09 -10.66 -81.94
CA GLY D 554 35.55 -9.29 -82.05
C GLY D 554 34.42 -8.30 -82.22
N ALA D 555 33.22 -8.78 -82.55
CA ALA D 555 32.02 -7.96 -82.57
C ALA D 555 31.17 -8.16 -81.33
N PHE D 556 31.52 -9.11 -80.47
CA PHE D 556 30.85 -9.30 -79.19
C PHE D 556 31.50 -8.48 -78.08
N MET D 557 32.83 -8.34 -78.12
CA MET D 557 33.52 -7.51 -77.14
C MET D 557 33.11 -6.04 -77.29
N GLN D 558 33.30 -5.49 -78.50
CA GLN D 558 32.85 -4.13 -78.80
C GLN D 558 31.34 -4.14 -79.02
N GLN D 559 30.62 -4.09 -77.90
CA GLN D 559 29.15 -4.01 -77.88
C GLN D 559 28.58 -5.20 -78.64
N GLY D 560 27.89 -5.01 -79.76
CA GLY D 560 27.31 -6.12 -80.50
C GLY D 560 27.56 -6.05 -81.99
N SER D 564 31.86 -4.30 -89.25
CA SER D 564 31.40 -4.25 -90.64
C SER D 564 29.98 -4.82 -90.81
N PRO D 565 28.98 -4.24 -90.12
CA PRO D 565 27.61 -4.72 -90.31
C PRO D 565 26.75 -3.73 -91.08
N ARG D 566 26.82 -3.79 -92.41
CA ARG D 566 26.05 -2.87 -93.25
C ARG D 566 24.59 -3.27 -93.38
N SER D 567 24.27 -4.55 -93.19
CA SER D 567 22.88 -4.99 -93.31
C SER D 567 22.07 -4.54 -92.10
N LEU D 568 20.81 -4.19 -92.36
CA LEU D 568 19.93 -3.80 -91.26
C LEU D 568 19.67 -4.96 -90.32
N SER D 569 19.83 -6.19 -90.80
CA SER D 569 19.64 -7.35 -89.94
C SER D 569 20.67 -7.37 -88.81
N GLY D 570 21.92 -7.04 -89.12
CA GLY D 570 22.96 -7.03 -88.12
C GLY D 570 23.00 -5.79 -87.24
N ARG D 571 22.28 -4.75 -87.61
CA ARG D 571 22.26 -3.53 -86.80
C ARG D 571 21.43 -3.69 -85.54
N ILE D 572 20.24 -4.29 -85.66
CA ILE D 572 19.37 -4.47 -84.50
C ILE D 572 19.81 -5.61 -83.60
N VAL D 573 20.71 -6.49 -84.08
CA VAL D 573 21.25 -7.53 -83.21
C VAL D 573 22.20 -6.93 -82.19
N GLY D 574 23.04 -5.99 -82.62
CA GLY D 574 23.92 -5.30 -81.69
C GLY D 574 23.23 -4.29 -80.81
N GLY D 575 21.99 -3.92 -81.14
CA GLY D 575 21.24 -2.97 -80.34
C GLY D 575 20.49 -3.61 -79.20
N VAL D 576 19.76 -4.69 -79.49
CA VAL D 576 19.04 -5.41 -78.45
C VAL D 576 20.02 -6.08 -77.50
N TRP D 577 21.13 -6.61 -78.04
CA TRP D 577 22.17 -7.16 -77.18
C TRP D 577 22.78 -6.10 -76.29
N TRP D 578 22.77 -4.83 -76.73
CA TRP D 578 23.28 -3.74 -75.91
C TRP D 578 22.33 -3.43 -74.76
N PHE D 579 21.02 -3.39 -75.04
CA PHE D 579 20.03 -3.20 -73.98
C PHE D 579 19.94 -4.43 -73.08
N PHE D 580 20.23 -5.61 -73.62
CA PHE D 580 20.14 -6.84 -72.83
C PHE D 580 21.28 -6.90 -71.81
N THR D 581 22.50 -6.58 -72.23
CA THR D 581 23.62 -6.57 -71.29
C THR D 581 23.56 -5.39 -70.34
N LEU D 582 22.77 -4.35 -70.67
CA LEU D 582 22.63 -3.21 -69.79
C LEU D 582 21.92 -3.60 -68.49
N ILE D 583 20.81 -4.32 -68.60
CA ILE D 583 20.05 -4.67 -67.40
C ILE D 583 20.82 -5.67 -66.54
N ILE D 584 21.65 -6.52 -67.16
CA ILE D 584 22.40 -7.51 -66.41
C ILE D 584 23.50 -6.84 -65.59
N ILE D 585 24.20 -5.87 -66.18
CA ILE D 585 25.26 -5.20 -65.44
C ILE D 585 24.69 -4.21 -64.44
N SER D 586 23.51 -3.64 -64.71
CA SER D 586 22.85 -2.83 -63.69
C SER D 586 22.36 -3.70 -62.55
N SER D 587 21.85 -4.90 -62.85
CA SER D 587 21.41 -5.82 -61.81
C SER D 587 22.58 -6.39 -61.02
N TYR D 588 23.73 -6.59 -61.68
CA TYR D 588 24.90 -7.07 -60.95
C TYR D 588 25.36 -6.05 -59.92
N THR D 589 25.37 -4.77 -60.30
CA THR D 589 25.82 -3.74 -59.36
C THR D 589 24.80 -3.54 -58.23
N ALA D 590 23.51 -3.56 -58.57
CA ALA D 590 22.48 -3.28 -57.58
C ALA D 590 22.51 -4.28 -56.44
N ASN D 591 22.54 -5.58 -56.77
CA ASN D 591 22.52 -6.60 -55.73
C ASN D 591 23.87 -6.75 -55.05
N LEU D 592 24.97 -6.49 -55.78
CA LEU D 592 26.28 -6.54 -55.14
C LEU D 592 26.44 -5.48 -54.07
N ALA D 593 25.61 -4.44 -54.11
CA ALA D 593 25.60 -3.45 -53.04
C ALA D 593 24.66 -3.84 -51.90
N ALA D 594 23.79 -4.80 -52.13
CA ALA D 594 22.80 -5.19 -51.13
C ALA D 594 23.36 -6.06 -50.03
N PHE D 595 24.57 -6.61 -50.20
CA PHE D 595 25.16 -7.48 -49.19
C PHE D 595 26.47 -6.94 -48.63
N LEU D 596 26.94 -5.80 -49.12
CA LEU D 596 27.92 -5.00 -48.39
C LEU D 596 27.23 -3.94 -47.54
N THR D 597 25.90 -3.93 -47.53
CA THR D 597 25.09 -3.06 -46.69
C THR D 597 24.36 -3.80 -45.58
N VAL D 598 23.89 -5.02 -45.84
CA VAL D 598 23.16 -5.82 -44.86
C VAL D 598 23.55 -7.28 -45.06
N GLU D 599 24.01 -7.92 -43.99
CA GLU D 599 24.45 -9.31 -44.04
C GLU D 599 23.70 -10.11 -42.97
N ARG D 600 22.87 -11.05 -43.41
CA ARG D 600 21.95 -11.77 -42.52
C ARG D 600 22.52 -12.75 -41.48
N MET D 601 23.45 -13.61 -41.90
CA MET D 601 23.70 -13.88 -43.32
C MET D 601 23.80 -15.36 -43.75
N VAL D 602 22.71 -16.13 -43.76
CA VAL D 602 21.52 -15.99 -42.92
C VAL D 602 21.17 -17.31 -42.19
N SER D 603 21.91 -18.38 -42.52
CA SER D 603 21.69 -19.72 -41.94
C SER D 603 22.32 -19.76 -40.58
N PRO D 604 22.22 -20.92 -39.77
CA PRO D 604 21.77 -22.15 -40.44
C PRO D 604 20.43 -22.67 -39.90
N ILE D 605 19.75 -23.60 -40.60
CA ILE D 605 18.37 -23.87 -40.25
C ILE D 605 18.25 -24.07 -38.75
N GLU D 606 17.18 -23.55 -38.17
CA GLU D 606 16.98 -23.60 -36.73
C GLU D 606 16.29 -24.87 -36.26
N SER D 607 15.50 -25.51 -37.11
CA SER D 607 14.75 -26.69 -36.71
C SER D 607 15.68 -27.87 -36.46
N ALA D 608 15.15 -28.88 -35.77
CA ALA D 608 15.91 -30.08 -35.45
C ALA D 608 15.83 -31.14 -36.54
N GLU D 609 14.71 -31.22 -37.26
CA GLU D 609 14.59 -32.21 -38.32
C GLU D 609 15.54 -31.90 -39.48
N ASP D 610 15.88 -30.63 -39.68
CA ASP D 610 16.88 -30.29 -40.69
C ASP D 610 18.28 -30.65 -40.22
N LEU D 611 18.53 -30.59 -38.91
CA LEU D 611 19.84 -30.94 -38.36
C LEU D 611 20.13 -32.44 -38.51
N SER D 612 19.11 -33.27 -38.69
CA SER D 612 19.30 -34.71 -38.79
C SER D 612 19.50 -35.19 -40.22
N LYS D 613 18.99 -34.46 -41.21
CA LYS D 613 19.04 -34.90 -42.60
C LYS D 613 20.40 -34.68 -43.26
N GLN D 614 21.40 -34.23 -42.52
CA GLN D 614 22.73 -33.99 -43.07
C GLN D 614 23.78 -34.59 -42.16
N THR D 615 24.92 -34.97 -42.74
CA THR D 615 26.02 -35.55 -42.00
C THR D 615 27.28 -34.69 -42.05
N GLU D 616 27.20 -33.50 -42.66
CA GLU D 616 28.36 -32.60 -42.68
C GLU D 616 28.69 -32.09 -41.27
N ILE D 617 27.69 -31.62 -40.55
CA ILE D 617 27.85 -31.08 -39.21
C ILE D 617 27.39 -32.13 -38.22
N ALA D 618 28.31 -32.61 -37.39
CA ALA D 618 27.99 -33.64 -36.41
C ALA D 618 27.17 -33.04 -35.26
N TYR D 619 26.63 -33.94 -34.43
CA TYR D 619 25.86 -33.52 -33.27
C TYR D 619 25.78 -34.68 -32.29
N GLY D 620 25.66 -34.35 -31.01
CA GLY D 620 25.58 -35.35 -29.97
C GLY D 620 25.03 -34.76 -28.69
N THR D 621 24.90 -35.61 -27.68
CA THR D 621 24.39 -35.20 -26.38
C THR D 621 25.35 -35.61 -25.27
N LEU D 622 24.90 -35.53 -24.02
CA LEU D 622 25.70 -35.98 -22.90
C LEU D 622 25.74 -37.50 -22.86
N ASP D 623 26.84 -38.03 -22.32
CA ASP D 623 27.05 -39.48 -22.36
C ASP D 623 26.06 -40.20 -21.46
N SER D 624 25.70 -39.60 -20.33
CA SER D 624 24.75 -40.21 -19.40
C SER D 624 23.87 -39.10 -18.82
N GLY D 625 22.56 -39.25 -18.97
CA GLY D 625 21.63 -38.27 -18.46
C GLY D 625 20.27 -38.44 -19.11
N SER D 626 19.38 -37.49 -18.77
CA SER D 626 18.03 -37.53 -19.31
C SER D 626 17.99 -37.24 -20.81
N THR D 627 19.02 -36.57 -21.34
CA THR D 627 18.98 -36.19 -22.75
C THR D 627 19.21 -37.40 -23.66
N LYS D 628 20.13 -38.29 -23.29
CA LYS D 628 20.40 -39.45 -24.13
C LYS D 628 19.26 -40.46 -24.08
N GLU D 629 18.63 -40.61 -22.92
CA GLU D 629 17.52 -41.56 -22.78
C GLU D 629 16.27 -41.09 -23.51
N PHE D 630 16.17 -39.79 -23.82
CA PHE D 630 15.00 -39.29 -24.53
C PHE D 630 14.93 -39.84 -25.95
N PHE D 631 16.08 -39.89 -26.64
CA PHE D 631 16.11 -40.40 -28.00
C PHE D 631 16.17 -41.92 -28.06
N ARG D 632 16.56 -42.59 -26.97
CA ARG D 632 16.73 -44.03 -27.00
C ARG D 632 15.39 -44.74 -27.14
N ARG D 633 14.39 -44.32 -26.36
CA ARG D 633 13.08 -44.96 -26.34
C ARG D 633 12.03 -44.19 -27.10
N SER D 634 12.41 -43.13 -27.81
CA SER D 634 11.43 -42.33 -28.53
C SER D 634 10.87 -43.12 -29.72
N LYS D 635 9.54 -43.09 -29.86
CA LYS D 635 8.86 -43.78 -30.94
C LYS D 635 8.38 -42.82 -32.03
N ILE D 636 8.95 -41.62 -32.09
CA ILE D 636 8.62 -40.64 -33.12
C ILE D 636 9.61 -40.79 -34.26
N ALA D 637 9.11 -40.63 -35.49
CA ALA D 637 9.93 -40.90 -36.67
C ALA D 637 11.15 -39.99 -36.74
N VAL D 638 10.97 -38.70 -36.46
CA VAL D 638 12.07 -37.75 -36.60
C VAL D 638 13.17 -38.04 -35.59
N PHE D 639 12.80 -38.33 -34.34
CA PHE D 639 13.78 -38.52 -33.30
C PHE D 639 14.46 -39.89 -33.37
N ASP D 640 13.82 -40.89 -33.97
CA ASP D 640 14.43 -42.21 -34.05
C ASP D 640 15.62 -42.23 -35.00
N LYS D 641 15.53 -41.48 -36.11
CA LYS D 641 16.66 -41.38 -37.01
C LYS D 641 17.82 -40.63 -36.36
N MET D 642 17.51 -39.73 -35.41
CA MET D 642 18.57 -39.05 -34.66
C MET D 642 19.28 -40.01 -33.72
N TRP D 643 18.58 -41.02 -33.21
CA TRP D 643 19.20 -41.97 -32.29
C TRP D 643 20.02 -43.03 -33.03
N THR D 644 19.51 -43.52 -34.15
CA THR D 644 20.26 -44.49 -34.94
C THR D 644 21.54 -43.89 -35.51
N TYR D 645 21.62 -42.57 -35.61
CA TYR D 645 22.85 -41.91 -36.03
C TYR D 645 23.89 -41.90 -34.92
N MET D 646 23.54 -41.28 -33.78
CA MET D 646 24.48 -41.16 -32.67
C MET D 646 24.90 -42.51 -32.11
N ARG D 647 24.12 -43.57 -32.35
CA ARG D 647 24.50 -44.90 -31.90
C ARG D 647 25.57 -45.52 -32.80
N SER D 648 25.63 -45.11 -34.07
CA SER D 648 26.61 -45.63 -35.02
C SER D 648 27.45 -44.52 -35.63
N ALA D 649 27.66 -43.43 -34.88
CA ALA D 649 28.44 -42.29 -35.35
C ALA D 649 29.83 -42.36 -34.74
N GLU D 650 30.84 -42.55 -35.60
CA GLU D 650 32.22 -42.54 -35.16
C GLU D 650 32.95 -41.33 -35.75
N PRO D 651 33.76 -40.64 -34.94
CA PRO D 651 34.10 -40.95 -33.54
C PRO D 651 32.99 -40.63 -32.54
N SER D 652 33.28 -40.84 -31.25
CA SER D 652 32.29 -40.66 -30.20
C SER D 652 31.71 -39.26 -30.18
N VAL D 653 30.45 -39.13 -30.60
CA VAL D 653 29.76 -37.84 -30.59
C VAL D 653 29.24 -37.46 -29.21
N PHE D 654 29.51 -38.27 -28.19
CA PHE D 654 29.10 -37.99 -26.83
C PHE D 654 30.27 -37.41 -26.03
N VAL D 655 29.95 -36.50 -25.12
CA VAL D 655 30.96 -35.86 -24.28
C VAL D 655 30.80 -36.37 -22.85
N ARG D 656 31.86 -36.19 -22.07
CA ARG D 656 31.86 -36.67 -20.69
C ARG D 656 30.96 -35.81 -19.80
N THR D 657 31.18 -34.50 -19.79
CA THR D 657 30.42 -33.58 -18.98
C THR D 657 29.79 -32.50 -19.85
N THR D 658 28.96 -31.67 -19.23
CA THR D 658 28.34 -30.55 -19.94
C THR D 658 29.38 -29.49 -20.31
N ALA D 659 30.44 -29.36 -19.51
CA ALA D 659 31.50 -28.39 -19.81
C ALA D 659 32.32 -28.81 -21.02
N GLU D 660 32.38 -30.12 -21.34
CA GLU D 660 33.11 -30.57 -22.51
C GLU D 660 32.28 -30.44 -23.78
N GLY D 661 30.96 -30.54 -23.68
CA GLY D 661 30.12 -30.40 -24.85
C GLY D 661 30.06 -28.96 -25.35
N VAL D 662 29.98 -28.00 -24.44
CA VAL D 662 30.01 -26.60 -24.83
C VAL D 662 31.38 -26.23 -25.38
N ALA D 663 32.44 -26.81 -24.83
CA ALA D 663 33.79 -26.57 -25.31
C ALA D 663 34.09 -27.27 -26.63
N ARG D 664 33.26 -28.24 -27.04
CA ARG D 664 33.46 -28.91 -28.32
C ARG D 664 32.79 -28.18 -29.48
N VAL D 665 31.69 -27.47 -29.21
CA VAL D 665 31.05 -26.68 -30.26
C VAL D 665 31.88 -25.44 -30.59
N ARG D 666 32.64 -24.93 -29.61
CA ARG D 666 33.41 -23.71 -29.81
C ARG D 666 34.66 -23.95 -30.63
N LYS D 667 35.20 -25.17 -30.64
CA LYS D 667 36.42 -25.49 -31.36
C LYS D 667 36.18 -26.39 -32.55
N SER D 668 34.98 -26.32 -33.14
CA SER D 668 34.61 -27.19 -34.25
C SER D 668 34.33 -26.42 -35.54
N LYS D 669 34.57 -25.11 -35.57
CA LYS D 669 34.38 -24.28 -36.77
C LYS D 669 32.96 -24.39 -37.31
N GLY D 670 31.99 -24.55 -36.42
CA GLY D 670 30.60 -24.70 -36.84
C GLY D 670 30.32 -26.03 -37.51
N LYS D 671 30.96 -27.11 -37.06
CA LYS D 671 30.74 -28.43 -37.62
C LYS D 671 30.35 -29.46 -36.55
N TYR D 672 29.85 -28.99 -35.41
CA TYR D 672 29.39 -29.88 -34.35
C TYR D 672 28.33 -29.17 -33.52
N ALA D 673 27.22 -29.84 -33.27
CA ALA D 673 26.12 -29.32 -32.48
C ALA D 673 25.98 -30.11 -31.19
N TYR D 674 25.34 -29.48 -30.19
CA TYR D 674 25.13 -30.09 -28.89
C TYR D 674 23.69 -29.87 -28.45
N LEU D 675 23.00 -30.96 -28.13
CA LEU D 675 21.62 -30.91 -27.67
C LEU D 675 21.59 -30.90 -26.15
N LEU D 676 20.93 -29.91 -25.58
CA LEU D 676 20.82 -29.79 -24.12
C LEU D 676 19.57 -29.00 -23.79
N GLU D 677 19.36 -28.79 -22.49
CA GLU D 677 18.19 -28.05 -22.02
C GLU D 677 18.23 -26.61 -22.48
N SER D 678 17.05 -26.01 -22.60
CA SER D 678 16.97 -24.65 -23.10
C SER D 678 17.39 -23.64 -22.06
N THR D 679 17.28 -23.98 -20.78
CA THR D 679 17.71 -23.07 -19.72
C THR D 679 19.22 -22.86 -19.76
N MET D 680 19.97 -23.95 -19.89
CA MET D 680 21.43 -23.82 -20.01
C MET D 680 21.82 -23.26 -21.37
N ASN D 681 21.06 -23.57 -22.42
CA ASN D 681 21.37 -23.06 -23.75
C ASN D 681 21.15 -21.55 -23.82
N GLU D 682 20.04 -21.06 -23.26
CA GLU D 682 19.78 -19.63 -23.27
C GLU D 682 20.76 -18.88 -22.37
N TYR D 683 21.32 -19.54 -21.36
CA TYR D 683 22.27 -18.88 -20.47
C TYR D 683 23.64 -18.73 -21.12
N ILE D 684 24.06 -19.73 -21.90
CA ILE D 684 25.35 -19.66 -22.56
C ILE D 684 25.34 -18.61 -23.66
N GLU D 685 24.19 -18.41 -24.31
CA GLU D 685 24.10 -17.41 -25.39
C GLU D 685 24.37 -16.01 -24.86
N GLN D 686 24.02 -15.73 -23.61
CA GLN D 686 24.20 -14.42 -23.00
C GLN D 686 25.49 -14.30 -22.21
N ARG D 687 26.44 -15.22 -22.42
CA ARG D 687 27.72 -15.19 -21.74
C ARG D 687 28.85 -15.22 -22.77
N LYS D 688 30.00 -14.70 -22.36
CA LYS D 688 31.18 -14.66 -23.22
C LYS D 688 31.61 -16.06 -23.61
N PRO D 689 32.21 -16.22 -24.82
CA PRO D 689 32.59 -15.19 -25.79
C PRO D 689 31.46 -14.71 -26.69
N CYS D 690 30.22 -15.04 -26.34
CA CYS D 690 29.04 -14.64 -27.09
C CYS D 690 29.10 -15.16 -28.53
N ASP D 691 28.87 -16.47 -28.64
CA ASP D 691 28.93 -17.15 -29.94
C ASP D 691 27.80 -18.16 -30.10
N THR D 692 27.43 -18.84 -29.02
CA THR D 692 26.34 -19.81 -29.09
C THR D 692 25.00 -19.10 -29.21
N MET D 693 24.09 -19.70 -29.97
CA MET D 693 22.75 -19.13 -30.13
C MET D 693 21.74 -20.27 -30.23
N LYS D 694 20.76 -20.25 -29.33
CA LYS D 694 19.69 -21.23 -29.38
C LYS D 694 18.91 -21.09 -30.68
N VAL D 695 18.71 -22.20 -31.38
CA VAL D 695 18.04 -22.21 -32.67
C VAL D 695 16.86 -23.18 -32.61
N GLY D 696 15.72 -22.74 -33.11
CA GLY D 696 14.53 -23.57 -33.18
C GLY D 696 13.88 -23.81 -31.83
N GLY D 697 12.68 -24.39 -31.85
CA GLY D 697 12.00 -24.70 -30.62
C GLY D 697 12.58 -25.92 -29.93
N ASN D 698 12.23 -26.07 -28.65
CA ASN D 698 12.69 -27.21 -27.87
C ASN D 698 12.06 -28.50 -28.41
N LEU D 699 12.60 -29.63 -27.97
CA LEU D 699 12.15 -30.92 -28.44
C LEU D 699 11.12 -31.58 -27.53
N ASP D 700 11.19 -31.35 -26.23
CA ASP D 700 10.27 -31.96 -25.28
C ASP D 700 9.82 -30.90 -24.28
N SER D 701 8.94 -31.30 -23.37
CA SER D 701 8.34 -30.40 -22.39
C SER D 701 8.69 -30.89 -20.99
N LYS D 702 9.51 -30.12 -20.27
CA LYS D 702 9.92 -30.46 -18.92
C LYS D 702 10.06 -29.18 -18.11
N GLY D 703 10.13 -29.33 -16.78
CA GLY D 703 10.22 -28.18 -15.91
C GLY D 703 10.81 -28.53 -14.57
N TYR D 704 11.37 -27.51 -13.91
CA TYR D 704 11.93 -27.65 -12.58
C TYR D 704 10.84 -27.56 -11.52
N GLY D 705 11.23 -27.61 -10.26
CA GLY D 705 10.26 -27.52 -9.18
C GLY D 705 10.93 -27.55 -7.82
N ILE D 706 10.14 -27.27 -6.80
CA ILE D 706 10.57 -27.25 -5.41
C ILE D 706 10.07 -28.52 -4.73
N ALA D 707 10.89 -29.11 -3.87
CA ALA D 707 10.58 -30.38 -3.23
C ALA D 707 10.41 -30.20 -1.73
N THR D 708 9.42 -30.90 -1.17
CA THR D 708 9.15 -30.94 0.27
C THR D 708 8.86 -32.38 0.66
N PRO D 709 9.15 -32.75 1.91
CA PRO D 709 8.85 -34.12 2.36
C PRO D 709 7.36 -34.40 2.36
N LYS D 710 7.01 -35.68 2.21
CA LYS D 710 5.61 -36.08 2.22
C LYS D 710 5.01 -35.83 3.60
N GLY D 711 3.82 -35.23 3.62
CA GLY D 711 3.16 -34.91 4.87
C GLY D 711 3.77 -33.77 5.64
N SER D 712 4.66 -33.00 5.02
CA SER D 712 5.27 -31.86 5.70
C SER D 712 4.29 -30.70 5.80
N SER D 713 4.55 -29.80 6.74
CA SER D 713 3.69 -28.65 6.98
C SER D 713 3.94 -27.51 6.00
N LEU D 714 4.92 -27.63 5.10
CA LEU D 714 5.23 -26.58 4.15
C LEU D 714 4.98 -27.00 2.70
N GLY D 715 4.42 -28.17 2.46
CA GLY D 715 4.17 -28.63 1.11
C GLY D 715 3.15 -27.80 0.37
N THR D 716 1.91 -27.81 0.84
CA THR D 716 0.83 -27.04 0.24
C THR D 716 1.04 -25.53 0.39
N PRO D 717 1.48 -25.01 1.55
CA PRO D 717 1.69 -23.55 1.63
C PRO D 717 2.70 -23.01 0.64
N VAL D 718 3.73 -23.77 0.29
CA VAL D 718 4.71 -23.28 -0.68
C VAL D 718 4.18 -23.45 -2.10
N ASN D 719 3.42 -24.51 -2.36
CA ASN D 719 2.83 -24.70 -3.70
C ASN D 719 1.93 -23.54 -4.08
N LEU D 720 1.10 -23.08 -3.14
CA LEU D 720 0.21 -21.96 -3.41
C LEU D 720 0.95 -20.64 -3.57
N ALA D 721 2.20 -20.56 -3.08
CA ALA D 721 2.95 -19.32 -3.17
C ALA D 721 3.60 -19.13 -4.54
N VAL D 722 4.04 -20.22 -5.17
CA VAL D 722 4.68 -20.11 -6.48
C VAL D 722 3.67 -19.66 -7.54
N LEU D 723 2.44 -20.16 -7.46
CA LEU D 723 1.41 -19.74 -8.40
C LEU D 723 1.06 -18.26 -8.25
N LYS D 724 1.20 -17.72 -7.04
CA LYS D 724 1.02 -16.28 -6.86
C LYS D 724 2.20 -15.50 -7.43
N LEU D 725 3.39 -16.09 -7.45
CA LEU D 725 4.56 -15.41 -7.99
C LEU D 725 4.49 -15.33 -9.52
N SER D 726 4.03 -16.40 -10.17
CA SER D 726 4.01 -16.40 -11.63
C SER D 726 2.92 -15.48 -12.18
N GLU D 727 1.82 -15.33 -11.46
CA GLU D 727 0.72 -14.51 -11.98
C GLU D 727 1.06 -13.02 -11.92
N GLN D 728 1.74 -12.59 -10.86
CA GLN D 728 2.13 -11.19 -10.71
C GLN D 728 3.36 -10.83 -11.55
N GLY D 729 3.77 -11.69 -12.48
CA GLY D 729 4.91 -11.41 -13.32
C GLY D 729 6.24 -11.41 -12.60
N VAL D 730 6.34 -12.11 -11.47
CA VAL D 730 7.56 -12.07 -10.68
C VAL D 730 8.60 -13.05 -11.23
N LEU D 731 8.16 -14.23 -11.65
CA LEU D 731 9.11 -15.23 -12.14
C LEU D 731 9.77 -14.78 -13.44
N ASP D 732 8.97 -14.33 -14.41
CA ASP D 732 9.55 -13.85 -15.67
C ASP D 732 10.43 -12.63 -15.44
N LYS D 733 10.12 -11.81 -14.43
CA LYS D 733 11.00 -10.71 -14.08
C LYS D 733 12.31 -11.21 -13.49
N LEU D 734 12.29 -12.37 -12.82
CA LEU D 734 13.52 -12.97 -12.31
C LEU D 734 14.29 -13.68 -13.43
N LYS D 735 13.57 -14.33 -14.36
CA LYS D 735 14.25 -14.94 -15.50
C LYS D 735 14.93 -13.89 -16.36
N ASN D 736 14.28 -12.74 -16.54
CA ASN D 736 14.87 -11.64 -17.29
C ASN D 736 15.98 -10.92 -16.51
N LYS D 737 16.14 -11.23 -15.22
CA LYS D 737 17.14 -10.57 -14.39
C LYS D 737 18.51 -11.24 -14.52
N TRP D 738 18.60 -12.52 -14.16
CA TRP D 738 19.87 -13.24 -14.12
C TRP D 738 20.23 -13.90 -15.45
N TRP D 739 19.53 -13.58 -16.53
CA TRP D 739 19.82 -14.14 -17.84
C TRP D 739 20.19 -13.08 -18.86
N TYR D 740 19.40 -12.02 -18.96
CA TYR D 740 19.60 -10.98 -19.98
C TYR D 740 20.04 -9.64 -19.41
N ASP D 741 19.48 -9.23 -18.26
CA ASP D 741 19.92 -7.98 -17.65
C ASP D 741 21.36 -8.06 -17.18
N LYS D 742 21.65 -8.96 -16.24
CA LYS D 742 23.01 -9.18 -15.77
C LYS D 742 23.82 -10.06 -16.71
N GLY D 743 23.37 -10.22 -17.95
CA GLY D 743 24.12 -10.99 -18.92
C GLY D 743 25.28 -10.21 -19.54
N GLU D 744 26.40 -10.91 -19.74
CA GLU D 744 27.59 -10.33 -20.36
C GLU D 744 27.58 -10.35 -21.90
N CYS D 745 26.39 -10.32 -22.50
CA CYS D 745 26.24 -10.42 -23.94
C CYS D 745 26.94 -9.30 -24.72
N GLY D 746 28.04 -9.64 -25.39
CA GLY D 746 28.74 -8.69 -26.21
C GLY D 746 28.40 -8.85 -27.68
N ALA D 747 27.66 -9.91 -28.01
CA ALA D 747 27.23 -10.12 -29.39
C ALA D 747 26.12 -9.15 -29.79
N LYS D 748 25.31 -8.70 -28.83
CA LYS D 748 24.32 -7.67 -29.12
C LYS D 748 24.96 -6.32 -29.40
N ASP D 749 26.24 -6.15 -29.04
CA ASP D 749 26.99 -4.94 -29.35
C ASP D 749 28.00 -5.12 -30.47
N SER D 750 28.35 -6.36 -30.82
CA SER D 750 29.27 -6.61 -31.92
C SER D 750 28.57 -6.88 -33.24
N GLY D 751 27.32 -7.31 -33.21
CA GLY D 751 26.51 -7.50 -34.39
C GLY D 751 25.82 -6.25 -34.89
N SER D 752 25.90 -5.15 -34.15
CA SER D 752 25.32 -3.87 -34.52
C SER D 752 26.36 -2.79 -34.25
N LYS D 753 27.35 -2.68 -35.14
CA LYS D 753 28.43 -1.73 -35.01
C LYS D 753 28.94 -1.35 -36.40
N GLU D 754 30.01 -0.57 -36.43
CA GLU D 754 30.63 -0.16 -37.69
C GLU D 754 31.25 -1.38 -38.34
N LYS D 755 30.56 -1.96 -39.31
CA LYS D 755 30.96 -3.20 -39.94
C LYS D 755 31.49 -2.95 -41.35
N THR D 756 32.07 -4.00 -41.92
CA THR D 756 32.60 -3.95 -43.29
C THR D 756 31.89 -5.00 -44.15
N SER D 757 31.30 -4.64 -45.31
CA SER D 757 31.32 -3.33 -45.97
C SER D 757 32.72 -2.77 -46.21
N ALA D 758 33.44 -3.40 -47.14
CA ALA D 758 34.78 -3.00 -47.54
C ALA D 758 35.18 -3.83 -48.76
N LEU D 759 35.99 -3.23 -49.62
CA LEU D 759 36.48 -3.94 -50.78
C LEU D 759 37.54 -4.94 -50.35
N SER D 760 37.38 -6.19 -50.76
CA SER D 760 38.23 -7.28 -50.32
C SER D 760 39.07 -7.81 -51.48
N LEU D 761 40.34 -8.10 -51.19
CA LEU D 761 41.19 -8.74 -52.19
C LEU D 761 40.76 -10.18 -52.44
N SER D 762 40.28 -10.87 -51.40
CA SER D 762 39.93 -12.29 -51.53
C SER D 762 38.81 -12.49 -52.55
N ASN D 763 37.76 -11.67 -52.47
CA ASN D 763 36.66 -11.82 -53.42
C ASN D 763 37.02 -11.26 -54.79
N VAL D 764 37.73 -10.13 -54.83
CA VAL D 764 38.14 -9.54 -56.10
C VAL D 764 39.08 -10.49 -56.84
N ALA D 765 39.78 -11.36 -56.11
CA ALA D 765 40.61 -12.36 -56.76
C ALA D 765 39.79 -13.24 -57.69
N GLY D 766 38.52 -13.49 -57.38
CA GLY D 766 37.65 -14.28 -58.22
C GLY D 766 37.43 -13.72 -59.61
N VAL D 767 37.84 -12.47 -59.85
CA VAL D 767 37.74 -11.85 -61.16
C VAL D 767 39.07 -11.90 -61.91
N PHE D 768 40.18 -11.71 -61.19
CA PHE D 768 41.48 -11.69 -61.84
C PHE D 768 41.85 -13.04 -62.42
N TYR D 769 41.37 -14.14 -61.82
CA TYR D 769 41.74 -15.47 -62.30
C TYR D 769 41.04 -15.82 -63.60
N ILE D 770 39.86 -15.23 -63.86
CA ILE D 770 39.17 -15.49 -65.12
C ILE D 770 39.67 -14.58 -66.24
N LEU D 771 40.50 -13.58 -65.93
CA LEU D 771 41.06 -12.69 -66.94
C LEU D 771 42.32 -13.26 -67.57
N VAL D 772 43.31 -13.64 -66.75
CA VAL D 772 44.55 -14.19 -67.27
C VAL D 772 44.29 -15.49 -68.02
N GLY D 773 43.23 -16.21 -67.66
CA GLY D 773 42.81 -17.36 -68.44
C GLY D 773 42.38 -17.02 -69.85
N GLY D 774 42.00 -15.77 -70.10
CA GLY D 774 41.67 -15.31 -71.43
C GLY D 774 42.89 -14.86 -72.19
N LEU D 775 43.91 -14.39 -71.46
CA LEU D 775 45.18 -14.07 -72.09
C LEU D 775 45.95 -15.33 -72.47
N GLY D 776 45.91 -16.34 -71.60
CA GLY D 776 46.57 -17.60 -71.92
C GLY D 776 45.87 -18.35 -73.04
N LEU D 777 44.53 -18.33 -73.03
CA LEU D 777 43.78 -18.89 -74.16
C LEU D 777 44.10 -18.14 -75.44
N ALA D 778 44.41 -16.85 -75.34
CA ALA D 778 44.85 -16.07 -76.49
C ALA D 778 46.29 -16.34 -76.88
N MET D 779 47.11 -16.85 -75.95
CA MET D 779 48.46 -17.26 -76.28
C MET D 779 48.50 -18.60 -77.01
N LEU D 780 47.45 -19.41 -76.90
CA LEU D 780 47.32 -20.61 -77.71
C LEU D 780 46.70 -20.30 -79.08
N VAL D 781 45.72 -19.40 -79.11
CA VAL D 781 45.13 -18.98 -80.39
C VAL D 781 46.13 -18.15 -81.18
N ALA D 782 47.06 -17.47 -80.51
CA ALA D 782 48.10 -16.74 -81.22
C ALA D 782 49.03 -17.70 -81.95
N LEU D 783 49.33 -18.85 -81.33
CA LEU D 783 50.24 -19.81 -81.96
C LEU D 783 49.59 -20.50 -83.15
N ILE D 784 48.27 -20.70 -83.11
CA ILE D 784 47.59 -21.30 -84.26
C ILE D 784 47.33 -20.29 -85.37
N GLU D 785 47.55 -18.99 -85.11
CA GLU D 785 47.49 -17.97 -86.15
C GLU D 785 48.83 -17.75 -86.82
N PHE D 786 49.93 -17.86 -86.08
CA PHE D 786 51.26 -17.74 -86.65
C PHE D 786 51.65 -18.96 -87.48
N CYS D 787 51.05 -20.12 -87.21
CA CYS D 787 51.31 -21.33 -87.99
C CYS D 787 50.50 -21.38 -89.27
N TYR D 788 49.24 -20.94 -89.22
CA TYR D 788 48.40 -20.91 -90.40
C TYR D 788 48.60 -19.61 -91.19
#